data_4D6T
#
_entry.id   4D6T
#
_cell.length_a   129.896
_cell.length_b   129.896
_cell.length_c   722.152
_cell.angle_alpha   90.00
_cell.angle_beta   90.00
_cell.angle_gamma   120.00
#
_symmetry.space_group_name_H-M   'P 65'
#
loop_
_entity.id
_entity.type
_entity.pdbx_description
1 polymer 'CYTOCHROME B-C1 COMPLEX SUBUNIT 1, MITOCHONDRIAL'
2 polymer 'CYTOCHROME B-C1 COMPLEX SUBUNIT 2, MITOCHONDRIAL'
3 polymer 'CYTOCHROME B'
4 polymer 'CYTOCHROME C1, HEME PROTEIN, MITOCHONDRIAL'
5 polymer 'CYTOCHROME B-C1 COMPLEX SUBUNIT RIESKE, MITOCHONDRIAL'
6 polymer 'CYTOCHROME B-C1 COMPLEX SUBUNIT 7'
7 polymer 'CYTOCHROME B-C1 COMPLEX SUBUNIT 8'
8 polymer 'CYTOCHROME B-C1 COMPLEX SUBUNIT 6, MITOCHONDRIAL'
9 polymer 'CYTOCHROME B-C1 COMPLEX SUBUNIT 9'
10 polymer 'CYTOCHROME B-C1 COMPLEX SUBUNIT 2, MITOCHONDRIAL'
11 polymer 'CYTOCHROME B-C1 COMPLEX SUBUNIT RIESKE, MITOCHONDRIAL'
12 non-polymer 'PROTOPORPHYRIN IX CONTAINING FE'
13 non-polymer 3-chloro-2,6-dimethyl-5-{4-[4-(trifluoromethoxy)phenoxy]phenyl}pyridin-4-ol
14 non-polymer 'PHOSPHATE ION'
15 non-polymer 1,2-dioleoyl-sn-glycero-3-phosphoethanolamine
16 non-polymer 'HEME C'
17 non-polymer CARDIOLIPIN
18 non-polymer 'FE2/S2 (INORGANIC) CLUSTER'
19 non-polymer GLYCEROL
#
loop_
_entity_poly.entity_id
_entity_poly.type
_entity_poly.pdbx_seq_one_letter_code
_entity_poly.pdbx_strand_id
1 'polypeptide(L)'
;MAASAVCRAAGAGTRVLLRTRRSPALLRSSDLRGTATYAQALQSVPETQVSQLDNGLRVASEQSSQPTCTVGVWIDAGSR
YESEKNNGAGYFVEHLAFKGTKNRPGNALEKEVESMGAHLNAYSTREHTAYYIKALSKDLPKAVELLADIVQNCSLEDSQ
IEKERDVILQELQENDTSMRDVVFNYLHATAFQGTPLAQSVEGPSENVRKLSRADLTEYLSRHYKAPRMVLAAAGGLEHR
QLLDLAQKHFSGLSGTYDEDAVPTLSPCRFTGSQICHREDGLPLAHVAIAVEGPGWAHPDNVALQVANAIIGHYDCTYGG
GAHLSSPLASIAATNKLCQSFQTFNICYADTGLLGAHFVCDHMSIDDMMFVLQGQWMRLCTSATESEVLRGKNLLRNALV
SHLDGTTPVCEDIGRSLLTYGRRIPLAEWESRIAEVDARVVREVCSKYFYDQCPAVAGFGPIEQLPDYNRIRSGMFWLRF
;
A,N
2 'polypeptide(L)'
;MKLLTRAGSLSRFYSLKVAPKVKATEAPAGVPPHPQDLEFTRLPNGLVIASLENYAPASRIGLFIKAGSRYENSNNLGTS
HLLRLASSLTTKGASSFKITRGIEAVGGKLSVTSTRENMAYTVECLRDDVDILMEFLLNVTTAPEFRRWEVAALQPQLRI
DKAVALQNPQAHVIENLHAAAYRNALANSLYCPDYRIGKVTPVELHDYVQNHFTSARMALIGLGVSHPVLKQVAEQFLNI
RGGLGLSGAKAKYHGGEIREQNGDSLVHAALVAESAAIGSAEANAFSVLQHVLGAGPHVKRGSNATSSLYQAVAKGVHQP
FDVSAFNASYSDSGLFGFYTISQAASAGDVIKAAYNQVKTIAQGNLSNPDVQAAKNKLKAGYLMSVESSEGFLDEVGSQA
LAAGSYTPPSTVLQQIDAVADADVINAAKKFVSGRKSMAASGNLGHTPFIDEL
;
B
3 'polypeptide(L)'
;MTNIRKSHPLMKIVNNAFIDLPAPSNISSWWNFGSLLGICLILQILTGLFLAMHYTSDTTTAFSSVTHICRDVNYGWIIR
YMHANGASMFFICLYMHVGRGLYYGSYTFLETWNIGVILLLTVMATAFMGYVLPWGQMSFWGATVITNLLSAIPYIGTNL
VEWIWGGFSVDKATLTRFFAFHFILPFIIMAIAMVHLLFLHETGSNNPTGISSDVDKIPFHPYYTIKDILGALLLILALM
LLVLFAPDLLGDPDNYTPANPLNTPPHIKPEWYFLFAYAILRSIPNKLGGVLALAFSILILALIPLLHTSKQRSMMFRPL
SQCLFWALVADLLTLTWIGGQPVEHPYITIGQLASVLYFLLILVLMPTAGTIENKLLKW
;
C,P
4 'polypeptide(L)'
;LSALGMLAAGGAGLAVALHSAVSASDLELHPPSYPWSHRGLLSSLDHTSIRRGFQVYKQVCSSCHSMDYVAYRHLVGVCY
TEDEAKALAEEVEVQDGPNEDGEMFMRPGKLSDYFPKPYPNPEAARAANNGALPPDLSYIVRARHGGEDYVFSLLTGYCE
PPTGVSLREGLYFNPYFPGQAIGMAPPIYNEVLEFDDGTPATMSQVAKDVCTFLRWAAEPEHDHRKRMGLKMLLMMGLLL
PLVYAMKRHKWSVLKSRKLAYRPPK
;
D,Q
5 'polypeptide(L)'
;MLSVAARSGPFAPVLSATSRGVAGALRPLVQAAVPATSESPVLDLKRSVLCRESLRGQAAGRPLVASVSLNVPASVRYSH
TDIKVPDFSDYRRPEVLDSTKSSKESSEARKGFSYLVTATTTVGVAYAAKNVVSQFVSSMSASADVLAMSKIEIKLSDIP
EGKNMAFKWRGKPLFVRHRTKKEIDQEAAVEVSQLRDPQHDLERVKKPEWVILIGVCTHLGCVPIANAGDFGGYYCPCHG
SHYDASGRIRKGPAPLNLEVPSYEFTSDDMVIVG
;
E,I,R
6 'polypeptide(L)'
;MAGRPAVSASSRWLEGIRKWYYNAAGFNKLGLMRDDTIHENDDVKEAIRRLPENLYDDRVFRIKRALDLSMRQQILPKEQ
WTKYEEDKSYLEPYLKEVIRERKEREEWAKK
;
F,S
7 'polypeptide(L)'
;MGRQFGHLTRVRHVITYSLSPFEQRAFPHYFSKGIPNVLRRTRACILRVAPPFVAFYLVYTWGTQEFEKSKRKNPAAYEN
DR
;
G,T
8 'polypeptide(L)'
;MGLEDEQRMLTGSGDPKEEEEEEEELVDPLTTVREQCEQLEKCVKARERLELCDERVSSRSQTEEDCTEELLDFLHARDH
CVAHKLFNSLK
;
H,U
9 'polypeptide(L)' MVAPTLTARLYSLLFRRTSTFALTIVVGALFFERAFDQGADAIYEHINEGKLWKHIKHKYENKE J,W
10 'polypeptide(L)'
;MKLLTRAGSLSRFYSLKVAPKVKATEAPAGVPPHPQDLEFTRLPNGLVIASLENYAPASRIGLFIKAGSRYENSNNLGTS
HLLRLASSLTTKGASSFKITRGIEAVGGKLSVTSTRENMAYTVECLRDDVDILMEFLLNVTTAPEFRRWEVAALQPQLRI
DKAVALQNPQAHVIENLHAAAYRNALANSLYCPDYRIGKVTPVELHDYVQNHFTSARMALIGLGVSHPVLKQVAEQFLNI
RGGLGLSGAKAKYHGGEIREQNGDSLVHAALVAESAAIGSAEANAFSVLQHVLGAGPHVKRGSNATSSLYQAVAKGVHEP
FDVSAFNASYSDSGLFGFYTISQAASAGDVIKAAYNQVKTIAQGNLSNPDVQAAKNKLKAGYLMSVESSEGFLDEVGSQA
LAAGSYTPPSTVLQQIDAVADADVINAAKKFVSGRKSMAASGNLGHTPFIDEL
;
O
11 'polypeptide(L)'
;MLSVAARSGPFAPVLSATSRGVAGALRPLVQAAVPATSESPVLDLKRSVLCRESLRGQAAGRPVVASVSLNVPASVRYSH
TDIKVPDFSDYRRPEVLDSTKSSKESSEARKGFSYLVTATTTVGVAYAAKNVVSQFVSSMSASADVLAMSKIEIKLSDIP
EGKNMAFKWRGKPLFVRHRTKKEIDQEAAVEVSQLRDPQHDLERVKKPEWVILIGVCTHLGCVPIANAGDFGGYYCPCHG
SHYDASGRIRKGPAPLNLEVPSYEFTSDDMVIVG
;
V
#
# COMPACT_ATOMS: atom_id res chain seq x y z
N ALA A 36 -30.03 -57.02 11.89
CA ALA A 36 -29.86 -56.32 13.19
C ALA A 36 -29.58 -54.82 13.01
N THR A 37 -30.61 -54.06 12.63
CA THR A 37 -30.45 -52.63 12.23
C THR A 37 -30.27 -51.64 13.39
N TYR A 38 -29.99 -50.38 13.02
CA TYR A 38 -29.94 -49.25 13.96
C TYR A 38 -31.33 -49.00 14.58
N ALA A 39 -32.36 -48.92 13.73
CA ALA A 39 -33.75 -48.78 14.19
C ALA A 39 -34.12 -49.81 15.27
N GLN A 40 -33.68 -51.05 15.05
CA GLN A 40 -33.95 -52.17 15.94
C GLN A 40 -33.07 -52.09 17.20
N ALA A 41 -31.82 -51.66 17.02
CA ALA A 41 -30.88 -51.55 18.14
C ALA A 41 -31.38 -50.63 19.23
N LEU A 42 -32.19 -49.64 18.84
CA LEU A 42 -32.83 -48.74 19.77
C LEU A 42 -33.91 -49.45 20.61
N GLN A 43 -34.48 -50.53 20.09
CA GLN A 43 -35.45 -51.33 20.84
C GLN A 43 -34.79 -52.05 22.02
N SER A 44 -33.67 -52.72 21.75
CA SER A 44 -32.96 -53.49 22.78
C SER A 44 -32.35 -52.65 23.93
N VAL A 45 -32.62 -51.35 23.95
CA VAL A 45 -32.09 -50.50 25.01
C VAL A 45 -32.96 -50.57 26.25
N PRO A 46 -32.35 -50.90 27.42
CA PRO A 46 -33.06 -50.97 28.71
C PRO A 46 -33.83 -49.70 29.07
N GLU A 47 -35.15 -49.80 29.20
CA GLU A 47 -36.00 -48.66 29.56
C GLU A 47 -35.74 -48.25 31.00
N THR A 48 -35.05 -47.12 31.18
CA THR A 48 -34.67 -46.63 32.51
C THR A 48 -35.87 -46.66 33.47
N GLN A 49 -35.71 -47.35 34.59
CA GLN A 49 -36.79 -47.51 35.59
C GLN A 49 -36.70 -46.44 36.68
N VAL A 50 -37.83 -45.83 37.02
CA VAL A 50 -37.86 -44.73 38.00
C VAL A 50 -39.01 -44.84 38.99
N SER A 51 -38.67 -44.76 40.29
CA SER A 51 -39.65 -44.78 41.36
C SER A 51 -39.60 -43.45 42.11
N GLN A 52 -40.46 -43.32 43.12
CA GLN A 52 -40.46 -42.16 44.00
C GLN A 52 -40.65 -42.57 45.47
N LEU A 53 -40.43 -41.64 46.40
CA LEU A 53 -40.75 -41.82 47.82
C LEU A 53 -41.84 -40.84 48.28
N ASP A 54 -42.59 -41.23 49.33
CA ASP A 54 -43.56 -40.34 49.99
C ASP A 54 -42.86 -39.03 50.34
N ASN A 55 -41.61 -39.14 50.79
CA ASN A 55 -40.82 -38.00 51.20
C ASN A 55 -40.24 -37.20 50.02
N GLY A 56 -40.45 -37.68 48.79
CA GLY A 56 -40.14 -36.88 47.59
C GLY A 56 -39.08 -37.47 46.65
N LEU A 57 -37.95 -37.89 47.22
CA LEU A 57 -36.78 -38.37 46.45
C LEU A 57 -37.16 -39.32 45.32
N ARG A 58 -37.01 -38.85 44.08
CA ARG A 58 -37.16 -39.71 42.93
C ARG A 58 -35.97 -40.65 42.87
N VAL A 59 -36.24 -41.92 42.58
CA VAL A 59 -35.22 -42.93 42.46
C VAL A 59 -35.18 -43.34 41.00
N ALA A 60 -33.97 -43.55 40.49
CA ALA A 60 -33.77 -43.74 39.07
C ALA A 60 -32.59 -44.68 38.78
N SER A 61 -32.79 -45.59 37.82
CA SER A 61 -31.78 -46.58 37.48
C SER A 61 -31.96 -47.23 36.12
N GLU A 62 -30.85 -47.43 35.41
CA GLU A 62 -30.83 -48.24 34.19
C GLU A 62 -29.93 -49.46 34.37
N GLN A 63 -30.53 -50.63 34.13
CA GLN A 63 -29.86 -51.92 34.29
C GLN A 63 -29.19 -52.43 33.01
N SER A 64 -27.90 -52.74 33.13
CA SER A 64 -27.18 -53.57 32.18
C SER A 64 -26.56 -54.69 33.01
N SER A 65 -25.89 -55.64 32.36
CA SER A 65 -25.17 -56.69 33.08
C SER A 65 -23.72 -56.28 33.38
N GLN A 66 -23.51 -54.98 33.63
CA GLN A 66 -22.18 -54.47 33.91
C GLN A 66 -21.76 -54.92 35.32
N PRO A 67 -20.55 -55.49 35.43
CA PRO A 67 -19.99 -55.87 36.76
C PRO A 67 -19.68 -54.68 37.67
N THR A 68 -19.37 -53.52 37.08
CA THR A 68 -19.30 -52.26 37.83
C THR A 68 -20.54 -51.43 37.52
N CYS A 69 -20.73 -50.39 38.33
CA CYS A 69 -21.88 -49.51 38.20
C CYS A 69 -21.52 -48.10 38.66
N THR A 70 -22.43 -47.18 38.42
CA THR A 70 -22.34 -45.82 38.94
C THR A 70 -23.67 -45.44 39.56
N VAL A 71 -23.59 -44.77 40.70
CA VAL A 71 -24.76 -44.31 41.45
C VAL A 71 -24.43 -42.97 42.09
N GLY A 72 -25.43 -42.10 42.17
CA GLY A 72 -25.22 -40.76 42.69
C GLY A 72 -26.47 -39.93 42.87
N VAL A 73 -26.28 -38.80 43.54
CA VAL A 73 -27.36 -37.89 43.89
C VAL A 73 -27.29 -36.66 42.98
N TRP A 74 -28.43 -36.27 42.41
CA TRP A 74 -28.55 -35.09 41.56
C TRP A 74 -29.56 -34.13 42.16
N ILE A 75 -29.22 -32.84 42.15
CA ILE A 75 -29.95 -31.82 42.90
C ILE A 75 -30.13 -30.56 42.06
N ASP A 76 -31.32 -29.97 42.10
CA ASP A 76 -31.55 -28.64 41.52
C ASP A 76 -31.04 -27.49 42.42
N ALA A 77 -29.73 -27.27 42.44
CA ALA A 77 -29.13 -26.20 43.24
C ALA A 77 -27.90 -25.65 42.55
N GLY A 78 -27.52 -24.42 42.91
CA GLY A 78 -26.30 -23.81 42.36
C GLY A 78 -26.33 -22.29 42.35
N SER A 79 -25.55 -21.71 41.44
CA SER A 79 -25.37 -20.25 41.41
C SER A 79 -26.53 -19.44 40.82
N ARG A 80 -27.49 -20.08 40.15
CA ARG A 80 -28.73 -19.40 39.74
C ARG A 80 -29.73 -19.21 40.89
N TYR A 81 -29.81 -20.22 41.74
CA TYR A 81 -30.61 -20.16 42.95
C TYR A 81 -29.91 -19.31 44.02
N GLU A 82 -28.58 -19.24 43.98
CA GLU A 82 -27.79 -18.36 44.86
C GLU A 82 -28.21 -16.91 44.70
N SER A 83 -27.65 -16.03 45.53
CA SER A 83 -27.96 -14.61 45.43
C SER A 83 -26.78 -13.76 45.85
N GLU A 84 -26.89 -12.47 45.56
CA GLU A 84 -25.74 -11.54 45.62
C GLU A 84 -24.84 -11.65 46.84
N LYS A 85 -25.42 -11.93 48.00
CA LYS A 85 -24.67 -11.97 49.27
C LYS A 85 -24.12 -13.34 49.60
N ASN A 86 -24.85 -14.39 49.22
CA ASN A 86 -24.44 -15.77 49.46
C ASN A 86 -23.85 -16.48 48.23
N ASN A 87 -23.55 -15.72 47.18
CA ASN A 87 -22.97 -16.27 45.96
C ASN A 87 -21.63 -16.95 46.28
N GLY A 88 -21.40 -18.12 45.68
CA GLY A 88 -20.16 -18.88 45.85
C GLY A 88 -20.17 -19.88 46.99
N ALA A 89 -21.36 -20.17 47.50
CA ALA A 89 -21.53 -21.07 48.63
C ALA A 89 -21.68 -22.53 48.17
N GLY A 90 -22.37 -22.73 47.04
CA GLY A 90 -22.59 -24.09 46.51
C GLY A 90 -21.28 -24.76 46.20
N TYR A 91 -20.33 -23.93 45.74
CA TYR A 91 -18.92 -24.29 45.56
C TYR A 91 -18.22 -24.62 46.88
N PHE A 92 -18.45 -23.79 47.91
CA PHE A 92 -17.96 -24.04 49.26
C PHE A 92 -18.44 -25.37 49.85
N VAL A 93 -19.75 -25.63 49.76
CA VAL A 93 -20.36 -26.89 50.24
C VAL A 93 -19.77 -28.09 49.51
N GLU A 94 -19.82 -28.03 48.17
CA GLU A 94 -19.19 -29.06 47.32
C GLU A 94 -17.75 -29.32 47.78
N HIS A 95 -17.02 -28.27 48.12
CA HIS A 95 -15.65 -28.40 48.66
C HIS A 95 -15.59 -29.19 49.97
N LEU A 96 -16.48 -28.83 50.91
CA LEU A 96 -16.50 -29.40 52.26
C LEU A 96 -17.14 -30.81 52.33
N ALA A 97 -18.11 -31.08 51.46
CA ALA A 97 -18.90 -32.32 51.50
C ALA A 97 -18.08 -33.61 51.68
N PHE A 98 -16.86 -33.66 51.12
CA PHE A 98 -16.03 -34.87 51.22
C PHE A 98 -15.01 -34.83 52.35
N LYS A 99 -15.04 -33.78 53.17
CA LYS A 99 -14.13 -33.68 54.32
C LYS A 99 -14.72 -34.30 55.59
N GLY A 100 -15.49 -35.37 55.43
CA GLY A 100 -16.04 -36.14 56.54
C GLY A 100 -17.42 -35.70 57.00
N THR A 101 -18.24 -36.68 57.39
CA THR A 101 -19.59 -36.43 57.92
C THR A 101 -19.54 -36.53 59.46
N LYS A 102 -20.70 -36.44 60.10
CA LYS A 102 -20.78 -36.67 61.56
C LYS A 102 -20.55 -38.14 61.87
N ASN A 103 -21.30 -39.02 61.22
CA ASN A 103 -21.18 -40.49 61.40
C ASN A 103 -19.82 -41.06 60.97
N ARG A 104 -19.07 -40.29 60.17
CA ARG A 104 -17.71 -40.65 59.76
C ARG A 104 -16.81 -39.42 59.81
N PRO A 105 -16.16 -39.17 60.96
CA PRO A 105 -15.42 -37.93 61.18
C PRO A 105 -14.07 -37.86 60.47
N GLY A 106 -13.55 -36.64 60.30
CA GLY A 106 -12.25 -36.39 59.66
C GLY A 106 -12.19 -36.86 58.20
N ASN A 107 -11.20 -37.69 57.90
CA ASN A 107 -11.10 -38.34 56.58
C ASN A 107 -11.36 -39.83 56.72
N ALA A 108 -12.60 -40.13 57.10
CA ALA A 108 -13.10 -41.50 57.17
C ALA A 108 -13.88 -41.75 55.88
N LEU A 109 -14.87 -40.90 55.64
CA LEU A 109 -15.68 -40.90 54.42
C LEU A 109 -14.83 -41.11 53.18
N GLU A 110 -13.66 -40.49 53.20
CA GLU A 110 -12.65 -40.61 52.16
C GLU A 110 -12.04 -42.01 52.14
N LYS A 111 -11.51 -42.44 53.29
CA LYS A 111 -10.77 -43.70 53.39
C LYS A 111 -11.64 -44.94 53.15
N GLU A 112 -12.92 -44.86 53.53
CA GLU A 112 -13.83 -45.99 53.36
C GLU A 112 -14.09 -46.23 51.89
N VAL A 113 -14.21 -45.14 51.13
CA VAL A 113 -14.42 -45.22 49.69
C VAL A 113 -13.12 -45.54 48.95
N GLU A 114 -12.02 -44.89 49.35
CA GLU A 114 -10.70 -45.16 48.78
C GLU A 114 -10.32 -46.64 48.87
N SER A 115 -10.38 -47.16 50.10
CA SER A 115 -9.92 -48.52 50.41
C SER A 115 -10.76 -49.62 49.74
N MET A 116 -12.07 -49.41 49.64
CA MET A 116 -12.96 -50.38 48.98
C MET A 116 -12.80 -50.39 47.45
N GLY A 117 -11.98 -49.48 46.91
CA GLY A 117 -11.62 -49.47 45.49
C GLY A 117 -12.34 -48.39 44.68
N ALA A 118 -13.60 -48.15 45.02
CA ALA A 118 -14.49 -47.26 44.28
C ALA A 118 -14.01 -45.79 44.19
N HIS A 119 -14.69 -45.03 43.33
CA HIS A 119 -14.36 -43.64 43.02
C HIS A 119 -15.50 -42.70 43.40
N LEU A 120 -15.14 -41.55 43.99
CA LEU A 120 -16.12 -40.57 44.46
C LEU A 120 -15.83 -39.20 43.86
N ASN A 121 -16.84 -38.66 43.16
CA ASN A 121 -16.73 -37.36 42.51
C ASN A 121 -17.97 -36.48 42.74
N ALA A 122 -17.81 -35.19 42.45
CA ALA A 122 -18.89 -34.21 42.57
C ALA A 122 -18.65 -32.99 41.68
N TYR A 123 -19.73 -32.31 41.31
CA TYR A 123 -19.62 -31.01 40.62
C TYR A 123 -20.81 -30.07 40.82
N SER A 124 -20.54 -28.76 40.74
CA SER A 124 -21.57 -27.72 40.80
C SER A 124 -21.66 -27.03 39.44
N THR A 125 -22.86 -26.61 39.06
CA THR A 125 -23.02 -25.73 37.90
C THR A 125 -23.92 -24.57 38.31
N ARG A 126 -24.45 -23.84 37.33
CA ARG A 126 -25.35 -22.73 37.62
C ARG A 126 -26.75 -23.20 38.03
N GLU A 127 -27.18 -24.33 37.47
CA GLU A 127 -28.52 -24.86 37.74
C GLU A 127 -28.57 -26.27 38.36
N HIS A 128 -27.40 -26.89 38.58
CA HIS A 128 -27.33 -28.28 39.05
C HIS A 128 -26.14 -28.58 39.95
N THR A 129 -26.31 -29.61 40.77
CA THR A 129 -25.24 -30.11 41.61
C THR A 129 -25.37 -31.63 41.69
N ALA A 130 -24.24 -32.33 41.57
CA ALA A 130 -24.24 -33.80 41.59
C ALA A 130 -23.07 -34.32 42.42
N TYR A 131 -23.35 -35.35 43.22
CA TYR A 131 -22.32 -36.09 43.96
C TYR A 131 -22.53 -37.54 43.56
N TYR A 132 -21.49 -38.20 43.05
CA TYR A 132 -21.65 -39.57 42.55
C TYR A 132 -20.45 -40.50 42.79
N ILE A 133 -20.76 -41.80 42.83
CA ILE A 133 -19.77 -42.83 43.09
C ILE A 133 -19.79 -43.89 42.00
N LYS A 134 -18.59 -44.20 41.50
CA LYS A 134 -18.36 -45.36 40.65
C LYS A 134 -17.93 -46.52 41.55
N ALA A 135 -18.62 -47.65 41.46
CA ALA A 135 -18.34 -48.79 42.34
C ALA A 135 -18.55 -50.12 41.61
N LEU A 136 -18.21 -51.21 42.32
CA LEU A 136 -18.53 -52.56 41.88
C LEU A 136 -20.01 -52.80 42.14
N SER A 137 -20.65 -53.62 41.31
CA SER A 137 -22.08 -53.93 41.48
C SER A 137 -22.38 -54.32 42.91
N LYS A 138 -21.66 -55.33 43.42
CA LYS A 138 -21.79 -55.80 44.80
C LYS A 138 -21.76 -54.69 45.86
N ASP A 139 -20.96 -53.64 45.64
CA ASP A 139 -20.82 -52.54 46.59
C ASP A 139 -22.00 -51.56 46.60
N LEU A 140 -22.91 -51.66 45.62
CA LEU A 140 -24.02 -50.71 45.48
C LEU A 140 -24.68 -50.38 46.82
N PRO A 141 -25.08 -51.41 47.60
CA PRO A 141 -25.69 -51.15 48.91
C PRO A 141 -24.84 -50.28 49.83
N LYS A 142 -23.56 -50.60 49.95
CA LYS A 142 -22.65 -49.81 50.76
C LYS A 142 -22.46 -48.40 50.19
N ALA A 143 -22.32 -48.32 48.88
CA ALA A 143 -22.18 -47.04 48.21
C ALA A 143 -23.35 -46.12 48.57
N VAL A 144 -24.57 -46.53 48.21
CA VAL A 144 -25.78 -45.70 48.40
C VAL A 144 -25.82 -45.10 49.80
N GLU A 145 -25.35 -45.88 50.77
CA GLU A 145 -25.30 -45.44 52.16
C GLU A 145 -24.45 -44.18 52.31
N LEU A 146 -23.22 -44.22 51.82
CA LEU A 146 -22.29 -43.09 51.98
C LEU A 146 -22.82 -41.78 51.38
N LEU A 147 -23.40 -41.85 50.19
CA LEU A 147 -23.99 -40.67 49.54
C LEU A 147 -24.99 -39.97 50.45
N ALA A 148 -25.98 -40.74 50.94
CA ALA A 148 -26.98 -40.26 51.89
C ALA A 148 -26.34 -39.57 53.10
N ASP A 149 -25.18 -40.06 53.52
CA ASP A 149 -24.41 -39.45 54.61
C ASP A 149 -23.74 -38.12 54.23
N ILE A 150 -23.20 -38.05 53.01
CA ILE A 150 -22.55 -36.84 52.48
C ILE A 150 -23.57 -35.70 52.34
N VAL A 151 -24.70 -36.03 51.73
CA VAL A 151 -25.82 -35.11 51.56
C VAL A 151 -26.37 -34.65 52.93
N GLN A 152 -26.84 -35.61 53.73
CA GLN A 152 -27.54 -35.31 55.00
C GLN A 152 -26.64 -34.83 56.14
N ASN A 153 -25.72 -35.68 56.58
CA ASN A 153 -25.02 -35.48 57.85
C ASN A 153 -23.63 -34.85 57.72
N CYS A 154 -23.55 -33.77 56.93
CA CYS A 154 -22.28 -33.07 56.66
C CYS A 154 -21.80 -32.30 57.88
N SER A 155 -20.51 -32.45 58.19
CA SER A 155 -19.92 -31.86 59.41
C SER A 155 -19.79 -30.34 59.32
N LEU A 156 -19.15 -29.84 58.26
CA LEU A 156 -18.85 -28.42 58.08
C LEU A 156 -17.95 -27.87 59.20
N GLU A 157 -16.89 -28.60 59.49
CA GLU A 157 -15.95 -28.22 60.56
C GLU A 157 -15.49 -26.78 60.41
N ASP A 158 -15.54 -26.02 61.49
CA ASP A 158 -15.14 -24.61 61.48
C ASP A 158 -13.66 -24.42 61.17
N SER A 159 -12.84 -25.40 61.56
CA SER A 159 -11.42 -25.43 61.19
C SER A 159 -11.24 -25.77 59.70
N GLN A 160 -12.13 -26.60 59.17
CA GLN A 160 -12.12 -26.99 57.76
C GLN A 160 -12.58 -25.87 56.82
N ILE A 161 -13.60 -25.11 57.23
CA ILE A 161 -14.06 -23.95 56.45
C ILE A 161 -12.89 -23.00 56.11
N GLU A 162 -12.03 -22.69 57.10
CA GLU A 162 -10.88 -21.80 56.86
C GLU A 162 -9.77 -22.46 56.03
N LYS A 163 -9.76 -23.79 56.02
CA LYS A 163 -8.87 -24.59 55.16
C LYS A 163 -9.27 -24.56 53.69
N GLU A 164 -10.58 -24.69 53.43
CA GLU A 164 -11.13 -24.59 52.06
C GLU A 164 -11.25 -23.13 51.59
N ARG A 165 -11.23 -22.19 52.54
CA ARG A 165 -11.21 -20.76 52.20
C ARG A 165 -9.92 -20.37 51.49
N ASP A 166 -8.78 -20.86 51.96
CA ASP A 166 -7.50 -20.63 51.27
C ASP A 166 -7.33 -21.41 49.97
N VAL A 167 -7.92 -22.60 49.93
CA VAL A 167 -7.95 -23.40 48.73
C VAL A 167 -8.64 -22.60 47.64
N ILE A 168 -9.93 -22.33 47.85
CA ILE A 168 -10.76 -21.73 46.82
C ILE A 168 -10.20 -20.40 46.31
N LEU A 169 -9.71 -19.56 47.21
CA LEU A 169 -9.07 -18.32 46.79
C LEU A 169 -7.96 -18.54 45.75
N GLN A 170 -7.22 -19.63 45.90
CA GLN A 170 -6.19 -20.02 44.92
C GLN A 170 -6.75 -20.73 43.67
N GLU A 171 -7.88 -21.42 43.82
CA GLU A 171 -8.61 -21.98 42.68
C GLU A 171 -9.25 -20.90 41.79
N LEU A 172 -9.46 -19.71 42.35
CA LEU A 172 -9.94 -18.57 41.57
C LEU A 172 -8.83 -17.88 40.79
N GLN A 173 -7.58 -17.91 41.30
CA GLN A 173 -6.42 -17.40 40.56
C GLN A 173 -6.04 -18.29 39.39
N GLU A 174 -6.31 -19.58 39.54
CA GLU A 174 -6.11 -20.55 38.47
C GLU A 174 -6.99 -20.21 37.27
N ASN A 175 -8.29 -20.16 37.49
CA ASN A 175 -9.27 -19.79 36.45
C ASN A 175 -8.95 -18.47 35.74
N ASP A 176 -8.49 -17.48 36.52
CA ASP A 176 -8.05 -16.18 35.99
C ASP A 176 -7.07 -16.30 34.84
N THR A 177 -6.33 -17.41 34.81
CA THR A 177 -5.48 -17.74 33.69
C THR A 177 -5.98 -19.03 33.03
N SER A 178 -7.20 -18.95 32.49
CA SER A 178 -7.78 -20.00 31.63
C SER A 178 -8.82 -19.34 30.77
N MET A 179 -8.32 -18.73 29.71
CA MET A 179 -9.09 -17.76 28.94
C MET A 179 -10.45 -18.31 28.56
N ARG A 180 -10.52 -19.60 28.26
CA ARG A 180 -11.82 -20.21 27.99
C ARG A 180 -12.83 -19.93 29.09
N ASP A 181 -12.46 -20.28 30.33
CA ASP A 181 -13.34 -20.14 31.49
C ASP A 181 -13.71 -18.69 31.76
N VAL A 182 -12.72 -17.82 31.67
CA VAL A 182 -12.91 -16.38 31.84
C VAL A 182 -13.90 -15.79 30.83
N VAL A 183 -13.66 -16.05 29.54
CA VAL A 183 -14.55 -15.55 28.48
C VAL A 183 -15.98 -16.08 28.67
N PHE A 184 -16.11 -17.36 29.02
CA PHE A 184 -17.44 -17.96 29.19
C PHE A 184 -18.21 -17.35 30.36
N ASN A 185 -17.52 -17.12 31.48
CA ASN A 185 -18.10 -16.36 32.59
C ASN A 185 -18.47 -14.92 32.23
N TYR A 186 -17.61 -14.24 31.46
CA TYR A 186 -17.94 -12.91 30.92
C TYR A 186 -19.19 -12.98 30.06
N LEU A 187 -19.22 -13.94 29.14
CA LEU A 187 -20.37 -14.07 28.26
C LEU A 187 -21.63 -14.15 29.11
N HIS A 188 -21.60 -14.98 30.15
CA HIS A 188 -22.70 -15.04 31.10
C HIS A 188 -22.99 -13.70 31.73
N ALA A 189 -21.96 -13.08 32.30
CA ALA A 189 -22.12 -11.79 32.96
C ALA A 189 -22.85 -10.78 32.09
N THR A 190 -22.43 -10.61 30.85
CA THR A 190 -23.02 -9.58 30.01
C THR A 190 -24.25 -10.08 29.24
N ALA A 191 -24.40 -11.41 29.10
CA ALA A 191 -25.61 -11.95 28.46
C ALA A 191 -26.82 -11.90 29.40
N PHE A 192 -26.56 -12.11 30.69
CA PHE A 192 -27.62 -12.14 31.70
C PHE A 192 -27.45 -11.08 32.76
N GLN A 193 -26.73 -10.02 32.41
CA GLN A 193 -26.53 -8.90 33.32
C GLN A 193 -27.79 -8.54 34.09
N GLY A 194 -27.61 -8.34 35.40
CA GLY A 194 -28.68 -7.90 36.31
C GLY A 194 -29.55 -9.00 36.89
N THR A 195 -29.23 -10.26 36.58
CA THR A 195 -30.02 -11.40 37.02
C THR A 195 -29.08 -12.40 37.70
N PRO A 196 -29.63 -13.50 38.27
CA PRO A 196 -28.79 -14.49 38.93
C PRO A 196 -27.89 -15.28 37.99
N LEU A 197 -28.35 -15.54 36.78
CA LEU A 197 -27.57 -16.36 35.83
C LEU A 197 -26.23 -15.70 35.55
N ALA A 198 -26.22 -14.38 35.42
CA ALA A 198 -24.99 -13.58 35.31
C ALA A 198 -23.93 -13.98 36.32
N GLN A 199 -24.35 -14.62 37.40
CA GLN A 199 -23.44 -15.05 38.45
C GLN A 199 -22.64 -16.28 38.07
N SER A 200 -21.38 -16.24 38.46
CA SER A 200 -20.46 -17.37 38.38
C SER A 200 -20.80 -18.41 39.44
N VAL A 201 -20.45 -19.66 39.14
CA VAL A 201 -20.67 -20.77 40.08
C VAL A 201 -19.71 -20.62 41.25
N GLU A 202 -18.53 -20.06 40.99
CA GLU A 202 -17.46 -20.00 41.96
C GLU A 202 -17.66 -18.87 42.97
N GLY A 203 -18.25 -17.76 42.51
CA GLY A 203 -18.59 -16.61 43.36
C GLY A 203 -17.47 -15.59 43.51
N PRO A 204 -17.83 -14.29 43.69
CA PRO A 204 -16.85 -13.20 43.80
C PRO A 204 -15.88 -13.35 44.96
N SER A 205 -14.60 -13.08 44.73
CA SER A 205 -13.55 -13.39 45.71
C SER A 205 -13.81 -12.82 47.11
N GLU A 206 -14.64 -11.78 47.19
CA GLU A 206 -15.08 -11.25 48.49
C GLU A 206 -15.86 -12.29 49.28
N ASN A 207 -17.02 -12.70 48.76
CA ASN A 207 -17.86 -13.71 49.41
C ASN A 207 -17.08 -14.92 49.90
N VAL A 208 -16.26 -15.50 49.03
CA VAL A 208 -15.43 -16.63 49.44
C VAL A 208 -14.75 -16.28 50.78
N ARG A 209 -14.18 -15.07 50.87
CA ARG A 209 -13.43 -14.65 52.07
C ARG A 209 -14.29 -14.29 53.29
N LYS A 210 -15.62 -14.17 53.11
CA LYS A 210 -16.55 -13.75 54.19
C LYS A 210 -17.83 -14.59 54.32
N LEU A 211 -17.84 -15.80 53.76
CA LEU A 211 -18.97 -16.71 53.97
C LEU A 211 -18.71 -17.54 55.23
N SER A 212 -19.63 -17.48 56.18
CA SER A 212 -19.52 -18.24 57.44
C SER A 212 -20.48 -19.42 57.46
N ARG A 213 -20.18 -20.39 58.32
CA ARG A 213 -21.03 -21.57 58.51
C ARG A 213 -22.54 -21.28 58.43
N ALA A 214 -22.97 -20.23 59.12
CA ALA A 214 -24.38 -19.78 59.14
C ALA A 214 -25.02 -19.75 57.76
N ASP A 215 -24.27 -19.20 56.81
CA ASP A 215 -24.72 -19.05 55.43
C ASP A 215 -24.82 -20.42 54.75
N LEU A 216 -23.82 -21.27 54.97
CA LEU A 216 -23.71 -22.56 54.28
C LEU A 216 -24.75 -23.54 54.76
N THR A 217 -24.88 -23.64 56.08
CA THR A 217 -25.90 -24.49 56.69
C THR A 217 -27.27 -24.08 56.19
N GLU A 218 -27.55 -22.79 56.22
CA GLU A 218 -28.82 -22.31 55.73
C GLU A 218 -29.04 -22.75 54.29
N TYR A 219 -28.14 -22.36 53.38
CA TYR A 219 -28.20 -22.78 51.97
C TYR A 219 -28.57 -24.26 51.96
N LEU A 220 -27.74 -25.07 52.61
CA LEU A 220 -27.87 -26.52 52.58
C LEU A 220 -29.32 -26.96 52.91
N SER A 221 -29.80 -26.58 54.09
CA SER A 221 -31.13 -27.01 54.57
C SER A 221 -32.27 -26.43 53.73
N ARG A 222 -32.05 -25.25 53.19
CA ARG A 222 -33.05 -24.59 52.35
C ARG A 222 -33.14 -25.14 50.92
N HIS A 223 -32.05 -25.73 50.42
CA HIS A 223 -31.98 -26.17 49.03
C HIS A 223 -31.95 -27.69 48.81
N TYR A 224 -31.31 -28.44 49.72
CA TYR A 224 -31.24 -29.91 49.60
C TYR A 224 -32.48 -30.61 50.17
N LYS A 225 -33.60 -30.47 49.47
CA LYS A 225 -34.87 -31.06 49.87
C LYS A 225 -35.13 -32.25 48.99
N ALA A 226 -35.81 -33.24 49.54
CA ALA A 226 -35.97 -34.53 48.89
C ALA A 226 -36.76 -34.51 47.55
N PRO A 227 -37.74 -33.60 47.38
CA PRO A 227 -38.43 -33.57 46.07
C PRO A 227 -37.60 -32.86 45.00
N ARG A 228 -36.65 -32.04 45.44
CA ARG A 228 -35.75 -31.32 44.55
C ARG A 228 -34.44 -32.10 44.35
N MET A 229 -34.54 -33.43 44.35
CA MET A 229 -33.38 -34.32 44.30
C MET A 229 -33.75 -35.58 43.53
N VAL A 230 -32.73 -36.23 42.99
CA VAL A 230 -32.88 -37.52 42.30
C VAL A 230 -31.71 -38.42 42.69
N LEU A 231 -32.02 -39.72 42.85
CA LEU A 231 -31.02 -40.77 43.07
C LEU A 231 -30.97 -41.65 41.80
N ALA A 232 -29.88 -41.47 41.06
CA ALA A 232 -29.69 -42.18 39.80
C ALA A 232 -28.58 -43.20 39.95
N ALA A 233 -28.68 -44.27 39.18
CA ALA A 233 -27.63 -45.27 39.10
C ALA A 233 -27.78 -46.08 37.84
N ALA A 234 -26.67 -46.60 37.34
CA ALA A 234 -26.72 -47.47 36.17
C ALA A 234 -25.57 -48.47 36.20
N GLY A 235 -25.80 -49.62 35.57
CA GLY A 235 -24.84 -50.71 35.52
C GLY A 235 -25.49 -52.00 35.98
N GLY A 236 -24.73 -52.85 36.67
CA GLY A 236 -25.25 -54.09 37.23
C GLY A 236 -26.01 -53.85 38.52
N LEU A 237 -27.32 -53.66 38.39
CA LEU A 237 -28.25 -53.58 39.53
C LEU A 237 -29.70 -53.66 39.07
N GLU A 238 -30.55 -54.20 39.93
CA GLU A 238 -31.99 -54.29 39.67
C GLU A 238 -32.69 -53.16 40.39
N HIS A 239 -33.53 -52.43 39.64
CA HIS A 239 -34.14 -51.19 40.12
C HIS A 239 -34.45 -51.20 41.61
N ARG A 240 -35.24 -52.19 42.01
CA ARG A 240 -35.81 -52.24 43.35
C ARG A 240 -34.82 -52.50 44.51
N GLN A 241 -33.61 -52.98 44.20
CA GLN A 241 -32.54 -53.06 45.21
C GLN A 241 -32.17 -51.67 45.65
N LEU A 242 -32.12 -50.75 44.68
CA LEU A 242 -31.83 -49.35 44.93
C LEU A 242 -32.93 -48.74 45.80
N LEU A 243 -34.19 -48.93 45.37
CA LEU A 243 -35.35 -48.30 46.00
C LEU A 243 -35.44 -48.55 47.50
N ASP A 244 -35.14 -49.80 47.89
CA ASP A 244 -35.17 -50.19 49.31
C ASP A 244 -33.94 -49.66 50.07
N LEU A 245 -32.82 -49.45 49.38
CA LEU A 245 -31.67 -48.73 49.95
C LEU A 245 -31.99 -47.23 50.13
N ALA A 246 -32.80 -46.70 49.22
CA ALA A 246 -33.30 -45.32 49.30
C ALA A 246 -34.25 -45.13 50.48
N GLN A 247 -35.14 -46.10 50.69
CA GLN A 247 -36.03 -46.12 51.86
C GLN A 247 -35.22 -46.26 53.14
N LYS A 248 -34.12 -47.01 53.07
CA LYS A 248 -33.27 -47.27 54.23
C LYS A 248 -32.53 -46.02 54.70
N HIS A 249 -31.86 -45.34 53.78
CA HIS A 249 -30.97 -44.24 54.12
C HIS A 249 -31.51 -42.85 53.75
N PHE A 250 -32.43 -42.78 52.77
CA PHE A 250 -32.99 -41.48 52.32
C PHE A 250 -34.39 -41.15 52.84
N SER A 251 -35.13 -42.13 53.38
CA SER A 251 -36.35 -41.82 54.14
C SER A 251 -35.98 -40.88 55.29
N GLY A 252 -34.82 -41.10 55.90
CA GLY A 252 -34.31 -40.27 56.99
C GLY A 252 -33.86 -38.86 56.63
N LEU A 253 -33.81 -38.53 55.33
CA LEU A 253 -33.55 -37.15 54.86
C LEU A 253 -34.77 -36.27 55.08
N SER A 254 -34.54 -34.97 55.23
CA SER A 254 -35.60 -33.96 55.13
C SER A 254 -36.54 -34.43 54.02
N GLY A 255 -37.79 -34.71 54.40
CA GLY A 255 -38.69 -35.45 53.55
C GLY A 255 -39.69 -34.58 52.82
N THR A 256 -39.88 -33.36 53.32
CA THR A 256 -40.81 -32.41 52.71
C THR A 256 -40.22 -31.01 52.90
N TYR A 257 -41.00 -29.98 52.60
CA TYR A 257 -40.56 -28.62 52.76
C TYR A 257 -41.60 -27.72 53.39
N ASP A 258 -41.14 -26.58 53.93
CA ASP A 258 -42.06 -25.56 54.47
C ASP A 258 -42.56 -24.62 53.36
N GLU A 259 -43.58 -23.81 53.67
CA GLU A 259 -44.50 -23.27 52.64
C GLU A 259 -43.94 -22.25 51.64
N ASP A 260 -43.58 -21.05 52.10
CA ASP A 260 -43.04 -20.00 51.22
C ASP A 260 -41.53 -19.76 51.43
N ALA A 261 -40.81 -20.81 51.83
CA ALA A 261 -39.36 -20.74 51.99
C ALA A 261 -38.65 -21.43 50.82
N VAL A 262 -39.15 -22.58 50.37
CA VAL A 262 -38.58 -23.26 49.20
C VAL A 262 -38.82 -22.38 47.96
N PRO A 263 -37.73 -21.84 47.38
CA PRO A 263 -37.86 -20.71 46.46
C PRO A 263 -38.45 -21.03 45.08
N THR A 264 -38.76 -19.98 44.33
CA THR A 264 -39.14 -20.09 42.91
C THR A 264 -38.05 -19.39 42.10
N LEU A 265 -37.95 -19.73 40.81
CA LEU A 265 -36.93 -19.15 39.93
C LEU A 265 -37.53 -18.04 39.05
N SER A 266 -36.97 -16.84 39.18
CA SER A 266 -37.33 -15.72 38.31
C SER A 266 -36.72 -15.90 36.92
N PRO A 267 -37.50 -15.64 35.85
CA PRO A 267 -36.91 -15.64 34.51
C PRO A 267 -35.77 -14.62 34.42
N CYS A 268 -34.67 -15.01 33.76
CA CYS A 268 -33.50 -14.13 33.65
C CYS A 268 -33.48 -13.45 32.29
N ARG A 269 -33.42 -12.13 32.31
CA ARG A 269 -33.40 -11.32 31.10
C ARG A 269 -32.07 -11.40 30.35
N PHE A 270 -32.17 -11.74 29.06
CA PHE A 270 -31.05 -11.75 28.12
C PHE A 270 -30.90 -10.36 27.50
N THR A 271 -29.68 -9.84 27.52
CA THR A 271 -29.40 -8.48 27.09
C THR A 271 -28.36 -8.47 25.97
N GLY A 272 -28.79 -8.06 24.78
CA GLY A 272 -27.83 -7.80 23.70
C GLY A 272 -26.76 -6.85 24.20
N SER A 273 -25.53 -7.34 24.36
CA SER A 273 -24.43 -6.52 24.87
C SER A 273 -23.05 -7.10 24.59
N GLN A 274 -22.03 -6.33 24.94
CA GLN A 274 -20.64 -6.68 24.69
C GLN A 274 -19.77 -6.41 25.92
N ILE A 275 -18.80 -7.30 26.14
CA ILE A 275 -17.82 -7.10 27.19
C ILE A 275 -16.46 -7.52 26.66
N CYS A 276 -15.56 -6.53 26.61
CA CYS A 276 -14.31 -6.59 25.85
C CYS A 276 -13.13 -6.37 26.74
N HIS A 277 -12.61 -7.45 27.29
CA HIS A 277 -11.41 -7.34 28.09
C HIS A 277 -10.22 -7.32 27.14
N ARG A 278 -9.71 -6.12 26.92
CA ARG A 278 -8.56 -5.90 26.07
C ARG A 278 -7.30 -6.11 26.91
N GLU A 279 -6.68 -7.27 26.75
CA GLU A 279 -5.37 -7.53 27.35
C GLU A 279 -4.35 -8.00 26.28
N ASP A 280 -3.47 -7.09 25.89
CA ASP A 280 -2.58 -7.31 24.76
C ASP A 280 -1.45 -8.31 25.04
N GLY A 281 -0.93 -8.33 26.25
CA GLY A 281 0.16 -9.23 26.63
C GLY A 281 -0.12 -10.74 26.50
N LEU A 282 -1.37 -11.12 26.29
CA LEU A 282 -1.74 -12.51 26.05
C LEU A 282 -1.53 -12.97 24.59
N PRO A 283 -0.95 -14.17 24.41
CA PRO A 283 -0.68 -14.69 23.10
C PRO A 283 -1.85 -14.78 22.14
N LEU A 284 -3.04 -15.15 22.63
CA LEU A 284 -4.18 -15.31 21.71
C LEU A 284 -5.48 -14.78 22.25
N ALA A 285 -6.35 -14.40 21.33
CA ALA A 285 -7.63 -13.77 21.66
C ALA A 285 -8.69 -14.83 21.74
N HIS A 286 -9.49 -14.79 22.79
CA HIS A 286 -10.65 -15.65 22.89
C HIS A 286 -11.86 -14.78 22.73
N VAL A 287 -12.81 -15.28 21.97
CA VAL A 287 -14.07 -14.61 21.85
C VAL A 287 -15.21 -15.63 21.99
N ALA A 288 -16.30 -15.21 22.60
CA ALA A 288 -17.53 -15.96 22.61
C ALA A 288 -18.66 -15.02 22.16
N ILE A 289 -19.50 -15.51 21.26
CA ILE A 289 -20.67 -14.75 20.82
C ILE A 289 -21.84 -15.70 20.87
N ALA A 290 -22.99 -15.23 21.34
CA ALA A 290 -24.20 -16.05 21.38
C ALA A 290 -25.47 -15.24 21.41
N VAL A 291 -26.53 -15.81 20.83
CA VAL A 291 -27.89 -15.27 20.93
C VAL A 291 -28.72 -16.08 21.93
N GLU A 292 -29.86 -15.53 22.33
CA GLU A 292 -30.69 -16.18 23.35
C GLU A 292 -31.20 -17.56 22.91
N GLY A 293 -30.74 -18.59 23.63
CA GLY A 293 -31.16 -19.97 23.42
C GLY A 293 -32.57 -20.21 23.93
N PRO A 294 -33.13 -21.37 23.62
CA PRO A 294 -34.53 -21.63 23.91
C PRO A 294 -34.80 -22.05 25.37
N GLY A 295 -33.99 -22.95 25.91
CA GLY A 295 -34.19 -23.49 27.26
C GLY A 295 -34.44 -25.00 27.23
N TRP A 296 -33.94 -25.69 28.26
CA TRP A 296 -34.06 -27.15 28.37
C TRP A 296 -35.38 -27.66 27.78
N ALA A 297 -36.47 -27.00 28.14
CA ALA A 297 -37.81 -27.36 27.71
C ALA A 297 -37.95 -27.58 26.19
N HIS A 298 -37.61 -26.55 25.42
CA HIS A 298 -38.13 -26.39 24.05
C HIS A 298 -37.65 -27.45 23.01
N PRO A 299 -38.59 -27.98 22.19
CA PRO A 299 -38.29 -28.97 21.14
C PRO A 299 -37.34 -28.49 20.03
N ASP A 300 -37.21 -27.19 19.84
CA ASP A 300 -36.23 -26.65 18.89
C ASP A 300 -34.82 -27.16 19.18
N ASN A 301 -34.47 -27.30 20.46
CA ASN A 301 -33.15 -27.83 20.85
C ASN A 301 -32.62 -29.06 20.09
N VAL A 302 -33.47 -29.72 19.31
CA VAL A 302 -33.03 -30.78 18.38
C VAL A 302 -32.52 -30.17 17.07
N ALA A 303 -33.37 -29.40 16.39
CA ALA A 303 -32.96 -28.73 15.14
C ALA A 303 -31.83 -27.73 15.31
N LEU A 304 -31.68 -27.18 16.52
CA LEU A 304 -30.51 -26.35 16.88
C LEU A 304 -29.23 -27.15 17.11
N GLN A 305 -29.37 -28.36 17.65
CA GLN A 305 -28.22 -29.28 17.75
C GLN A 305 -27.81 -29.79 16.37
N VAL A 306 -28.78 -30.13 15.53
CA VAL A 306 -28.54 -30.50 14.13
C VAL A 306 -27.80 -29.36 13.42
N ALA A 307 -28.27 -28.13 13.62
CA ALA A 307 -27.67 -26.97 12.98
C ALA A 307 -26.24 -26.71 13.47
N ASN A 308 -26.05 -26.61 14.79
CA ASN A 308 -24.71 -26.57 15.39
C ASN A 308 -23.74 -27.68 14.93
N ALA A 309 -24.28 -28.86 14.63
CA ALA A 309 -23.49 -29.95 14.06
C ALA A 309 -23.01 -29.66 12.62
N ILE A 310 -23.81 -28.90 11.86
CA ILE A 310 -23.48 -28.54 10.47
C ILE A 310 -22.30 -27.58 10.38
N ILE A 311 -22.37 -26.53 11.19
CA ILE A 311 -21.26 -25.58 11.36
C ILE A 311 -20.09 -26.25 12.12
N GLY A 312 -20.41 -27.20 12.99
CA GLY A 312 -19.40 -28.05 13.57
C GLY A 312 -18.42 -27.35 14.48
N HIS A 313 -17.17 -27.79 14.42
CA HIS A 313 -16.15 -27.41 15.39
C HIS A 313 -14.78 -27.82 14.85
N TYR A 314 -13.71 -27.23 15.38
CA TYR A 314 -12.37 -27.43 14.82
C TYR A 314 -11.23 -26.95 15.73
N ASP A 315 -10.08 -27.61 15.60
CA ASP A 315 -8.81 -27.08 16.10
C ASP A 315 -7.65 -27.54 15.19
N CYS A 316 -6.51 -26.86 15.28
CA CYS A 316 -5.36 -27.11 14.38
C CYS A 316 -4.85 -28.56 14.32
N THR A 317 -5.16 -29.37 15.33
CA THR A 317 -4.71 -30.76 15.35
C THR A 317 -5.66 -31.73 14.62
N TYR A 318 -6.76 -31.24 14.05
CA TYR A 318 -7.67 -32.10 13.26
C TYR A 318 -6.97 -32.53 11.99
N GLY A 319 -7.26 -33.75 11.55
CA GLY A 319 -6.62 -34.31 10.38
C GLY A 319 -7.19 -33.73 9.11
N GLY A 320 -8.52 -33.55 9.08
CA GLY A 320 -9.26 -33.15 7.89
C GLY A 320 -8.67 -32.00 7.08
N GLY A 321 -8.25 -30.93 7.74
CA GLY A 321 -7.74 -29.74 7.05
C GLY A 321 -8.78 -29.19 6.08
N ALA A 322 -8.36 -28.88 4.86
CA ALA A 322 -9.22 -28.27 3.85
C ALA A 322 -10.39 -29.14 3.43
N HIS A 323 -10.25 -30.47 3.55
CA HIS A 323 -11.29 -31.38 3.09
C HIS A 323 -12.45 -31.50 4.07
N LEU A 324 -12.39 -30.76 5.17
CA LEU A 324 -13.47 -30.78 6.16
C LEU A 324 -14.79 -30.31 5.56
N SER A 325 -15.86 -30.98 5.97
CA SER A 325 -17.21 -30.76 5.45
C SER A 325 -17.78 -29.41 5.85
N SER A 326 -17.42 -28.93 7.04
CA SER A 326 -17.88 -27.64 7.51
C SER A 326 -17.08 -26.53 6.83
N PRO A 327 -17.74 -25.71 6.00
CA PRO A 327 -17.03 -24.66 5.27
C PRO A 327 -16.26 -23.73 6.20
N LEU A 328 -16.81 -23.44 7.37
CA LEU A 328 -16.08 -22.65 8.38
C LEU A 328 -14.79 -23.36 8.79
N ALA A 329 -14.89 -24.67 9.05
CA ALA A 329 -13.71 -25.42 9.44
C ALA A 329 -12.63 -25.47 8.35
N SER A 330 -13.06 -25.66 7.10
CA SER A 330 -12.13 -25.78 5.97
C SER A 330 -11.52 -24.44 5.62
N ILE A 331 -12.34 -23.38 5.60
CA ILE A 331 -11.83 -22.02 5.43
C ILE A 331 -10.83 -21.76 6.56
N ALA A 332 -11.23 -22.01 7.79
CA ALA A 332 -10.35 -21.73 8.94
C ALA A 332 -9.05 -22.48 8.82
N ALA A 333 -9.14 -23.73 8.37
CA ALA A 333 -7.96 -24.57 8.27
C ALA A 333 -6.99 -24.13 7.14
N THR A 334 -7.51 -23.88 5.95
CA THR A 334 -6.64 -23.47 4.84
C THR A 334 -6.01 -22.12 5.13
N ASN A 335 -6.79 -21.16 5.64
CA ASN A 335 -6.26 -19.81 5.91
C ASN A 335 -5.73 -19.56 7.33
N LYS A 336 -5.75 -20.59 8.19
CA LYS A 336 -5.40 -20.42 9.62
C LYS A 336 -6.13 -19.26 10.28
N LEU A 337 -7.40 -19.06 9.94
CA LEU A 337 -8.16 -18.00 10.56
C LEU A 337 -8.14 -18.13 12.08
N CYS A 338 -8.17 -19.36 12.58
CA CYS A 338 -8.12 -19.62 14.02
C CYS A 338 -7.36 -20.88 14.29
N GLN A 339 -6.97 -21.07 15.55
CA GLN A 339 -6.39 -22.33 15.97
C GLN A 339 -7.40 -23.24 16.72
N SER A 340 -8.59 -22.72 17.05
CA SER A 340 -9.72 -23.57 17.51
C SER A 340 -11.05 -22.84 17.66
N PHE A 341 -12.13 -23.50 17.23
CA PHE A 341 -13.45 -22.91 17.35
C PHE A 341 -14.49 -23.99 17.55
N GLN A 342 -15.48 -23.72 18.39
CA GLN A 342 -16.55 -24.68 18.66
C GLN A 342 -17.90 -23.95 18.84
N THR A 343 -18.94 -24.50 18.22
CA THR A 343 -20.31 -24.00 18.43
C THR A 343 -20.83 -24.59 19.73
N PHE A 344 -21.80 -23.94 20.35
CA PHE A 344 -22.40 -24.45 21.60
C PHE A 344 -23.88 -24.15 21.73
N ASN A 345 -24.56 -24.97 22.54
CA ASN A 345 -25.91 -24.67 23.00
C ASN A 345 -26.01 -24.91 24.50
N ILE A 346 -25.61 -23.91 25.28
CA ILE A 346 -25.74 -23.96 26.73
C ILE A 346 -27.21 -23.76 27.05
N CYS A 347 -27.78 -24.72 27.75
CA CYS A 347 -29.20 -24.68 28.07
C CYS A 347 -29.44 -24.45 29.57
N TYR A 348 -30.44 -23.64 29.85
CA TYR A 348 -30.92 -23.44 31.21
C TYR A 348 -32.45 -23.61 31.23
N ALA A 349 -33.09 -23.15 32.30
CA ALA A 349 -34.50 -23.45 32.53
C ALA A 349 -35.41 -22.88 31.44
N ASP A 350 -35.40 -21.57 31.33
CA ASP A 350 -36.30 -20.85 30.42
C ASP A 350 -35.52 -19.95 29.47
N THR A 351 -34.24 -20.27 29.25
CA THR A 351 -33.38 -19.52 28.33
C THR A 351 -32.09 -20.30 28.15
N GLY A 352 -31.20 -19.78 27.30
CA GLY A 352 -29.90 -20.42 27.06
C GLY A 352 -28.95 -19.52 26.28
N LEU A 353 -27.80 -20.07 25.92
CA LEU A 353 -26.85 -19.38 25.05
C LEU A 353 -26.58 -20.23 23.83
N LEU A 354 -26.96 -19.71 22.67
CA LEU A 354 -26.79 -20.40 21.40
C LEU A 354 -25.84 -19.60 20.49
N GLY A 355 -24.58 -20.04 20.44
CA GLY A 355 -23.56 -19.32 19.70
C GLY A 355 -22.29 -20.12 19.46
N ALA A 356 -21.15 -19.44 19.49
CA ALA A 356 -19.87 -20.07 19.21
C ALA A 356 -18.74 -19.38 19.93
N HIS A 357 -17.59 -20.03 19.92
CA HIS A 357 -16.42 -19.53 20.63
C HIS A 357 -15.21 -19.80 19.76
N PHE A 358 -14.28 -18.85 19.67
CA PHE A 358 -13.01 -19.10 18.98
C PHE A 358 -11.74 -18.51 19.61
N VAL A 359 -10.64 -19.24 19.41
CA VAL A 359 -9.32 -18.82 19.85
C VAL A 359 -8.50 -18.52 18.61
N CYS A 360 -7.86 -17.36 18.56
CA CYS A 360 -7.17 -16.95 17.34
C CYS A 360 -6.14 -15.82 17.47
N ASP A 361 -5.47 -15.55 16.36
CA ASP A 361 -4.38 -14.61 16.27
C ASP A 361 -4.92 -13.20 16.21
N HIS A 362 -4.14 -12.27 16.77
CA HIS A 362 -4.61 -10.92 17.02
C HIS A 362 -5.11 -10.20 15.77
N MET A 363 -4.85 -10.77 14.59
CA MET A 363 -5.25 -10.16 13.33
C MET A 363 -6.29 -10.94 12.55
N SER A 364 -6.82 -12.02 13.12
CA SER A 364 -7.68 -12.91 12.32
C SER A 364 -9.12 -12.86 12.80
N ILE A 365 -9.39 -11.94 13.71
CA ILE A 365 -10.62 -11.97 14.47
C ILE A 365 -11.76 -11.59 13.52
N ASP A 366 -11.65 -10.42 12.89
CA ASP A 366 -12.67 -9.99 11.96
C ASP A 366 -13.06 -11.10 10.98
N ASP A 367 -12.08 -11.72 10.35
CA ASP A 367 -12.34 -12.73 9.33
C ASP A 367 -13.03 -13.96 9.94
N MET A 368 -12.48 -14.46 11.03
CA MET A 368 -13.10 -15.59 11.72
C MET A 368 -14.58 -15.31 11.98
N MET A 369 -14.86 -14.09 12.48
CA MET A 369 -16.21 -13.61 12.80
C MET A 369 -17.07 -13.58 11.55
N PHE A 370 -16.51 -12.99 10.49
CA PHE A 370 -17.20 -12.81 9.21
C PHE A 370 -17.64 -14.10 8.59
N VAL A 371 -16.74 -15.08 8.61
CA VAL A 371 -17.07 -16.42 8.12
C VAL A 371 -18.17 -17.06 8.98
N LEU A 372 -18.02 -16.97 10.29
CA LEU A 372 -18.96 -17.58 11.24
C LEU A 372 -20.37 -17.05 11.07
N GLN A 373 -20.51 -15.74 11.13
CA GLN A 373 -21.83 -15.12 10.99
C GLN A 373 -22.37 -15.46 9.61
N GLY A 374 -21.49 -15.38 8.61
CA GLY A 374 -21.81 -15.85 7.27
C GLY A 374 -22.52 -17.18 7.31
N GLN A 375 -21.93 -18.14 8.02
CA GLN A 375 -22.51 -19.47 8.07
C GLN A 375 -23.90 -19.47 8.70
N TRP A 376 -24.06 -18.71 9.79
CA TRP A 376 -25.36 -18.58 10.44
C TRP A 376 -26.43 -18.07 9.48
N MET A 377 -26.12 -16.97 8.80
CA MET A 377 -27.03 -16.40 7.83
C MET A 377 -27.25 -17.35 6.66
N ARG A 378 -26.21 -18.11 6.29
CA ARG A 378 -26.38 -19.07 5.21
C ARG A 378 -27.39 -20.15 5.61
N LEU A 379 -27.27 -20.62 6.85
CA LEU A 379 -28.23 -21.59 7.38
C LEU A 379 -29.64 -21.02 7.41
N CYS A 380 -29.80 -19.86 8.05
CA CYS A 380 -31.10 -19.17 8.11
C CYS A 380 -31.80 -19.05 6.74
N THR A 381 -31.05 -18.65 5.72
CA THR A 381 -31.67 -18.31 4.43
C THR A 381 -31.62 -19.39 3.36
N SER A 382 -30.76 -20.40 3.53
CA SER A 382 -30.61 -21.41 2.48
C SER A 382 -29.90 -22.39 3.42
N ALA A 383 -30.37 -23.62 3.46
CA ALA A 383 -29.75 -24.62 4.28
C ALA A 383 -30.04 -25.69 3.26
N THR A 384 -28.97 -26.28 2.70
CA THR A 384 -29.10 -27.33 1.70
C THR A 384 -29.61 -28.61 2.36
N GLU A 385 -30.22 -29.51 1.59
CA GLU A 385 -30.86 -30.71 2.15
C GLU A 385 -29.87 -31.76 2.69
N SER A 386 -28.86 -32.09 1.91
CA SER A 386 -27.92 -33.11 2.34
C SER A 386 -27.12 -32.66 3.55
N GLU A 387 -26.72 -31.38 3.59
CA GLU A 387 -25.88 -30.90 4.69
C GLU A 387 -26.61 -31.02 6.02
N VAL A 388 -27.94 -31.00 5.97
CA VAL A 388 -28.76 -31.30 7.14
C VAL A 388 -28.59 -32.78 7.52
N LEU A 389 -28.76 -33.65 6.53
CA LEU A 389 -28.56 -35.09 6.70
C LEU A 389 -27.19 -35.45 7.28
N ARG A 390 -26.16 -34.63 7.00
CA ARG A 390 -24.84 -34.79 7.65
C ARG A 390 -24.92 -34.47 9.14
N GLY A 391 -25.56 -33.36 9.47
CA GLY A 391 -25.72 -32.94 10.87
C GLY A 391 -26.46 -33.98 11.70
N LYS A 392 -27.63 -34.35 11.21
CA LYS A 392 -28.47 -35.37 11.84
C LYS A 392 -27.63 -36.58 12.28
N ASN A 393 -26.88 -37.15 11.35
CA ASN A 393 -26.05 -38.34 11.61
C ASN A 393 -24.94 -38.10 12.63
N LEU A 394 -24.33 -36.91 12.56
CA LEU A 394 -23.26 -36.53 13.50
C LEU A 394 -23.83 -36.49 14.89
N LEU A 395 -25.03 -35.91 15.01
CA LEU A 395 -25.73 -35.82 16.27
C LEU A 395 -26.13 -37.20 16.76
N ARG A 396 -26.73 -37.99 15.86
CA ARG A 396 -27.11 -39.38 16.18
C ARG A 396 -25.92 -40.10 16.78
N ASN A 397 -24.83 -40.15 16.02
CA ASN A 397 -23.55 -40.68 16.49
C ASN A 397 -23.16 -40.13 17.85
N ALA A 398 -23.28 -38.81 17.98
CA ALA A 398 -22.92 -38.14 19.22
C ALA A 398 -23.64 -38.74 20.42
N LEU A 399 -24.98 -38.75 20.41
CA LEU A 399 -25.71 -39.18 21.61
C LEU A 399 -25.57 -40.67 21.95
N VAL A 400 -25.50 -41.54 20.95
CA VAL A 400 -25.29 -42.96 21.24
C VAL A 400 -23.88 -43.17 21.81
N SER A 401 -22.86 -42.64 21.15
CA SER A 401 -21.48 -42.82 21.60
C SER A 401 -21.14 -41.91 22.81
N HIS A 402 -22.07 -41.04 23.18
CA HIS A 402 -22.00 -40.30 24.44
C HIS A 402 -22.47 -41.17 25.63
N LEU A 403 -23.51 -41.95 25.41
CA LEU A 403 -24.08 -42.81 26.45
C LEU A 403 -23.44 -44.19 26.39
N ASP A 404 -22.13 -44.21 26.56
CA ASP A 404 -21.34 -45.44 26.50
C ASP A 404 -20.49 -45.49 27.77
N GLY A 405 -20.95 -46.28 28.73
CA GLY A 405 -20.39 -46.35 30.07
C GLY A 405 -21.53 -46.42 31.05
N THR A 406 -21.21 -46.24 32.33
CA THR A 406 -22.22 -46.10 33.35
C THR A 406 -22.27 -44.64 33.81
N THR A 407 -21.10 -44.12 34.15
CA THR A 407 -20.95 -42.72 34.50
C THR A 407 -21.68 -41.77 33.55
N PRO A 408 -21.59 -42.00 32.22
CA PRO A 408 -22.45 -41.22 31.31
C PRO A 408 -23.95 -41.34 31.57
N VAL A 409 -24.46 -42.57 31.60
CA VAL A 409 -25.91 -42.83 31.63
C VAL A 409 -26.50 -42.45 32.99
N CYS A 410 -25.78 -42.74 34.08
CA CYS A 410 -26.16 -42.29 35.42
C CYS A 410 -26.35 -40.76 35.44
N GLU A 411 -25.43 -40.05 34.78
CA GLU A 411 -25.46 -38.60 34.73
C GLU A 411 -26.60 -38.08 33.86
N ASP A 412 -26.86 -38.76 32.75
CA ASP A 412 -28.04 -38.46 31.93
C ASP A 412 -29.31 -38.59 32.76
N ILE A 413 -29.48 -39.74 33.40
CA ILE A 413 -30.65 -40.01 34.22
C ILE A 413 -30.77 -38.96 35.33
N GLY A 414 -29.64 -38.65 35.96
CA GLY A 414 -29.59 -37.67 37.05
C GLY A 414 -30.10 -36.27 36.71
N ARG A 415 -29.86 -35.85 35.48
CA ARG A 415 -30.26 -34.52 35.02
C ARG A 415 -31.58 -34.57 34.27
N SER A 416 -31.76 -35.56 33.40
CA SER A 416 -33.00 -35.73 32.62
C SER A 416 -34.22 -35.50 33.50
N LEU A 417 -34.23 -36.09 34.68
CA LEU A 417 -35.31 -35.90 35.64
C LEU A 417 -35.34 -34.47 36.18
N LEU A 418 -34.18 -33.94 36.56
CA LEU A 418 -34.08 -32.58 37.10
C LEU A 418 -34.47 -31.47 36.10
N THR A 419 -34.51 -31.79 34.80
CA THR A 419 -34.81 -30.80 33.75
C THR A 419 -36.05 -31.15 32.94
N TYR A 420 -36.00 -32.29 32.24
CA TYR A 420 -37.08 -32.73 31.36
C TYR A 420 -38.30 -33.29 32.13
N GLY A 421 -38.09 -33.67 33.39
CA GLY A 421 -39.14 -34.32 34.19
C GLY A 421 -39.13 -35.83 34.08
N ARG A 422 -38.67 -36.35 32.96
CA ARG A 422 -38.54 -37.78 32.71
C ARG A 422 -37.16 -38.04 32.11
N ARG A 423 -36.85 -39.30 31.85
CA ARG A 423 -35.76 -39.66 30.95
C ARG A 423 -36.35 -39.96 29.59
N ILE A 424 -35.52 -39.84 28.55
CA ILE A 424 -35.97 -39.95 27.18
C ILE A 424 -35.24 -41.08 26.45
N PRO A 425 -36.01 -41.97 25.80
CA PRO A 425 -35.38 -43.04 25.02
C PRO A 425 -34.66 -42.52 23.79
N LEU A 426 -33.50 -43.10 23.54
CA LEU A 426 -32.77 -42.86 22.30
C LEU A 426 -33.68 -43.02 21.09
N ALA A 427 -34.64 -43.93 21.19
CA ALA A 427 -35.64 -44.18 20.15
C ALA A 427 -36.57 -42.98 19.90
N GLU A 428 -36.76 -42.14 20.93
CA GLU A 428 -37.54 -40.89 20.80
C GLU A 428 -36.69 -39.77 20.23
N TRP A 429 -35.49 -39.58 20.79
CA TRP A 429 -34.51 -38.64 20.26
C TRP A 429 -34.31 -38.85 18.74
N GLU A 430 -34.17 -40.12 18.35
CA GLU A 430 -34.13 -40.53 16.93
C GLU A 430 -35.31 -40.01 16.11
N SER A 431 -36.54 -40.23 16.61
CA SER A 431 -37.77 -39.77 15.95
C SER A 431 -37.76 -38.27 15.74
N ARG A 432 -37.38 -37.56 16.79
CA ARG A 432 -37.31 -36.10 16.76
C ARG A 432 -36.26 -35.62 15.77
N ILE A 433 -35.10 -36.28 15.76
CA ILE A 433 -34.04 -35.98 14.78
C ILE A 433 -34.52 -36.26 13.37
N ALA A 434 -35.14 -37.41 13.15
CA ALA A 434 -35.61 -37.81 11.82
C ALA A 434 -36.68 -36.88 11.20
N GLU A 435 -37.27 -36.01 12.00
CA GLU A 435 -38.25 -35.03 11.51
C GLU A 435 -37.62 -33.72 11.07
N VAL A 436 -36.38 -33.47 11.53
CA VAL A 436 -35.63 -32.26 11.19
C VAL A 436 -35.13 -32.36 9.75
N ASP A 437 -35.56 -31.42 8.91
CA ASP A 437 -35.09 -31.32 7.54
C ASP A 437 -34.80 -29.86 7.19
N ALA A 438 -34.36 -29.61 5.95
CA ALA A 438 -33.96 -28.29 5.51
C ALA A 438 -34.89 -27.18 6.00
N ARG A 439 -36.16 -27.29 5.62
CA ARG A 439 -37.15 -26.28 5.95
C ARG A 439 -37.22 -26.00 7.44
N VAL A 440 -37.13 -27.06 8.25
CA VAL A 440 -37.11 -26.92 9.71
C VAL A 440 -35.86 -26.16 10.17
N VAL A 441 -34.69 -26.67 9.79
CA VAL A 441 -33.40 -26.11 10.22
C VAL A 441 -33.36 -24.62 9.95
N ARG A 442 -33.86 -24.23 8.80
CA ARG A 442 -33.94 -22.83 8.44
C ARG A 442 -34.91 -22.06 9.32
N GLU A 443 -36.18 -22.49 9.37
CA GLU A 443 -37.20 -21.83 10.22
C GLU A 443 -36.71 -21.67 11.64
N VAL A 444 -36.01 -22.69 12.13
CA VAL A 444 -35.50 -22.72 13.49
C VAL A 444 -34.29 -21.82 13.70
N CYS A 445 -33.33 -21.89 12.78
CA CYS A 445 -32.17 -20.99 12.82
C CYS A 445 -32.58 -19.53 12.58
N SER A 446 -33.39 -19.31 11.53
CA SER A 446 -34.00 -18.00 11.26
C SER A 446 -34.71 -17.45 12.47
N LYS A 447 -35.42 -18.31 13.18
CA LYS A 447 -36.09 -17.93 14.41
C LYS A 447 -35.13 -17.37 15.46
N TYR A 448 -34.01 -18.03 15.72
CA TYR A 448 -33.13 -17.64 16.84
C TYR A 448 -31.95 -16.73 16.49
N PHE A 449 -31.55 -16.73 15.22
CA PHE A 449 -30.41 -15.93 14.74
C PHE A 449 -30.80 -14.68 13.98
N TYR A 450 -31.54 -14.86 12.89
CA TYR A 450 -31.83 -13.77 11.95
C TYR A 450 -32.35 -12.49 12.63
N ASP A 451 -31.52 -11.45 12.56
CA ASP A 451 -31.82 -10.09 13.05
C ASP A 451 -31.93 -10.01 14.57
N GLN A 452 -31.17 -10.85 15.26
CA GLN A 452 -31.19 -10.84 16.71
C GLN A 452 -29.91 -10.23 17.27
N CYS A 453 -30.07 -9.41 18.31
CA CYS A 453 -28.93 -8.86 19.06
C CYS A 453 -28.18 -9.97 19.76
N PRO A 454 -26.91 -10.20 19.39
CA PRO A 454 -26.12 -11.18 20.12
C PRO A 454 -25.36 -10.61 21.31
N ALA A 455 -24.96 -11.50 22.21
CA ALA A 455 -24.13 -11.14 23.35
C ALA A 455 -22.71 -11.64 23.14
N VAL A 456 -21.74 -10.74 23.34
CA VAL A 456 -20.36 -10.94 22.90
C VAL A 456 -19.34 -10.71 24.01
N ALA A 457 -18.51 -11.72 24.23
CA ALA A 457 -17.44 -11.62 25.20
C ALA A 457 -16.15 -11.82 24.49
N GLY A 458 -15.23 -10.89 24.66
CA GLY A 458 -13.92 -10.97 24.03
C GLY A 458 -12.84 -10.75 25.07
N PHE A 459 -11.87 -11.67 25.11
CA PHE A 459 -10.76 -11.55 26.05
C PHE A 459 -9.42 -11.72 25.35
N GLY A 460 -8.51 -10.75 25.56
CA GLY A 460 -7.16 -10.80 24.96
C GLY A 460 -6.86 -9.63 24.01
N PRO A 461 -5.96 -9.85 23.03
CA PRO A 461 -5.52 -8.81 22.09
C PRO A 461 -6.55 -8.62 20.98
N ILE A 462 -7.64 -7.96 21.37
CA ILE A 462 -8.89 -7.92 20.60
C ILE A 462 -9.12 -6.58 19.88
N GLU A 463 -8.05 -5.80 19.74
CA GLU A 463 -8.18 -4.52 19.09
C GLU A 463 -8.88 -4.69 17.74
N GLN A 464 -8.76 -5.87 17.13
CA GLN A 464 -9.40 -6.12 15.84
C GLN A 464 -10.87 -6.52 15.97
N LEU A 465 -11.21 -7.23 17.04
CA LEU A 465 -12.57 -7.67 17.25
C LEU A 465 -13.53 -6.57 16.81
N PRO A 466 -14.41 -6.86 15.83
CA PRO A 466 -15.33 -5.85 15.29
C PRO A 466 -16.18 -5.07 16.29
N ASP A 467 -16.59 -3.88 15.90
CA ASP A 467 -17.49 -3.05 16.69
C ASP A 467 -18.84 -3.74 16.83
N TYR A 468 -19.53 -3.49 17.94
CA TYR A 468 -20.84 -4.09 18.11
C TYR A 468 -21.77 -3.70 16.97
N ASN A 469 -21.86 -2.42 16.66
CA ASN A 469 -22.72 -2.01 15.56
C ASN A 469 -22.46 -2.77 14.25
N ARG A 470 -21.21 -3.15 14.02
CA ARG A 470 -20.86 -3.97 12.86
C ARG A 470 -21.34 -5.41 13.03
N ILE A 471 -20.99 -6.02 14.16
CA ILE A 471 -21.40 -7.41 14.49
C ILE A 471 -22.92 -7.59 14.38
N ARG A 472 -23.65 -6.60 14.86
CA ARG A 472 -25.11 -6.63 14.82
C ARG A 472 -25.63 -6.71 13.38
N SER A 473 -25.02 -5.96 12.48
CA SER A 473 -25.37 -6.05 11.06
C SER A 473 -25.00 -7.39 10.41
N GLY A 474 -24.09 -8.13 11.06
CA GLY A 474 -23.73 -9.49 10.61
C GLY A 474 -24.83 -10.50 10.86
N MET A 475 -25.84 -10.09 11.63
CA MET A 475 -26.93 -10.96 11.97
C MET A 475 -28.08 -10.86 10.99
N PHE A 476 -28.01 -9.95 10.01
CA PHE A 476 -29.05 -9.90 8.98
C PHE A 476 -28.47 -9.96 7.57
N TRP A 477 -29.35 -9.87 6.57
CA TRP A 477 -29.01 -10.31 5.24
C TRP A 477 -29.30 -9.28 4.16
N LEU A 478 -28.90 -9.66 2.94
CA LEU A 478 -28.99 -8.82 1.75
C LEU A 478 -28.18 -7.57 2.03
N ARG A 479 -26.91 -7.83 2.36
CA ARG A 479 -25.85 -6.95 1.92
C ARG A 479 -25.24 -7.58 0.65
N PRO B 32 -32.26 -56.41 31.32
CA PRO B 32 -31.21 -56.22 30.32
C PRO B 32 -31.26 -57.26 29.19
N PRO B 33 -30.47 -57.05 28.11
CA PRO B 33 -30.31 -58.05 27.03
C PRO B 33 -29.49 -59.29 27.46
N HIS B 34 -29.00 -60.08 26.50
CA HIS B 34 -28.32 -61.36 26.80
C HIS B 34 -26.82 -61.36 26.43
N PRO B 35 -25.90 -61.21 27.43
CA PRO B 35 -24.43 -61.26 27.25
C PRO B 35 -23.95 -62.30 26.22
N GLN B 36 -22.91 -61.94 25.46
CA GLN B 36 -22.44 -62.76 24.31
C GLN B 36 -20.97 -63.17 24.45
N ASP B 37 -20.62 -64.26 23.77
CA ASP B 37 -19.24 -64.72 23.72
C ASP B 37 -18.45 -63.85 22.77
N LEU B 38 -17.38 -63.24 23.26
CA LEU B 38 -16.41 -62.60 22.39
C LEU B 38 -15.80 -63.70 21.51
N GLU B 39 -16.31 -63.83 20.29
CA GLU B 39 -15.81 -64.82 19.35
C GLU B 39 -14.34 -64.54 19.01
N PHE B 40 -13.71 -65.47 18.31
CA PHE B 40 -12.26 -65.42 18.09
C PHE B 40 -11.82 -66.43 17.01
N THR B 41 -10.86 -66.03 16.19
CA THR B 41 -10.30 -66.88 15.12
C THR B 41 -8.83 -66.50 14.95
N ARG B 42 -8.04 -67.38 14.34
CA ARG B 42 -6.65 -67.05 14.00
C ARG B 42 -6.29 -67.60 12.62
N LEU B 43 -6.56 -66.81 11.58
CA LEU B 43 -6.31 -67.23 10.17
C LEU B 43 -4.93 -67.87 9.93
N PRO B 44 -4.82 -68.78 8.92
CA PRO B 44 -3.58 -69.45 8.51
C PRO B 44 -2.27 -68.69 8.71
N ASN B 45 -2.24 -67.41 8.32
CA ASN B 45 -1.04 -66.57 8.41
C ASN B 45 -0.92 -65.79 9.73
N GLY B 46 -1.42 -66.36 10.82
CA GLY B 46 -1.25 -65.81 12.18
C GLY B 46 -2.11 -64.59 12.53
N LEU B 47 -3.01 -64.21 11.63
CA LEU B 47 -3.77 -62.97 11.83
C LEU B 47 -4.98 -63.17 12.71
N VAL B 48 -4.91 -62.59 13.92
CA VAL B 48 -6.00 -62.66 14.88
C VAL B 48 -7.24 -61.90 14.39
N ILE B 49 -8.41 -62.47 14.64
CA ILE B 49 -9.68 -61.80 14.43
C ILE B 49 -10.53 -62.03 15.68
N ALA B 50 -11.23 -60.98 16.13
CA ALA B 50 -12.12 -61.07 17.29
C ALA B 50 -13.37 -60.22 17.07
N SER B 51 -14.51 -60.60 17.64
CA SER B 51 -15.75 -59.82 17.49
C SER B 51 -16.84 -60.08 18.53
N LEU B 52 -16.95 -59.19 19.51
CA LEU B 52 -18.15 -59.17 20.37
C LEU B 52 -19.28 -58.56 19.53
N GLU B 53 -20.42 -59.24 19.52
CA GLU B 53 -21.63 -58.71 18.91
C GLU B 53 -22.62 -58.34 20.04
N ASN B 54 -22.45 -57.15 20.60
CA ASN B 54 -23.25 -56.70 21.75
C ASN B 54 -24.46 -55.82 21.37
N TYR B 55 -24.86 -55.88 20.10
CA TYR B 55 -26.10 -55.26 19.61
C TYR B 55 -26.33 -53.81 20.08
N ALA B 56 -25.25 -53.05 20.22
CA ALA B 56 -25.35 -51.61 20.49
C ALA B 56 -25.85 -50.95 19.20
N PRO B 57 -26.29 -49.68 19.28
CA PRO B 57 -26.58 -48.96 18.04
C PRO B 57 -25.30 -48.57 17.28
N ALA B 58 -24.20 -48.41 18.02
CA ALA B 58 -22.90 -48.03 17.46
C ALA B 58 -22.02 -49.26 17.21
N SER B 59 -21.19 -49.17 16.17
CA SER B 59 -20.21 -50.23 15.84
C SER B 59 -18.79 -49.67 15.92
N ARG B 60 -17.90 -50.44 16.53
CA ARG B 60 -16.55 -49.97 16.80
C ARG B 60 -15.52 -51.02 16.37
N ILE B 61 -14.67 -50.67 15.40
CA ILE B 61 -13.74 -51.62 14.80
C ILE B 61 -12.32 -51.12 14.87
N GLY B 62 -11.45 -51.96 15.42
CA GLY B 62 -10.01 -51.68 15.50
C GLY B 62 -9.23 -52.62 14.61
N LEU B 63 -8.12 -52.12 14.06
CA LEU B 63 -7.12 -52.97 13.43
C LEU B 63 -5.81 -52.66 14.13
N PHE B 64 -5.43 -53.53 15.05
CA PHE B 64 -4.24 -53.31 15.86
C PHE B 64 -3.00 -53.88 15.18
N ILE B 65 -1.91 -53.11 15.20
CA ILE B 65 -0.71 -53.45 14.45
C ILE B 65 0.50 -53.21 15.34
N LYS B 66 1.49 -54.08 15.23
CA LYS B 66 2.73 -53.94 16.00
C LYS B 66 3.68 -53.02 15.25
N ALA B 67 3.49 -51.71 15.39
CA ALA B 67 4.29 -50.73 14.63
C ALA B 67 4.46 -49.39 15.36
N GLY B 68 4.76 -49.46 16.65
CA GLY B 68 5.00 -48.28 17.45
C GLY B 68 6.43 -47.78 17.31
N SER B 69 6.87 -46.99 18.29
CA SER B 69 8.21 -46.39 18.27
C SER B 69 9.34 -47.41 18.40
N ARG B 70 9.08 -48.51 19.09
CA ARG B 70 10.12 -49.52 19.32
C ARG B 70 10.77 -50.03 18.02
N TYR B 71 9.96 -50.12 16.96
CA TYR B 71 10.42 -50.65 15.67
C TYR B 71 10.94 -49.58 14.70
N GLU B 72 11.16 -48.37 15.19
CA GLU B 72 11.86 -47.37 14.41
C GLU B 72 13.33 -47.61 14.62
N ASN B 73 14.10 -47.72 13.55
CA ASN B 73 15.55 -47.86 13.67
C ASN B 73 16.21 -46.52 14.01
N SER B 74 17.54 -46.52 14.14
CA SER B 74 18.29 -45.30 14.51
C SER B 74 18.37 -44.25 13.39
N ASN B 75 17.75 -44.53 12.24
CA ASN B 75 17.75 -43.62 11.09
C ASN B 75 16.36 -43.06 10.81
N ASN B 76 15.39 -43.94 10.55
CA ASN B 76 14.04 -43.50 10.18
C ASN B 76 13.15 -43.16 11.37
N LEU B 77 13.64 -42.24 12.21
CA LEU B 77 12.90 -41.79 13.38
C LEU B 77 11.72 -40.94 12.97
N GLY B 78 10.75 -40.84 13.86
CA GLY B 78 9.54 -40.06 13.60
C GLY B 78 8.58 -40.63 12.56
N THR B 79 9.02 -41.64 11.81
CA THR B 79 8.25 -42.19 10.70
C THR B 79 6.90 -42.78 11.16
N SER B 80 6.88 -43.24 12.42
CA SER B 80 5.65 -43.65 13.08
C SER B 80 4.75 -42.45 13.28
N HIS B 81 5.32 -41.44 13.92
CA HIS B 81 4.62 -40.20 14.25
C HIS B 81 3.98 -39.58 13.02
N LEU B 82 4.75 -39.44 11.96
CA LEU B 82 4.18 -38.92 10.72
C LEU B 82 3.10 -39.86 10.23
N LEU B 83 3.37 -41.17 10.27
CA LEU B 83 2.43 -42.18 9.79
C LEU B 83 1.07 -42.10 10.50
N ARG B 84 1.14 -41.73 11.78
CA ARG B 84 -0.04 -41.51 12.63
C ARG B 84 -0.92 -40.34 12.11
N LEU B 85 -0.25 -39.24 11.79
CA LEU B 85 -0.91 -38.05 11.28
C LEU B 85 -1.41 -38.29 9.87
N ALA B 86 -0.76 -39.22 9.18
CA ALA B 86 -0.94 -39.43 7.74
C ALA B 86 -2.19 -40.20 7.35
N SER B 87 -3.00 -40.61 8.32
CA SER B 87 -4.29 -41.18 8.01
C SER B 87 -5.06 -40.19 7.18
N SER B 88 -5.72 -40.67 6.13
CA SER B 88 -6.54 -39.82 5.23
C SER B 88 -5.79 -39.01 4.15
N LEU B 89 -4.47 -39.20 4.03
CA LEU B 89 -3.79 -38.85 2.79
C LEU B 89 -4.33 -39.81 1.73
N THR B 90 -4.34 -39.39 0.47
CA THR B 90 -4.93 -40.19 -0.59
C THR B 90 -4.41 -41.62 -0.54
N THR B 91 -5.32 -42.57 -0.72
CA THR B 91 -4.99 -43.99 -0.81
C THR B 91 -5.32 -44.49 -2.21
N LYS B 92 -5.15 -45.79 -2.43
CA LYS B 92 -5.37 -46.41 -3.75
C LYS B 92 -6.83 -46.29 -4.19
N GLY B 93 -7.74 -46.65 -3.31
CA GLY B 93 -9.16 -46.71 -3.63
C GLY B 93 -9.93 -45.46 -3.29
N ALA B 94 -9.37 -44.60 -2.44
CA ALA B 94 -10.08 -43.39 -1.99
C ALA B 94 -9.14 -42.19 -1.85
N SER B 95 -9.60 -41.06 -2.37
CA SER B 95 -8.83 -39.82 -2.32
C SER B 95 -8.90 -39.19 -0.94
N SER B 96 -7.87 -38.42 -0.60
CA SER B 96 -7.81 -37.66 0.66
C SER B 96 -9.14 -36.97 1.00
N PHE B 97 -9.75 -36.41 -0.03
CA PHE B 97 -11.08 -35.81 0.02
C PHE B 97 -12.16 -36.83 0.37
N LYS B 98 -12.33 -37.83 -0.50
CA LYS B 98 -13.33 -38.87 -0.29
C LYS B 98 -13.23 -39.46 1.12
N ILE B 99 -12.03 -39.68 1.63
CA ILE B 99 -11.89 -40.23 2.96
C ILE B 99 -12.52 -39.26 3.97
N THR B 100 -12.02 -38.03 4.03
CA THR B 100 -12.45 -37.05 5.05
C THR B 100 -13.94 -36.75 4.96
N ARG B 101 -14.42 -36.45 3.75
CA ARG B 101 -15.82 -36.13 3.54
C ARG B 101 -16.78 -37.31 3.62
N GLY B 102 -16.32 -38.47 3.17
CA GLY B 102 -17.15 -39.69 3.18
C GLY B 102 -17.56 -40.15 4.58
N ILE B 103 -16.59 -40.21 5.50
CA ILE B 103 -16.85 -40.59 6.88
C ILE B 103 -17.72 -39.52 7.56
N GLU B 104 -17.33 -38.24 7.42
CA GLU B 104 -18.12 -37.12 7.94
C GLU B 104 -19.56 -37.05 7.39
N ALA B 105 -19.79 -37.63 6.22
CA ALA B 105 -21.13 -37.71 5.63
C ALA B 105 -22.10 -38.62 6.40
N VAL B 106 -21.55 -39.59 7.14
CA VAL B 106 -22.32 -40.45 8.05
C VAL B 106 -21.95 -40.19 9.51
N GLY B 107 -21.05 -39.24 9.72
CA GLY B 107 -20.66 -38.81 11.05
C GLY B 107 -19.80 -39.81 11.76
N GLY B 108 -19.01 -40.56 11.00
CA GLY B 108 -18.12 -41.57 11.56
C GLY B 108 -16.91 -40.99 12.26
N LYS B 109 -15.82 -41.75 12.29
CA LYS B 109 -14.57 -41.31 12.91
C LYS B 109 -13.50 -42.34 12.61
N LEU B 110 -12.33 -41.87 12.20
CA LEU B 110 -11.18 -42.75 11.96
C LEU B 110 -10.02 -42.32 12.84
N SER B 111 -9.88 -42.92 14.01
CA SER B 111 -8.84 -42.54 14.95
C SER B 111 -7.57 -43.37 14.75
N VAL B 112 -6.45 -42.85 15.25
CA VAL B 112 -5.18 -43.58 15.25
C VAL B 112 -4.47 -43.47 16.59
N THR B 113 -4.13 -44.60 17.18
CA THR B 113 -3.67 -44.63 18.55
C THR B 113 -2.35 -45.41 18.64
N SER B 114 -1.24 -44.70 18.84
CA SER B 114 0.06 -45.36 18.92
C SER B 114 0.51 -45.51 20.37
N THR B 115 1.17 -46.63 20.66
CA THR B 115 1.95 -46.81 21.89
C THR B 115 3.40 -46.89 21.44
N ARG B 116 4.34 -46.96 22.39
CA ARG B 116 5.72 -47.28 22.05
C ARG B 116 5.85 -48.65 21.38
N GLU B 117 4.80 -49.47 21.47
CA GLU B 117 4.75 -50.76 20.78
C GLU B 117 3.72 -50.87 19.66
N ASN B 118 2.48 -50.43 19.88
CA ASN B 118 1.40 -50.74 18.93
C ASN B 118 0.62 -49.56 18.33
N MET B 119 0.31 -49.64 17.05
CA MET B 119 -0.59 -48.69 16.38
C MET B 119 -1.98 -49.28 16.29
N ALA B 120 -2.99 -48.43 16.47
CA ALA B 120 -4.35 -48.89 16.59
C ALA B 120 -5.32 -48.03 15.79
N TYR B 121 -5.49 -48.38 14.52
CA TYR B 121 -6.41 -47.62 13.65
C TYR B 121 -7.84 -48.04 13.93
N THR B 122 -8.63 -47.14 14.51
CA THR B 122 -9.90 -47.50 15.15
C THR B 122 -11.03 -46.67 14.58
N VAL B 123 -12.06 -47.30 14.02
CA VAL B 123 -13.20 -46.52 13.50
C VAL B 123 -14.41 -46.57 14.42
N GLU B 124 -15.29 -45.59 14.30
CA GLU B 124 -16.60 -45.57 14.97
C GLU B 124 -17.69 -45.14 13.99
N CYS B 125 -18.91 -45.67 14.14
CA CYS B 125 -20.06 -45.21 13.36
C CYS B 125 -21.33 -45.96 13.78
N LEU B 126 -22.43 -45.69 13.09
CA LEU B 126 -23.70 -46.38 13.36
C LEU B 126 -23.62 -47.76 12.71
N ARG B 127 -24.32 -48.74 13.29
CA ARG B 127 -24.20 -50.12 12.82
C ARG B 127 -24.76 -50.38 11.41
N ASP B 128 -25.35 -49.36 10.77
CA ASP B 128 -25.81 -49.48 9.38
C ASP B 128 -24.77 -49.02 8.35
N ASP B 129 -23.68 -48.41 8.82
CA ASP B 129 -22.64 -47.85 7.93
C ASP B 129 -21.31 -48.65 7.97
N VAL B 130 -21.28 -49.71 8.79
CA VAL B 130 -20.06 -50.46 9.10
C VAL B 130 -19.16 -50.80 7.91
N ASP B 131 -19.76 -51.11 6.77
CA ASP B 131 -18.99 -51.53 5.60
C ASP B 131 -18.23 -50.37 4.92
N ILE B 132 -18.78 -49.15 4.98
CA ILE B 132 -18.10 -47.99 4.38
C ILE B 132 -16.87 -47.69 5.22
N LEU B 133 -17.08 -47.52 6.53
CA LEU B 133 -15.99 -47.32 7.48
C LEU B 133 -14.95 -48.44 7.50
N MET B 134 -15.39 -49.67 7.27
CA MET B 134 -14.45 -50.79 7.17
C MET B 134 -13.61 -50.59 5.92
N GLU B 135 -14.31 -50.30 4.82
CA GLU B 135 -13.66 -50.04 3.54
C GLU B 135 -12.56 -48.98 3.67
N PHE B 136 -12.93 -47.75 4.05
CA PHE B 136 -11.97 -46.66 4.17
C PHE B 136 -10.79 -47.06 5.10
N LEU B 137 -11.03 -47.98 6.03
CA LEU B 137 -10.00 -48.42 6.98
C LEU B 137 -8.92 -49.27 6.32
N LEU B 138 -9.34 -50.11 5.37
CA LEU B 138 -8.41 -51.02 4.71
C LEU B 138 -7.54 -50.31 3.69
N ASN B 139 -8.10 -49.28 3.05
CA ASN B 139 -7.35 -48.46 2.11
C ASN B 139 -6.22 -47.72 2.80
N VAL B 140 -6.56 -47.15 3.95
CA VAL B 140 -5.62 -46.41 4.78
C VAL B 140 -4.44 -47.28 5.25
N THR B 141 -4.69 -48.58 5.48
CA THR B 141 -3.68 -49.50 6.03
C THR B 141 -2.95 -50.37 5.02
N THR B 142 -3.69 -50.87 4.04
CA THR B 142 -3.15 -51.78 3.03
C THR B 142 -2.67 -51.01 1.79
N ALA B 143 -3.34 -49.89 1.49
CA ALA B 143 -3.21 -49.25 0.18
C ALA B 143 -2.85 -47.74 0.18
N PRO B 144 -2.11 -47.27 1.20
CA PRO B 144 -1.71 -45.86 1.17
C PRO B 144 -0.65 -45.54 0.10
N GLU B 145 -0.81 -44.40 -0.59
CA GLU B 145 0.10 -44.00 -1.66
C GLU B 145 1.27 -43.14 -1.16
N PHE B 146 1.01 -42.27 -0.19
CA PHE B 146 2.01 -41.32 0.32
C PHE B 146 2.65 -40.49 -0.80
N ARG B 147 1.84 -39.60 -1.37
CA ARG B 147 2.24 -38.79 -2.50
C ARG B 147 3.20 -37.74 -2.00
N ARG B 148 4.32 -37.57 -2.71
CA ARG B 148 5.39 -36.64 -2.33
C ARG B 148 4.86 -35.27 -1.90
N TRP B 149 3.96 -34.71 -2.71
CA TRP B 149 3.41 -33.37 -2.46
C TRP B 149 2.37 -33.29 -1.33
N GLU B 150 1.75 -34.41 -1.00
CA GLU B 150 0.89 -34.49 0.17
C GLU B 150 1.70 -34.71 1.43
N VAL B 151 2.61 -35.67 1.39
CA VAL B 151 3.51 -35.96 2.52
C VAL B 151 4.41 -34.77 2.88
N ALA B 152 4.88 -34.05 1.87
CA ALA B 152 5.67 -32.86 2.12
C ALA B 152 4.80 -31.78 2.76
N ALA B 153 3.55 -31.68 2.33
CA ALA B 153 2.59 -30.69 2.88
C ALA B 153 2.19 -30.98 4.33
N LEU B 154 2.16 -32.27 4.67
CA LEU B 154 1.81 -32.74 6.02
C LEU B 154 2.92 -32.49 7.05
N GLN B 155 4.18 -32.55 6.62
CA GLN B 155 5.35 -32.44 7.51
C GLN B 155 5.21 -31.48 8.68
N PRO B 156 4.86 -30.20 8.43
CA PRO B 156 4.91 -29.22 9.52
C PRO B 156 3.84 -29.42 10.60
N GLN B 157 2.85 -30.28 10.35
CA GLN B 157 1.95 -30.78 11.41
C GLN B 157 2.72 -31.46 12.55
N LEU B 158 3.85 -32.12 12.25
CA LEU B 158 4.70 -32.74 13.29
C LEU B 158 5.07 -31.71 14.34
N ARG B 159 5.54 -30.57 13.85
CA ARG B 159 5.87 -29.41 14.67
C ARG B 159 4.71 -29.05 15.63
N ILE B 160 3.50 -28.94 15.08
CA ILE B 160 2.27 -28.66 15.85
C ILE B 160 2.04 -29.78 16.86
N ASP B 161 1.68 -30.96 16.34
CA ASP B 161 1.22 -32.09 17.16
C ASP B 161 2.17 -32.36 18.32
N LYS B 162 3.47 -32.28 18.05
CA LYS B 162 4.49 -32.37 19.08
C LYS B 162 4.38 -31.24 20.11
N ALA B 163 4.45 -29.99 19.66
CA ALA B 163 4.38 -28.86 20.59
C ALA B 163 3.10 -28.81 21.45
N VAL B 164 1.95 -29.10 20.82
CA VAL B 164 0.65 -29.27 21.53
C VAL B 164 0.73 -30.28 22.67
N ALA B 165 1.47 -31.36 22.45
CA ALA B 165 1.57 -32.44 23.43
C ALA B 165 2.62 -32.16 24.50
N LEU B 166 3.73 -31.53 24.12
CA LEU B 166 4.74 -31.15 25.12
C LEU B 166 4.37 -29.90 25.89
N GLN B 167 3.10 -29.53 25.85
CA GLN B 167 2.53 -28.58 26.82
C GLN B 167 2.64 -29.17 28.21
N ASN B 168 2.25 -30.45 28.33
CA ASN B 168 2.26 -31.19 29.59
C ASN B 168 3.70 -31.56 29.93
N PRO B 169 4.25 -31.05 31.04
CA PRO B 169 5.66 -31.25 31.34
C PRO B 169 6.03 -32.71 31.60
N GLN B 170 5.01 -33.53 31.86
CA GLN B 170 5.15 -34.99 31.93
C GLN B 170 5.80 -35.56 30.67
N ALA B 171 5.23 -35.24 29.51
CA ALA B 171 5.72 -35.78 28.23
C ALA B 171 7.24 -35.65 28.10
N HIS B 172 7.79 -34.44 28.31
CA HIS B 172 9.26 -34.26 28.47
C HIS B 172 9.92 -35.36 29.29
N VAL B 173 9.48 -35.46 30.54
CA VAL B 173 10.06 -36.34 31.55
C VAL B 173 9.99 -37.81 31.13
N ILE B 174 8.80 -38.25 30.71
CA ILE B 174 8.60 -39.64 30.27
C ILE B 174 9.40 -39.93 29.00
N GLU B 175 9.37 -39.03 28.02
CA GLU B 175 10.14 -39.20 26.78
C GLU B 175 11.62 -39.42 27.13
N ASN B 176 12.17 -38.52 27.94
CA ASN B 176 13.54 -38.67 28.43
C ASN B 176 13.77 -40.00 29.12
N LEU B 177 12.86 -40.34 30.04
CA LEU B 177 13.03 -41.52 30.92
C LEU B 177 13.31 -42.81 30.14
N HIS B 178 12.56 -43.05 29.08
CA HIS B 178 12.78 -44.23 28.23
C HIS B 178 14.12 -44.13 27.50
N ALA B 179 14.48 -42.91 27.07
CA ALA B 179 15.73 -42.66 26.38
C ALA B 179 16.93 -42.79 27.31
N ALA B 180 16.71 -42.58 28.60
CA ALA B 180 17.75 -42.82 29.62
C ALA B 180 17.82 -44.29 30.00
N ALA B 181 16.65 -44.89 30.19
CA ALA B 181 16.55 -46.27 30.62
C ALA B 181 17.01 -47.23 29.52
N TYR B 182 16.33 -47.20 28.39
CA TYR B 182 16.53 -48.23 27.36
C TYR B 182 17.25 -47.63 26.16
N ARG B 183 17.85 -48.46 25.31
CA ARG B 183 18.51 -47.96 24.11
C ARG B 183 17.98 -48.21 22.72
N ASN B 184 18.06 -49.45 22.32
CA ASN B 184 17.74 -49.80 20.95
C ASN B 184 16.35 -49.40 20.53
N ALA B 185 15.35 -49.92 21.22
CA ALA B 185 13.99 -49.89 20.71
C ALA B 185 13.16 -48.91 21.49
N LEU B 186 13.02 -49.12 22.78
CA LEU B 186 12.02 -48.38 23.53
C LEU B 186 12.51 -47.01 23.96
N ALA B 187 13.82 -46.75 23.84
CA ALA B 187 14.35 -45.39 24.03
C ALA B 187 13.68 -44.41 23.05
N ASN B 188 13.23 -44.93 21.91
CA ASN B 188 12.55 -44.15 20.88
C ASN B 188 11.32 -43.42 21.38
N SER B 189 11.23 -42.14 21.00
CA SER B 189 10.11 -41.28 21.36
C SER B 189 8.88 -41.57 20.51
N LEU B 190 7.72 -41.19 21.02
CA LEU B 190 6.46 -41.26 20.26
C LEU B 190 6.34 -40.11 19.31
N TYR B 191 6.98 -39.00 19.67
CA TYR B 191 7.03 -37.79 18.85
C TYR B 191 8.37 -37.61 18.19
N CYS B 192 8.34 -37.55 16.87
CA CYS B 192 9.48 -37.23 16.02
C CYS B 192 10.50 -36.26 16.65
N PRO B 193 11.80 -36.59 16.57
CA PRO B 193 12.82 -35.67 17.09
C PRO B 193 12.82 -34.40 16.27
N ASP B 194 13.47 -33.36 16.79
CA ASP B 194 13.46 -32.08 16.13
C ASP B 194 14.04 -32.20 14.72
N TYR B 195 15.30 -32.62 14.65
CA TYR B 195 16.05 -32.59 13.39
C TYR B 195 15.32 -33.30 12.25
N ARG B 196 14.51 -34.29 12.60
CA ARG B 196 13.83 -35.10 11.62
C ARG B 196 12.53 -34.51 11.10
N ILE B 197 12.04 -33.44 11.74
CA ILE B 197 10.78 -32.83 11.29
C ILE B 197 11.02 -32.23 9.91
N GLY B 198 10.31 -32.74 8.90
CA GLY B 198 10.53 -32.34 7.52
C GLY B 198 11.24 -33.39 6.69
N LYS B 199 12.18 -34.11 7.31
CA LYS B 199 13.12 -35.00 6.61
C LYS B 199 12.56 -36.41 6.31
N VAL B 200 11.34 -36.70 6.74
CA VAL B 200 10.77 -38.03 6.59
C VAL B 200 10.33 -38.16 5.13
N THR B 201 10.82 -39.16 4.41
CA THR B 201 10.50 -39.31 2.98
C THR B 201 9.30 -40.21 2.78
N PRO B 202 8.59 -40.03 1.66
CA PRO B 202 7.46 -40.91 1.35
C PRO B 202 7.90 -42.37 1.12
N VAL B 203 9.15 -42.54 0.70
CA VAL B 203 9.75 -43.86 0.64
C VAL B 203 9.80 -44.49 2.03
N GLU B 204 10.20 -43.72 3.04
CA GLU B 204 10.30 -44.26 4.39
C GLU B 204 8.97 -44.74 4.96
N LEU B 205 7.87 -44.13 4.53
CA LEU B 205 6.52 -44.61 4.91
C LEU B 205 6.17 -45.89 4.17
N HIS B 206 6.26 -45.87 2.83
CA HIS B 206 6.09 -47.09 2.04
C HIS B 206 6.86 -48.24 2.70
N ASP B 207 8.14 -47.99 2.97
CA ASP B 207 9.03 -48.98 3.58
C ASP B 207 8.49 -49.42 4.92
N TYR B 208 8.25 -48.48 5.82
CA TYR B 208 7.77 -48.80 7.17
C TYR B 208 6.44 -49.57 7.20
N VAL B 209 5.50 -49.15 6.37
CA VAL B 209 4.22 -49.85 6.27
C VAL B 209 4.44 -51.26 5.73
N GLN B 210 5.17 -51.35 4.63
CA GLN B 210 5.43 -52.64 3.98
C GLN B 210 6.04 -53.64 4.94
N ASN B 211 7.05 -53.18 5.68
CA ASN B 211 7.75 -54.02 6.64
C ASN B 211 6.98 -54.38 7.93
N HIS B 212 6.12 -53.48 8.42
CA HIS B 212 5.48 -53.72 9.74
C HIS B 212 3.94 -53.88 9.77
N PHE B 213 3.27 -53.66 8.63
CA PHE B 213 1.81 -53.84 8.52
C PHE B 213 1.50 -55.22 7.95
N THR B 214 1.97 -56.25 8.65
CA THR B 214 1.94 -57.63 8.16
C THR B 214 1.10 -58.56 9.04
N SER B 215 0.49 -59.56 8.40
CA SER B 215 -0.43 -60.51 9.06
C SER B 215 0.04 -61.09 10.41
N ALA B 216 1.33 -61.38 10.56
CA ALA B 216 1.91 -61.87 11.82
C ALA B 216 2.07 -60.78 12.91
N ARG B 217 1.68 -59.55 12.58
CA ARG B 217 1.79 -58.41 13.49
C ARG B 217 0.45 -57.68 13.66
N MET B 218 -0.64 -58.30 13.23
CA MET B 218 -1.92 -57.62 13.14
C MET B 218 -3.06 -58.41 13.75
N ALA B 219 -3.94 -57.69 14.43
CA ALA B 219 -5.15 -58.25 14.99
C ALA B 219 -6.32 -57.37 14.56
N LEU B 220 -7.37 -57.99 14.02
CA LEU B 220 -8.60 -57.26 13.65
C LEU B 220 -9.68 -57.46 14.72
N ILE B 221 -10.02 -56.39 15.45
CA ILE B 221 -10.97 -56.44 16.58
C ILE B 221 -12.26 -55.71 16.20
N GLY B 222 -13.39 -56.28 16.59
CA GLY B 222 -14.70 -55.74 16.24
C GLY B 222 -15.64 -55.75 17.41
N LEU B 223 -16.30 -54.62 17.65
CA LEU B 223 -17.33 -54.52 18.67
C LEU B 223 -18.59 -54.02 18.00
N GLY B 224 -19.71 -54.73 18.18
CA GLY B 224 -20.94 -54.42 17.49
C GLY B 224 -20.95 -54.89 16.03
N VAL B 225 -20.31 -56.02 15.77
CA VAL B 225 -20.30 -56.60 14.43
C VAL B 225 -20.19 -58.13 14.51
N SER B 226 -20.85 -58.81 13.57
CA SER B 226 -20.88 -60.27 13.53
C SER B 226 -19.58 -60.82 12.96
N HIS B 227 -19.24 -62.04 13.39
CA HIS B 227 -17.95 -62.64 13.07
C HIS B 227 -17.74 -63.05 11.60
N PRO B 228 -18.83 -63.47 10.91
CA PRO B 228 -18.70 -63.84 9.49
C PRO B 228 -18.09 -62.74 8.62
N VAL B 229 -18.60 -61.51 8.73
CA VAL B 229 -18.11 -60.39 7.90
C VAL B 229 -16.69 -59.93 8.24
N LEU B 230 -16.34 -59.89 9.53
CA LEU B 230 -14.97 -59.57 9.93
C LEU B 230 -13.96 -60.58 9.36
N LYS B 231 -14.33 -61.85 9.36
CA LYS B 231 -13.54 -62.87 8.70
C LYS B 231 -13.50 -62.62 7.19
N GLN B 232 -14.66 -62.64 6.55
CA GLN B 232 -14.81 -62.47 5.09
C GLN B 232 -13.95 -61.32 4.51
N VAL B 233 -13.96 -60.18 5.18
CA VAL B 233 -13.16 -59.04 4.78
C VAL B 233 -11.67 -59.27 5.06
N ALA B 234 -11.36 -59.85 6.21
CA ALA B 234 -9.97 -60.13 6.57
C ALA B 234 -9.29 -61.07 5.56
N GLU B 235 -10.00 -62.15 5.19
CA GLU B 235 -9.52 -63.12 4.19
C GLU B 235 -9.24 -62.43 2.85
N GLN B 236 -10.21 -61.63 2.40
CA GLN B 236 -10.20 -61.05 1.06
C GLN B 236 -9.23 -59.88 0.91
N PHE B 237 -9.32 -58.91 1.82
CA PHE B 237 -8.64 -57.63 1.61
C PHE B 237 -7.51 -57.30 2.59
N LEU B 238 -7.34 -58.08 3.65
CA LEU B 238 -6.20 -57.88 4.55
C LEU B 238 -5.10 -58.92 4.41
N ASN B 239 -5.32 -59.93 3.57
CA ASN B 239 -4.32 -60.98 3.37
C ASN B 239 -3.19 -60.49 2.49
N ILE B 240 -2.29 -59.73 3.09
CA ILE B 240 -1.09 -59.23 2.40
C ILE B 240 0.10 -59.98 2.99
N ARG B 241 1.29 -59.77 2.44
CA ARG B 241 2.51 -60.44 2.95
C ARG B 241 2.54 -60.48 4.47
N GLY B 242 2.64 -61.69 5.01
CA GLY B 242 2.56 -61.90 6.45
C GLY B 242 3.92 -62.11 7.10
N GLY B 243 4.97 -61.63 6.44
CA GLY B 243 6.33 -61.85 6.91
C GLY B 243 6.87 -60.58 7.53
N LEU B 244 7.01 -60.60 8.85
CA LEU B 244 7.58 -59.46 9.60
C LEU B 244 8.76 -59.08 8.68
N GLY B 245 8.80 -57.81 8.28
CA GLY B 245 9.75 -57.31 7.27
C GLY B 245 10.94 -56.74 8.02
N LEU B 246 10.66 -56.25 9.24
CA LEU B 246 11.67 -56.01 10.27
C LEU B 246 11.14 -56.65 11.55
N SER B 247 12.05 -56.95 12.49
CA SER B 247 11.66 -57.36 13.83
C SER B 247 12.29 -56.36 14.80
N GLY B 248 11.73 -56.23 16.00
CA GLY B 248 12.31 -55.36 17.01
C GLY B 248 13.63 -55.93 17.51
N ALA B 249 14.31 -55.19 18.37
CA ALA B 249 15.45 -55.76 19.08
C ALA B 249 14.93 -56.39 20.36
N LYS B 250 15.84 -56.96 21.15
CA LYS B 250 15.53 -57.20 22.56
C LYS B 250 15.93 -55.90 23.25
N ALA B 251 15.05 -55.38 24.10
CA ALA B 251 15.20 -54.05 24.67
C ALA B 251 16.31 -53.98 25.71
N LYS B 252 17.54 -53.91 25.24
CA LYS B 252 18.69 -53.76 26.11
C LYS B 252 18.53 -52.55 27.03
N TYR B 253 18.20 -52.82 28.28
CA TYR B 253 18.15 -51.81 29.32
C TYR B 253 19.56 -51.32 29.61
N HIS B 254 19.73 -50.01 29.58
CA HIS B 254 20.97 -49.36 29.96
C HIS B 254 20.88 -48.88 31.42
N GLY B 255 20.03 -47.88 31.67
CA GLY B 255 19.98 -47.17 32.96
C GLY B 255 20.70 -45.83 32.88
N GLY B 256 20.34 -44.88 33.75
CA GLY B 256 21.00 -43.58 33.77
C GLY B 256 20.05 -42.40 33.86
N GLU B 257 20.61 -41.19 33.75
CA GLU B 257 19.89 -39.97 34.10
C GLU B 257 19.97 -38.84 33.04
N ILE B 258 18.81 -38.24 32.72
CA ILE B 258 18.70 -37.07 31.81
C ILE B 258 18.00 -35.90 32.49
N ARG B 259 18.63 -34.73 32.46
CA ARG B 259 18.22 -33.59 33.26
C ARG B 259 18.12 -32.29 32.44
N GLU B 260 16.89 -31.93 32.05
CA GLU B 260 16.62 -30.70 31.28
C GLU B 260 16.32 -29.49 32.17
N GLN B 261 17.34 -28.71 32.48
CA GLN B 261 17.18 -27.51 33.30
C GLN B 261 16.40 -26.46 32.52
N ASN B 262 15.27 -25.98 33.04
CA ASN B 262 14.43 -25.04 32.29
C ASN B 262 13.52 -24.02 33.05
N GLY B 263 13.66 -23.93 34.37
CA GLY B 263 12.96 -22.90 35.14
C GLY B 263 11.45 -22.84 34.95
N ASP B 264 10.76 -23.92 35.30
CA ASP B 264 9.32 -23.84 35.53
C ASP B 264 9.16 -23.59 37.02
N SER B 265 7.95 -23.17 37.41
CA SER B 265 7.62 -22.93 38.81
C SER B 265 7.92 -24.17 39.66
N LEU B 266 7.47 -25.32 39.18
CA LEU B 266 7.68 -26.61 39.84
C LEU B 266 8.93 -27.31 39.30
N VAL B 267 9.10 -28.57 39.70
CA VAL B 267 10.13 -29.46 39.17
C VAL B 267 9.50 -30.85 39.01
N HIS B 268 9.54 -31.40 37.80
CA HIS B 268 9.12 -32.79 37.57
C HIS B 268 10.35 -33.71 37.50
N ALA B 269 10.26 -34.86 38.15
CA ALA B 269 11.34 -35.86 38.16
C ALA B 269 10.80 -37.26 38.41
N ALA B 270 11.20 -38.21 37.56
CA ALA B 270 10.80 -39.60 37.67
C ALA B 270 12.02 -40.45 37.98
N LEU B 271 11.85 -41.44 38.85
CA LEU B 271 12.90 -42.41 39.19
C LEU B 271 12.36 -43.83 39.11
N VAL B 272 12.94 -44.64 38.24
CA VAL B 272 12.47 -46.01 38.04
C VAL B 272 13.61 -47.02 37.97
N ALA B 273 13.24 -48.30 37.94
CA ALA B 273 14.19 -49.37 37.82
C ALA B 273 13.59 -50.50 37.00
N GLU B 274 14.48 -51.31 36.44
CA GLU B 274 14.09 -52.48 35.66
C GLU B 274 13.04 -53.31 36.40
N SER B 275 11.83 -53.30 35.87
CA SER B 275 10.73 -54.16 36.33
C SER B 275 10.67 -55.40 35.42
N ALA B 276 9.58 -56.16 35.48
CA ALA B 276 9.38 -57.29 34.57
C ALA B 276 8.27 -57.04 33.54
N ALA B 277 8.31 -57.83 32.46
CA ALA B 277 7.40 -57.67 31.33
C ALA B 277 5.97 -58.05 31.66
N ILE B 278 5.05 -57.65 30.78
CA ILE B 278 3.62 -58.04 30.87
C ILE B 278 3.43 -59.50 30.43
N GLY B 279 2.49 -60.19 31.06
CA GLY B 279 2.22 -61.60 30.76
C GLY B 279 2.86 -62.60 31.72
N SER B 280 3.80 -62.12 32.54
CA SER B 280 4.36 -62.92 33.63
C SER B 280 3.61 -62.55 34.91
N ALA B 281 3.46 -63.52 35.81
CA ALA B 281 2.85 -63.28 37.13
C ALA B 281 3.68 -62.30 37.98
N GLU B 282 4.92 -62.04 37.59
CA GLU B 282 5.73 -61.03 38.25
C GLU B 282 5.27 -59.60 37.92
N ALA B 283 4.61 -59.42 36.77
CA ALA B 283 4.00 -58.13 36.43
C ALA B 283 2.92 -57.77 37.45
N ASN B 284 2.01 -58.71 37.70
CA ASN B 284 0.92 -58.53 38.69
C ASN B 284 1.41 -58.00 40.04
N ALA B 285 2.54 -58.54 40.53
CA ALA B 285 3.15 -58.13 41.82
C ALA B 285 3.58 -56.67 41.85
N PHE B 286 4.07 -56.20 40.70
CA PHE B 286 4.35 -54.78 40.53
C PHE B 286 3.05 -53.95 40.47
N SER B 287 2.03 -54.45 39.78
CA SER B 287 0.70 -53.78 39.72
C SER B 287 0.11 -53.60 41.11
N VAL B 288 0.17 -54.65 41.93
CA VAL B 288 -0.29 -54.57 43.32
C VAL B 288 0.64 -53.63 44.10
N LEU B 289 1.96 -53.75 43.90
CA LEU B 289 2.93 -52.86 44.54
C LEU B 289 2.63 -51.38 44.26
N GLN B 290 2.12 -51.10 43.06
CA GLN B 290 1.70 -49.77 42.68
C GLN B 290 0.60 -49.24 43.59
N HIS B 291 -0.55 -49.92 43.59
CA HIS B 291 -1.70 -49.42 44.35
C HIS B 291 -1.49 -49.44 45.86
N VAL B 292 -0.45 -50.15 46.32
CA VAL B 292 0.01 -50.02 47.70
C VAL B 292 0.58 -48.62 47.92
N LEU B 293 1.48 -48.21 47.05
CA LEU B 293 2.21 -46.95 47.18
C LEU B 293 1.34 -45.73 46.84
N GLY B 294 0.89 -45.65 45.59
CA GLY B 294 0.21 -44.45 45.10
C GLY B 294 -0.42 -44.81 43.76
N ALA B 295 -1.68 -44.43 43.58
CA ALA B 295 -2.44 -44.76 42.37
C ALA B 295 -2.78 -43.42 41.71
N GLY B 296 -3.53 -42.60 42.42
CA GLY B 296 -3.97 -41.31 41.93
C GLY B 296 -5.11 -40.95 42.84
N PRO B 297 -5.76 -39.82 42.60
CA PRO B 297 -6.95 -39.55 43.41
C PRO B 297 -8.07 -40.57 43.16
N HIS B 298 -8.71 -41.02 44.23
CA HIS B 298 -9.95 -41.80 44.15
C HIS B 298 -11.16 -40.99 44.62
N VAL B 299 -10.91 -40.00 45.49
CA VAL B 299 -11.94 -39.12 46.02
C VAL B 299 -11.56 -37.70 45.67
N LYS B 300 -12.45 -37.00 44.98
CA LYS B 300 -12.20 -35.63 44.54
C LYS B 300 -11.84 -34.71 45.70
N ARG B 301 -10.73 -33.97 45.57
CA ARG B 301 -10.31 -32.96 46.57
C ARG B 301 -9.79 -33.50 47.92
N GLY B 302 -9.75 -34.82 48.09
CA GLY B 302 -9.22 -35.40 49.32
C GLY B 302 -7.73 -35.19 49.47
N SER B 303 -7.17 -35.66 50.59
CA SER B 303 -5.73 -35.59 50.87
C SER B 303 -5.01 -36.89 50.54
N ASN B 304 -5.67 -37.78 49.77
CA ASN B 304 -5.13 -39.09 49.39
C ASN B 304 -4.64 -39.86 50.63
N ALA B 305 -5.52 -39.92 51.62
CA ALA B 305 -5.22 -40.51 52.93
C ALA B 305 -4.55 -41.90 52.83
N THR B 306 -5.10 -42.78 51.99
CA THR B 306 -4.59 -44.15 51.88
C THR B 306 -3.26 -44.28 51.12
N SER B 307 -2.97 -43.33 50.23
CA SER B 307 -1.77 -43.42 49.38
C SER B 307 -0.51 -43.40 50.21
N SER B 308 0.16 -44.55 50.25
CA SER B 308 1.39 -44.75 51.01
C SER B 308 2.47 -43.70 50.72
N LEU B 309 2.75 -43.46 49.44
CA LEU B 309 3.79 -42.51 49.02
C LEU B 309 3.46 -41.06 49.38
N TYR B 310 2.25 -40.64 49.01
CA TYR B 310 1.81 -39.28 49.33
C TYR B 310 1.93 -39.05 50.84
N GLN B 311 1.47 -40.03 51.62
CA GLN B 311 1.48 -39.95 53.08
C GLN B 311 2.87 -39.93 53.70
N ALA B 312 3.78 -40.73 53.16
CA ALA B 312 5.17 -40.76 53.62
C ALA B 312 5.85 -39.43 53.36
N VAL B 313 5.64 -38.89 52.17
CA VAL B 313 6.22 -37.61 51.80
C VAL B 313 5.31 -36.47 52.27
N ALA B 314 4.19 -36.81 52.90
CA ALA B 314 3.30 -35.79 53.43
C ALA B 314 3.93 -35.06 54.62
N LYS B 315 4.78 -35.75 55.37
CA LYS B 315 5.22 -35.23 56.68
C LYS B 315 6.33 -34.44 57.40
N GLY B 316 7.58 -34.47 56.94
CA GLY B 316 8.70 -33.51 56.87
C GLY B 316 8.58 -32.24 56.00
N VAL B 317 7.83 -32.29 54.88
CA VAL B 317 7.69 -31.16 53.93
C VAL B 317 6.29 -30.53 53.89
N HIS B 318 6.20 -29.24 54.23
CA HIS B 318 4.90 -28.58 54.34
C HIS B 318 4.65 -27.66 53.15
N GLN B 319 4.28 -28.22 52.01
CA GLN B 319 4.07 -27.40 50.82
C GLN B 319 3.19 -28.10 49.79
N PRO B 320 2.84 -27.39 48.69
CA PRO B 320 2.27 -28.07 47.54
C PRO B 320 3.32 -28.96 46.87
N PHE B 321 2.91 -30.18 46.56
CA PHE B 321 3.79 -31.18 45.99
C PHE B 321 2.91 -32.31 45.48
N ASP B 322 3.52 -33.27 44.82
CA ASP B 322 2.83 -34.48 44.44
C ASP B 322 3.81 -35.59 44.18
N VAL B 323 3.35 -36.81 44.41
CA VAL B 323 4.12 -37.98 44.08
C VAL B 323 3.15 -39.09 43.71
N SER B 324 3.55 -39.99 42.82
CA SER B 324 2.72 -41.15 42.46
C SER B 324 3.56 -42.29 41.85
N ALA B 325 3.02 -43.50 41.86
CA ALA B 325 3.79 -44.68 41.46
C ALA B 325 3.73 -44.93 39.96
N PHE B 326 4.90 -44.87 39.32
CA PHE B 326 5.02 -45.13 37.90
C PHE B 326 5.19 -46.64 37.64
N ASN B 327 4.27 -47.21 36.86
CA ASN B 327 4.36 -48.63 36.46
C ASN B 327 4.13 -48.90 34.96
N ALA B 328 5.22 -48.99 34.19
CA ALA B 328 5.15 -49.33 32.75
C ALA B 328 5.49 -50.80 32.51
N SER B 329 4.76 -51.44 31.61
CA SER B 329 4.95 -52.86 31.38
C SER B 329 4.59 -53.26 29.95
N TYR B 330 5.61 -53.56 29.14
CA TYR B 330 5.41 -54.00 27.74
C TYR B 330 5.75 -55.49 27.58
N SER B 331 5.61 -56.01 26.37
CA SER B 331 5.91 -57.41 26.08
C SER B 331 7.39 -57.72 26.27
N ASP B 332 8.23 -56.80 25.81
CA ASP B 332 9.66 -56.99 25.84
C ASP B 332 10.27 -56.78 27.23
N SER B 333 9.74 -55.81 27.98
CA SER B 333 10.36 -55.43 29.25
C SER B 333 9.40 -54.56 30.05
N GLY B 334 9.89 -53.87 31.09
CA GLY B 334 9.05 -52.98 31.89
C GLY B 334 9.80 -52.05 32.84
N LEU B 335 9.13 -50.95 33.22
CA LEU B 335 9.65 -49.98 34.19
C LEU B 335 8.74 -49.87 35.43
N PHE B 336 9.35 -49.56 36.57
CA PHE B 336 8.58 -49.29 37.78
C PHE B 336 9.36 -48.39 38.74
N GLY B 337 8.65 -47.44 39.34
CA GLY B 337 9.22 -46.51 40.32
C GLY B 337 8.25 -45.40 40.69
N PHE B 338 8.73 -44.19 40.86
CA PHE B 338 7.81 -43.11 41.19
C PHE B 338 8.03 -41.83 40.41
N TYR B 339 7.04 -40.97 40.45
CA TYR B 339 7.04 -39.68 39.75
C TYR B 339 6.87 -38.60 40.83
N THR B 340 7.76 -37.61 40.81
CA THR B 340 7.70 -36.49 41.74
C THR B 340 7.38 -35.15 41.03
N ILE B 341 6.30 -34.51 41.41
CA ILE B 341 6.07 -33.09 41.06
C ILE B 341 6.23 -32.27 42.34
N SER B 342 7.46 -31.85 42.63
CA SER B 342 7.75 -31.17 43.89
C SER B 342 7.77 -29.67 43.69
N GLN B 343 8.18 -28.95 44.72
CA GLN B 343 8.52 -27.54 44.60
C GLN B 343 9.91 -27.34 43.98
N ALA B 344 10.34 -26.09 43.89
CA ALA B 344 11.67 -25.74 43.43
C ALA B 344 12.75 -26.39 44.31
N ALA B 345 12.73 -26.01 45.60
CA ALA B 345 13.75 -26.46 46.57
C ALA B 345 13.33 -27.70 47.36
N SER B 346 12.10 -28.18 47.20
CA SER B 346 11.64 -29.39 47.89
C SER B 346 11.94 -30.69 47.14
N ALA B 347 12.57 -30.59 45.96
CA ALA B 347 12.92 -31.78 45.16
C ALA B 347 13.81 -32.78 45.92
N GLY B 348 14.91 -32.28 46.48
CA GLY B 348 15.82 -33.09 47.31
C GLY B 348 15.11 -33.86 48.41
N ASP B 349 14.18 -33.18 49.09
CA ASP B 349 13.40 -33.77 50.19
C ASP B 349 12.38 -34.81 49.70
N VAL B 350 11.53 -34.41 48.77
CA VAL B 350 10.44 -35.27 48.27
C VAL B 350 10.93 -36.54 47.61
N ILE B 351 11.98 -36.46 46.80
CA ILE B 351 12.45 -37.62 46.06
C ILE B 351 13.10 -38.65 47.01
N LYS B 352 13.89 -38.17 47.96
CA LYS B 352 14.44 -39.04 49.00
C LYS B 352 13.36 -39.65 49.89
N ALA B 353 12.57 -38.78 50.51
CA ALA B 353 11.51 -39.16 51.45
C ALA B 353 10.58 -40.23 50.89
N ALA B 354 10.26 -40.10 49.60
CA ALA B 354 9.46 -41.08 48.86
C ALA B 354 10.21 -42.36 48.64
N TYR B 355 11.52 -42.27 48.39
CA TYR B 355 12.38 -43.44 48.16
C TYR B 355 12.47 -44.28 49.43
N ASN B 356 12.76 -43.62 50.55
CA ASN B 356 12.79 -44.25 51.86
C ASN B 356 11.54 -45.08 52.14
N GLN B 357 10.38 -44.49 51.86
CA GLN B 357 9.09 -45.18 52.00
C GLN B 357 8.98 -46.47 51.18
N VAL B 358 9.54 -46.49 49.97
CA VAL B 358 9.56 -47.72 49.18
C VAL B 358 10.57 -48.72 49.78
N LYS B 359 11.74 -48.21 50.20
CA LYS B 359 12.74 -49.03 50.88
C LYS B 359 12.17 -49.80 52.07
N THR B 360 11.50 -49.08 52.98
CA THR B 360 10.90 -49.73 54.15
C THR B 360 9.62 -50.55 53.79
N ILE B 361 9.38 -50.79 52.49
CA ILE B 361 8.50 -51.87 52.01
C ILE B 361 9.33 -53.06 51.53
N ALA B 362 10.44 -52.79 50.85
CA ALA B 362 11.39 -53.84 50.48
C ALA B 362 11.93 -54.55 51.72
N GLN B 363 12.14 -53.80 52.79
CA GLN B 363 12.53 -54.35 54.10
C GLN B 363 11.41 -55.17 54.77
N GLY B 364 10.15 -54.90 54.40
CA GLY B 364 9.03 -55.83 54.63
C GLY B 364 7.87 -55.38 55.50
N ASN B 365 7.59 -54.08 55.56
CA ASN B 365 6.50 -53.55 56.38
C ASN B 365 5.19 -53.44 55.61
N LEU B 366 4.49 -54.56 55.49
CA LEU B 366 3.31 -54.68 54.62
C LEU B 366 2.23 -55.58 55.24
N SER B 367 1.28 -54.98 55.94
CA SER B 367 0.18 -55.74 56.54
C SER B 367 -0.70 -56.35 55.44
N ASN B 368 -1.32 -57.49 55.74
CA ASN B 368 -2.24 -58.16 54.80
C ASN B 368 -3.43 -57.28 54.36
N PRO B 369 -3.94 -56.42 55.28
CA PRO B 369 -4.86 -55.32 54.95
C PRO B 369 -4.44 -54.41 53.80
N ASP B 370 -3.16 -54.07 53.74
CA ASP B 370 -2.62 -53.18 52.72
C ASP B 370 -2.56 -53.83 51.35
N VAL B 371 -2.21 -55.12 51.32
CA VAL B 371 -2.29 -55.92 50.09
C VAL B 371 -3.74 -56.15 49.68
N GLN B 372 -4.61 -56.37 50.67
CA GLN B 372 -6.03 -56.62 50.39
C GLN B 372 -6.78 -55.36 49.90
N ALA B 373 -6.32 -54.18 50.32
CA ALA B 373 -6.87 -52.91 49.80
C ALA B 373 -6.43 -52.69 48.37
N ALA B 374 -5.12 -52.76 48.15
CA ALA B 374 -4.52 -52.63 46.82
C ALA B 374 -5.10 -53.62 45.80
N LYS B 375 -5.36 -54.85 46.25
CA LYS B 375 -5.97 -55.87 45.40
C LYS B 375 -7.38 -55.46 44.97
N ASN B 376 -8.11 -54.78 45.84
CA ASN B 376 -9.41 -54.20 45.48
C ASN B 376 -9.29 -53.04 44.51
N LYS B 377 -8.43 -52.08 44.85
CA LYS B 377 -8.13 -50.95 43.97
C LYS B 377 -7.86 -51.46 42.54
N LEU B 378 -6.91 -52.39 42.41
CA LEU B 378 -6.56 -52.96 41.11
C LEU B 378 -7.72 -53.74 40.48
N LYS B 379 -8.33 -54.65 41.24
CA LYS B 379 -9.47 -55.45 40.75
C LYS B 379 -10.59 -54.57 40.18
N ALA B 380 -10.93 -53.51 40.93
CA ALA B 380 -11.94 -52.54 40.50
C ALA B 380 -11.41 -51.66 39.35
N GLY B 381 -10.24 -51.07 39.56
CA GLY B 381 -9.57 -50.27 38.54
C GLY B 381 -9.50 -50.89 37.16
N TYR B 382 -9.17 -52.18 37.09
CA TYR B 382 -9.21 -52.94 35.83
C TYR B 382 -10.65 -53.04 35.31
N LEU B 383 -11.54 -53.57 36.16
CA LEU B 383 -12.93 -53.78 35.76
C LEU B 383 -13.61 -52.52 35.23
N MET B 384 -13.29 -51.38 35.83
CA MET B 384 -13.81 -50.09 35.35
C MET B 384 -13.21 -49.71 34.00
N SER B 385 -11.93 -49.98 33.82
CA SER B 385 -11.23 -49.57 32.61
C SER B 385 -11.61 -50.33 31.35
N VAL B 386 -12.54 -51.28 31.45
CA VAL B 386 -13.09 -51.94 30.25
C VAL B 386 -14.62 -51.76 30.22
N GLU B 387 -15.11 -50.80 31.00
CA GLU B 387 -16.55 -50.61 31.17
C GLU B 387 -17.13 -50.07 29.86
N SER B 388 -16.55 -48.97 29.41
CA SER B 388 -16.96 -48.34 28.17
C SER B 388 -16.30 -49.07 26.99
N SER B 389 -17.05 -49.17 25.89
CA SER B 389 -16.55 -49.79 24.65
C SER B 389 -15.11 -49.34 24.26
N GLU B 390 -14.76 -48.09 24.55
CA GLU B 390 -13.46 -47.51 24.17
C GLU B 390 -12.24 -48.24 24.74
N GLY B 391 -12.32 -48.59 26.03
CA GLY B 391 -11.22 -49.28 26.71
C GLY B 391 -11.21 -50.75 26.36
N PHE B 392 -12.39 -51.36 26.47
CA PHE B 392 -12.62 -52.76 26.07
C PHE B 392 -11.87 -53.13 24.79
N LEU B 393 -12.20 -52.45 23.70
CA LEU B 393 -11.57 -52.74 22.40
C LEU B 393 -10.05 -52.63 22.45
N ASP B 394 -9.53 -51.66 23.21
CA ASP B 394 -8.08 -51.48 23.37
C ASP B 394 -7.43 -52.61 24.18
N GLU B 395 -8.18 -53.20 25.11
CA GLU B 395 -7.70 -54.38 25.84
C GLU B 395 -7.80 -55.66 25.00
N VAL B 396 -8.92 -55.85 24.28
CA VAL B 396 -9.10 -57.01 23.39
C VAL B 396 -8.02 -57.05 22.30
N GLY B 397 -7.82 -55.92 21.64
CA GLY B 397 -6.72 -55.75 20.69
C GLY B 397 -5.34 -55.81 21.30
N SER B 398 -5.20 -55.36 22.56
CA SER B 398 -3.95 -55.45 23.33
C SER B 398 -3.54 -56.92 23.57
N GLN B 399 -4.48 -57.72 24.04
CA GLN B 399 -4.25 -59.15 24.30
C GLN B 399 -4.03 -59.89 22.99
N ALA B 400 -4.96 -59.70 22.04
CA ALA B 400 -4.89 -60.27 20.69
C ALA B 400 -3.51 -60.16 20.03
N LEU B 401 -2.82 -59.04 20.24
CA LEU B 401 -1.47 -58.85 19.70
C LEU B 401 -0.38 -59.32 20.67
N ALA B 402 -0.42 -58.82 21.90
CA ALA B 402 0.59 -59.13 22.92
C ALA B 402 0.89 -60.62 23.03
N ALA B 403 -0.17 -61.44 23.06
CA ALA B 403 -0.02 -62.91 23.10
C ALA B 403 -1.32 -63.33 22.40
N GLY B 404 -1.63 -64.63 22.36
CA GLY B 404 -2.85 -65.13 21.72
C GLY B 404 -4.34 -65.10 21.50
N SER B 405 -5.09 -64.84 22.57
CA SER B 405 -6.57 -64.85 22.52
C SER B 405 -6.92 -64.13 23.83
N TYR B 406 -8.21 -63.79 23.93
CA TYR B 406 -8.82 -63.05 25.05
C TYR B 406 -8.82 -63.78 26.42
N THR B 407 -8.54 -63.04 27.49
CA THR B 407 -8.46 -63.56 28.87
C THR B 407 -9.54 -62.89 29.75
N PRO B 408 -10.80 -63.38 29.69
CA PRO B 408 -11.94 -62.78 30.41
C PRO B 408 -11.63 -62.24 31.83
N PRO B 409 -12.38 -61.20 32.26
CA PRO B 409 -12.08 -60.44 33.50
C PRO B 409 -11.89 -61.31 34.74
N SER B 410 -12.72 -62.34 34.88
CA SER B 410 -12.65 -63.29 36.00
C SER B 410 -11.23 -63.84 36.25
N THR B 411 -10.56 -64.24 35.16
CA THR B 411 -9.19 -64.77 35.22
C THR B 411 -8.18 -63.70 35.66
N VAL B 412 -8.44 -62.45 35.28
CA VAL B 412 -7.59 -61.33 35.67
C VAL B 412 -7.79 -61.07 37.16
N LEU B 413 -9.06 -60.97 37.56
CA LEU B 413 -9.45 -60.79 38.97
C LEU B 413 -8.92 -61.93 39.85
N GLN B 414 -8.89 -63.14 39.28
CA GLN B 414 -8.34 -64.30 39.97
C GLN B 414 -6.83 -64.18 40.10
N GLN B 415 -6.15 -63.90 39.00
CA GLN B 415 -4.70 -63.70 38.98
C GLN B 415 -4.22 -62.57 39.89
N ILE B 416 -5.08 -61.58 40.13
CA ILE B 416 -4.79 -60.54 41.11
C ILE B 416 -4.71 -61.18 42.50
N ASP B 417 -5.71 -62.00 42.81
CA ASP B 417 -5.75 -62.74 44.07
C ASP B 417 -4.57 -63.71 44.17
N ALA B 418 -4.22 -64.34 43.05
CA ALA B 418 -3.09 -65.29 42.98
C ALA B 418 -1.78 -64.71 43.52
N VAL B 419 -1.53 -63.42 43.30
CA VAL B 419 -0.30 -62.79 43.77
C VAL B 419 -0.23 -62.82 45.28
N ALA B 420 0.81 -63.48 45.81
CA ALA B 420 1.03 -63.56 47.25
C ALA B 420 1.60 -62.26 47.79
N ASP B 421 1.71 -62.17 49.11
CA ASP B 421 2.31 -61.01 49.80
C ASP B 421 3.85 -61.03 49.79
N ALA B 422 4.44 -62.16 49.39
CA ALA B 422 5.88 -62.26 49.15
C ALA B 422 6.29 -61.55 47.85
N ASP B 423 5.65 -61.93 46.75
CA ASP B 423 5.90 -61.36 45.40
C ASP B 423 5.96 -59.83 45.39
N VAL B 424 5.07 -59.19 46.17
CA VAL B 424 5.04 -57.73 46.34
C VAL B 424 6.33 -57.21 46.96
N ILE B 425 6.71 -57.78 48.09
CA ILE B 425 7.91 -57.33 48.78
C ILE B 425 9.15 -57.69 47.94
N ASN B 426 9.08 -58.79 47.17
CA ASN B 426 10.14 -59.15 46.21
C ASN B 426 10.25 -58.19 45.02
N ALA B 427 9.12 -57.62 44.60
CA ALA B 427 9.08 -56.56 43.58
C ALA B 427 9.74 -55.28 44.09
N ALA B 428 9.36 -54.88 45.31
CA ALA B 428 10.00 -53.76 46.03
C ALA B 428 11.49 -54.02 46.31
N LYS B 429 11.84 -55.29 46.48
CA LYS B 429 13.24 -55.69 46.62
C LYS B 429 13.97 -55.59 45.28
N LYS B 430 13.27 -55.92 44.19
CA LYS B 430 13.84 -55.83 42.84
C LYS B 430 14.04 -54.38 42.42
N PHE B 431 13.17 -53.49 42.87
CA PHE B 431 13.33 -52.04 42.65
C PHE B 431 14.54 -51.50 43.44
N VAL B 432 14.48 -51.53 44.77
CA VAL B 432 15.52 -50.91 45.60
C VAL B 432 16.92 -51.43 45.24
N SER B 433 17.01 -52.71 44.86
CA SER B 433 18.28 -53.32 44.42
C SER B 433 18.60 -53.03 42.95
N GLY B 434 17.56 -52.97 42.10
CA GLY B 434 17.71 -52.90 40.63
C GLY B 434 18.38 -51.66 40.05
N ARG B 435 18.73 -51.76 38.77
CA ARG B 435 19.44 -50.67 38.08
C ARG B 435 18.53 -49.47 37.83
N LYS B 436 19.06 -48.27 38.08
CA LYS B 436 18.25 -47.04 38.17
C LYS B 436 18.23 -46.13 36.95
N SER B 437 17.03 -45.63 36.65
CA SER B 437 16.82 -44.64 35.58
C SER B 437 16.10 -43.42 36.15
N MET B 438 16.66 -42.22 35.93
CA MET B 438 16.05 -40.96 36.41
C MET B 438 15.94 -39.91 35.30
N ALA B 439 14.77 -39.27 35.20
CA ALA B 439 14.52 -38.21 34.21
C ALA B 439 13.89 -36.97 34.85
N ALA B 440 14.62 -35.86 34.87
CA ALA B 440 14.19 -34.65 35.58
C ALA B 440 14.13 -33.43 34.67
N SER B 441 13.15 -32.55 34.91
CA SER B 441 13.07 -31.27 34.19
C SER B 441 12.28 -30.21 34.97
N GLY B 442 12.86 -29.02 35.08
CA GLY B 442 12.38 -27.98 35.98
C GLY B 442 13.58 -27.16 36.36
N ASN B 443 13.51 -26.39 37.44
CA ASN B 443 14.73 -25.81 37.98
C ASN B 443 15.37 -26.85 38.92
N LEU B 444 16.50 -27.41 38.48
CA LEU B 444 17.10 -28.58 39.11
C LEU B 444 18.30 -28.27 40.00
N GLY B 445 18.29 -27.10 40.66
CA GLY B 445 19.38 -26.69 41.54
C GLY B 445 19.49 -27.54 42.79
N HIS B 446 18.34 -27.90 43.36
CA HIS B 446 18.26 -28.68 44.58
C HIS B 446 17.66 -30.05 44.28
N THR B 447 17.97 -30.59 43.10
CA THR B 447 17.51 -31.91 42.71
C THR B 447 18.70 -32.88 42.82
N PRO B 448 18.48 -34.05 43.46
CA PRO B 448 19.55 -35.02 43.63
C PRO B 448 19.76 -35.89 42.38
N PHE B 449 20.90 -36.55 42.34
CA PHE B 449 21.32 -37.39 41.21
C PHE B 449 21.25 -38.83 41.73
N ILE B 450 21.34 -39.81 40.84
CA ILE B 450 21.15 -41.20 41.28
C ILE B 450 22.17 -41.56 42.35
N ASP B 451 23.41 -41.08 42.23
CA ASP B 451 24.44 -41.34 43.25
C ASP B 451 24.29 -40.57 44.59
N GLU B 452 23.45 -39.53 44.62
CA GLU B 452 23.16 -38.76 45.84
C GLU B 452 21.89 -39.22 46.55
N LEU B 453 21.24 -40.24 46.01
CA LEU B 453 19.85 -40.48 46.31
C LEU B 453 19.69 -41.25 47.63
N LYS C 6 -14.38 -9.58 -13.75
CA LYS C 6 -14.80 -10.74 -12.89
C LYS C 6 -15.82 -10.27 -11.86
N SER C 7 -15.34 -9.60 -10.81
CA SER C 7 -16.21 -8.91 -9.86
C SER C 7 -15.75 -7.46 -9.59
N HIS C 8 -14.54 -7.11 -10.06
CA HIS C 8 -13.85 -5.86 -9.71
C HIS C 8 -13.64 -5.71 -8.17
N PRO C 9 -13.48 -6.87 -7.47
CA PRO C 9 -13.71 -7.03 -6.02
C PRO C 9 -12.52 -6.62 -5.17
N LEU C 10 -11.52 -6.08 -5.83
CA LEU C 10 -10.20 -6.04 -5.28
C LEU C 10 -9.88 -4.64 -4.87
N MET C 11 -10.27 -3.67 -5.70
CA MET C 11 -10.02 -2.27 -5.37
C MET C 11 -11.26 -1.50 -4.86
N LYS C 12 -12.41 -2.16 -4.66
CA LYS C 12 -13.37 -1.65 -3.68
C LYS C 12 -12.65 -1.72 -2.35
N ILE C 13 -11.82 -2.75 -2.20
CA ILE C 13 -10.91 -2.87 -1.04
C ILE C 13 -9.86 -1.72 -0.91
N VAL C 14 -9.95 -0.70 -1.79
CA VAL C 14 -9.36 0.66 -1.55
C VAL C 14 -10.29 1.58 -0.76
N ASN C 15 -11.46 1.07 -0.37
CA ASN C 15 -12.28 1.75 0.64
C ASN C 15 -12.06 1.00 1.95
N ASN C 16 -10.77 0.93 2.27
CA ASN C 16 -10.25 0.66 3.57
C ASN C 16 -9.90 1.99 4.15
N ALA C 17 -10.06 3.03 3.34
CA ALA C 17 -9.95 4.38 3.84
C ALA C 17 -11.25 5.18 3.63
N PHE C 18 -12.38 4.47 3.61
CA PHE C 18 -13.72 5.07 3.83
C PHE C 18 -14.69 4.29 4.75
N ILE C 19 -14.39 3.02 5.03
CA ILE C 19 -15.29 2.13 5.79
C ILE C 19 -14.66 1.57 7.07
N ASP C 20 -13.56 0.84 6.95
CA ASP C 20 -12.87 0.27 8.10
C ASP C 20 -11.74 1.15 8.58
N LEU C 21 -11.67 2.35 8.00
CA LEU C 21 -10.73 3.38 8.42
C LEU C 21 -10.86 3.67 9.91
N PRO C 22 -9.78 3.50 10.67
CA PRO C 22 -9.86 3.76 12.09
C PRO C 22 -9.87 5.24 12.34
N ALA C 23 -10.94 5.71 12.94
CA ALA C 23 -11.15 7.13 13.22
C ALA C 23 -11.10 7.33 14.73
N PRO C 24 -10.77 8.56 15.18
CA PRO C 24 -10.96 8.88 16.61
C PRO C 24 -12.44 8.87 16.97
N SER C 25 -12.72 8.57 18.25
CA SER C 25 -14.08 8.54 18.82
C SER C 25 -14.67 9.93 19.11
N ASN C 26 -13.78 10.91 19.27
CA ASN C 26 -14.17 12.18 19.83
C ASN C 26 -14.03 13.39 18.90
N ILE C 27 -13.87 13.19 17.60
CA ILE C 27 -13.82 14.36 16.71
C ILE C 27 -15.18 15.00 16.72
N SER C 28 -15.18 16.34 16.86
CA SER C 28 -16.41 17.13 16.99
C SER C 28 -16.99 17.47 15.61
N SER C 29 -17.96 18.36 15.55
CA SER C 29 -18.57 18.68 14.28
C SER C 29 -17.65 19.49 13.41
N TRP C 30 -16.60 20.06 13.97
CA TRP C 30 -15.63 20.79 13.14
C TRP C 30 -14.90 19.86 12.11
N TRP C 31 -14.90 18.55 12.38
CA TRP C 31 -14.36 17.55 11.46
C TRP C 31 -15.36 17.14 10.37
N ASN C 32 -16.63 17.52 10.55
CA ASN C 32 -17.68 17.33 9.54
C ASN C 32 -17.45 18.13 8.26
N PHE C 33 -16.53 19.10 8.28
CA PHE C 33 -16.45 20.08 7.20
C PHE C 33 -15.76 19.64 5.91
N GLY C 34 -14.69 18.84 6.03
CA GLY C 34 -14.06 18.28 4.83
C GLY C 34 -15.06 17.60 3.89
N SER C 35 -15.86 16.69 4.43
CA SER C 35 -16.91 15.98 3.68
C SER C 35 -17.79 16.97 2.92
N LEU C 36 -18.22 18.00 3.64
CA LEU C 36 -19.10 19.02 3.11
C LEU C 36 -18.41 19.69 1.93
N LEU C 37 -17.13 20.03 2.10
CA LEU C 37 -16.32 20.62 1.03
C LEU C 37 -16.28 19.75 -0.22
N GLY C 38 -16.32 18.44 -0.02
CA GLY C 38 -16.49 17.50 -1.10
C GLY C 38 -17.86 17.67 -1.73
N ILE C 39 -18.92 17.54 -0.92
CA ILE C 39 -20.26 17.80 -1.41
C ILE C 39 -20.33 19.15 -2.18
N CYS C 40 -19.78 20.21 -1.60
CA CYS C 40 -19.73 21.51 -2.27
C CYS C 40 -19.09 21.39 -3.64
N LEU C 41 -17.91 20.78 -3.68
CA LEU C 41 -17.18 20.62 -4.93
C LEU C 41 -17.97 19.83 -5.98
N ILE C 42 -18.52 18.69 -5.59
CA ILE C 42 -19.27 17.86 -6.50
C ILE C 42 -20.52 18.59 -6.93
N LEU C 43 -21.24 19.17 -5.98
CA LEU C 43 -22.43 19.96 -6.29
C LEU C 43 -22.09 21.03 -7.34
N GLN C 44 -21.13 21.89 -7.01
CA GLN C 44 -20.70 22.95 -7.93
C GLN C 44 -20.42 22.41 -9.33
N ILE C 45 -19.70 21.28 -9.38
CA ILE C 45 -19.34 20.66 -10.66
C ILE C 45 -20.60 20.29 -11.43
N LEU C 46 -21.40 19.46 -10.80
CA LEU C 46 -22.65 19.02 -11.37
C LEU C 46 -23.52 20.18 -11.95
N THR C 47 -23.75 21.22 -11.14
CA THR C 47 -24.55 22.39 -11.57
C THR C 47 -23.81 23.17 -12.65
N GLY C 48 -22.50 23.27 -12.49
CA GLY C 48 -21.66 23.99 -13.44
C GLY C 48 -21.74 23.40 -14.83
N LEU C 49 -21.67 22.08 -14.90
CA LEU C 49 -21.82 21.34 -16.15
C LEU C 49 -23.15 21.66 -16.81
N PHE C 50 -24.23 21.59 -16.03
CA PHE C 50 -25.55 21.86 -16.56
C PHE C 50 -25.73 23.31 -16.95
N LEU C 51 -24.99 24.21 -16.30
CA LEU C 51 -25.01 25.60 -16.72
C LEU C 51 -24.25 25.72 -18.03
N ALA C 52 -23.11 25.06 -18.12
CA ALA C 52 -22.29 25.03 -19.35
C ALA C 52 -23.05 24.50 -20.57
N MET C 53 -24.06 23.66 -20.37
CA MET C 53 -24.93 23.24 -21.46
C MET C 53 -25.68 24.36 -22.19
N HIS C 54 -25.87 25.51 -21.53
CA HIS C 54 -26.62 26.64 -22.09
C HIS C 54 -25.85 27.98 -22.18
N TYR C 55 -24.82 28.18 -21.35
CA TYR C 55 -24.07 29.46 -21.32
C TYR C 55 -23.33 29.68 -22.64
N THR C 56 -22.90 30.91 -22.92
CA THR C 56 -21.95 31.18 -24.03
C THR C 56 -20.94 32.25 -23.66
N SER C 57 -19.68 32.05 -24.03
CA SER C 57 -18.61 32.89 -23.53
C SER C 57 -18.35 34.13 -24.38
N ASP C 58 -19.17 34.41 -25.37
CA ASP C 58 -18.95 35.59 -26.23
C ASP C 58 -19.55 36.81 -25.52
N THR C 59 -18.88 37.98 -25.62
CA THR C 59 -19.40 39.19 -24.99
C THR C 59 -20.79 39.57 -25.49
N THR C 60 -21.07 39.31 -26.75
CA THR C 60 -22.37 39.63 -27.33
C THR C 60 -23.55 38.80 -26.76
N THR C 61 -23.27 37.60 -26.27
CA THR C 61 -24.32 36.70 -25.82
C THR C 61 -24.16 36.21 -24.38
N ALA C 62 -23.11 36.66 -23.70
CA ALA C 62 -22.75 36.06 -22.41
C ALA C 62 -23.77 36.42 -21.34
N PHE C 63 -24.22 37.66 -21.35
CA PHE C 63 -25.26 38.08 -20.42
C PHE C 63 -26.54 37.38 -20.85
N SER C 64 -26.89 37.59 -22.12
CA SER C 64 -28.10 37.06 -22.73
C SER C 64 -28.29 35.57 -22.48
N SER C 65 -27.20 34.83 -22.39
CA SER C 65 -27.28 33.40 -22.14
C SER C 65 -27.82 33.13 -20.74
N VAL C 66 -27.25 33.82 -19.76
CA VAL C 66 -27.55 33.55 -18.35
C VAL C 66 -29.02 33.83 -18.03
N THR C 67 -29.52 34.88 -18.66
CA THR C 67 -30.93 35.24 -18.57
C THR C 67 -31.81 34.13 -19.17
N HIS C 68 -31.43 33.68 -20.36
CA HIS C 68 -32.13 32.60 -21.04
C HIS C 68 -32.16 31.37 -20.16
N ILE C 69 -31.08 31.14 -19.41
CA ILE C 69 -31.00 30.04 -18.44
C ILE C 69 -32.03 30.21 -17.34
N CYS C 70 -32.10 31.40 -16.76
CA CYS C 70 -33.06 31.67 -15.69
C CYS C 70 -34.50 31.67 -16.10
N ARG C 71 -34.77 32.35 -17.21
CA ARG C 71 -36.12 32.57 -17.69
C ARG C 71 -36.72 31.37 -18.46
N ASP C 72 -36.06 30.92 -19.52
CA ASP C 72 -36.68 29.97 -20.45
C ASP C 72 -36.21 28.51 -20.37
N VAL C 73 -34.95 28.28 -19.98
CA VAL C 73 -34.45 26.93 -19.77
C VAL C 73 -35.19 26.35 -18.57
N ASN C 74 -35.63 25.11 -18.69
CA ASN C 74 -36.37 24.45 -17.61
C ASN C 74 -35.58 24.29 -16.32
N TYR C 75 -36.13 24.86 -15.25
CA TYR C 75 -35.51 24.95 -13.94
C TYR C 75 -34.09 25.56 -13.96
N GLY C 76 -33.78 26.33 -15.00
CA GLY C 76 -32.45 26.87 -15.15
C GLY C 76 -32.11 27.80 -14.01
N TRP C 77 -33.09 28.58 -13.57
CA TRP C 77 -32.93 29.44 -12.40
C TRP C 77 -32.47 28.72 -11.09
N ILE C 78 -33.08 27.59 -10.72
CA ILE C 78 -32.64 26.84 -9.53
C ILE C 78 -31.21 26.40 -9.65
N ILE C 79 -30.82 25.98 -10.85
CA ILE C 79 -29.49 25.49 -11.09
C ILE C 79 -28.58 26.68 -10.95
N ARG C 80 -28.90 27.78 -11.63
CA ARG C 80 -28.04 28.96 -11.61
C ARG C 80 -27.74 29.52 -10.23
N TYR C 81 -28.73 29.43 -9.34
CA TYR C 81 -28.62 29.99 -7.99
C TYR C 81 -27.99 29.01 -7.00
N MET C 82 -28.34 27.72 -7.13
CA MET C 82 -27.63 26.68 -6.40
C MET C 82 -26.15 26.83 -6.69
N HIS C 83 -25.79 27.09 -7.95
CA HIS C 83 -24.39 27.29 -8.34
C HIS C 83 -23.77 28.50 -7.62
N ALA C 84 -24.39 29.66 -7.76
CA ALA C 84 -23.88 30.90 -7.17
C ALA C 84 -23.86 30.93 -5.62
N ASN C 85 -24.90 30.41 -4.99
CA ASN C 85 -24.92 30.31 -3.53
C ASN C 85 -24.06 29.17 -3.06
N GLY C 86 -24.04 28.11 -3.87
CA GLY C 86 -23.11 27.00 -3.65
C GLY C 86 -21.68 27.47 -3.54
N ALA C 87 -21.28 28.39 -4.42
CA ALA C 87 -19.97 29.04 -4.33
C ALA C 87 -19.70 29.64 -2.93
N SER C 88 -20.73 30.28 -2.36
CA SER C 88 -20.61 30.88 -1.02
C SER C 88 -20.50 29.80 0.03
N MET C 89 -21.42 28.84 0.00
CA MET C 89 -21.38 27.72 0.95
C MET C 89 -20.01 27.04 0.95
N PHE C 90 -19.42 26.91 -0.23
CA PHE C 90 -18.05 26.41 -0.38
C PHE C 90 -17.12 27.22 0.52
N PHE C 91 -17.13 28.52 0.34
CA PHE C 91 -16.20 29.39 1.05
C PHE C 91 -16.42 29.50 2.56
N ILE C 92 -17.68 29.49 2.98
CA ILE C 92 -18.01 29.32 4.39
C ILE C 92 -17.38 28.04 4.92
N CYS C 93 -17.73 26.91 4.30
CA CYS C 93 -17.16 25.60 4.66
C CYS C 93 -15.64 25.62 4.70
N LEU C 94 -15.01 26.28 3.72
CA LEU C 94 -13.57 26.49 3.67
C LEU C 94 -13.01 27.24 4.87
N TYR C 95 -13.59 28.39 5.20
CA TYR C 95 -13.09 29.15 6.35
C TYR C 95 -13.33 28.45 7.70
N MET C 96 -14.48 27.81 7.90
CA MET C 96 -14.66 26.92 9.07
C MET C 96 -13.55 25.85 9.12
N HIS C 97 -13.33 25.21 7.97
CA HIS C 97 -12.43 24.09 7.86
C HIS C 97 -10.99 24.48 8.14
N VAL C 98 -10.60 25.67 7.71
CA VAL C 98 -9.24 26.15 7.97
C VAL C 98 -9.11 26.56 9.43
N GLY C 99 -10.16 27.13 9.99
CA GLY C 99 -10.20 27.48 11.41
C GLY C 99 -9.94 26.25 12.25
N ARG C 100 -10.79 25.25 12.08
CA ARG C 100 -10.61 24.00 12.79
C ARG C 100 -9.13 23.66 12.85
N GLY C 101 -8.48 23.65 11.69
CA GLY C 101 -7.06 23.32 11.61
C GLY C 101 -6.16 24.21 12.46
N LEU C 102 -6.42 25.51 12.42
CA LEU C 102 -5.70 26.46 13.28
C LEU C 102 -5.89 26.23 14.78
N TYR C 103 -7.14 26.05 15.19
CA TYR C 103 -7.47 25.85 16.61
C TYR C 103 -6.85 24.59 17.17
N TYR C 104 -7.03 23.50 16.45
CA TYR C 104 -6.64 22.20 16.97
C TYR C 104 -5.21 21.82 16.53
N GLY C 105 -4.51 22.73 15.86
CA GLY C 105 -3.11 22.53 15.53
C GLY C 105 -2.83 21.55 14.42
N SER C 106 -3.89 21.09 13.74
CA SER C 106 -3.79 20.09 12.65
C SER C 106 -2.78 20.43 11.57
N TYR C 107 -2.48 21.71 11.42
CA TYR C 107 -1.37 22.14 10.56
C TYR C 107 -0.06 21.40 10.87
N THR C 108 0.00 20.59 11.94
CA THR C 108 1.18 19.77 12.15
C THR C 108 1.33 18.72 11.07
N PHE C 109 0.22 18.31 10.46
CA PHE C 109 0.25 17.40 9.33
C PHE C 109 0.69 18.16 8.10
N LEU C 110 1.95 18.54 8.09
CA LEU C 110 2.50 19.51 7.13
C LEU C 110 2.03 19.37 5.69
N GLU C 111 2.10 18.14 5.16
CA GLU C 111 1.76 17.89 3.77
C GLU C 111 0.33 18.27 3.57
N THR C 112 -0.51 17.59 4.34
CA THR C 112 -1.95 17.73 4.26
C THR C 112 -2.35 19.18 4.34
N TRP C 113 -1.81 19.86 5.33
CA TRP C 113 -1.92 21.33 5.47
C TRP C 113 -1.49 22.17 4.25
N ASN C 114 -0.29 21.94 3.74
CA ASN C 114 0.26 22.74 2.62
C ASN C 114 -0.49 22.48 1.30
N ILE C 115 -0.80 21.20 1.05
CA ILE C 115 -1.70 20.85 -0.03
C ILE C 115 -3.00 21.65 0.14
N GLY C 116 -3.49 21.70 1.38
CA GLY C 116 -4.61 22.56 1.73
C GLY C 116 -4.43 23.98 1.22
N VAL C 117 -3.41 24.64 1.73
CA VAL C 117 -3.14 26.01 1.34
C VAL C 117 -3.12 26.18 -0.17
N ILE C 118 -2.66 25.16 -0.91
CA ILE C 118 -2.82 25.17 -2.37
C ILE C 118 -4.31 25.19 -2.75
N LEU C 119 -5.01 24.10 -2.40
CA LEU C 119 -6.44 23.99 -2.67
C LEU C 119 -7.16 25.32 -2.54
N LEU C 120 -6.93 25.98 -1.40
CA LEU C 120 -7.56 27.26 -1.13
C LEU C 120 -7.37 28.23 -2.27
N LEU C 121 -6.11 28.43 -2.64
CA LEU C 121 -5.76 29.31 -3.74
C LEU C 121 -6.52 28.88 -5.00
N THR C 122 -6.49 27.58 -5.29
CA THR C 122 -7.15 27.09 -6.47
C THR C 122 -8.62 27.47 -6.44
N VAL C 123 -9.27 27.31 -5.29
CA VAL C 123 -10.70 27.59 -5.19
C VAL C 123 -10.99 29.07 -5.30
N MET C 124 -10.16 29.88 -4.65
CA MET C 124 -10.24 31.33 -4.86
C MET C 124 -10.16 31.67 -6.34
N ALA C 125 -9.11 31.19 -7.00
CA ALA C 125 -8.91 31.42 -8.43
C ALA C 125 -10.09 31.01 -9.33
N THR C 126 -10.58 29.80 -9.13
CA THR C 126 -11.78 29.31 -9.80
C THR C 126 -12.92 30.30 -9.68
N ALA C 127 -13.39 30.48 -8.43
CA ALA C 127 -14.55 31.30 -8.13
C ALA C 127 -14.42 32.75 -8.63
N PHE C 128 -13.20 33.29 -8.66
CA PHE C 128 -12.95 34.61 -9.18
C PHE C 128 -13.34 34.68 -10.63
N MET C 129 -12.88 33.70 -11.42
CA MET C 129 -13.21 33.62 -12.85
C MET C 129 -14.71 33.33 -13.05
N GLY C 130 -15.24 32.38 -12.29
CA GLY C 130 -16.68 32.10 -12.31
C GLY C 130 -17.55 33.34 -12.30
N TYR C 131 -17.25 34.28 -11.39
CA TYR C 131 -17.99 35.54 -11.26
C TYR C 131 -17.79 36.52 -12.45
N VAL C 132 -16.79 36.29 -13.30
CA VAL C 132 -16.63 37.13 -14.48
C VAL C 132 -17.61 36.69 -15.55
N LEU C 133 -17.94 35.41 -15.58
CA LEU C 133 -18.61 34.82 -16.75
C LEU C 133 -19.92 35.46 -17.22
N PRO C 134 -20.77 35.92 -16.29
CA PRO C 134 -22.03 36.49 -16.75
C PRO C 134 -21.92 37.90 -17.32
N TRP C 135 -20.75 38.53 -17.19
CA TRP C 135 -20.43 39.79 -17.89
C TRP C 135 -21.33 40.97 -17.47
N GLY C 136 -21.71 41.00 -16.19
CA GLY C 136 -22.42 42.13 -15.61
C GLY C 136 -21.41 43.18 -15.24
N GLN C 137 -21.90 44.35 -14.80
CA GLN C 137 -21.03 45.46 -14.42
C GLN C 137 -19.97 45.11 -13.38
N MET C 138 -20.35 44.38 -12.34
CA MET C 138 -19.37 43.99 -11.33
C MET C 138 -18.47 42.88 -11.86
N SER C 139 -18.99 42.07 -12.77
CA SER C 139 -18.20 40.99 -13.40
C SER C 139 -17.01 41.57 -14.13
N PHE C 140 -17.24 42.61 -14.91
CA PHE C 140 -16.19 43.32 -15.61
C PHE C 140 -15.27 44.06 -14.64
N TRP C 141 -15.81 45.04 -13.93
CA TRP C 141 -15.00 45.91 -13.08
C TRP C 141 -14.30 45.16 -11.90
N GLY C 142 -14.91 44.06 -11.45
CA GLY C 142 -14.25 43.14 -10.53
C GLY C 142 -12.93 42.69 -11.10
N ALA C 143 -12.98 42.20 -12.32
CA ALA C 143 -11.80 41.71 -13.04
C ALA C 143 -10.80 42.85 -13.38
N THR C 144 -11.28 43.94 -13.94
CA THR C 144 -10.37 45.03 -14.27
C THR C 144 -9.58 45.44 -13.03
N VAL C 145 -10.27 45.58 -11.92
CA VAL C 145 -9.63 46.14 -10.75
C VAL C 145 -8.77 45.14 -10.03
N ILE C 146 -9.24 43.92 -9.92
CA ILE C 146 -8.47 42.87 -9.27
C ILE C 146 -7.22 42.55 -10.10
N THR C 147 -7.41 42.20 -11.36
CA THR C 147 -6.30 41.78 -12.21
C THR C 147 -5.20 42.82 -12.27
N ASN C 148 -5.60 44.06 -12.49
CA ASN C 148 -4.64 45.15 -12.71
C ASN C 148 -3.57 45.22 -11.64
N LEU C 149 -3.93 44.79 -10.43
CA LEU C 149 -2.98 44.69 -9.33
C LEU C 149 -1.62 44.10 -9.74
N LEU C 150 -1.62 43.10 -10.62
CA LEU C 150 -0.36 42.46 -11.04
C LEU C 150 0.62 43.43 -11.67
N SER C 151 0.14 44.43 -12.41
CA SER C 151 1.05 45.39 -13.03
C SER C 151 1.76 46.27 -12.00
N ALA C 152 1.40 46.12 -10.73
CA ALA C 152 2.22 46.67 -9.64
C ALA C 152 3.58 46.01 -9.61
N ILE C 153 3.65 44.74 -10.00
CA ILE C 153 4.91 44.00 -10.01
C ILE C 153 5.86 44.67 -11.01
N PRO C 154 7.06 45.07 -10.53
CA PRO C 154 7.93 45.91 -11.37
C PRO C 154 8.50 45.17 -12.58
N TYR C 155 8.74 45.93 -13.64
CA TYR C 155 9.28 45.45 -14.93
C TYR C 155 8.34 44.62 -15.78
N ILE C 156 7.89 43.49 -15.26
CA ILE C 156 7.19 42.51 -16.07
C ILE C 156 5.67 42.59 -15.94
N GLY C 157 5.19 42.93 -14.74
CA GLY C 157 3.77 42.87 -14.43
C GLY C 157 2.90 43.48 -15.50
N THR C 158 3.29 44.67 -15.96
CA THR C 158 2.51 45.36 -16.98
C THR C 158 2.32 44.53 -18.26
N ASN C 159 3.34 43.77 -18.64
CA ASN C 159 3.25 42.84 -19.78
C ASN C 159 2.48 41.57 -19.45
N LEU C 160 2.79 41.02 -18.29
CA LEU C 160 2.07 39.89 -17.72
C LEU C 160 0.53 40.11 -17.69
N VAL C 161 0.05 41.22 -17.10
CA VAL C 161 -1.37 41.57 -17.11
C VAL C 161 -1.99 41.51 -18.51
N GLU C 162 -1.30 42.11 -19.49
CA GLU C 162 -1.78 42.12 -20.89
C GLU C 162 -1.82 40.71 -21.48
N TRP C 163 -0.87 39.87 -21.06
CA TRP C 163 -0.85 38.47 -21.49
C TRP C 163 -2.05 37.72 -20.92
N ILE C 164 -2.29 37.89 -19.63
CA ILE C 164 -3.47 37.31 -18.98
C ILE C 164 -4.67 37.69 -19.83
N TRP C 165 -4.87 39.00 -20.01
CA TRP C 165 -6.07 39.54 -20.68
C TRP C 165 -6.19 39.15 -22.15
N GLY C 166 -5.05 39.15 -22.84
CA GLY C 166 -5.04 38.96 -24.30
C GLY C 166 -5.41 40.24 -25.01
N GLY C 167 -4.88 41.34 -24.51
CA GLY C 167 -5.22 42.65 -25.04
C GLY C 167 -4.83 43.73 -24.06
N PHE C 168 -5.50 44.88 -24.17
CA PHE C 168 -5.20 46.05 -23.35
C PHE C 168 -6.25 46.31 -22.28
N SER C 169 -7.22 45.40 -22.15
CA SER C 169 -8.34 45.55 -21.22
C SER C 169 -8.97 44.19 -20.99
N VAL C 170 -9.73 44.07 -19.91
CA VAL C 170 -10.52 42.86 -19.75
C VAL C 170 -11.48 42.93 -20.91
N ASP C 171 -11.42 41.98 -21.85
CA ASP C 171 -12.29 42.02 -23.03
C ASP C 171 -12.87 40.65 -23.40
N LYS C 172 -13.53 40.56 -24.56
CA LYS C 172 -14.04 39.28 -25.09
C LYS C 172 -12.96 38.20 -25.11
N ALA C 173 -11.74 38.62 -25.44
CA ALA C 173 -10.59 37.74 -25.45
C ALA C 173 -10.31 37.09 -24.08
N THR C 174 -10.57 37.84 -23.01
CA THR C 174 -10.41 37.38 -21.65
C THR C 174 -11.59 36.53 -21.23
N LEU C 175 -12.78 37.08 -21.35
CA LEU C 175 -13.99 36.37 -20.92
C LEU C 175 -14.03 34.92 -21.43
N THR C 176 -13.56 34.69 -22.65
CA THR C 176 -13.60 33.35 -23.22
C THR C 176 -12.64 32.41 -22.49
N ARG C 177 -11.41 32.85 -22.29
CA ARG C 177 -10.42 32.00 -21.60
C ARG C 177 -10.77 31.78 -20.13
N PHE C 178 -11.30 32.81 -19.48
CA PHE C 178 -11.75 32.68 -18.10
C PHE C 178 -12.77 31.58 -17.97
N PHE C 179 -13.69 31.51 -18.93
CA PHE C 179 -14.64 30.42 -18.94
C PHE C 179 -13.92 29.10 -19.04
N ALA C 180 -12.94 29.05 -19.95
CA ALA C 180 -12.18 27.83 -20.23
C ALA C 180 -11.50 27.29 -18.98
N PHE C 181 -10.69 28.15 -18.37
CA PHE C 181 -10.03 27.87 -17.09
C PHE C 181 -11.02 27.55 -15.96
N HIS C 182 -12.06 28.37 -15.84
CA HIS C 182 -13.06 28.12 -14.83
C HIS C 182 -13.60 26.69 -14.96
N PHE C 183 -13.79 26.21 -16.18
CA PHE C 183 -14.33 24.86 -16.39
C PHE C 183 -13.30 23.85 -15.92
N ILE C 184 -12.03 24.06 -16.27
CA ILE C 184 -10.95 23.06 -16.00
C ILE C 184 -10.61 22.92 -14.49
N LEU C 185 -10.23 24.02 -13.84
CA LEU C 185 -9.64 24.00 -12.49
C LEU C 185 -10.32 23.08 -11.47
N PRO C 186 -11.65 23.16 -11.36
CA PRO C 186 -12.40 22.21 -10.54
C PRO C 186 -11.80 20.80 -10.54
N PHE C 187 -11.47 20.30 -11.71
CA PHE C 187 -10.96 18.95 -11.84
C PHE C 187 -9.57 18.86 -11.27
N ILE C 188 -8.69 19.77 -11.64
CA ILE C 188 -7.39 19.85 -10.97
C ILE C 188 -7.56 19.89 -9.45
N ILE C 189 -8.61 20.59 -8.99
CA ILE C 189 -8.96 20.63 -7.58
C ILE C 189 -9.35 19.26 -7.00
N MET C 190 -10.19 18.57 -7.72
CA MET C 190 -10.58 17.24 -7.33
C MET C 190 -9.42 16.24 -7.33
N ALA C 191 -8.42 16.47 -8.17
CA ALA C 191 -7.27 15.58 -8.21
C ALA C 191 -6.45 15.81 -6.98
N ILE C 192 -6.10 17.09 -6.78
CA ILE C 192 -5.32 17.54 -5.65
C ILE C 192 -6.00 17.09 -4.36
N ALA C 193 -7.34 17.19 -4.30
CA ALA C 193 -8.07 16.77 -3.12
C ALA C 193 -7.74 15.33 -2.76
N MET C 194 -7.74 14.47 -3.75
CA MET C 194 -7.44 13.06 -3.51
C MET C 194 -6.03 12.89 -2.98
N VAL C 195 -5.10 13.73 -3.39
CA VAL C 195 -3.76 13.72 -2.80
C VAL C 195 -3.81 14.23 -1.36
N HIS C 196 -4.55 15.31 -1.14
CA HIS C 196 -4.76 15.88 0.19
C HIS C 196 -5.23 14.82 1.20
N LEU C 197 -6.14 13.94 0.76
CA LEU C 197 -6.58 12.80 1.57
C LEU C 197 -5.53 11.69 1.67
N LEU C 198 -4.90 11.40 0.54
CA LEU C 198 -3.84 10.38 0.44
C LEU C 198 -2.77 10.59 1.49
N PHE C 199 -2.46 11.85 1.78
CA PHE C 199 -1.49 12.19 2.83
C PHE C 199 -2.10 12.16 4.22
N LEU C 200 -3.34 12.61 4.33
CA LEU C 200 -4.00 12.56 5.62
C LEU C 200 -4.07 11.11 6.13
N HIS C 201 -4.45 10.17 5.27
CA HIS C 201 -4.65 8.79 5.72
C HIS C 201 -3.37 8.09 6.10
N GLU C 202 -2.22 8.69 5.81
CA GLU C 202 -0.95 8.22 6.35
C GLU C 202 -0.96 8.30 7.85
N THR C 203 -1.58 9.35 8.39
CA THR C 203 -1.57 9.65 9.84
C THR C 203 -2.93 9.42 10.53
N GLY C 204 -4.04 9.41 9.80
CA GLY C 204 -5.37 9.44 10.43
C GLY C 204 -5.65 10.84 10.99
N SER C 205 -6.89 11.11 11.36
CA SER C 205 -7.28 12.47 11.77
C SER C 205 -6.75 12.90 13.14
N ASN C 206 -6.52 14.20 13.29
CA ASN C 206 -6.35 14.83 14.59
C ASN C 206 -7.66 14.72 15.39
N ASN C 207 -7.62 15.08 16.68
CA ASN C 207 -8.85 15.27 17.47
C ASN C 207 -8.74 16.48 18.43
N PRO C 208 -9.89 16.92 18.99
CA PRO C 208 -9.96 18.18 19.75
C PRO C 208 -9.02 18.29 20.92
N THR C 209 -8.70 17.15 21.54
CA THR C 209 -7.75 17.14 22.68
C THR C 209 -6.33 17.49 22.23
N GLY C 210 -5.96 16.99 21.06
CA GLY C 210 -4.59 17.05 20.58
C GLY C 210 -3.76 15.86 21.03
N ILE C 211 -4.40 14.84 21.57
CA ILE C 211 -3.72 13.70 22.19
C ILE C 211 -3.91 12.40 21.40
N SER C 212 -2.81 11.82 20.94
CA SER C 212 -2.84 10.56 20.16
C SER C 212 -3.97 9.61 20.55
N SER C 213 -4.88 9.34 19.61
CA SER C 213 -6.09 8.55 19.88
C SER C 213 -6.04 7.09 19.42
N ASP C 214 -4.84 6.58 19.17
CA ASP C 214 -4.69 5.19 18.76
C ASP C 214 -5.16 4.23 19.86
N VAL C 215 -5.19 4.72 21.09
CA VAL C 215 -5.72 3.94 22.19
C VAL C 215 -7.26 3.78 22.12
N ASP C 216 -7.93 4.58 21.29
CA ASP C 216 -9.39 4.58 21.26
C ASP C 216 -9.95 4.99 19.91
N LYS C 217 -9.98 4.03 19.00
CA LYS C 217 -10.45 4.25 17.63
C LYS C 217 -11.77 3.55 17.33
N ILE C 218 -12.48 4.05 16.32
CA ILE C 218 -13.72 3.41 15.87
C ILE C 218 -13.86 3.46 14.33
N PRO C 219 -14.51 2.43 13.77
CA PRO C 219 -14.65 2.38 12.35
C PRO C 219 -15.40 3.58 11.84
N PHE C 220 -14.86 4.19 10.82
CA PHE C 220 -15.55 5.26 10.13
C PHE C 220 -17.00 4.89 9.89
N HIS C 221 -17.23 3.65 9.56
CA HIS C 221 -18.59 3.20 9.34
C HIS C 221 -18.96 2.18 10.37
N PRO C 222 -20.10 2.33 11.05
CA PRO C 222 -21.21 3.13 10.61
C PRO C 222 -21.31 4.51 11.24
N TYR C 223 -20.35 4.85 12.09
CA TYR C 223 -20.48 6.02 12.94
C TYR C 223 -20.40 7.36 12.18
N TYR C 224 -19.24 7.62 11.58
CA TYR C 224 -19.01 8.90 10.92
C TYR C 224 -19.68 9.00 9.54
N THR C 225 -20.23 7.90 9.02
CA THR C 225 -20.98 8.03 7.81
C THR C 225 -22.27 8.74 8.17
N ILE C 226 -23.02 8.14 9.10
CA ILE C 226 -24.29 8.70 9.53
C ILE C 226 -24.15 10.13 10.10
N LYS C 227 -23.08 10.37 10.86
CA LYS C 227 -22.77 11.73 11.32
C LYS C 227 -22.63 12.66 10.13
N ASP C 228 -21.87 12.24 9.12
CA ASP C 228 -21.67 13.06 7.93
C ASP C 228 -22.92 13.24 7.05
N ILE C 229 -23.77 12.22 6.95
CA ILE C 229 -25.01 12.34 6.18
C ILE C 229 -25.89 13.44 6.78
N LEU C 230 -26.09 13.36 8.08
CA LEU C 230 -26.75 14.43 8.84
C LEU C 230 -26.12 15.81 8.52
N GLY C 231 -24.81 15.90 8.70
CA GLY C 231 -24.06 17.10 8.41
C GLY C 231 -24.29 17.68 7.01
N ALA C 232 -24.37 16.81 6.01
CA ALA C 232 -24.64 17.24 4.63
C ALA C 232 -26.07 17.75 4.47
N LEU C 233 -27.00 17.00 5.02
CA LEU C 233 -28.39 17.41 5.06
C LEU C 233 -28.54 18.88 5.56
N LEU C 234 -27.80 19.26 6.62
CA LEU C 234 -27.82 20.63 7.15
C LEU C 234 -27.30 21.65 6.15
N LEU C 235 -26.15 21.38 5.56
CA LEU C 235 -25.60 22.20 4.48
C LEU C 235 -26.62 22.38 3.37
N ILE C 236 -27.25 21.28 2.97
CA ILE C 236 -28.29 21.32 1.93
C ILE C 236 -29.44 22.23 2.35
N LEU C 237 -29.83 22.16 3.62
CA LEU C 237 -30.80 23.10 4.18
C LEU C 237 -30.35 24.56 4.02
N ALA C 238 -29.16 24.87 4.54
CA ALA C 238 -28.61 26.22 4.50
C ALA C 238 -28.59 26.73 3.07
N LEU C 239 -28.13 25.89 2.14
CA LEU C 239 -28.11 26.24 0.72
C LEU C 239 -29.51 26.50 0.20
N MET C 240 -30.41 25.55 0.41
CA MET C 240 -31.76 25.70 -0.12
C MET C 240 -32.54 26.88 0.49
N LEU C 241 -32.28 27.23 1.74
CA LEU C 241 -32.86 28.44 2.31
C LEU C 241 -32.41 29.67 1.51
N LEU C 242 -31.12 29.84 1.33
CA LEU C 242 -30.62 30.90 0.46
C LEU C 242 -31.24 30.84 -0.93
N VAL C 243 -31.21 29.68 -1.58
CA VAL C 243 -31.63 29.59 -2.98
C VAL C 243 -33.13 29.90 -3.13
N LEU C 244 -33.94 29.31 -2.26
CA LEU C 244 -35.41 29.42 -2.36
C LEU C 244 -36.05 30.65 -1.67
N PHE C 245 -35.35 31.26 -0.74
CA PHE C 245 -35.88 32.37 0.04
C PHE C 245 -35.11 33.66 -0.14
N ALA C 246 -33.78 33.62 -0.13
CA ALA C 246 -32.98 34.84 -0.27
C ALA C 246 -31.89 34.71 -1.36
N PRO C 247 -32.31 34.39 -2.60
CA PRO C 247 -31.39 33.99 -3.67
C PRO C 247 -30.42 35.05 -4.09
N ASP C 248 -30.74 36.32 -3.83
CA ASP C 248 -29.81 37.42 -4.11
C ASP C 248 -29.16 38.02 -2.86
N LEU C 249 -29.35 37.38 -1.71
CA LEU C 249 -28.84 37.87 -0.42
C LEU C 249 -27.35 38.16 -0.41
N LEU C 250 -26.57 37.23 -0.94
CA LEU C 250 -25.11 37.38 -0.98
C LEU C 250 -24.59 37.98 -2.31
N GLY C 251 -25.49 38.39 -3.19
CA GLY C 251 -25.12 38.94 -4.50
C GLY C 251 -25.13 40.46 -4.53
N ASP C 252 -24.37 41.02 -5.47
CA ASP C 252 -24.35 42.46 -5.71
C ASP C 252 -25.32 42.78 -6.86
N PRO C 253 -26.16 43.81 -6.71
CA PRO C 253 -27.15 44.15 -7.72
C PRO C 253 -26.60 44.75 -9.01
N ASP C 254 -25.48 45.48 -8.93
CA ASP C 254 -24.87 46.08 -10.13
C ASP C 254 -24.64 45.04 -11.23
N ASN C 255 -24.41 43.78 -10.84
CA ASN C 255 -24.16 42.70 -11.79
C ASN C 255 -25.41 42.22 -12.55
N TYR C 256 -26.56 42.82 -12.26
CA TYR C 256 -27.77 42.65 -13.07
C TYR C 256 -27.88 43.71 -14.18
N THR C 257 -26.91 44.63 -14.29
CA THR C 257 -26.82 45.52 -15.45
C THR C 257 -25.57 45.18 -16.27
N PRO C 258 -25.76 44.87 -17.56
CA PRO C 258 -24.65 44.42 -18.42
C PRO C 258 -23.43 45.33 -18.37
N ALA C 259 -22.27 44.72 -18.46
CA ALA C 259 -21.01 45.41 -18.30
C ALA C 259 -20.93 46.56 -19.26
N ASN C 260 -20.26 47.62 -18.86
CA ASN C 260 -20.05 48.78 -19.71
C ASN C 260 -18.68 49.40 -19.40
N PRO C 261 -17.69 49.19 -20.28
CA PRO C 261 -16.32 49.73 -20.09
C PRO C 261 -16.16 51.24 -20.10
N LEU C 262 -17.27 51.98 -20.20
CA LEU C 262 -17.26 53.44 -20.27
C LEU C 262 -17.80 54.11 -19.02
N ASN C 263 -18.53 53.38 -18.19
CA ASN C 263 -19.17 53.97 -17.02
C ASN C 263 -18.93 53.09 -15.79
N THR C 264 -18.09 53.57 -14.88
CA THR C 264 -17.68 52.76 -13.73
C THR C 264 -18.71 52.85 -12.62
N PRO C 265 -19.05 51.70 -11.99
CA PRO C 265 -19.96 51.70 -10.84
C PRO C 265 -19.42 52.50 -9.65
N PRO C 266 -20.29 52.82 -8.70
CA PRO C 266 -19.88 53.73 -7.63
C PRO C 266 -19.04 53.04 -6.58
N HIS C 267 -19.53 51.89 -6.09
CA HIS C 267 -18.82 51.13 -5.04
C HIS C 267 -18.42 49.74 -5.53
N ILE C 268 -17.26 49.70 -6.17
CA ILE C 268 -16.70 48.50 -6.78
C ILE C 268 -16.10 47.64 -5.66
N LYS C 269 -16.50 46.38 -5.59
CA LYS C 269 -16.02 45.53 -4.52
C LYS C 269 -16.06 44.05 -4.87
N PRO C 270 -14.97 43.33 -4.59
CA PRO C 270 -14.96 41.91 -4.85
C PRO C 270 -15.99 41.19 -3.98
N GLU C 271 -16.52 40.07 -4.47
CA GLU C 271 -17.56 39.31 -3.75
C GLU C 271 -17.12 38.96 -2.32
N TRP C 272 -18.08 38.70 -1.43
CA TRP C 272 -17.85 38.78 0.03
C TRP C 272 -16.65 38.03 0.58
N TYR C 273 -16.44 36.79 0.13
CA TYR C 273 -15.34 35.95 0.63
C TYR C 273 -13.95 36.45 0.37
N PHE C 274 -13.80 37.46 -0.48
CA PHE C 274 -12.52 38.13 -0.68
C PHE C 274 -12.35 39.43 0.09
N LEU C 275 -13.42 40.02 0.60
CA LEU C 275 -13.36 41.36 1.19
C LEU C 275 -12.28 41.55 2.25
N PHE C 276 -12.04 40.53 3.08
CA PHE C 276 -11.01 40.69 4.11
C PHE C 276 -9.65 41.14 3.54
N ALA C 277 -9.29 40.64 2.35
CA ALA C 277 -7.98 40.88 1.79
C ALA C 277 -7.95 42.18 1.05
N TYR C 278 -9.10 42.52 0.46
CA TYR C 278 -9.30 43.80 -0.22
C TYR C 278 -9.00 44.90 0.78
N ALA C 279 -9.53 44.77 2.00
CA ALA C 279 -9.24 45.69 3.11
C ALA C 279 -7.74 45.80 3.44
N ILE C 280 -7.10 44.65 3.64
CA ILE C 280 -5.68 44.62 3.95
C ILE C 280 -4.90 45.30 2.84
N LEU C 281 -5.32 45.07 1.59
CA LEU C 281 -4.71 45.69 0.42
C LEU C 281 -4.81 47.21 0.45
N ARG C 282 -6.03 47.67 0.76
CA ARG C 282 -6.33 49.10 0.83
C ARG C 282 -5.72 49.79 2.05
N SER C 283 -5.39 49.04 3.11
CA SER C 283 -4.65 49.58 4.26
C SER C 283 -3.39 50.28 3.80
N ILE C 284 -2.58 49.55 3.06
CA ILE C 284 -1.30 50.02 2.60
C ILE C 284 -1.47 51.04 1.48
N PRO C 285 -0.87 52.22 1.64
CA PRO C 285 -0.93 53.27 0.64
C PRO C 285 -0.17 52.90 -0.65
N ASN C 286 0.98 52.24 -0.52
CA ASN C 286 1.78 51.81 -1.68
C ASN C 286 1.09 50.71 -2.51
N LYS C 287 1.17 50.84 -3.83
CA LYS C 287 0.58 49.87 -4.76
C LYS C 287 1.13 48.46 -4.58
N LEU C 288 2.45 48.33 -4.66
CA LEU C 288 3.12 47.03 -4.56
C LEU C 288 2.95 46.50 -3.16
N GLY C 289 3.26 47.34 -2.18
CA GLY C 289 3.02 47.02 -0.79
C GLY C 289 1.66 46.38 -0.60
N GLY C 290 0.63 47.02 -1.14
CA GLY C 290 -0.71 46.44 -1.10
C GLY C 290 -0.77 45.02 -1.66
N VAL C 291 -0.21 44.82 -2.85
CA VAL C 291 -0.21 43.54 -3.51
C VAL C 291 0.52 42.50 -2.67
N LEU C 292 1.75 42.80 -2.28
CA LEU C 292 2.51 41.87 -1.42
C LEU C 292 1.77 41.56 -0.11
N ALA C 293 1.21 42.58 0.52
CA ALA C 293 0.38 42.40 1.71
C ALA C 293 -0.78 41.44 1.44
N LEU C 294 -1.58 41.76 0.44
CA LEU C 294 -2.68 40.88 0.03
C LEU C 294 -2.24 39.41 -0.22
N ALA C 295 -1.02 39.24 -0.75
CA ALA C 295 -0.48 37.90 -0.96
C ALA C 295 -0.20 37.26 0.38
N PHE C 296 0.60 37.93 1.21
CA PHE C 296 0.98 37.41 2.51
C PHE C 296 -0.29 37.06 3.30
N SER C 297 -1.32 37.89 3.18
CA SER C 297 -2.59 37.70 3.91
C SER C 297 -3.20 36.31 3.72
N ILE C 298 -2.87 35.67 2.60
CA ILE C 298 -3.31 34.30 2.31
C ILE C 298 -2.19 33.28 2.52
N LEU C 299 -0.99 33.59 2.02
CA LEU C 299 0.15 32.65 2.10
C LEU C 299 0.75 32.49 3.47
N ILE C 300 0.52 33.43 4.39
CA ILE C 300 0.96 33.26 5.78
C ILE C 300 0.44 31.95 6.41
N LEU C 301 -0.67 31.42 5.89
CA LEU C 301 -1.14 30.10 6.24
C LEU C 301 -0.04 29.04 6.16
N ALA C 302 0.89 29.22 5.23
CA ALA C 302 1.98 28.26 5.02
C ALA C 302 3.08 28.42 6.04
N LEU C 303 3.26 29.64 6.52
CA LEU C 303 4.16 29.92 7.65
C LEU C 303 3.70 29.38 9.03
N ILE C 304 2.38 29.39 9.28
CA ILE C 304 1.76 29.03 10.58
C ILE C 304 2.47 27.87 11.29
N PRO C 305 2.74 26.76 10.57
CA PRO C 305 3.31 25.60 11.26
C PRO C 305 4.68 25.87 11.87
N LEU C 306 5.41 26.83 11.32
CA LEU C 306 6.71 27.16 11.89
C LEU C 306 6.58 28.07 13.09
N LEU C 307 5.40 28.60 13.35
CA LEU C 307 5.21 29.50 14.49
C LEU C 307 4.60 28.80 15.72
N HIS C 308 4.41 27.49 15.62
CA HIS C 308 3.88 26.73 16.74
C HIS C 308 4.94 26.68 17.84
N THR C 309 4.50 26.83 19.09
CA THR C 309 5.42 26.88 20.23
C THR C 309 4.92 26.11 21.45
N SER C 310 3.62 26.09 21.71
CA SER C 310 3.14 25.38 22.88
C SER C 310 3.46 23.91 22.79
N LYS C 311 3.84 23.30 23.92
CA LYS C 311 4.14 21.87 23.96
C LYS C 311 2.84 21.06 23.92
N GLN C 312 1.71 21.75 24.00
CA GLN C 312 0.41 21.15 23.72
C GLN C 312 0.05 21.53 22.30
N ARG C 313 -0.53 20.56 21.60
CA ARG C 313 -0.86 20.66 20.18
C ARG C 313 -2.10 21.50 19.93
N SER C 314 -3.16 21.15 20.65
CA SER C 314 -4.47 21.76 20.53
C SER C 314 -4.58 22.96 21.46
N MET C 315 -5.47 23.89 21.13
CA MET C 315 -5.75 25.04 21.96
C MET C 315 -6.70 24.71 23.10
N MET C 316 -7.33 23.53 23.04
CA MET C 316 -8.29 23.10 24.07
C MET C 316 -7.80 23.44 25.47
N PHE C 317 -6.55 23.08 25.78
CA PHE C 317 -5.99 23.34 27.11
C PHE C 317 -5.07 24.58 27.14
N ARG C 318 -5.46 25.61 26.40
CA ARG C 318 -4.61 26.79 26.19
C ARG C 318 -5.42 28.08 26.18
N PRO C 319 -5.67 28.65 27.37
CA PRO C 319 -6.49 29.82 27.55
C PRO C 319 -6.03 31.04 26.79
N LEU C 320 -4.78 31.44 26.97
CA LEU C 320 -4.31 32.66 26.30
C LEU C 320 -4.60 32.52 24.82
N SER C 321 -3.97 31.53 24.18
CA SER C 321 -4.18 31.23 22.75
C SER C 321 -5.66 31.27 22.35
N GLN C 322 -6.49 30.52 23.06
CA GLN C 322 -7.94 30.57 22.85
C GLN C 322 -8.50 31.97 22.58
N CYS C 323 -8.09 32.93 23.38
CA CYS C 323 -8.62 34.29 23.25
C CYS C 323 -8.09 34.95 22.00
N LEU C 324 -6.77 34.98 21.88
CA LEU C 324 -6.12 35.55 20.72
C LEU C 324 -6.70 34.99 19.42
N PHE C 325 -7.06 33.70 19.43
CA PHE C 325 -7.70 33.10 18.28
C PHE C 325 -9.00 33.84 18.00
N TRP C 326 -9.92 33.83 18.95
CA TRP C 326 -11.19 34.49 18.72
C TRP C 326 -11.03 35.97 18.37
N ALA C 327 -9.99 36.59 18.92
CA ALA C 327 -9.56 37.92 18.48
C ALA C 327 -9.25 37.94 16.97
N LEU C 328 -8.45 37.00 16.50
CA LEU C 328 -8.22 36.84 15.07
C LEU C 328 -9.54 36.74 14.29
N VAL C 329 -10.41 35.80 14.65
CA VAL C 329 -11.68 35.64 13.93
C VAL C 329 -12.45 36.95 13.87
N ALA C 330 -12.52 37.63 15.02
CA ALA C 330 -13.29 38.87 15.14
C ALA C 330 -12.68 39.99 14.27
N ASP C 331 -11.35 40.03 14.26
CA ASP C 331 -10.59 40.96 13.40
C ASP C 331 -10.87 40.69 11.92
N LEU C 332 -11.01 39.41 11.56
CA LEU C 332 -11.36 39.03 10.18
C LEU C 332 -12.74 39.53 9.85
N LEU C 333 -13.68 39.27 10.75
CA LEU C 333 -15.03 39.82 10.64
C LEU C 333 -15.02 41.34 10.45
N THR C 334 -14.17 42.03 11.22
CA THR C 334 -13.97 43.46 11.07
C THR C 334 -13.44 43.85 9.71
N LEU C 335 -12.35 43.22 9.29
CA LEU C 335 -11.75 43.52 8.01
C LEU C 335 -12.74 43.24 6.90
N THR C 336 -13.50 42.16 7.02
CA THR C 336 -14.56 41.83 6.06
C THR C 336 -15.61 42.97 5.92
N TRP C 337 -16.09 43.46 7.06
CA TRP C 337 -16.96 44.64 7.12
C TRP C 337 -16.28 45.87 6.47
N ILE C 338 -15.09 46.23 6.97
CA ILE C 338 -14.29 47.39 6.48
C ILE C 338 -14.07 47.34 4.99
N GLY C 339 -13.95 46.14 4.42
CA GLY C 339 -13.74 45.95 2.99
C GLY C 339 -14.98 46.23 2.16
N GLY C 340 -16.14 45.98 2.77
CA GLY C 340 -17.42 46.29 2.16
C GLY C 340 -17.75 47.77 2.07
N GLN C 341 -17.15 48.60 2.93
CA GLN C 341 -17.43 50.05 2.98
C GLN C 341 -16.53 50.89 2.07
N PRO C 342 -17.01 52.09 1.68
CA PRO C 342 -16.16 53.01 0.94
C PRO C 342 -14.97 53.42 1.78
N VAL C 343 -13.95 53.98 1.13
CA VAL C 343 -12.67 54.22 1.78
C VAL C 343 -12.69 55.64 2.31
N GLU C 344 -13.49 55.85 3.33
CA GLU C 344 -13.63 57.15 3.96
C GLU C 344 -13.58 57.01 5.48
N HIS C 345 -13.33 58.11 6.16
CA HIS C 345 -13.26 58.13 7.62
C HIS C 345 -14.55 57.56 8.26
N PRO C 346 -14.44 56.81 9.36
CA PRO C 346 -13.18 56.39 9.99
C PRO C 346 -12.62 55.07 9.43
N TYR C 347 -13.30 54.51 8.43
CA TYR C 347 -13.01 53.18 7.91
C TYR C 347 -11.57 52.95 7.50
N ILE C 348 -10.86 54.01 7.13
CA ILE C 348 -9.48 53.87 6.70
C ILE C 348 -8.57 53.57 7.91
N THR C 349 -8.85 54.21 9.05
CA THR C 349 -8.06 53.98 10.27
C THR C 349 -8.41 52.65 10.94
N ILE C 350 -9.68 52.32 10.97
CA ILE C 350 -10.11 51.01 11.45
C ILE C 350 -9.45 49.93 10.59
N GLY C 351 -9.49 50.15 9.28
CA GLY C 351 -8.71 49.34 8.33
C GLY C 351 -7.25 49.17 8.73
N GLN C 352 -6.51 50.28 8.87
CA GLN C 352 -5.10 50.22 9.28
C GLN C 352 -4.93 49.24 10.44
N LEU C 353 -5.64 49.52 11.52
CA LEU C 353 -5.38 48.88 12.79
C LEU C 353 -5.73 47.42 12.73
N ALA C 354 -6.88 47.10 12.13
CA ALA C 354 -7.26 45.72 11.85
C ALA C 354 -6.20 44.96 11.05
N SER C 355 -5.70 45.58 9.98
CA SER C 355 -4.61 44.99 9.21
C SER C 355 -3.36 44.75 10.05
N VAL C 356 -2.86 45.77 10.73
CA VAL C 356 -1.67 45.58 11.54
C VAL C 356 -1.95 44.50 12.59
N LEU C 357 -3.16 44.50 13.12
CA LEU C 357 -3.58 43.54 14.17
C LEU C 357 -3.55 42.07 13.70
N TYR C 358 -4.14 41.80 12.53
CA TYR C 358 -4.03 40.51 11.85
C TYR C 358 -2.60 39.96 11.96
N PHE C 359 -1.66 40.64 11.32
CA PHE C 359 -0.30 40.13 11.21
C PHE C 359 0.38 40.08 12.57
N LEU C 360 0.15 41.09 13.40
CA LEU C 360 0.68 41.14 14.75
C LEU C 360 0.24 39.91 15.54
N LEU C 361 -1.07 39.63 15.55
CA LEU C 361 -1.59 38.44 16.20
C LEU C 361 -0.81 37.20 15.81
N ILE C 362 -0.77 36.90 14.52
CA ILE C 362 -0.20 35.65 14.02
C ILE C 362 1.30 35.48 14.20
N LEU C 363 2.04 36.54 13.91
CA LEU C 363 3.50 36.52 13.94
C LEU C 363 4.07 36.82 15.30
N VAL C 364 3.52 37.79 16.02
CA VAL C 364 4.07 38.16 17.32
C VAL C 364 3.33 37.51 18.51
N LEU C 365 2.04 37.78 18.65
CA LEU C 365 1.33 37.46 19.89
C LEU C 365 1.01 35.97 20.09
N MET C 366 0.40 35.33 19.10
CA MET C 366 0.01 33.92 19.24
C MET C 366 1.18 32.99 19.57
N PRO C 367 2.36 33.22 18.97
CA PRO C 367 3.53 32.43 19.35
C PRO C 367 4.01 32.70 20.77
N THR C 368 3.93 33.96 21.18
CA THR C 368 4.29 34.34 22.53
C THR C 368 3.34 33.72 23.56
N ALA C 369 2.05 33.87 23.32
CA ALA C 369 1.03 33.26 24.18
C ALA C 369 1.44 31.84 24.49
N GLY C 370 1.76 31.08 23.44
CA GLY C 370 2.17 29.68 23.57
C GLY C 370 3.38 29.45 24.44
N THR C 371 4.35 30.35 24.32
CA THR C 371 5.60 30.30 25.10
C THR C 371 5.32 30.52 26.58
N ILE C 372 4.74 31.67 26.91
CA ILE C 372 4.28 32.00 28.26
C ILE C 372 3.48 30.83 28.84
N GLU C 373 2.49 30.39 28.08
CA GLU C 373 1.65 29.29 28.46
C GLU C 373 2.46 28.14 29.00
N ASN C 374 3.57 27.82 28.33
CA ASN C 374 4.42 26.71 28.77
C ASN C 374 5.14 27.05 30.07
N LYS C 375 5.73 28.24 30.12
CA LYS C 375 6.40 28.72 31.31
C LYS C 375 5.48 28.61 32.53
N LEU C 376 4.18 28.85 32.38
CA LEU C 376 3.21 28.67 33.49
C LEU C 376 2.94 27.20 33.91
N LEU C 377 3.21 26.24 33.02
CA LEU C 377 3.06 24.81 33.33
C LEU C 377 4.41 24.13 33.62
N LYS C 378 5.50 24.92 33.56
CA LYS C 378 6.90 24.46 33.76
C LYS C 378 7.50 23.67 32.61
N TRP C 379 6.96 23.95 31.43
CA TRP C 379 7.44 23.47 30.15
C TRP C 379 8.43 24.45 29.46
N ASP D 26 -23.92 63.80 -2.77
CA ASP D 26 -23.18 63.05 -1.70
C ASP D 26 -23.98 62.73 -0.40
N LEU D 27 -25.23 63.19 -0.32
CA LEU D 27 -26.19 62.69 0.69
C LEU D 27 -27.22 61.82 -0.03
N GLU D 28 -27.75 60.81 0.65
CA GLU D 28 -28.77 59.97 -0.01
C GLU D 28 -29.82 59.49 0.95
N LEU D 29 -31.07 59.50 0.47
CA LEU D 29 -32.24 59.14 1.26
C LEU D 29 -32.67 57.71 0.94
N HIS D 30 -32.64 56.82 1.92
CA HIS D 30 -32.98 55.43 1.66
C HIS D 30 -34.49 55.24 1.68
N PRO D 31 -35.01 54.37 0.80
CA PRO D 31 -36.43 54.06 0.80
C PRO D 31 -36.94 53.49 2.12
N PRO D 32 -38.26 53.53 2.31
CA PRO D 32 -38.92 52.91 3.45
C PRO D 32 -39.38 51.51 3.07
N SER D 33 -40.08 50.84 3.98
CA SER D 33 -40.47 49.44 3.77
C SER D 33 -41.96 49.29 3.53
N TYR D 34 -42.41 49.61 2.32
CA TYR D 34 -43.81 49.50 1.98
C TYR D 34 -44.13 48.00 1.98
N PRO D 35 -45.22 47.57 2.64
CA PRO D 35 -45.44 46.14 2.77
C PRO D 35 -46.34 45.63 1.65
N TRP D 36 -45.71 44.96 0.69
CA TRP D 36 -46.35 44.45 -0.54
C TRP D 36 -47.04 43.13 -0.20
N SER D 37 -48.07 42.78 -0.97
CA SER D 37 -48.81 41.52 -0.76
C SER D 37 -47.92 40.29 -0.87
N HIS D 38 -46.77 40.47 -1.52
CA HIS D 38 -45.81 39.39 -1.80
C HIS D 38 -44.54 39.46 -0.96
N ARG D 39 -44.57 40.23 0.12
CA ARG D 39 -43.37 40.49 0.92
C ARG D 39 -42.92 39.31 1.73
N GLY D 40 -43.84 38.74 2.52
CA GLY D 40 -43.50 37.63 3.43
C GLY D 40 -42.98 36.40 2.71
N LEU D 41 -42.19 35.61 3.42
CA LEU D 41 -41.41 34.55 2.78
C LEU D 41 -42.22 33.45 2.05
N LEU D 42 -43.50 33.28 2.41
CA LEU D 42 -44.36 32.37 1.65
C LEU D 42 -45.39 33.08 0.73
N SER D 43 -45.42 34.41 0.82
CA SER D 43 -46.37 35.25 0.07
C SER D 43 -46.06 35.38 -1.42
N SER D 44 -47.04 35.04 -2.27
CA SER D 44 -46.87 35.05 -3.73
C SER D 44 -47.16 36.40 -4.30
N LEU D 45 -46.83 36.59 -5.58
CA LEU D 45 -47.23 37.81 -6.28
C LEU D 45 -48.74 37.83 -6.55
N ASP D 46 -49.29 39.04 -6.67
CA ASP D 46 -50.73 39.27 -6.91
C ASP D 46 -50.99 39.49 -8.40
N HIS D 47 -51.43 38.42 -9.05
CA HIS D 47 -51.43 38.37 -10.53
C HIS D 47 -52.35 39.41 -11.19
N THR D 48 -53.39 39.80 -10.47
CA THR D 48 -54.26 40.89 -10.90
C THR D 48 -53.46 42.18 -10.99
N SER D 49 -52.64 42.44 -9.96
CA SER D 49 -51.80 43.66 -9.92
C SER D 49 -50.66 43.61 -10.92
N ILE D 50 -50.14 42.41 -11.18
CA ILE D 50 -49.21 42.24 -12.30
C ILE D 50 -49.89 42.65 -13.60
N ARG D 51 -51.09 42.10 -13.82
CA ARG D 51 -51.90 42.36 -15.02
C ARG D 51 -52.07 43.86 -15.24
N ARG D 52 -52.41 44.55 -14.16
CA ARG D 52 -52.63 45.98 -14.24
C ARG D 52 -51.30 46.68 -14.51
N GLY D 53 -50.29 46.30 -13.73
CA GLY D 53 -48.93 46.81 -13.93
C GLY D 53 -48.45 46.71 -15.36
N PHE D 54 -48.77 45.60 -16.03
CA PHE D 54 -48.39 45.41 -17.43
C PHE D 54 -48.89 46.56 -18.31
N GLN D 55 -50.18 46.88 -18.16
CA GLN D 55 -50.81 47.95 -18.92
C GLN D 55 -50.07 49.27 -18.64
N VAL D 56 -49.70 49.50 -17.37
CA VAL D 56 -48.95 50.71 -17.02
C VAL D 56 -47.67 50.82 -17.83
N TYR D 57 -46.94 49.72 -17.98
CA TYR D 57 -45.76 49.70 -18.85
C TYR D 57 -46.13 49.99 -20.30
N LYS D 58 -47.04 49.18 -20.84
CA LYS D 58 -47.44 49.28 -22.25
C LYS D 58 -47.94 50.66 -22.62
N GLN D 59 -48.66 51.33 -21.71
CA GLN D 59 -49.18 52.68 -21.96
C GLN D 59 -48.14 53.75 -21.66
N VAL D 60 -47.61 53.76 -20.44
CA VAL D 60 -46.85 54.92 -19.95
C VAL D 60 -45.37 54.91 -20.33
N CYS D 61 -44.71 53.75 -20.25
CA CYS D 61 -43.23 53.67 -20.43
C CYS D 61 -42.72 52.92 -21.65
N SER D 62 -43.51 52.05 -22.26
CA SER D 62 -43.05 51.33 -23.45
C SER D 62 -42.55 52.27 -24.58
N SER D 63 -42.69 53.59 -24.39
CA SER D 63 -42.19 54.56 -25.36
C SER D 63 -40.81 55.11 -25.04
N CYS D 64 -40.25 54.74 -23.90
CA CYS D 64 -38.85 55.09 -23.60
C CYS D 64 -38.04 54.01 -22.89
N HIS D 65 -38.73 53.03 -22.31
CA HIS D 65 -38.06 51.99 -21.58
C HIS D 65 -38.25 50.68 -22.29
N SER D 66 -37.11 50.09 -22.67
CA SER D 66 -37.09 48.76 -23.26
C SER D 66 -37.25 47.71 -22.16
N MET D 67 -37.95 46.63 -22.45
CA MET D 67 -37.99 45.47 -21.57
C MET D 67 -37.61 44.27 -22.42
N ASP D 68 -36.31 44.18 -22.68
CA ASP D 68 -35.73 43.35 -23.75
C ASP D 68 -35.92 41.86 -23.56
N TYR D 69 -36.06 41.43 -22.31
CA TYR D 69 -36.07 40.01 -21.98
C TYR D 69 -37.47 39.43 -21.70
N VAL D 70 -38.52 40.18 -22.00
CA VAL D 70 -39.89 39.64 -21.88
C VAL D 70 -40.53 39.54 -23.26
N ALA D 71 -41.44 38.59 -23.42
CA ALA D 71 -42.16 38.36 -24.67
C ALA D 71 -43.60 38.01 -24.34
N TYR D 72 -44.48 38.20 -25.31
CA TYR D 72 -45.89 38.16 -25.04
C TYR D 72 -46.25 36.81 -24.46
N ARG D 73 -45.66 35.74 -24.99
CA ARG D 73 -45.92 34.40 -24.46
C ARG D 73 -45.69 34.29 -22.96
N HIS D 74 -44.69 35.01 -22.44
CA HIS D 74 -44.38 35.00 -21.02
C HIS D 74 -45.58 35.37 -20.18
N LEU D 75 -46.41 36.27 -20.71
CA LEU D 75 -47.61 36.73 -20.00
C LEU D 75 -48.64 35.61 -19.85
N VAL D 76 -48.72 34.71 -20.83
CA VAL D 76 -49.76 33.67 -20.82
C VAL D 76 -49.67 32.82 -19.54
N GLY D 77 -50.82 32.63 -18.88
CA GLY D 77 -50.90 31.84 -17.66
C GLY D 77 -50.46 32.58 -16.40
N VAL D 78 -49.97 33.82 -16.57
CA VAL D 78 -49.56 34.70 -15.47
C VAL D 78 -50.67 35.71 -15.18
N CYS D 79 -50.86 36.64 -16.12
CA CYS D 79 -51.84 37.68 -15.96
C CYS D 79 -52.78 37.81 -17.16
N TYR D 80 -52.57 36.99 -18.20
CA TYR D 80 -53.40 37.04 -19.41
C TYR D 80 -53.66 35.62 -19.91
N THR D 81 -54.73 35.46 -20.68
CA THR D 81 -54.99 34.20 -21.39
C THR D 81 -54.16 34.19 -22.67
N GLU D 82 -54.13 33.04 -23.34
CA GLU D 82 -53.39 32.92 -24.59
C GLU D 82 -53.96 33.85 -25.66
N ASP D 83 -55.29 33.92 -25.72
CA ASP D 83 -56.01 34.74 -26.70
C ASP D 83 -55.81 36.23 -26.41
N GLU D 84 -55.98 36.61 -25.15
CA GLU D 84 -55.71 37.98 -24.72
C GLU D 84 -54.28 38.39 -25.12
N ALA D 85 -53.31 37.52 -24.84
CA ALA D 85 -51.89 37.77 -25.09
C ALA D 85 -51.53 37.90 -26.57
N LYS D 86 -52.12 37.03 -27.38
CA LYS D 86 -51.95 37.09 -28.83
C LYS D 86 -52.60 38.35 -29.41
N ALA D 87 -53.76 38.72 -28.88
CA ALA D 87 -54.42 39.98 -29.24
C ALA D 87 -53.55 41.18 -28.86
N LEU D 88 -52.86 41.07 -27.72
CA LEU D 88 -51.85 42.06 -27.31
C LEU D 88 -50.67 42.09 -28.27
N ALA D 89 -50.36 40.94 -28.87
CA ALA D 89 -49.27 40.81 -29.84
C ALA D 89 -49.55 41.49 -31.18
N GLU D 90 -50.67 41.10 -31.78
CA GLU D 90 -51.09 41.62 -33.09
C GLU D 90 -51.35 43.13 -33.05
N GLU D 91 -51.53 43.67 -31.86
CA GLU D 91 -51.56 45.12 -31.66
C GLU D 91 -50.28 45.85 -32.13
N VAL D 92 -49.16 45.16 -32.31
CA VAL D 92 -47.91 45.84 -32.72
C VAL D 92 -47.32 45.36 -34.06
N GLU D 93 -46.75 46.31 -34.80
CA GLU D 93 -46.02 46.06 -36.03
C GLU D 93 -44.57 45.80 -35.65
N VAL D 94 -44.09 44.59 -35.94
CA VAL D 94 -42.70 44.22 -35.70
C VAL D 94 -42.04 43.79 -37.00
N GLN D 95 -40.77 44.13 -37.15
CA GLN D 95 -40.03 43.83 -38.38
C GLN D 95 -39.71 42.35 -38.46
N ASP D 96 -39.61 41.86 -39.69
CA ASP D 96 -39.19 40.49 -39.97
C ASP D 96 -38.40 40.48 -41.27
N GLY D 97 -38.25 39.32 -41.91
CA GLY D 97 -37.50 39.23 -43.15
C GLY D 97 -36.12 38.61 -42.94
N PRO D 98 -35.33 38.45 -44.01
CA PRO D 98 -35.66 38.98 -45.34
C PRO D 98 -36.50 38.01 -46.20
N ASN D 99 -37.31 38.60 -47.08
CA ASN D 99 -38.19 37.85 -47.99
C ASN D 99 -37.45 37.40 -49.26
N GLU D 100 -38.19 36.88 -50.25
CA GLU D 100 -37.61 36.43 -51.54
C GLU D 100 -36.66 37.42 -52.22
N ASP D 101 -37.00 38.71 -52.15
CA ASP D 101 -36.21 39.77 -52.80
C ASP D 101 -35.06 40.26 -51.93
N GLY D 102 -34.97 39.76 -50.70
CA GLY D 102 -33.94 40.16 -49.76
C GLY D 102 -34.26 41.52 -49.19
N GLU D 103 -35.47 41.66 -48.64
CA GLU D 103 -35.89 42.92 -48.05
C GLU D 103 -36.72 42.73 -46.79
N MET D 104 -36.46 43.60 -45.82
CA MET D 104 -37.10 43.52 -44.53
C MET D 104 -38.49 44.16 -44.60
N PHE D 105 -39.43 43.58 -43.87
CA PHE D 105 -40.83 44.01 -43.91
C PHE D 105 -41.49 43.81 -42.54
N MET D 106 -42.46 44.68 -42.22
CA MET D 106 -43.18 44.62 -40.94
C MET D 106 -44.33 43.63 -41.03
N ARG D 107 -44.72 43.10 -39.88
CA ARG D 107 -45.86 42.21 -39.77
C ARG D 107 -46.47 42.40 -38.39
N PRO D 108 -47.74 42.01 -38.22
CA PRO D 108 -48.33 42.11 -36.90
C PRO D 108 -47.67 41.10 -35.95
N GLY D 109 -47.54 41.47 -34.67
CA GLY D 109 -46.87 40.64 -33.67
C GLY D 109 -47.54 39.30 -33.41
N LYS D 110 -46.78 38.39 -32.82
CA LYS D 110 -47.30 37.08 -32.40
C LYS D 110 -46.70 36.71 -31.04
N LEU D 111 -47.24 35.66 -30.43
CA LEU D 111 -46.86 35.26 -29.06
C LEU D 111 -45.35 35.26 -28.76
N SER D 112 -44.55 34.81 -29.73
CA SER D 112 -43.11 34.65 -29.55
C SER D 112 -42.26 35.92 -29.77
N ASP D 113 -42.92 37.08 -29.89
CA ASP D 113 -42.20 38.35 -30.07
C ASP D 113 -41.87 39.00 -28.73
N TYR D 114 -40.61 39.41 -28.57
CA TYR D 114 -40.16 40.12 -27.37
C TYR D 114 -40.56 41.60 -27.40
N PHE D 115 -41.11 42.11 -26.29
CA PHE D 115 -41.64 43.47 -26.21
C PHE D 115 -40.81 44.48 -27.03
N PRO D 116 -41.48 45.24 -27.94
CA PRO D 116 -40.79 46.11 -28.89
C PRO D 116 -40.00 47.20 -28.22
N LYS D 117 -39.02 47.72 -28.95
CA LYS D 117 -38.01 48.58 -28.36
C LYS D 117 -38.32 50.04 -28.64
N PRO D 118 -38.22 50.90 -27.62
CA PRO D 118 -38.47 52.32 -27.78
C PRO D 118 -37.55 53.02 -28.77
N TYR D 119 -36.28 52.66 -28.81
CA TYR D 119 -35.38 53.24 -29.82
C TYR D 119 -34.65 52.12 -30.55
N PRO D 120 -33.82 52.49 -31.55
CA PRO D 120 -32.85 51.56 -32.11
C PRO D 120 -31.59 51.37 -31.25
N ASN D 121 -31.13 52.40 -30.56
CA ASN D 121 -29.84 52.29 -29.85
C ASN D 121 -29.58 53.41 -28.82
N PRO D 122 -28.66 53.17 -27.87
CA PRO D 122 -28.40 54.10 -26.77
C PRO D 122 -28.18 55.54 -27.25
N GLU D 123 -27.50 55.67 -28.36
CA GLU D 123 -27.19 56.97 -28.92
C GLU D 123 -28.50 57.69 -29.28
N ALA D 124 -29.42 56.98 -29.93
CA ALA D 124 -30.75 57.52 -30.27
C ALA D 124 -31.56 57.84 -29.01
N ALA D 125 -31.62 56.86 -28.12
CA ALA D 125 -32.33 57.02 -26.84
C ALA D 125 -31.87 58.24 -26.04
N ARG D 126 -30.56 58.49 -26.00
CA ARG D 126 -30.02 59.66 -25.29
C ARG D 126 -30.33 60.95 -26.04
N ALA D 127 -30.05 60.95 -27.34
CA ALA D 127 -30.28 62.13 -28.20
C ALA D 127 -31.74 62.60 -28.15
N ALA D 128 -32.63 61.66 -27.90
CA ALA D 128 -34.03 61.99 -27.76
C ALA D 128 -34.38 62.54 -26.37
N ASN D 129 -33.57 62.26 -25.33
CA ASN D 129 -33.89 62.66 -23.96
C ASN D 129 -32.76 63.43 -23.28
N ASN D 130 -32.34 64.53 -23.89
CA ASN D 130 -31.34 65.43 -23.28
C ASN D 130 -30.14 64.66 -22.73
N GLY D 131 -29.68 63.68 -23.51
CA GLY D 131 -28.44 62.95 -23.22
C GLY D 131 -28.58 61.74 -22.31
N ALA D 132 -29.63 61.69 -21.50
CA ALA D 132 -29.88 60.59 -20.55
C ALA D 132 -30.58 59.39 -21.21
N LEU D 133 -30.13 58.20 -20.85
CA LEU D 133 -30.59 56.96 -21.46
C LEU D 133 -31.52 56.27 -20.50
N PRO D 134 -32.81 56.17 -20.83
CA PRO D 134 -33.68 55.40 -19.95
C PRO D 134 -33.29 53.92 -19.92
N PRO D 135 -32.87 53.41 -18.76
CA PRO D 135 -32.43 52.01 -18.61
C PRO D 135 -33.50 50.96 -18.91
N ASP D 136 -33.06 49.75 -19.25
CA ASP D 136 -33.96 48.64 -19.53
C ASP D 136 -34.60 48.25 -18.20
N LEU D 137 -35.87 47.87 -18.24
CA LEU D 137 -36.63 47.60 -17.01
C LEU D 137 -36.81 46.11 -16.69
N SER D 138 -36.22 45.26 -17.54
CA SER D 138 -36.38 43.83 -17.38
C SER D 138 -35.95 43.45 -15.99
N TYR D 139 -34.73 43.86 -15.64
CA TYR D 139 -34.09 43.51 -14.36
C TYR D 139 -33.89 44.66 -13.37
N ILE D 140 -34.51 45.82 -13.64
CA ILE D 140 -34.28 47.03 -12.84
C ILE D 140 -34.58 46.86 -11.36
N VAL D 141 -35.56 46.01 -11.06
CA VAL D 141 -35.97 45.73 -9.68
C VAL D 141 -34.83 45.06 -8.93
N ARG D 142 -34.05 44.22 -9.60
CA ARG D 142 -32.89 43.58 -8.97
C ARG D 142 -31.57 44.32 -9.23
N ALA D 143 -31.59 45.27 -10.16
CA ALA D 143 -30.39 46.01 -10.50
C ALA D 143 -30.22 47.20 -9.60
N ARG D 144 -31.17 47.43 -8.69
CA ARG D 144 -31.09 48.56 -7.78
C ARG D 144 -31.36 48.10 -6.35
N HIS D 145 -30.64 48.70 -5.39
CA HIS D 145 -30.77 48.39 -3.94
C HIS D 145 -32.13 48.89 -3.48
N GLY D 146 -32.89 48.08 -2.75
CA GLY D 146 -34.21 48.49 -2.30
C GLY D 146 -35.34 47.97 -3.18
N GLY D 147 -35.10 47.88 -4.48
CA GLY D 147 -35.99 47.14 -5.39
C GLY D 147 -37.25 47.90 -5.66
N GLU D 148 -38.40 47.27 -5.40
CA GLU D 148 -39.69 47.96 -5.60
C GLU D 148 -39.95 49.09 -4.57
N ASP D 149 -39.54 48.87 -3.31
CA ASP D 149 -39.54 49.91 -2.27
C ASP D 149 -38.79 51.17 -2.70
N TYR D 150 -37.77 51.00 -3.53
CA TYR D 150 -37.14 52.14 -4.19
C TYR D 150 -37.99 52.63 -5.39
N VAL D 151 -38.24 51.79 -6.38
CA VAL D 151 -38.93 52.25 -7.61
C VAL D 151 -40.22 53.01 -7.27
N PHE D 152 -41.03 52.43 -6.40
CA PHE D 152 -42.24 53.10 -5.91
C PHE D 152 -41.89 54.48 -5.39
N SER D 153 -41.02 54.52 -4.38
CA SER D 153 -40.59 55.76 -3.76
C SER D 153 -40.10 56.78 -4.78
N LEU D 154 -39.40 56.33 -5.81
CA LEU D 154 -38.94 57.22 -6.88
C LEU D 154 -40.13 57.78 -7.65
N LEU D 155 -40.97 56.88 -8.17
CA LEU D 155 -42.13 57.25 -8.99
C LEU D 155 -43.09 58.25 -8.32
N THR D 156 -43.37 58.05 -7.03
CA THR D 156 -44.25 58.95 -6.29
C THR D 156 -43.53 60.07 -5.56
N GLY D 157 -42.26 59.89 -5.24
CA GLY D 157 -41.56 60.83 -4.36
C GLY D 157 -41.06 62.16 -4.94
N TYR D 158 -41.33 62.42 -6.22
CA TYR D 158 -40.93 63.69 -6.84
C TYR D 158 -41.37 64.87 -5.95
N CYS D 159 -40.66 65.99 -6.01
CA CYS D 159 -40.98 67.17 -5.19
C CYS D 159 -40.12 68.38 -5.60
N GLU D 160 -40.25 69.48 -4.87
CA GLU D 160 -39.67 70.77 -5.30
C GLU D 160 -38.23 70.94 -4.79
N PRO D 161 -37.35 71.56 -5.60
CA PRO D 161 -35.98 71.86 -5.12
C PRO D 161 -35.93 72.81 -3.93
N PRO D 162 -35.26 72.40 -2.84
CA PRO D 162 -35.25 73.28 -1.67
C PRO D 162 -34.38 74.52 -1.89
N THR D 163 -34.69 75.55 -1.11
CA THR D 163 -33.97 76.79 -1.22
C THR D 163 -32.49 76.45 -1.18
N GLY D 164 -31.79 76.87 -2.24
CA GLY D 164 -30.38 76.60 -2.42
C GLY D 164 -30.10 75.78 -3.66
N VAL D 165 -30.98 74.84 -4.00
CA VAL D 165 -30.76 73.95 -5.14
C VAL D 165 -31.39 74.43 -6.44
N SER D 166 -30.55 74.69 -7.44
CA SER D 166 -31.00 74.85 -8.82
C SER D 166 -30.64 73.57 -9.59
N LEU D 167 -31.12 73.45 -10.82
CA LEU D 167 -30.83 72.30 -11.68
C LEU D 167 -30.66 72.73 -13.12
N ARG D 168 -29.94 71.92 -13.91
CA ARG D 168 -29.85 72.15 -15.36
C ARG D 168 -31.22 72.01 -15.99
N GLU D 169 -31.34 72.37 -17.27
CA GLU D 169 -32.57 72.12 -17.99
C GLU D 169 -32.63 70.64 -18.32
N GLY D 170 -33.82 70.07 -18.24
CA GLY D 170 -34.02 68.65 -18.48
C GLY D 170 -33.85 67.81 -17.24
N LEU D 171 -33.41 68.42 -16.15
CA LEU D 171 -33.29 67.71 -14.87
C LEU D 171 -34.43 68.11 -13.91
N TYR D 172 -35.00 67.11 -13.25
CA TYR D 172 -36.04 67.31 -12.27
C TYR D 172 -35.56 66.77 -10.92
N PHE D 173 -35.88 67.47 -9.85
CA PHE D 173 -35.46 67.04 -8.53
C PHE D 173 -36.37 65.94 -7.97
N ASN D 174 -35.75 64.78 -7.70
CA ASN D 174 -36.36 63.68 -6.96
C ASN D 174 -35.41 63.30 -5.83
N PRO D 175 -35.87 63.34 -4.56
CA PRO D 175 -34.97 63.07 -3.42
C PRO D 175 -34.59 61.60 -3.21
N TYR D 176 -35.33 60.68 -3.79
CA TYR D 176 -34.99 59.28 -3.66
C TYR D 176 -33.88 58.84 -4.65
N PHE D 177 -33.87 59.42 -5.84
CA PHE D 177 -32.76 59.25 -6.78
C PHE D 177 -31.44 59.72 -6.14
N PRO D 178 -30.31 59.11 -6.53
CA PRO D 178 -29.05 59.58 -5.96
C PRO D 178 -28.58 60.83 -6.69
N GLY D 179 -28.09 61.80 -5.95
CA GLY D 179 -27.72 63.08 -6.55
C GLY D 179 -28.92 63.94 -6.80
N GLN D 180 -30.11 63.43 -6.44
CA GLN D 180 -31.36 64.17 -6.50
C GLN D 180 -31.62 64.93 -7.78
N ALA D 181 -30.99 64.55 -8.87
CA ALA D 181 -31.17 65.30 -10.10
C ALA D 181 -31.44 64.29 -11.19
N ILE D 182 -32.68 63.81 -11.25
CA ILE D 182 -33.04 62.80 -12.24
C ILE D 182 -33.34 63.48 -13.56
N GLY D 183 -33.13 62.77 -14.67
CA GLY D 183 -33.42 63.26 -16.01
C GLY D 183 -34.74 62.71 -16.54
N MET D 184 -35.47 61.98 -15.70
CA MET D 184 -36.77 61.44 -16.05
C MET D 184 -37.84 62.42 -15.58
N ALA D 185 -38.66 62.86 -16.52
CA ALA D 185 -39.86 63.65 -16.22
C ALA D 185 -40.81 62.79 -15.38
N PRO D 186 -41.33 63.34 -14.26
CA PRO D 186 -42.29 62.59 -13.44
C PRO D 186 -43.32 61.93 -14.33
N PRO D 187 -43.33 60.60 -14.40
CA PRO D 187 -43.97 59.89 -15.52
C PRO D 187 -45.38 59.44 -15.27
N ILE D 188 -45.82 59.53 -14.01
CA ILE D 188 -47.20 59.18 -13.69
C ILE D 188 -47.85 60.27 -12.84
N TYR D 189 -49.05 60.66 -13.26
CA TYR D 189 -49.91 61.56 -12.51
C TYR D 189 -51.26 60.84 -12.45
N ASN D 190 -52.21 61.35 -11.66
CA ASN D 190 -53.52 60.72 -11.54
C ASN D 190 -54.17 60.48 -12.91
N GLU D 191 -54.81 59.33 -13.07
CA GLU D 191 -55.49 58.98 -14.32
C GLU D 191 -54.62 59.27 -15.55
N VAL D 192 -53.43 58.68 -15.58
CA VAL D 192 -52.54 58.70 -16.76
C VAL D 192 -52.99 57.59 -17.73
N LEU D 193 -53.76 56.65 -17.21
CA LEU D 193 -54.43 55.68 -18.04
C LEU D 193 -55.67 55.23 -17.29
N GLU D 194 -56.41 54.29 -17.88
CA GLU D 194 -57.56 53.70 -17.22
C GLU D 194 -57.50 52.19 -17.43
N PHE D 195 -57.63 51.45 -16.32
CA PHE D 195 -57.45 50.00 -16.32
C PHE D 195 -58.66 49.19 -16.83
N ASP D 196 -58.37 48.01 -17.37
CA ASP D 196 -59.40 47.07 -17.84
C ASP D 196 -60.47 46.78 -16.79
N ASP D 197 -60.05 46.33 -15.60
CA ASP D 197 -60.98 45.95 -14.54
C ASP D 197 -61.68 47.16 -13.95
N GLY D 198 -61.16 48.36 -14.24
CA GLY D 198 -61.77 49.59 -13.77
C GLY D 198 -61.47 49.85 -12.31
N THR D 199 -60.20 49.85 -11.96
CA THR D 199 -59.76 50.23 -10.63
C THR D 199 -59.56 51.76 -10.67
N PRO D 200 -59.72 52.44 -9.51
CA PRO D 200 -59.31 53.84 -9.42
C PRO D 200 -57.86 54.06 -9.87
N ALA D 201 -57.69 54.68 -11.03
CA ALA D 201 -56.35 54.95 -11.59
C ALA D 201 -55.66 56.13 -10.90
N THR D 202 -55.39 55.99 -9.62
CA THR D 202 -54.68 57.01 -8.85
C THR D 202 -53.20 57.02 -9.26
N MET D 203 -52.38 57.92 -8.70
CA MET D 203 -50.94 57.88 -8.98
C MET D 203 -50.29 56.75 -8.17
N SER D 204 -50.42 56.81 -6.85
CA SER D 204 -49.85 55.79 -6.00
C SER D 204 -50.43 54.38 -6.25
N GLN D 205 -51.66 54.29 -6.74
CA GLN D 205 -52.26 52.98 -7.12
C GLN D 205 -51.69 52.46 -8.45
N VAL D 206 -51.18 53.36 -9.29
CA VAL D 206 -50.48 52.96 -10.52
C VAL D 206 -49.09 52.40 -10.15
N ALA D 207 -48.28 53.23 -9.49
CA ALA D 207 -46.91 52.86 -9.07
C ALA D 207 -46.87 51.49 -8.40
N LYS D 208 -47.84 51.23 -7.53
CA LYS D 208 -47.98 49.93 -6.87
C LYS D 208 -48.07 48.81 -7.87
N ASP D 209 -48.98 48.94 -8.83
CA ASP D 209 -49.23 47.90 -9.82
C ASP D 209 -48.03 47.70 -10.77
N VAL D 210 -47.48 48.78 -11.30
CA VAL D 210 -46.31 48.66 -12.17
C VAL D 210 -45.09 48.10 -11.42
N CYS D 211 -44.96 48.40 -10.13
CA CYS D 211 -43.90 47.81 -9.32
C CYS D 211 -44.15 46.33 -9.11
N THR D 212 -45.39 45.97 -8.80
CA THR D 212 -45.75 44.56 -8.69
C THR D 212 -45.44 43.83 -10.00
N PHE D 213 -45.67 44.48 -11.14
CA PHE D 213 -45.34 43.91 -12.46
C PHE D 213 -43.83 43.80 -12.67
N LEU D 214 -43.13 44.92 -12.58
CA LEU D 214 -41.69 44.92 -12.68
C LEU D 214 -41.01 43.82 -11.81
N ARG D 215 -41.59 43.49 -10.66
CA ARG D 215 -41.07 42.40 -9.82
C ARG D 215 -41.13 41.08 -10.53
N TRP D 216 -42.28 40.78 -11.10
CA TRP D 216 -42.49 39.58 -11.92
C TRP D 216 -41.59 39.58 -13.17
N ALA D 217 -41.42 40.74 -13.79
CA ALA D 217 -40.54 40.86 -14.95
C ALA D 217 -39.11 40.49 -14.59
N ALA D 218 -38.63 40.99 -13.48
CA ALA D 218 -37.27 40.69 -13.05
C ALA D 218 -37.14 39.32 -12.39
N GLU D 219 -38.24 38.68 -11.98
CA GLU D 219 -38.13 37.42 -11.24
C GLU D 219 -39.30 36.45 -11.47
N PRO D 220 -39.50 36.00 -12.72
CA PRO D 220 -40.71 35.22 -13.03
C PRO D 220 -40.87 33.98 -12.19
N GLU D 221 -39.76 33.44 -11.70
CA GLU D 221 -39.80 32.26 -10.84
C GLU D 221 -40.50 32.46 -9.49
N HIS D 222 -40.53 33.72 -9.03
CA HIS D 222 -40.97 34.13 -7.69
C HIS D 222 -42.07 33.41 -6.88
N ASP D 223 -43.18 33.11 -7.54
CA ASP D 223 -44.26 32.34 -6.91
C ASP D 223 -43.81 30.90 -6.71
N HIS D 224 -43.23 30.30 -7.75
CA HIS D 224 -42.87 28.88 -7.75
C HIS D 224 -41.77 28.60 -6.73
N ARG D 225 -40.73 29.41 -6.79
CA ARG D 225 -39.63 29.34 -5.85
C ARG D 225 -40.12 29.22 -4.42
N LYS D 226 -41.03 30.13 -4.04
CA LYS D 226 -41.52 30.20 -2.66
C LYS D 226 -42.39 29.01 -2.28
N ARG D 227 -43.10 28.43 -3.24
CA ARG D 227 -43.84 27.18 -3.04
C ARG D 227 -42.90 26.00 -2.81
N MET D 228 -41.83 25.94 -3.60
CA MET D 228 -40.78 24.95 -3.39
C MET D 228 -40.20 25.12 -2.00
N GLY D 229 -39.84 26.35 -1.69
CA GLY D 229 -39.38 26.71 -0.34
C GLY D 229 -40.22 26.12 0.78
N LEU D 230 -41.54 26.18 0.64
CA LEU D 230 -42.44 25.57 1.62
C LEU D 230 -42.21 24.07 1.71
N LYS D 231 -42.14 23.42 0.55
CA LYS D 231 -41.95 21.96 0.47
C LYS D 231 -40.62 21.59 1.05
N MET D 232 -39.59 22.37 0.74
CA MET D 232 -38.27 22.19 1.34
C MET D 232 -38.31 22.32 2.87
N LEU D 233 -39.02 23.33 3.37
CA LEU D 233 -39.10 23.53 4.82
C LEU D 233 -39.78 22.37 5.52
N LEU D 234 -40.95 21.98 5.04
CA LEU D 234 -41.66 20.82 5.58
C LEU D 234 -40.84 19.54 5.47
N MET D 235 -40.19 19.34 4.33
CA MET D 235 -39.35 18.16 4.12
C MET D 235 -38.18 18.07 5.08
N MET D 236 -37.40 19.15 5.19
CA MET D 236 -36.31 19.21 6.18
C MET D 236 -36.92 19.01 7.54
N GLY D 237 -38.04 19.68 7.79
CA GLY D 237 -38.78 19.46 9.02
C GLY D 237 -38.87 17.99 9.35
N LEU D 238 -39.35 17.21 8.39
CA LEU D 238 -39.56 15.78 8.58
C LEU D 238 -38.26 14.96 8.71
N LEU D 239 -37.33 15.18 7.79
CA LEU D 239 -36.11 14.37 7.68
C LEU D 239 -35.10 14.63 8.79
N LEU D 240 -34.83 15.92 9.02
CA LEU D 240 -33.70 16.33 9.86
C LEU D 240 -33.75 15.77 11.29
N PRO D 241 -34.95 15.54 11.84
CA PRO D 241 -34.98 14.79 13.10
C PRO D 241 -34.82 13.29 12.87
N LEU D 242 -35.52 12.77 11.88
CA LEU D 242 -35.39 11.35 11.57
C LEU D 242 -33.94 10.91 11.44
N VAL D 243 -33.14 11.66 10.68
CA VAL D 243 -31.71 11.33 10.46
C VAL D 243 -30.88 11.41 11.76
N TYR D 244 -31.08 12.52 12.47
CA TYR D 244 -30.49 12.74 13.78
C TYR D 244 -30.80 11.57 14.70
N ALA D 245 -32.06 11.12 14.67
CA ALA D 245 -32.50 9.91 15.36
C ALA D 245 -31.62 8.70 15.05
N MET D 246 -31.46 8.40 13.75
CA MET D 246 -30.62 7.29 13.28
C MET D 246 -29.19 7.43 13.77
N LYS D 247 -28.62 8.62 13.58
CA LYS D 247 -27.30 8.93 14.10
C LYS D 247 -27.20 8.53 15.57
N ARG D 248 -28.25 8.85 16.34
CA ARG D 248 -28.25 8.64 17.79
C ARG D 248 -28.43 7.19 18.16
N HIS D 249 -29.30 6.54 17.42
CA HIS D 249 -29.49 5.10 17.50
C HIS D 249 -28.14 4.40 17.33
N LYS D 250 -27.38 4.81 16.31
CA LYS D 250 -26.09 4.19 16.08
C LYS D 250 -25.12 4.53 17.19
N TRP D 251 -24.97 5.81 17.49
CA TRP D 251 -23.93 6.22 18.44
C TRP D 251 -24.22 5.82 19.89
N SER D 252 -25.48 5.51 20.19
CA SER D 252 -25.86 5.00 21.52
C SER D 252 -24.78 4.06 22.11
N VAL D 253 -24.40 3.08 21.30
CA VAL D 253 -23.41 2.06 21.69
C VAL D 253 -22.19 2.68 22.38
N LEU D 254 -21.71 3.78 21.82
CA LEU D 254 -20.51 4.47 22.30
C LEU D 254 -20.80 5.50 23.39
N LYS D 255 -21.91 6.23 23.23
CA LYS D 255 -22.30 7.23 24.20
C LYS D 255 -22.62 6.62 25.58
N SER D 256 -23.19 5.42 25.57
CA SER D 256 -23.57 4.70 26.80
C SER D 256 -22.43 3.96 27.51
N ARG D 257 -21.33 3.66 26.81
CA ARG D 257 -20.39 2.64 27.27
C ARG D 257 -19.69 2.99 28.58
N LYS D 258 -19.05 1.98 29.17
CA LYS D 258 -18.45 2.08 30.51
C LYS D 258 -17.05 1.43 30.53
N LEU D 259 -16.03 2.19 30.94
CA LEU D 259 -14.64 1.67 30.98
C LEU D 259 -14.21 1.26 32.38
N ALA D 260 -13.26 0.33 32.47
CA ALA D 260 -12.76 -0.12 33.78
C ALA D 260 -11.32 -0.57 33.70
N TYR D 261 -10.42 0.19 34.31
CA TYR D 261 -8.99 -0.14 34.42
C TYR D 261 -8.79 -1.13 35.55
N ARG D 262 -8.21 -2.29 35.25
CA ARG D 262 -8.03 -3.33 36.23
C ARG D 262 -6.60 -3.86 36.16
N PRO D 263 -5.62 -3.02 36.47
CA PRO D 263 -4.25 -3.54 36.47
C PRO D 263 -4.04 -4.46 37.65
N PRO D 264 -3.17 -5.47 37.52
CA PRO D 264 -2.87 -6.32 38.66
C PRO D 264 -1.53 -6.07 39.35
N LYS D 265 -1.17 -6.96 40.28
CA LYS D 265 0.11 -6.94 40.98
C LYS D 265 0.39 -8.32 41.54
N SER E 79 -10.08 -11.96 41.63
CA SER E 79 -10.74 -12.91 40.67
C SER E 79 -11.38 -12.18 39.51
N HIS E 80 -11.60 -12.91 38.42
CA HIS E 80 -12.32 -12.38 37.27
C HIS E 80 -13.80 -12.40 37.55
N THR E 81 -14.22 -13.07 38.63
CA THR E 81 -15.63 -13.10 39.04
C THR E 81 -16.03 -11.91 39.94
N ASP E 82 -15.07 -11.07 40.29
CA ASP E 82 -15.37 -9.76 40.89
C ASP E 82 -15.94 -8.83 39.81
N ILE E 83 -15.55 -9.08 38.56
CA ILE E 83 -15.98 -8.28 37.42
C ILE E 83 -17.49 -8.44 37.23
N LYS E 84 -18.24 -7.49 37.78
CA LYS E 84 -19.67 -7.42 37.53
C LYS E 84 -19.94 -6.31 36.53
N VAL E 85 -20.67 -6.67 35.48
CA VAL E 85 -21.26 -5.72 34.51
C VAL E 85 -21.97 -4.57 35.21
N PRO E 86 -21.65 -3.31 34.87
CA PRO E 86 -22.38 -2.19 35.48
C PRO E 86 -23.87 -2.15 35.12
N ASP E 87 -24.60 -1.24 35.75
CA ASP E 87 -26.04 -1.21 35.59
C ASP E 87 -26.44 -0.18 34.57
N PHE E 88 -27.16 -0.61 33.54
CA PHE E 88 -27.52 0.26 32.43
C PHE E 88 -28.95 0.78 32.52
N SER E 89 -29.61 0.56 33.66
CA SER E 89 -31.03 0.90 33.76
C SER E 89 -31.31 2.39 33.59
N ASP E 90 -30.30 3.24 33.81
CA ASP E 90 -30.38 4.66 33.44
C ASP E 90 -30.70 4.85 31.93
N TYR E 91 -30.06 4.05 31.08
CA TYR E 91 -30.10 4.26 29.63
C TYR E 91 -31.09 3.37 28.86
N ARG E 92 -31.67 2.38 29.52
CA ARG E 92 -32.41 1.32 28.80
C ARG E 92 -33.72 1.80 28.23
N ARG E 93 -34.32 0.96 27.40
CA ARG E 93 -35.67 1.20 26.94
C ARG E 93 -36.58 0.68 28.05
N PRO E 94 -37.72 1.35 28.29
CA PRO E 94 -38.67 0.91 29.31
C PRO E 94 -38.99 -0.58 29.17
N GLU E 95 -39.48 -0.96 27.98
CA GLU E 95 -39.92 -2.34 27.72
C GLU E 95 -38.92 -3.45 28.12
N VAL E 96 -37.64 -3.11 28.28
CA VAL E 96 -36.65 -4.07 28.75
C VAL E 96 -35.96 -3.57 30.03
N LEU E 97 -36.77 -3.19 31.01
CA LEU E 97 -36.23 -2.81 32.32
C LEU E 97 -36.33 -3.90 33.36
N ASP E 98 -37.37 -4.72 33.27
CA ASP E 98 -37.61 -5.73 34.28
C ASP E 98 -36.65 -6.91 34.09
N SER E 99 -35.66 -7.00 34.97
CA SER E 99 -34.65 -8.05 34.93
C SER E 99 -35.18 -9.44 35.32
N THR E 100 -36.50 -9.60 35.32
CA THR E 100 -37.12 -10.88 35.51
C THR E 100 -38.21 -11.09 34.46
N LYS E 101 -38.11 -10.32 33.37
CA LYS E 101 -39.06 -10.37 32.28
C LYS E 101 -38.24 -10.60 31.00
N SER E 102 -38.67 -11.56 30.18
CA SER E 102 -37.98 -11.89 28.94
C SER E 102 -38.11 -10.76 27.92
N SER E 103 -37.00 -10.37 27.32
CA SER E 103 -36.99 -9.36 26.27
C SER E 103 -37.73 -9.80 25.00
N LYS E 104 -37.80 -11.12 24.76
CA LYS E 104 -38.33 -11.67 23.50
C LYS E 104 -39.68 -11.12 23.04
N GLU E 105 -40.53 -10.71 23.98
CA GLU E 105 -41.80 -10.05 23.62
C GLU E 105 -41.53 -8.74 22.90
N SER E 106 -40.82 -7.84 23.59
CA SER E 106 -40.66 -6.45 23.15
C SER E 106 -39.74 -6.26 21.92
N SER E 107 -38.78 -7.17 21.71
CA SER E 107 -37.82 -7.05 20.60
C SER E 107 -38.56 -6.83 19.28
N GLU E 108 -39.59 -7.64 19.05
CA GLU E 108 -40.49 -7.47 17.90
C GLU E 108 -40.80 -5.98 17.64
N ALA E 109 -41.29 -5.28 18.65
CA ALA E 109 -41.68 -3.87 18.52
C ALA E 109 -40.50 -2.89 18.58
N ARG E 110 -39.50 -3.20 19.38
CA ARG E 110 -38.30 -2.37 19.46
C ARG E 110 -37.63 -2.25 18.09
N LYS E 111 -37.43 -3.39 17.43
CA LYS E 111 -36.82 -3.41 16.11
C LYS E 111 -37.71 -2.63 15.17
N GLY E 112 -38.97 -3.03 15.10
CA GLY E 112 -39.97 -2.35 14.27
C GLY E 112 -39.91 -0.84 14.34
N PHE E 113 -39.88 -0.35 15.57
CA PHE E 113 -39.84 1.08 15.82
C PHE E 113 -38.63 1.78 15.20
N SER E 114 -37.43 1.25 15.46
CA SER E 114 -36.20 1.83 14.92
C SER E 114 -36.10 1.65 13.40
N TYR E 115 -36.45 0.47 12.90
CA TYR E 115 -36.44 0.23 11.47
C TYR E 115 -37.49 1.06 10.72
N LEU E 116 -38.51 1.52 11.45
CA LEU E 116 -39.47 2.46 10.89
C LEU E 116 -38.80 3.79 10.53
N VAL E 117 -38.08 4.35 11.50
CA VAL E 117 -37.39 5.65 11.34
C VAL E 117 -36.58 5.67 10.05
N THR E 118 -35.78 4.62 9.90
CA THR E 118 -34.99 4.35 8.72
C THR E 118 -35.88 4.39 7.47
N ALA E 119 -36.91 3.54 7.45
CA ALA E 119 -37.79 3.41 6.28
C ALA E 119 -38.45 4.74 5.84
N THR E 120 -38.97 5.50 6.82
CA THR E 120 -39.47 6.86 6.57
C THR E 120 -38.38 7.72 5.94
N THR E 121 -37.26 7.85 6.66
CA THR E 121 -36.15 8.65 6.19
C THR E 121 -35.81 8.33 4.74
N THR E 122 -35.82 7.05 4.42
CA THR E 122 -35.63 6.60 3.04
C THR E 122 -36.70 7.15 2.09
N VAL E 123 -37.97 7.01 2.48
CA VAL E 123 -39.07 7.52 1.66
C VAL E 123 -38.89 9.01 1.37
N GLY E 124 -38.69 9.79 2.42
CA GLY E 124 -38.53 11.24 2.30
C GLY E 124 -37.41 11.56 1.34
N VAL E 125 -36.28 10.88 1.52
CA VAL E 125 -35.10 11.04 0.68
C VAL E 125 -35.35 10.65 -0.78
N ALA E 126 -36.13 9.58 -0.98
CA ALA E 126 -36.55 9.14 -2.30
C ALA E 126 -37.38 10.21 -2.99
N TYR E 127 -38.35 10.74 -2.25
CA TYR E 127 -39.13 11.88 -2.73
C TYR E 127 -38.19 13.00 -3.12
N ALA E 128 -37.31 13.35 -2.19
CA ALA E 128 -36.40 14.47 -2.41
C ALA E 128 -35.51 14.24 -3.63
N ALA E 129 -34.96 13.04 -3.74
CA ALA E 129 -34.05 12.69 -4.84
C ALA E 129 -34.77 12.68 -6.20
N LYS E 130 -35.89 11.98 -6.26
CA LYS E 130 -36.73 11.94 -7.47
C LYS E 130 -36.92 13.34 -8.03
N ASN E 131 -37.25 14.27 -7.14
CA ASN E 131 -37.49 15.66 -7.52
C ASN E 131 -36.26 16.40 -8.06
N VAL E 132 -35.10 16.34 -7.39
CA VAL E 132 -33.89 17.05 -7.92
C VAL E 132 -33.36 16.45 -9.21
N VAL E 133 -33.45 15.14 -9.34
CA VAL E 133 -33.03 14.48 -10.57
C VAL E 133 -33.87 15.01 -11.75
N SER E 134 -35.16 14.73 -11.71
CA SER E 134 -36.05 15.08 -12.80
C SER E 134 -36.00 16.54 -13.22
N GLN E 135 -35.66 17.42 -12.27
CA GLN E 135 -35.46 18.82 -12.59
C GLN E 135 -34.28 18.99 -13.49
N PHE E 136 -33.17 18.40 -13.05
CA PHE E 136 -31.89 18.45 -13.75
C PHE E 136 -32.02 17.79 -15.13
N VAL E 137 -32.85 16.75 -15.21
CA VAL E 137 -33.16 16.13 -16.50
C VAL E 137 -33.94 17.09 -17.38
N SER E 138 -35.10 17.51 -16.89
CA SER E 138 -35.94 18.47 -17.60
C SER E 138 -35.17 19.71 -18.11
N SER E 139 -34.07 20.05 -17.43
CA SER E 139 -33.14 21.11 -17.86
C SER E 139 -32.72 20.99 -19.34
N MET E 140 -32.73 19.77 -19.85
CA MET E 140 -32.21 19.47 -21.18
C MET E 140 -33.27 19.29 -22.25
N SER E 141 -34.55 19.23 -21.87
CA SER E 141 -35.61 19.18 -22.87
C SER E 141 -35.86 20.59 -23.35
N ALA E 142 -36.51 20.69 -24.51
CA ALA E 142 -36.71 21.96 -25.17
C ALA E 142 -37.18 23.05 -24.19
N SER E 143 -36.46 24.17 -24.19
CA SER E 143 -36.83 25.32 -23.37
C SER E 143 -38.04 25.99 -23.97
N ALA E 144 -38.65 26.90 -23.22
CA ALA E 144 -39.82 27.63 -23.72
C ALA E 144 -39.47 28.50 -24.91
N ASP E 145 -38.20 28.91 -24.96
CA ASP E 145 -37.57 29.60 -26.09
C ASP E 145 -37.70 28.84 -27.44
N VAL E 146 -37.44 27.53 -27.38
CA VAL E 146 -37.47 26.64 -28.55
C VAL E 146 -38.89 26.12 -28.83
N LEU E 147 -39.65 25.85 -27.79
CA LEU E 147 -41.08 25.53 -27.92
C LEU E 147 -41.93 26.66 -28.54
N ALA E 148 -41.50 27.91 -28.35
CA ALA E 148 -42.19 29.06 -28.94
C ALA E 148 -42.44 28.88 -30.45
N MET E 149 -41.43 28.38 -31.14
CA MET E 149 -41.44 28.31 -32.58
C MET E 149 -42.05 27.00 -33.08
N SER E 150 -42.03 25.99 -32.21
CA SER E 150 -42.50 24.65 -32.57
C SER E 150 -43.92 24.73 -33.19
N LYS E 151 -44.84 25.35 -32.45
CA LYS E 151 -46.25 25.56 -32.85
C LYS E 151 -46.82 24.35 -33.56
N TRP F 13 2.30 36.74 43.40
CA TRP F 13 3.44 35.81 43.15
C TRP F 13 3.13 34.95 41.91
N LEU F 14 4.18 34.41 41.29
CA LEU F 14 4.02 33.54 40.12
C LEU F 14 3.15 32.34 40.49
N GLU F 15 3.40 31.76 41.65
CA GLU F 15 2.83 30.47 42.01
C GLU F 15 1.31 30.52 42.17
N GLY F 16 0.79 31.74 42.30
CA GLY F 16 -0.65 31.95 42.26
C GLY F 16 -1.18 31.90 40.86
N ILE F 17 -0.46 32.55 39.93
CA ILE F 17 -0.83 32.56 38.52
C ILE F 17 -0.77 31.14 37.99
N ARG F 18 0.39 30.48 38.14
CA ARG F 18 0.57 29.07 37.79
C ARG F 18 -0.65 28.25 38.24
N LYS F 19 -1.00 28.38 39.51
CA LYS F 19 -2.13 27.64 40.08
C LYS F 19 -3.41 27.95 39.33
N TRP F 20 -3.59 29.23 39.02
CA TRP F 20 -4.79 29.66 38.32
C TRP F 20 -4.79 29.04 36.94
N TYR F 21 -3.78 29.39 36.15
CA TYR F 21 -3.68 28.91 34.78
C TYR F 21 -3.92 27.40 34.78
N TYR F 22 -3.17 26.67 35.60
CA TYR F 22 -3.31 25.21 35.62
C TYR F 22 -4.78 24.84 35.58
N ASN F 23 -5.56 25.50 36.44
CA ASN F 23 -6.96 25.17 36.56
C ASN F 23 -7.85 25.73 35.47
N ALA F 24 -7.40 26.82 34.87
CA ALA F 24 -8.03 27.37 33.66
C ALA F 24 -7.88 26.45 32.42
N ALA F 25 -6.65 25.98 32.19
CA ALA F 25 -6.34 25.09 31.07
C ALA F 25 -7.35 23.99 31.09
N GLY F 26 -7.47 23.35 32.24
CA GLY F 26 -8.62 22.51 32.51
C GLY F 26 -8.57 21.13 31.89
N PHE F 27 -7.34 20.64 31.67
CA PHE F 27 -7.15 19.22 31.38
C PHE F 27 -7.54 18.35 32.58
N ASN F 28 -7.43 18.91 33.78
CA ASN F 28 -7.68 18.17 35.02
C ASN F 28 -9.12 17.70 35.04
N LYS F 29 -10.02 18.49 34.47
CA LYS F 29 -11.42 18.14 34.46
C LYS F 29 -11.66 16.77 33.82
N LEU F 30 -10.70 16.33 32.99
CA LEU F 30 -10.76 15.02 32.31
C LEU F 30 -9.86 13.96 32.98
N GLY F 31 -9.32 14.29 34.13
CA GLY F 31 -8.44 13.35 34.83
C GLY F 31 -7.21 13.05 34.01
N LEU F 32 -6.58 14.11 33.53
CA LEU F 32 -5.36 14.01 32.73
C LEU F 32 -4.27 14.73 33.44
N MET F 33 -3.09 14.12 33.47
CA MET F 33 -1.89 14.79 33.96
C MET F 33 -1.23 15.57 32.85
N ARG F 34 -0.54 16.64 33.22
CA ARG F 34 0.17 17.51 32.28
C ARG F 34 0.94 16.71 31.23
N ASP F 35 1.79 15.80 31.68
CA ASP F 35 2.58 14.98 30.78
C ASP F 35 1.78 13.99 29.89
N ASP F 36 0.45 13.97 30.04
CA ASP F 36 -0.41 13.25 29.10
C ASP F 36 -0.73 14.07 27.86
N THR F 37 -0.61 15.38 27.97
CA THR F 37 -0.96 16.27 26.87
C THR F 37 0.23 16.62 25.98
N ILE F 38 1.43 16.21 26.39
CA ILE F 38 2.62 16.64 25.68
C ILE F 38 2.50 16.30 24.19
N HIS F 39 3.04 17.16 23.33
CA HIS F 39 2.94 17.00 21.88
C HIS F 39 3.77 15.81 21.45
N GLU F 40 3.11 14.79 20.93
CA GLU F 40 3.79 13.60 20.42
C GLU F 40 4.89 14.05 19.45
N ASN F 41 6.06 13.43 19.55
CA ASN F 41 7.22 13.87 18.80
C ASN F 41 8.37 12.91 19.08
N ASP F 42 9.29 12.76 18.12
CA ASP F 42 10.39 11.79 18.24
C ASP F 42 10.90 11.56 19.68
N ASP F 43 11.41 12.61 20.33
CA ASP F 43 11.84 12.57 21.76
C ASP F 43 10.79 12.02 22.74
N VAL F 44 9.59 12.58 22.65
CA VAL F 44 8.47 12.13 23.43
C VAL F 44 8.12 10.70 23.13
N LYS F 45 8.05 10.36 21.85
CA LYS F 45 7.70 9.01 21.43
C LYS F 45 8.65 8.06 22.08
N GLU F 46 9.95 8.41 22.01
CA GLU F 46 11.03 7.62 22.61
C GLU F 46 10.92 7.54 24.14
N ALA F 47 10.90 8.69 24.82
CA ALA F 47 10.66 8.69 26.26
C ALA F 47 9.53 7.71 26.62
N ILE F 48 8.38 7.84 25.97
CA ILE F 48 7.24 6.96 26.24
C ILE F 48 7.55 5.46 26.08
N ARG F 49 8.35 5.10 25.08
CA ARG F 49 8.79 3.72 24.91
C ARG F 49 9.56 3.23 26.12
N ARG F 50 10.41 4.10 26.64
CA ARG F 50 11.22 3.77 27.79
C ARG F 50 10.40 3.63 29.08
N LEU F 51 9.21 4.23 29.14
CA LEU F 51 8.38 4.12 30.35
C LEU F 51 8.14 2.67 30.77
N PRO F 52 8.05 2.41 32.08
CA PRO F 52 7.74 1.07 32.60
C PRO F 52 6.27 0.71 32.53
N GLU F 53 6.01 -0.59 32.42
CA GLU F 53 4.65 -1.15 32.21
C GLU F 53 3.52 -0.39 32.88
N ASN F 54 3.64 -0.23 34.20
CA ASN F 54 2.63 0.47 35.01
C ASN F 54 2.45 1.92 34.57
N LEU F 55 3.51 2.71 34.59
CA LEU F 55 3.41 4.13 34.23
C LEU F 55 2.84 4.31 32.82
N TYR F 56 3.26 3.46 31.88
CA TYR F 56 2.69 3.42 30.52
C TYR F 56 1.19 3.04 30.53
N ASP F 57 0.88 1.86 31.04
CA ASP F 57 -0.51 1.38 31.13
C ASP F 57 -1.46 2.40 31.76
N ASP F 58 -0.98 3.13 32.77
CA ASP F 58 -1.75 4.19 33.44
C ASP F 58 -2.12 5.29 32.46
N ARG F 59 -1.08 5.85 31.85
CA ARG F 59 -1.21 6.89 30.86
C ARG F 59 -2.20 6.48 29.77
N VAL F 60 -2.04 5.26 29.28
CA VAL F 60 -3.00 4.73 28.33
C VAL F 60 -4.43 4.90 28.85
N PHE F 61 -4.69 4.53 30.10
CA PHE F 61 -6.06 4.60 30.61
C PHE F 61 -6.55 6.02 30.87
N ARG F 62 -5.72 6.83 31.52
CA ARG F 62 -6.04 8.25 31.68
C ARG F 62 -6.55 8.86 30.35
N ILE F 63 -5.79 8.62 29.28
CA ILE F 63 -6.11 9.11 27.93
C ILE F 63 -7.32 8.43 27.30
N LYS F 64 -7.45 7.12 27.49
CA LYS F 64 -8.60 6.39 26.97
C LYS F 64 -9.91 6.89 27.59
N ARG F 65 -9.83 7.38 28.82
CA ARG F 65 -10.99 7.90 29.54
C ARG F 65 -11.25 9.35 29.18
N ALA F 66 -10.18 10.13 29.05
CA ALA F 66 -10.25 11.52 28.60
C ALA F 66 -10.86 11.68 27.19
N LEU F 67 -10.50 10.77 26.28
CA LEU F 67 -11.06 10.80 24.94
C LEU F 67 -12.55 10.47 25.03
N ASP F 68 -12.89 9.39 25.72
CA ASP F 68 -14.31 9.01 25.88
C ASP F 68 -15.14 10.14 26.43
N LEU F 69 -14.61 10.85 27.43
CA LEU F 69 -15.28 12.03 27.95
C LEU F 69 -15.47 13.07 26.86
N SER F 70 -14.38 13.41 26.17
CA SER F 70 -14.41 14.44 25.11
C SER F 70 -15.46 14.14 24.07
N MET F 71 -15.62 12.86 23.74
CA MET F 71 -16.64 12.43 22.78
C MET F 71 -18.04 12.69 23.28
N ARG F 72 -18.27 12.38 24.56
CA ARG F 72 -19.56 12.62 25.21
C ARG F 72 -19.75 14.08 25.56
N GLN F 73 -18.65 14.83 25.54
CA GLN F 73 -18.64 16.28 25.74
C GLN F 73 -18.75 16.62 27.22
N GLN F 74 -18.64 15.61 28.08
CA GLN F 74 -18.79 15.82 29.52
C GLN F 74 -17.43 15.81 30.17
N ILE F 75 -17.42 16.16 31.46
CA ILE F 75 -16.18 16.11 32.25
C ILE F 75 -16.41 15.24 33.47
N LEU F 76 -15.37 15.12 34.29
CA LEU F 76 -15.42 14.38 35.54
C LEU F 76 -16.06 15.20 36.66
N PRO F 77 -16.62 14.52 37.68
CA PRO F 77 -17.12 15.24 38.84
C PRO F 77 -15.99 15.97 39.56
N LYS F 78 -16.31 17.12 40.11
CA LYS F 78 -15.31 18.00 40.74
C LYS F 78 -14.23 17.23 41.52
N GLU F 79 -14.61 16.16 42.20
CA GLU F 79 -13.71 15.46 43.10
C GLU F 79 -12.60 14.70 42.40
N GLN F 80 -12.89 14.16 41.22
CA GLN F 80 -11.93 13.31 40.51
C GLN F 80 -10.97 14.09 39.59
N TRP F 81 -11.07 15.43 39.61
CA TRP F 81 -10.16 16.28 38.86
C TRP F 81 -8.72 16.08 39.31
N THR F 82 -7.80 16.18 38.36
CA THR F 82 -6.38 16.14 38.67
C THR F 82 -6.01 17.43 39.43
N LYS F 83 -5.33 17.27 40.56
CA LYS F 83 -5.07 18.38 41.46
C LYS F 83 -3.64 18.87 41.35
N TYR F 84 -3.47 20.17 41.13
CA TYR F 84 -2.14 20.78 40.98
C TYR F 84 -1.14 20.16 41.94
N GLU F 85 -1.46 20.20 43.23
CA GLU F 85 -0.54 19.69 44.22
C GLU F 85 -0.12 18.23 43.94
N GLU F 86 -1.06 17.39 43.54
CA GLU F 86 -0.81 15.96 43.36
C GLU F 86 -0.31 15.54 41.96
N ASP F 87 -0.20 16.49 41.03
CA ASP F 87 0.08 16.21 39.60
C ASP F 87 1.53 15.75 39.33
N LYS F 88 1.66 14.45 39.12
CA LYS F 88 2.95 13.82 38.89
C LYS F 88 3.51 14.16 37.53
N SER F 89 4.80 14.46 37.50
CA SER F 89 5.51 14.74 36.26
C SER F 89 6.25 13.49 35.76
N TYR F 90 5.50 12.39 35.61
CA TYR F 90 6.06 11.03 35.39
C TYR F 90 6.98 10.85 34.19
N LEU F 91 6.68 11.59 33.10
CA LEU F 91 7.45 11.51 31.85
C LEU F 91 8.72 12.39 31.83
N GLU F 92 8.78 13.38 32.71
CA GLU F 92 9.85 14.39 32.69
C GLU F 92 11.26 13.79 32.78
N PRO F 93 11.56 13.01 33.84
CA PRO F 93 12.94 12.54 34.00
C PRO F 93 13.46 11.69 32.82
N TYR F 94 12.55 10.98 32.14
CA TYR F 94 12.87 10.13 30.98
C TYR F 94 13.23 10.93 29.73
N LEU F 95 12.37 11.90 29.43
CA LEU F 95 12.53 12.76 28.26
C LEU F 95 13.82 13.57 28.33
N LYS F 96 14.05 14.21 29.47
CA LYS F 96 15.24 15.05 29.63
C LYS F 96 16.49 14.31 29.14
N GLU F 97 16.57 13.03 29.48
CA GLU F 97 17.66 12.16 29.04
C GLU F 97 17.68 11.93 27.51
N VAL F 98 16.55 11.45 26.98
CA VAL F 98 16.38 11.28 25.52
C VAL F 98 16.90 12.51 24.77
N ILE F 99 16.52 13.70 25.26
CA ILE F 99 16.99 14.96 24.69
C ILE F 99 18.49 15.04 24.84
N ARG F 100 19.01 14.91 26.05
CA ARG F 100 20.43 15.17 26.26
C ARG F 100 21.28 14.25 25.43
N GLU F 101 20.84 12.99 25.31
CA GLU F 101 21.56 12.02 24.48
C GLU F 101 21.63 12.46 23.01
N ARG F 102 20.55 13.06 22.53
CA ARG F 102 20.48 13.59 21.16
C ARG F 102 21.31 14.86 20.98
N LYS F 103 21.32 15.73 21.99
CA LYS F 103 22.18 16.91 21.93
C LYS F 103 23.65 16.48 21.90
N GLU F 104 24.01 15.47 22.69
CA GLU F 104 25.32 14.84 22.60
C GLU F 104 25.61 14.27 21.21
N ARG F 105 24.64 13.53 20.66
CA ARG F 105 24.75 13.00 19.28
C ARG F 105 24.99 14.06 18.22
N GLU F 106 24.40 15.24 18.39
CA GLU F 106 24.60 16.37 17.48
C GLU F 106 25.95 17.03 17.69
N GLU F 107 26.27 17.36 18.95
CA GLU F 107 27.57 17.96 19.34
C GLU F 107 28.76 17.20 18.76
N TRP F 108 28.69 15.89 18.94
CA TRP F 108 29.68 14.95 18.42
C TRP F 108 29.76 14.98 16.87
N ALA F 109 28.61 15.11 16.20
CA ALA F 109 28.58 15.26 14.73
C ALA F 109 29.19 16.60 14.26
N LYS F 110 29.20 17.59 15.14
CA LYS F 110 29.93 18.84 14.93
C LYS F 110 31.42 18.66 15.27
N ARG G 3 -2.75 2.06 8.32
CA ARG G 3 -2.79 1.50 9.71
C ARG G 3 -4.22 1.12 10.03
N GLN G 4 -4.44 -0.06 10.60
CA GLN G 4 -5.81 -0.53 10.80
C GLN G 4 -5.92 -1.39 12.05
N PHE G 5 -7.16 -1.71 12.41
CA PHE G 5 -7.42 -2.39 13.66
C PHE G 5 -6.60 -3.69 13.69
N GLY G 6 -5.89 -3.86 14.80
CA GLY G 6 -4.97 -4.96 14.97
C GLY G 6 -3.59 -4.38 15.19
N HIS G 7 -3.29 -3.30 14.47
CA HIS G 7 -1.92 -2.75 14.39
C HIS G 7 -1.79 -1.32 14.95
N LEU G 8 -2.83 -0.80 15.58
CA LEU G 8 -2.81 0.60 16.00
C LEU G 8 -1.86 0.84 17.13
N THR G 9 -2.12 0.23 18.29
CA THR G 9 -1.19 0.32 19.44
C THR G 9 -1.44 -0.76 20.51
N ARG G 10 -0.62 -0.74 21.56
CA ARG G 10 -0.71 -1.73 22.64
C ARG G 10 -1.49 -1.19 23.86
N VAL G 11 -2.60 -1.87 24.16
CA VAL G 11 -3.48 -1.51 25.27
C VAL G 11 -3.64 -2.72 26.19
N ARG G 12 -3.37 -2.49 27.49
CA ARG G 12 -3.46 -3.55 28.48
C ARG G 12 -4.33 -3.20 29.67
N HIS G 13 -5.15 -4.18 30.06
CA HIS G 13 -5.91 -4.16 31.31
C HIS G 13 -7.08 -3.18 31.32
N VAL G 14 -7.84 -3.16 30.24
CA VAL G 14 -8.95 -2.23 30.12
C VAL G 14 -10.18 -3.02 29.72
N ILE G 15 -11.32 -2.70 30.33
CA ILE G 15 -12.56 -3.39 30.04
C ILE G 15 -13.64 -2.41 29.60
N THR G 16 -14.27 -2.70 28.46
CA THR G 16 -15.31 -1.85 27.89
C THR G 16 -16.65 -2.64 27.89
N TYR G 17 -17.65 -2.05 28.53
CA TYR G 17 -18.99 -2.62 28.58
C TYR G 17 -19.84 -1.74 27.70
N SER G 18 -20.65 -2.32 26.82
CA SER G 18 -21.50 -1.56 25.91
C SER G 18 -22.81 -2.29 25.71
N LEU G 19 -23.73 -1.65 25.00
CA LEU G 19 -25.09 -2.15 24.94
C LEU G 19 -25.75 -1.97 23.58
N SER G 20 -26.52 -2.95 23.17
CA SER G 20 -27.14 -2.92 21.85
C SER G 20 -27.91 -1.64 21.68
N PRO G 21 -27.88 -1.05 20.47
CA PRO G 21 -28.75 0.09 20.23
C PRO G 21 -30.22 -0.27 20.38
N PHE G 22 -30.58 -1.51 20.07
CA PHE G 22 -31.96 -1.95 20.23
C PHE G 22 -32.38 -2.15 21.70
N GLU G 23 -31.42 -2.44 22.59
CA GLU G 23 -31.70 -2.60 24.03
C GLU G 23 -31.74 -1.26 24.78
N GLN G 24 -31.41 -0.14 24.12
CA GLN G 24 -31.36 1.14 24.83
C GLN G 24 -32.06 2.29 24.14
N ARG G 25 -32.26 3.35 24.92
CA ARG G 25 -33.00 4.54 24.51
C ARG G 25 -32.11 5.45 23.63
N ALA G 26 -32.70 5.99 22.58
CA ALA G 26 -31.99 6.89 21.66
C ALA G 26 -31.66 8.25 22.29
N PHE G 27 -32.68 8.90 22.88
CA PHE G 27 -32.54 10.23 23.48
C PHE G 27 -32.69 10.19 25.01
N PRO G 28 -31.76 9.56 25.75
CA PRO G 28 -31.93 9.49 27.19
C PRO G 28 -31.65 10.83 27.87
N HIS G 29 -32.43 11.11 28.91
CA HIS G 29 -32.29 12.30 29.77
C HIS G 29 -31.92 13.52 28.96
N TYR G 30 -32.61 13.69 27.84
CA TYR G 30 -32.21 14.66 26.83
C TYR G 30 -32.17 16.08 27.40
N PHE G 31 -33.29 16.55 27.95
CA PHE G 31 -33.35 17.87 28.59
C PHE G 31 -32.97 17.78 30.07
N SER G 32 -33.39 16.70 30.72
CA SER G 32 -33.00 16.40 32.12
C SER G 32 -31.52 16.68 32.38
N LYS G 33 -30.63 16.04 31.62
CA LYS G 33 -29.18 16.24 31.75
C LYS G 33 -28.51 17.04 30.63
N GLY G 34 -29.22 17.28 29.52
CA GLY G 34 -28.70 18.07 28.41
C GLY G 34 -28.54 19.55 28.77
N ILE G 35 -29.67 20.22 28.95
CA ILE G 35 -29.69 21.67 29.20
C ILE G 35 -28.64 22.14 30.22
N PRO G 36 -28.55 21.51 31.40
CA PRO G 36 -27.50 21.92 32.34
C PRO G 36 -26.08 21.74 31.79
N ASN G 37 -25.83 20.60 31.12
CA ASN G 37 -24.53 20.33 30.52
C ASN G 37 -24.17 21.40 29.49
N VAL G 38 -25.14 21.74 28.64
CA VAL G 38 -25.01 22.82 27.64
C VAL G 38 -24.63 24.15 28.30
N LEU G 39 -25.39 24.50 29.32
CA LEU G 39 -25.18 25.74 30.04
C LEU G 39 -23.78 25.76 30.66
N ARG G 40 -23.35 24.65 31.26
CA ARG G 40 -21.97 24.59 31.78
C ARG G 40 -20.93 24.82 30.69
N ARG G 41 -21.19 24.20 29.54
CA ARG G 41 -20.29 24.31 28.40
C ARG G 41 -20.19 25.76 27.96
N THR G 42 -21.33 26.43 27.85
CA THR G 42 -21.40 27.83 27.46
C THR G 42 -20.71 28.73 28.48
N ARG G 43 -20.93 28.42 29.76
CA ARG G 43 -20.26 29.08 30.85
C ARG G 43 -18.74 28.90 30.68
N ALA G 44 -18.30 27.67 30.42
CA ALA G 44 -16.87 27.38 30.29
C ALA G 44 -16.15 28.37 29.38
N CYS G 45 -16.62 28.48 28.15
CA CYS G 45 -15.92 29.17 27.08
C CYS G 45 -16.24 30.66 26.91
N ILE G 46 -17.40 31.09 27.42
CA ILE G 46 -18.03 32.35 26.99
C ILE G 46 -17.14 33.55 27.11
N LEU G 47 -16.34 33.60 28.17
CA LEU G 47 -15.50 34.78 28.37
C LEU G 47 -14.25 34.74 27.50
N ARG G 48 -13.90 33.56 26.98
CA ARG G 48 -12.85 33.47 25.96
C ARG G 48 -13.35 33.88 24.57
N VAL G 49 -14.56 33.44 24.23
CA VAL G 49 -15.15 33.72 22.91
C VAL G 49 -15.74 35.13 22.74
N ALA G 50 -16.65 35.49 23.62
CA ALA G 50 -17.50 36.69 23.45
C ALA G 50 -16.87 38.11 23.54
N PRO G 51 -15.83 38.31 24.38
CA PRO G 51 -15.26 39.68 24.40
C PRO G 51 -14.79 40.20 23.04
N PRO G 52 -14.10 39.37 22.24
CA PRO G 52 -13.71 39.78 20.88
C PRO G 52 -14.89 40.19 19.98
N PHE G 53 -16.01 39.51 20.08
CA PHE G 53 -17.19 39.87 19.28
C PHE G 53 -17.98 41.10 19.81
N VAL G 54 -18.18 41.16 21.13
CA VAL G 54 -18.65 42.39 21.77
C VAL G 54 -17.84 43.57 21.22
N ALA G 55 -16.52 43.50 21.36
CA ALA G 55 -15.62 44.51 20.85
C ALA G 55 -15.88 44.82 19.37
N PHE G 56 -16.22 43.79 18.59
CA PHE G 56 -16.60 44.01 17.20
C PHE G 56 -17.85 44.85 17.16
N TYR G 57 -18.87 44.43 17.91
CA TYR G 57 -20.12 45.19 17.99
C TYR G 57 -19.96 46.69 18.35
N LEU G 58 -19.13 46.99 19.35
CA LEU G 58 -18.84 48.37 19.71
C LEU G 58 -18.25 49.14 18.51
N VAL G 59 -17.16 48.61 17.96
CA VAL G 59 -16.45 49.25 16.85
C VAL G 59 -17.34 49.38 15.63
N TYR G 60 -18.22 48.41 15.40
CA TYR G 60 -19.15 48.47 14.27
C TYR G 60 -20.06 49.67 14.39
N THR G 61 -20.95 49.64 15.38
CA THR G 61 -21.95 50.69 15.55
C THR G 61 -21.27 52.05 15.64
N TRP G 62 -20.23 52.18 16.46
CA TRP G 62 -19.47 53.43 16.55
C TRP G 62 -19.02 53.99 15.20
N GLY G 63 -18.21 53.24 14.45
CA GLY G 63 -17.66 53.66 13.16
C GLY G 63 -18.73 53.86 12.11
N THR G 64 -19.87 53.22 12.28
CA THR G 64 -21.02 53.39 11.39
C THR G 64 -21.75 54.71 11.66
N GLN G 65 -22.26 54.89 12.88
CA GLN G 65 -22.94 56.15 13.25
C GLN G 65 -21.96 57.31 13.12
N GLU G 66 -20.69 57.05 13.36
CA GLU G 66 -19.62 58.01 13.11
C GLU G 66 -19.35 58.28 11.62
N PHE G 67 -19.55 57.30 10.75
CA PHE G 67 -19.52 57.56 9.30
C PHE G 67 -20.70 58.43 8.92
N GLU G 68 -21.82 58.24 9.62
CA GLU G 68 -23.02 58.99 9.31
C GLU G 68 -22.91 60.44 9.75
N LYS G 69 -22.27 60.71 10.89
CA LYS G 69 -22.03 62.10 11.29
C LYS G 69 -21.29 62.83 10.17
N SER G 70 -20.10 62.34 9.85
CA SER G 70 -19.20 62.98 8.90
C SER G 70 -19.77 63.18 7.49
N LYS G 71 -20.87 62.49 7.18
CA LYS G 71 -21.53 62.64 5.89
C LYS G 71 -22.62 63.74 5.88
N ARG G 72 -22.96 64.26 7.07
CA ARG G 72 -24.22 64.99 7.25
C ARG G 72 -24.23 66.44 6.79
N LYS G 73 -23.59 67.32 7.55
CA LYS G 73 -23.76 68.77 7.42
C LYS G 73 -22.79 69.48 8.34
N ASN G 74 -22.82 70.81 8.34
CA ASN G 74 -21.93 71.60 9.18
C ASN G 74 -22.69 72.33 10.27
N PRO G 75 -21.94 72.66 11.43
CA PRO G 75 -22.73 73.36 12.45
C PRO G 75 -23.02 74.63 13.25
N ALA G 76 -22.25 75.68 12.99
CA ALA G 76 -22.49 76.98 13.64
C ALA G 76 -23.71 77.85 13.36
N ALA G 77 -24.60 77.36 12.51
CA ALA G 77 -25.77 78.13 12.11
C ALA G 77 -25.68 79.40 11.26
N TYR G 78 -24.47 79.69 10.79
CA TYR G 78 -24.12 80.84 10.01
C TYR G 78 -23.15 81.00 8.82
N GLU G 79 -22.26 80.02 8.72
CA GLU G 79 -20.87 79.64 8.47
C GLU G 79 -20.59 79.79 6.97
N ASN G 80 -21.41 79.16 6.13
CA ASN G 80 -21.23 79.22 4.66
C ASN G 80 -21.22 80.66 4.11
N ASP G 81 -21.66 81.60 4.94
CA ASP G 81 -21.48 83.02 4.75
C ASP G 81 -21.16 83.52 6.16
N ARG G 82 -20.38 84.60 6.29
CA ARG G 82 -19.96 85.08 7.62
C ARG G 82 -19.32 83.98 8.46
N LEU H 26 -61.33 63.21 -9.20
CA LEU H 26 -60.61 62.07 -8.53
C LEU H 26 -59.43 62.53 -7.67
N VAL H 27 -59.30 61.96 -6.47
CA VAL H 27 -58.20 62.31 -5.53
C VAL H 27 -57.40 61.10 -5.03
N ASP H 28 -56.09 61.33 -4.84
CA ASP H 28 -55.11 60.29 -4.52
C ASP H 28 -54.96 60.00 -3.03
N PRO H 29 -55.17 58.74 -2.61
CA PRO H 29 -54.98 58.30 -1.23
C PRO H 29 -53.68 58.79 -0.62
N LEU H 30 -52.66 58.91 -1.46
CA LEU H 30 -51.35 59.42 -1.06
C LEU H 30 -51.42 60.84 -0.49
N THR H 31 -52.08 61.72 -1.24
CA THR H 31 -52.16 63.15 -0.89
C THR H 31 -52.95 63.41 0.38
N THR H 32 -53.74 62.42 0.83
CA THR H 32 -54.35 62.44 2.16
C THR H 32 -53.38 61.94 3.21
N VAL H 33 -52.81 60.76 2.98
CA VAL H 33 -51.95 60.12 3.98
C VAL H 33 -50.70 60.96 4.32
N ARG H 34 -50.18 61.70 3.32
CA ARG H 34 -49.11 62.65 3.59
C ARG H 34 -49.58 63.74 4.55
N GLU H 35 -50.68 64.41 4.20
CA GLU H 35 -51.29 65.41 5.08
C GLU H 35 -51.39 64.87 6.50
N GLN H 36 -52.06 63.74 6.66
CA GLN H 36 -52.28 63.14 7.98
C GLN H 36 -50.99 62.70 8.65
N CYS H 37 -50.00 62.26 7.87
CA CYS H 37 -48.71 61.85 8.45
C CYS H 37 -47.85 63.03 8.92
N GLU H 38 -47.82 64.12 8.15
CA GLU H 38 -46.99 65.28 8.53
C GLU H 38 -47.58 66.17 9.66
N GLN H 39 -48.56 65.60 10.38
CA GLN H 39 -49.03 66.15 11.65
C GLN H 39 -48.02 65.85 12.75
N LEU H 40 -47.52 64.63 12.72
CA LEU H 40 -46.78 64.05 13.86
C LEU H 40 -45.57 64.87 14.24
N GLU H 41 -45.10 64.71 15.47
CA GLU H 41 -44.20 65.69 16.08
C GLU H 41 -42.85 65.84 15.39
N LYS H 42 -42.31 64.74 14.88
CA LYS H 42 -41.00 64.76 14.23
C LYS H 42 -41.02 65.44 12.87
N CYS H 43 -42.10 65.27 12.12
CA CYS H 43 -42.31 65.94 10.83
C CYS H 43 -42.34 67.46 10.98
N VAL H 44 -43.18 67.94 11.89
CA VAL H 44 -43.28 69.37 12.14
C VAL H 44 -41.96 69.90 12.71
N LYS H 45 -41.34 69.13 13.59
CA LYS H 45 -40.03 69.52 14.13
C LYS H 45 -38.99 69.69 13.02
N ALA H 46 -38.99 68.76 12.05
CA ALA H 46 -38.06 68.84 10.91
C ALA H 46 -38.42 69.96 9.95
N ARG H 47 -39.72 70.08 9.67
CA ARG H 47 -40.27 71.14 8.82
C ARG H 47 -39.90 72.51 9.39
N GLU H 48 -39.95 72.60 10.71
CA GLU H 48 -39.47 73.79 11.42
C GLU H 48 -38.01 74.04 11.04
N ARG H 49 -37.15 73.05 11.27
CA ARG H 49 -35.74 73.25 10.97
C ARG H 49 -35.54 73.57 9.49
N LEU H 50 -36.37 73.00 8.61
CA LEU H 50 -36.33 73.38 7.20
C LEU H 50 -36.56 74.89 7.03
N GLU H 51 -37.69 75.43 7.51
CA GLU H 51 -37.95 76.87 7.45
C GLU H 51 -36.77 77.61 8.04
N LEU H 52 -36.43 77.21 9.25
CA LEU H 52 -35.53 77.96 10.11
C LEU H 52 -34.20 78.20 9.41
N CYS H 53 -33.52 77.15 8.97
CA CYS H 53 -32.26 77.40 8.22
C CYS H 53 -32.58 77.82 6.79
N ASP H 54 -33.78 77.48 6.31
CA ASP H 54 -34.19 77.85 4.96
C ASP H 54 -34.21 79.35 4.82
N GLU H 55 -34.56 80.01 5.90
CA GLU H 55 -34.59 81.46 5.94
C GLU H 55 -33.22 82.04 5.70
N ARG H 56 -32.39 81.58 6.58
CA ARG H 56 -31.03 81.83 6.67
C ARG H 56 -30.28 81.64 5.36
N VAL H 57 -30.65 80.63 4.62
CA VAL H 57 -30.10 80.35 3.31
C VAL H 57 -30.71 81.24 2.22
N SER H 58 -32.00 81.53 2.36
CA SER H 58 -32.75 82.29 1.38
C SER H 58 -32.45 83.78 1.53
N SER H 59 -32.44 84.28 2.76
CA SER H 59 -32.35 85.72 3.02
C SER H 59 -30.97 86.32 2.83
N ARG H 60 -29.95 85.49 2.82
CA ARG H 60 -28.61 86.02 2.55
C ARG H 60 -28.30 86.26 1.09
N SER H 61 -27.09 86.75 0.91
CA SER H 61 -26.54 87.06 -0.37
C SER H 61 -25.37 86.10 -0.57
N GLN H 62 -25.43 85.30 -1.64
CA GLN H 62 -24.29 84.49 -2.15
C GLN H 62 -23.69 83.46 -1.23
N THR H 63 -24.41 83.01 -0.24
CA THR H 63 -23.95 81.82 0.47
C THR H 63 -24.56 80.66 -0.30
N GLU H 64 -23.96 79.50 -0.15
CA GLU H 64 -23.63 78.46 -1.05
C GLU H 64 -24.31 77.13 -0.76
N GLU H 65 -24.92 77.05 0.41
CA GLU H 65 -25.70 75.92 0.83
C GLU H 65 -27.13 75.94 0.36
N ASP H 66 -27.83 74.85 0.66
CA ASP H 66 -29.28 74.76 0.61
C ASP H 66 -29.74 74.05 1.88
N CYS H 67 -31.06 73.89 2.07
CA CYS H 67 -31.54 73.05 3.17
C CYS H 67 -32.05 71.68 2.59
N THR H 68 -31.42 71.20 1.50
CA THR H 68 -31.61 69.78 1.00
C THR H 68 -31.55 68.73 2.09
N GLU H 69 -30.50 68.81 2.88
CA GLU H 69 -30.32 67.88 4.01
C GLU H 69 -31.57 67.81 4.87
N GLU H 70 -32.09 68.99 5.20
CA GLU H 70 -33.24 69.14 6.08
C GLU H 70 -34.50 68.63 5.42
N LEU H 71 -34.63 68.93 4.12
CA LEU H 71 -35.73 68.41 3.32
C LEU H 71 -35.80 66.90 3.47
N LEU H 72 -34.64 66.25 3.34
CA LEU H 72 -34.57 64.80 3.38
C LEU H 72 -34.83 64.32 4.80
N ASP H 73 -34.25 65.01 5.78
CA ASP H 73 -34.52 64.74 7.20
C ASP H 73 -36.01 64.62 7.41
N PHE H 74 -36.73 65.64 6.90
CA PHE H 74 -38.19 65.70 6.93
C PHE H 74 -38.80 64.54 6.15
N LEU H 75 -38.54 64.52 4.84
CA LEU H 75 -39.14 63.54 3.95
C LEU H 75 -39.03 62.13 4.49
N HIS H 76 -37.88 61.81 5.10
CA HIS H 76 -37.71 60.50 5.68
C HIS H 76 -38.73 60.28 6.78
N ALA H 77 -38.77 61.21 7.73
CA ALA H 77 -39.71 61.13 8.84
C ALA H 77 -41.15 60.95 8.34
N ARG H 78 -41.52 61.73 7.33
CA ARG H 78 -42.86 61.66 6.75
C ARG H 78 -43.08 60.31 6.12
N ASP H 79 -42.23 59.95 5.16
CA ASP H 79 -42.45 58.75 4.33
C ASP H 79 -42.39 57.42 5.10
N HIS H 80 -41.61 57.37 6.18
CA HIS H 80 -41.65 56.19 7.03
C HIS H 80 -43.11 55.99 7.33
N CYS H 81 -43.75 57.04 7.89
CA CYS H 81 -45.17 57.00 8.22
C CYS H 81 -46.05 56.69 7.01
N VAL H 82 -45.87 57.45 5.94
CA VAL H 82 -46.67 57.28 4.73
C VAL H 82 -46.77 55.80 4.40
N ALA H 83 -45.59 55.15 4.38
CA ALA H 83 -45.44 53.75 3.97
C ALA H 83 -46.13 52.80 4.91
N HIS H 84 -46.16 53.18 6.19
CA HIS H 84 -46.79 52.37 7.24
C HIS H 84 -48.29 52.19 7.07
N LYS H 85 -48.92 53.00 6.22
CA LYS H 85 -50.35 52.84 5.99
C LYS H 85 -50.90 53.18 4.59
N LEU H 86 -50.15 53.92 3.77
CA LEU H 86 -50.62 54.24 2.41
C LEU H 86 -51.29 53.05 1.71
N PHE H 87 -50.74 51.86 1.90
CA PHE H 87 -51.15 50.69 1.14
C PHE H 87 -52.55 50.14 1.48
N ASN H 88 -53.10 50.52 2.63
CA ASN H 88 -54.49 50.17 2.96
C ASN H 88 -55.54 50.73 2.02
N SER H 89 -55.25 51.87 1.40
CA SER H 89 -56.17 52.51 0.48
C SER H 89 -56.20 51.85 -0.89
N LEU H 90 -55.17 51.08 -1.19
CA LEU H 90 -54.95 50.56 -2.54
C LEU H 90 -55.39 49.11 -2.68
N LEU I 50 -0.96 -21.53 32.38
CA LEU I 50 -1.73 -22.73 32.86
C LEU I 50 -1.78 -22.73 34.40
N CYS I 51 -2.67 -23.52 34.97
CA CYS I 51 -2.93 -23.49 36.41
C CYS I 51 -1.92 -24.34 37.22
N ARG I 52 -2.13 -24.38 38.54
CA ARG I 52 -1.39 -25.26 39.45
C ARG I 52 -2.30 -25.58 40.63
N GLU I 53 -1.77 -26.27 41.64
CA GLU I 53 -2.45 -26.60 42.93
C GLU I 53 -3.45 -27.71 43.34
N SER I 54 -3.54 -28.75 42.52
CA SER I 54 -4.23 -30.00 42.87
C SER I 54 -3.68 -31.30 42.27
N LEU I 55 -2.53 -31.70 42.78
CA LEU I 55 -1.70 -32.66 42.08
C LEU I 55 -1.80 -34.15 42.51
N ARG I 56 -2.46 -34.42 43.65
CA ARG I 56 -2.41 -35.73 44.31
C ARG I 56 -2.40 -36.89 43.29
N LEU I 64 4.20 -44.96 28.31
CA LEU I 64 3.28 -43.98 27.71
C LEU I 64 2.54 -44.50 26.47
N VAL I 65 1.37 -43.92 26.20
CA VAL I 65 0.58 -44.20 24.98
C VAL I 65 0.15 -42.92 24.29
N ALA I 66 0.71 -42.66 23.10
CA ALA I 66 0.34 -41.49 22.30
C ALA I 66 -0.92 -41.74 21.47
N SER I 67 -1.62 -40.67 21.13
CA SER I 67 -2.85 -40.82 20.37
C SER I 67 -3.14 -39.59 19.55
N VAL I 68 -3.44 -39.79 18.29
CA VAL I 68 -3.81 -38.71 17.39
C VAL I 68 -4.96 -39.25 16.57
N SER I 69 -5.77 -38.38 15.97
CA SER I 69 -6.84 -38.90 15.16
C SER I 69 -7.23 -37.96 14.03
N LEU I 70 -8.43 -38.14 13.49
CA LEU I 70 -8.94 -37.29 12.45
C LEU I 70 -10.10 -36.40 12.91
N ASN I 71 -10.52 -36.54 14.17
CA ASN I 71 -11.66 -35.75 14.65
C ASN I 71 -11.54 -35.34 16.11
N VAL I 72 -10.49 -35.81 16.76
CA VAL I 72 -10.30 -35.68 18.17
C VAL I 72 -9.00 -34.88 18.28
N PRO I 73 -8.76 -34.21 19.42
CA PRO I 73 -7.41 -33.68 19.63
C PRO I 73 -6.49 -34.82 20.02
N ALA I 74 -5.19 -34.57 20.06
CA ALA I 74 -4.27 -35.63 20.41
C ALA I 74 -4.21 -35.76 21.93
N SER I 75 -4.22 -36.99 22.45
CA SER I 75 -4.10 -37.24 23.90
C SER I 75 -2.86 -38.10 24.23
N VAL I 76 -2.24 -37.82 25.38
CA VAL I 76 -1.02 -38.50 25.83
C VAL I 76 -1.28 -39.34 27.11
N ARG I 77 -1.62 -40.62 26.95
CA ARG I 77 -2.07 -41.44 28.08
C ARG I 77 -0.95 -41.83 29.06
N PRO J 4 -49.77 -8.10 19.84
CA PRO J 4 -48.65 -7.35 19.26
C PRO J 4 -48.97 -5.87 19.03
N THR J 5 -47.98 -4.99 19.22
CA THR J 5 -48.15 -3.56 18.93
C THR J 5 -48.23 -3.32 17.42
N LEU J 6 -48.52 -2.10 17.02
CA LEU J 6 -48.36 -1.68 15.62
C LEU J 6 -46.90 -1.79 15.17
N THR J 7 -45.98 -1.27 15.96
CA THR J 7 -44.54 -1.41 15.68
C THR J 7 -44.12 -2.87 15.46
N ALA J 8 -44.58 -3.75 16.36
CA ALA J 8 -44.26 -5.18 16.33
C ALA J 8 -44.85 -5.91 15.13
N ARG J 9 -46.08 -5.57 14.76
CA ARG J 9 -46.68 -6.11 13.53
C ARG J 9 -45.95 -5.57 12.30
N LEU J 10 -45.71 -4.25 12.30
CA LEU J 10 -44.98 -3.61 11.21
C LEU J 10 -43.62 -4.24 10.98
N TYR J 11 -42.93 -4.58 12.07
CA TYR J 11 -41.62 -5.24 11.96
C TYR J 11 -41.68 -6.54 11.20
N SER J 12 -42.51 -7.46 11.69
CA SER J 12 -42.55 -8.84 11.17
C SER J 12 -43.30 -8.97 9.84
N LEU J 13 -44.20 -8.04 9.55
CA LEU J 13 -44.90 -8.05 8.27
C LEU J 13 -44.17 -7.31 7.15
N LEU J 14 -43.48 -6.21 7.44
CA LEU J 14 -42.84 -5.41 6.39
C LEU J 14 -41.32 -5.16 6.50
N PHE J 15 -40.76 -5.08 7.70
CA PHE J 15 -39.33 -4.76 7.87
C PHE J 15 -38.36 -5.96 7.97
N ARG J 16 -38.85 -7.13 8.36
CA ARG J 16 -37.98 -8.30 8.56
C ARG J 16 -37.28 -8.78 7.29
N ARG J 17 -38.04 -9.10 6.24
CA ARG J 17 -37.42 -9.49 4.97
C ARG J 17 -37.03 -8.22 4.21
N THR J 18 -35.75 -8.14 3.84
CA THR J 18 -35.20 -6.98 3.12
C THR J 18 -35.84 -6.80 1.72
N SER J 19 -36.41 -7.88 1.18
CA SER J 19 -37.27 -7.78 0.00
C SER J 19 -38.50 -6.92 0.24
N THR J 20 -39.31 -7.30 1.22
CA THR J 20 -40.54 -6.57 1.53
C THR J 20 -40.24 -5.14 2.04
N PHE J 21 -39.17 -5.00 2.83
CA PHE J 21 -38.68 -3.70 3.32
C PHE J 21 -38.58 -2.70 2.16
N ALA J 22 -37.88 -3.09 1.10
CA ALA J 22 -37.67 -2.21 -0.04
C ALA J 22 -38.99 -1.87 -0.76
N LEU J 23 -39.76 -2.91 -1.06
CA LEU J 23 -41.08 -2.76 -1.64
C LEU J 23 -41.95 -1.75 -0.86
N THR J 24 -41.98 -1.91 0.47
CA THR J 24 -42.63 -0.97 1.40
C THR J 24 -42.17 0.46 1.14
N ILE J 25 -40.86 0.66 1.12
CA ILE J 25 -40.31 1.99 0.87
C ILE J 25 -40.83 2.55 -0.45
N VAL J 26 -40.78 1.72 -1.50
CA VAL J 26 -41.36 2.09 -2.79
C VAL J 26 -42.85 2.45 -2.69
N VAL J 27 -43.70 1.46 -2.42
CA VAL J 27 -45.15 1.72 -2.25
C VAL J 27 -45.39 2.97 -1.41
N GLY J 28 -44.76 2.98 -0.23
CA GLY J 28 -44.92 4.05 0.72
C GLY J 28 -44.52 5.37 0.13
N ALA J 29 -43.43 5.39 -0.64
CA ALA J 29 -42.92 6.63 -1.24
C ALA J 29 -43.79 7.15 -2.39
N LEU J 30 -44.34 6.25 -3.20
CA LEU J 30 -45.33 6.66 -4.18
C LEU J 30 -46.50 7.32 -3.46
N PHE J 31 -47.08 6.60 -2.50
CA PHE J 31 -48.24 7.06 -1.73
C PHE J 31 -47.93 8.40 -1.07
N PHE J 32 -46.89 8.42 -0.24
CA PHE J 32 -46.38 9.66 0.35
C PHE J 32 -46.28 10.82 -0.65
N GLU J 33 -45.55 10.63 -1.76
CA GLU J 33 -45.29 11.70 -2.70
C GLU J 33 -46.54 12.50 -3.01
N ARG J 34 -47.59 11.82 -3.47
CA ARG J 34 -48.84 12.48 -3.87
C ARG J 34 -49.48 13.22 -2.70
N ALA J 35 -49.63 12.53 -1.58
CA ALA J 35 -50.17 13.15 -0.36
C ALA J 35 -49.47 14.47 -0.03
N PHE J 36 -48.15 14.41 0.11
CA PHE J 36 -47.36 15.59 0.42
C PHE J 36 -47.54 16.66 -0.65
N ASP J 37 -47.12 16.38 -1.88
CA ASP J 37 -47.31 17.33 -2.99
C ASP J 37 -48.65 18.07 -2.89
N GLN J 38 -49.74 17.31 -2.90
CA GLN J 38 -51.09 17.89 -2.89
C GLN J 38 -51.45 18.59 -1.57
N GLY J 39 -51.01 18.04 -0.45
CA GLY J 39 -51.15 18.69 0.85
C GLY J 39 -50.51 20.07 0.90
N ALA J 40 -49.20 20.13 0.69
CA ALA J 40 -48.48 21.40 0.75
C ALA J 40 -48.81 22.33 -0.41
N ASP J 41 -49.11 21.78 -1.59
CA ASP J 41 -49.64 22.62 -2.69
C ASP J 41 -50.88 23.35 -2.17
N ALA J 42 -51.77 22.61 -1.52
CA ALA J 42 -53.01 23.15 -0.93
C ALA J 42 -52.79 24.22 0.15
N ILE J 43 -51.84 23.96 1.07
CA ILE J 43 -51.44 24.91 2.11
C ILE J 43 -50.94 26.21 1.47
N TYR J 44 -50.05 26.11 0.48
CA TYR J 44 -49.51 27.28 -0.22
C TYR J 44 -50.64 28.04 -0.90
N GLU J 45 -51.46 27.33 -1.66
CA GLU J 45 -52.58 27.93 -2.40
C GLU J 45 -53.55 28.70 -1.48
N HIS J 46 -53.83 28.12 -0.32
CA HIS J 46 -54.59 28.85 0.71
C HIS J 46 -53.80 30.04 1.23
N ILE J 47 -52.57 29.80 1.68
CA ILE J 47 -51.72 30.88 2.22
C ILE J 47 -51.71 32.09 1.31
N ASN J 48 -51.78 31.85 0.00
CA ASN J 48 -51.81 32.91 -1.01
C ASN J 48 -53.15 32.97 -1.73
N GLU J 49 -54.23 32.79 -0.99
CA GLU J 49 -55.58 32.77 -1.55
C GLU J 49 -55.90 34.07 -2.31
N GLY J 50 -56.58 33.93 -3.45
CA GLY J 50 -57.03 35.05 -4.29
C GLY J 50 -56.04 35.59 -5.34
N LYS J 51 -54.75 35.35 -5.10
CA LYS J 51 -53.66 36.06 -5.80
C LYS J 51 -53.14 35.41 -7.09
N LEU J 52 -53.41 34.11 -7.27
CA LEU J 52 -52.78 33.31 -8.33
C LEU J 52 -53.65 33.25 -9.58
N TRP J 53 -53.04 32.95 -10.73
CA TRP J 53 -53.77 32.90 -12.00
C TRP J 53 -54.81 31.79 -12.06
N LYS J 54 -54.65 30.77 -11.21
CA LYS J 54 -55.69 29.73 -11.10
C LYS J 54 -56.91 30.23 -10.33
N HIS J 55 -56.71 31.14 -9.37
CA HIS J 55 -57.84 31.77 -8.67
C HIS J 55 -58.55 32.87 -9.49
N ILE J 56 -57.81 33.60 -10.32
CA ILE J 56 -58.39 34.67 -11.16
C ILE J 56 -58.47 34.28 -12.67
N LYS J 57 -58.63 33.00 -12.93
CA LYS J 57 -58.65 32.48 -14.30
C LYS J 57 -60.05 32.66 -14.85
N HIS J 58 -61.02 32.12 -14.10
CA HIS J 58 -62.43 32.10 -14.48
C HIS J 58 -62.92 33.43 -15.04
N LYS J 59 -62.48 34.54 -14.45
CA LYS J 59 -62.91 35.89 -14.88
C LYS J 59 -62.69 36.19 -16.37
N TYR J 60 -61.67 35.58 -17.00
CA TYR J 60 -61.25 35.99 -18.36
C TYR J 60 -61.48 34.90 -19.41
N GLU J 61 -62.57 34.16 -19.25
CA GLU J 61 -62.98 33.11 -20.19
C GLU J 61 -64.49 33.23 -20.42
N ALA K 36 57.66 8.84 25.60
CA ALA K 36 57.80 7.67 24.68
C ALA K 36 56.62 7.61 23.69
N THR K 37 56.65 8.46 22.67
CA THR K 37 55.51 8.61 21.75
C THR K 37 55.39 7.54 20.65
N TYR K 38 54.26 7.60 19.93
CA TYR K 38 54.01 6.78 18.74
C TYR K 38 55.02 7.09 17.63
N ALA K 39 55.23 8.38 17.36
CA ALA K 39 56.25 8.85 16.41
C ALA K 39 57.66 8.29 16.70
N GLN K 40 58.00 8.22 17.98
CA GLN K 40 59.29 7.71 18.46
C GLN K 40 59.32 6.18 18.44
N ALA K 41 58.18 5.55 18.75
CA ALA K 41 58.07 4.07 18.74
C ALA K 41 58.42 3.47 17.38
N LEU K 42 58.11 4.20 16.31
CA LEU K 42 58.45 3.80 14.95
C LEU K 42 59.94 3.83 14.70
N GLN K 43 60.67 4.64 15.47
CA GLN K 43 62.12 4.65 15.38
C GLN K 43 62.70 3.33 15.91
N SER K 44 62.26 2.91 17.10
CA SER K 44 62.81 1.72 17.75
C SER K 44 62.55 0.40 17.01
N VAL K 45 61.95 0.46 15.82
CA VAL K 45 61.67 -0.75 15.05
C VAL K 45 62.92 -1.23 14.29
N PRO K 46 63.27 -2.51 14.44
CA PRO K 46 64.42 -3.10 13.75
C PRO K 46 64.32 -2.99 12.23
N GLU K 47 65.29 -2.30 11.61
CA GLU K 47 65.32 -2.14 10.14
C GLU K 47 65.62 -3.46 9.43
N THR K 48 64.59 -4.05 8.82
CA THR K 48 64.70 -5.36 8.18
C THR K 48 65.97 -5.42 7.30
N GLN K 49 66.85 -6.39 7.56
CA GLN K 49 68.11 -6.54 6.84
C GLN K 49 67.95 -7.52 5.67
N VAL K 50 68.49 -7.14 4.50
CA VAL K 50 68.37 -7.94 3.28
C VAL K 50 69.67 -8.06 2.47
N SER K 51 70.05 -9.29 2.13
CA SER K 51 71.22 -9.56 1.30
C SER K 51 70.80 -10.30 0.03
N GLN K 52 71.77 -10.58 -0.83
CA GLN K 52 71.51 -11.35 -2.04
C GLN K 52 72.62 -12.37 -2.30
N LEU K 53 72.38 -13.30 -3.22
CA LEU K 53 73.40 -14.24 -3.66
C LEU K 53 73.74 -13.98 -5.12
N ASP K 54 74.93 -14.40 -5.53
CA ASP K 54 75.32 -14.38 -6.94
C ASP K 54 74.28 -15.13 -7.77
N ASN K 55 73.78 -16.22 -7.20
CA ASN K 55 72.81 -17.08 -7.87
C ASN K 55 71.38 -16.54 -7.82
N GLY K 56 71.16 -15.40 -7.15
CA GLY K 56 69.90 -14.66 -7.27
C GLY K 56 69.09 -14.52 -6.00
N LEU K 57 68.96 -15.62 -5.25
CA LEU K 57 68.14 -15.68 -4.03
C LEU K 57 68.39 -14.49 -3.10
N ARG K 58 67.37 -13.63 -3.00
CA ARG K 58 67.40 -12.57 -2.00
C ARG K 58 67.17 -13.19 -0.62
N VAL K 59 67.97 -12.74 0.34
CA VAL K 59 67.88 -13.19 1.72
C VAL K 59 67.40 -12.02 2.57
N ALA K 60 66.50 -12.29 3.52
CA ALA K 60 65.77 -11.24 4.20
C ALA K 60 65.42 -11.64 5.63
N SER K 61 65.62 -10.72 6.56
CA SER K 61 65.38 -11.06 7.97
C SER K 61 65.21 -9.88 8.91
N GLU K 62 64.24 -9.99 9.83
CA GLU K 62 64.09 -9.00 10.89
C GLU K 62 64.34 -9.61 12.26
N GLN K 63 65.30 -9.01 12.97
CA GLN K 63 65.73 -9.45 14.29
C GLN K 63 64.98 -8.79 15.45
N SER K 64 64.38 -9.65 16.27
CA SER K 64 63.95 -9.29 17.62
C SER K 64 64.64 -10.28 18.54
N SER K 65 64.44 -10.13 19.85
CA SER K 65 64.99 -11.08 20.81
C SER K 65 63.97 -12.20 21.10
N GLN K 66 63.20 -12.58 20.09
CA GLN K 66 62.21 -13.63 20.24
C GLN K 66 62.90 -15.00 20.35
N PRO K 67 62.53 -15.81 21.37
CA PRO K 67 63.09 -17.17 21.53
C PRO K 67 62.67 -18.12 20.41
N THR K 68 61.48 -17.89 19.86
CA THR K 68 61.07 -18.58 18.63
C THR K 68 61.19 -17.64 17.43
N CYS K 69 61.06 -18.20 16.25
CA CYS K 69 61.20 -17.44 15.02
C CYS K 69 60.36 -18.07 13.91
N THR K 70 60.27 -17.36 12.79
CA THR K 70 59.67 -17.91 11.58
C THR K 70 60.60 -17.62 10.41
N VAL K 71 60.72 -18.62 9.53
CA VAL K 71 61.55 -18.52 8.34
C VAL K 71 60.84 -19.26 7.23
N GLY K 72 61.04 -18.81 6.01
CA GLY K 72 60.39 -19.42 4.86
C GLY K 72 60.78 -18.85 3.51
N VAL K 73 60.31 -19.55 2.48
CA VAL K 73 60.63 -19.21 1.10
C VAL K 73 59.39 -18.61 0.46
N TRP K 74 59.60 -17.50 -0.25
CA TRP K 74 58.54 -16.81 -0.99
C TRP K 74 58.90 -16.75 -2.47
N ILE K 75 57.91 -16.99 -3.31
CA ILE K 75 58.14 -17.18 -4.73
C ILE K 75 57.07 -16.47 -5.57
N ASP K 76 57.49 -15.79 -6.64
CA ASP K 76 56.57 -15.22 -7.64
C ASP K 76 56.04 -16.33 -8.58
N ALA K 77 55.11 -17.14 -8.08
CA ALA K 77 54.47 -18.16 -8.91
C ALA K 77 52.99 -18.32 -8.56
N GLY K 78 52.20 -18.85 -9.49
CA GLY K 78 50.80 -19.16 -9.22
C GLY K 78 49.94 -19.17 -10.46
N SER K 79 48.63 -19.02 -10.26
CA SER K 79 47.66 -19.21 -11.34
C SER K 79 47.64 -18.10 -12.39
N ARG K 80 48.25 -16.95 -12.09
CA ARG K 80 48.41 -15.89 -13.10
C ARG K 80 49.49 -16.27 -14.10
N TYR K 81 50.59 -16.84 -13.61
CA TYR K 81 51.67 -17.34 -14.45
C TYR K 81 51.27 -18.64 -15.15
N GLU K 82 50.35 -19.39 -14.55
CA GLU K 82 49.79 -20.61 -15.15
C GLU K 82 49.10 -20.29 -16.47
N SER K 83 48.62 -21.31 -17.15
CA SER K 83 47.92 -21.11 -18.41
C SER K 83 46.91 -22.21 -18.66
N GLU K 84 46.07 -21.97 -19.66
CA GLU K 84 44.83 -22.71 -19.86
C GLU K 84 44.92 -24.22 -19.71
N LYS K 85 46.04 -24.81 -20.12
CA LYS K 85 46.21 -26.26 -20.12
C LYS K 85 46.85 -26.77 -18.83
N ASN K 86 47.77 -25.99 -18.27
CA ASN K 86 48.44 -26.39 -17.04
C ASN K 86 47.86 -25.70 -15.78
N ASN K 87 46.68 -25.09 -15.90
CA ASN K 87 46.02 -24.44 -14.76
C ASN K 87 45.77 -25.46 -13.65
N GLY K 88 46.01 -25.05 -12.41
CA GLY K 88 45.75 -25.87 -11.23
C GLY K 88 46.92 -26.71 -10.77
N ALA K 89 48.09 -26.42 -11.34
CA ALA K 89 49.29 -27.21 -11.08
C ALA K 89 50.04 -26.71 -9.84
N GLY K 90 50.03 -25.41 -9.63
CA GLY K 90 50.73 -24.80 -8.48
C GLY K 90 50.14 -25.35 -7.20
N TYR K 91 48.82 -25.54 -7.22
CA TYR K 91 48.10 -26.19 -6.14
C TYR K 91 48.54 -27.65 -5.95
N PHE K 92 48.68 -28.37 -7.07
CA PHE K 92 49.16 -29.76 -7.07
C PHE K 92 50.54 -29.86 -6.42
N VAL K 93 51.47 -29.00 -6.86
CA VAL K 93 52.83 -28.97 -6.31
C VAL K 93 52.77 -28.69 -4.82
N GLU K 94 52.10 -27.61 -4.46
CA GLU K 94 51.90 -27.24 -3.07
C GLU K 94 51.39 -28.44 -2.28
N HIS K 95 50.48 -29.20 -2.89
CA HIS K 95 50.00 -30.45 -2.28
C HIS K 95 51.10 -31.50 -2.05
N LEU K 96 51.91 -31.74 -3.09
CA LEU K 96 52.94 -32.78 -3.09
C LEU K 96 54.20 -32.41 -2.31
N ALA K 97 54.50 -31.12 -2.24
CA ALA K 97 55.75 -30.64 -1.66
C ALA K 97 56.10 -31.19 -0.28
N PHE K 98 55.10 -31.49 0.54
CA PHE K 98 55.37 -32.01 1.89
C PHE K 98 55.29 -33.53 1.99
N LYS K 99 55.07 -34.21 0.86
CA LYS K 99 55.00 -35.67 0.85
C LYS K 99 56.38 -36.29 0.60
N GLY K 100 57.42 -35.67 1.18
CA GLY K 100 58.75 -36.23 1.19
C GLY K 100 59.57 -35.85 -0.02
N THR K 101 60.86 -35.60 0.24
CA THR K 101 61.84 -35.24 -0.80
C THR K 101 62.64 -36.49 -1.20
N LYS K 102 63.63 -36.33 -2.07
CA LYS K 102 64.55 -37.42 -2.39
C LYS K 102 65.43 -37.75 -1.18
N ASN K 103 66.12 -36.74 -0.65
CA ASN K 103 67.00 -36.91 0.52
C ASN K 103 66.24 -37.31 1.80
N ARG K 104 64.92 -37.14 1.80
CA ARG K 104 64.07 -37.61 2.90
C ARG K 104 62.79 -38.24 2.35
N PRO K 105 62.82 -39.56 2.08
CA PRO K 105 61.71 -40.22 1.38
C PRO K 105 60.45 -40.42 2.23
N GLY K 106 59.33 -40.65 1.55
CA GLY K 106 58.04 -40.93 2.21
C GLY K 106 57.58 -39.80 3.11
N ASN K 107 57.31 -40.12 4.38
CA ASN K 107 57.00 -39.10 5.38
C ASN K 107 58.13 -39.04 6.40
N ALA K 108 59.27 -38.56 5.91
CA ALA K 108 60.41 -38.26 6.75
C ALA K 108 60.43 -36.75 7.00
N LEU K 109 60.42 -36.00 5.90
CA LEU K 109 60.31 -34.53 5.92
C LEU K 109 59.26 -34.05 6.93
N GLU K 110 58.15 -34.79 6.99
CA GLU K 110 57.05 -34.53 7.91
C GLU K 110 57.47 -34.83 9.36
N LYS K 111 57.99 -36.03 9.59
CA LYS K 111 58.35 -36.50 10.94
C LYS K 111 59.52 -35.75 11.58
N GLU K 112 60.45 -35.28 10.75
CA GLU K 112 61.63 -34.56 11.26
C GLU K 112 61.21 -33.21 11.82
N VAL K 113 60.27 -32.57 11.13
CA VAL K 113 59.73 -31.28 11.56
C VAL K 113 58.75 -31.48 12.71
N GLU K 114 57.84 -32.44 12.57
CA GLU K 114 56.85 -32.77 13.62
C GLU K 114 57.54 -33.02 14.94
N SER K 115 58.51 -33.93 14.93
CA SER K 115 59.18 -34.39 16.15
C SER K 115 60.01 -33.31 16.83
N MET K 116 60.67 -32.46 16.05
CA MET K 116 61.48 -31.39 16.62
C MET K 116 60.61 -30.25 17.22
N GLY K 117 59.29 -30.34 17.09
CA GLY K 117 58.34 -29.40 17.74
C GLY K 117 57.74 -28.37 16.80
N ALA K 118 58.57 -27.92 15.85
CA ALA K 118 58.23 -26.83 14.94
C ALA K 118 57.02 -27.09 14.03
N HIS K 119 56.59 -26.01 13.36
CA HIS K 119 55.42 -26.02 12.49
C HIS K 119 55.81 -25.72 11.03
N LEU K 120 55.18 -26.42 10.09
CA LEU K 120 55.44 -26.23 8.67
C LEU K 120 54.13 -25.95 7.93
N ASN K 121 54.09 -24.82 7.21
CA ASN K 121 52.90 -24.44 6.43
C ASN K 121 53.27 -23.91 5.04
N ALA K 122 52.27 -23.85 4.15
CA ALA K 122 52.43 -23.36 2.78
C ALA K 122 51.11 -22.83 2.22
N TYR K 123 51.19 -21.93 1.24
CA TYR K 123 50.00 -21.47 0.47
C TYR K 123 50.30 -20.96 -0.95
N SER K 124 49.32 -21.10 -1.84
CA SER K 124 49.38 -20.60 -3.21
C SER K 124 48.32 -19.52 -3.37
N THR K 125 48.63 -18.48 -4.15
CA THR K 125 47.62 -17.48 -4.56
C THR K 125 47.70 -17.32 -6.08
N ARG K 126 47.11 -16.26 -6.63
CA ARG K 126 47.17 -16.03 -8.08
C ARG K 126 48.53 -15.51 -8.54
N GLU K 127 49.22 -14.78 -7.67
CA GLU K 127 50.52 -14.21 -8.00
C GLU K 127 51.69 -14.62 -7.08
N HIS K 128 51.44 -15.45 -6.08
CA HIS K 128 52.46 -15.78 -5.08
C HIS K 128 52.37 -17.21 -4.56
N THR K 129 53.50 -17.73 -4.08
CA THR K 129 53.57 -19.02 -3.40
C THR K 129 54.58 -18.97 -2.26
N ALA K 130 54.20 -19.50 -1.11
CA ALA K 130 55.06 -19.46 0.05
C ALA K 130 55.06 -20.82 0.77
N TYR K 131 56.24 -21.20 1.24
CA TYR K 131 56.41 -22.34 2.14
C TYR K 131 57.21 -21.83 3.35
N TYR K 132 56.70 -22.04 4.56
CA TYR K 132 57.37 -21.48 5.74
C TYR K 132 57.29 -22.34 7.00
N ILE K 133 58.27 -22.14 7.88
CA ILE K 133 58.38 -22.91 9.10
C ILE K 133 58.47 -22.01 10.32
N LYS K 134 57.64 -22.32 11.31
CA LYS K 134 57.73 -21.74 12.66
C LYS K 134 58.59 -22.66 13.50
N ALA K 135 59.67 -22.13 14.08
CA ALA K 135 60.61 -22.95 14.84
C ALA K 135 61.15 -22.21 16.06
N LEU K 136 61.93 -22.93 16.87
CA LEU K 136 62.73 -22.30 17.93
C LEU K 136 63.93 -21.59 17.29
N SER K 137 64.43 -20.52 17.93
CA SER K 137 65.60 -19.79 17.42
C SER K 137 66.76 -20.73 17.12
N LYS K 138 67.15 -21.51 18.12
CA LYS K 138 68.20 -22.51 17.98
C LYS K 138 68.03 -23.41 16.73
N ASP K 139 66.78 -23.75 16.37
CA ASP K 139 66.51 -24.65 15.23
C ASP K 139 66.69 -24.00 13.87
N LEU K 140 66.84 -22.68 13.81
CA LEU K 140 66.89 -21.95 12.53
C LEU K 140 67.78 -22.65 11.50
N PRO K 141 69.03 -22.99 11.87
CA PRO K 141 69.90 -23.69 10.93
C PRO K 141 69.29 -24.96 10.34
N LYS K 142 68.75 -25.80 11.21
CA LYS K 142 68.12 -27.05 10.77
C LYS K 142 66.86 -26.77 9.92
N ALA K 143 66.07 -25.79 10.34
CA ALA K 143 64.88 -25.39 9.59
C ALA K 143 65.22 -25.00 8.15
N VAL K 144 66.10 -24.01 8.00
CA VAL K 144 66.48 -23.47 6.67
C VAL K 144 66.85 -24.59 5.72
N GLU K 145 67.52 -25.61 6.26
CA GLU K 145 67.93 -26.77 5.46
C GLU K 145 66.72 -27.44 4.80
N LEU K 146 65.73 -27.79 5.62
CA LEU K 146 64.56 -28.53 5.12
C LEU K 146 63.83 -27.78 4.00
N LEU K 147 63.62 -26.48 4.17
CA LEU K 147 62.96 -25.67 3.15
C LEU K 147 63.64 -25.86 1.80
N ALA K 148 64.94 -25.62 1.76
CA ALA K 148 65.76 -25.80 0.56
C ALA K 148 65.56 -27.16 -0.08
N ASP K 149 65.32 -28.17 0.75
CA ASP K 149 65.03 -29.53 0.30
C ASP K 149 63.62 -29.66 -0.30
N ILE K 150 62.64 -29.01 0.33
CA ILE K 150 61.23 -29.03 -0.16
C ILE K 150 61.15 -28.40 -1.54
N VAL K 151 61.76 -27.23 -1.65
CA VAL K 151 61.82 -26.45 -2.89
C VAL K 151 62.58 -27.21 -3.99
N GLN K 152 63.86 -27.53 -3.73
CA GLN K 152 64.73 -28.13 -4.73
C GLN K 152 64.44 -29.60 -5.03
N ASN K 153 64.59 -30.46 -4.03
CA ASN K 153 64.66 -31.91 -4.25
C ASN K 153 63.33 -32.66 -4.04
N CYS K 154 62.25 -32.12 -4.60
CA CYS K 154 60.92 -32.69 -4.43
C CYS K 154 60.77 -34.00 -5.22
N SER K 155 60.22 -35.03 -4.55
CA SER K 155 60.10 -36.36 -5.15
C SER K 155 59.05 -36.45 -6.26
N LEU K 156 57.83 -36.00 -5.97
CA LEU K 156 56.69 -36.08 -6.91
C LEU K 156 56.33 -37.52 -7.26
N GLU K 157 56.22 -38.37 -6.24
CA GLU K 157 55.93 -39.78 -6.44
C GLU K 157 54.69 -40.01 -7.30
N ASP K 158 54.83 -40.85 -8.32
CA ASP K 158 53.74 -41.15 -9.25
C ASP K 158 52.55 -41.79 -8.54
N SER K 159 52.82 -42.58 -7.50
CA SER K 159 51.77 -43.13 -6.65
C SER K 159 51.11 -42.03 -5.81
N GLN K 160 51.91 -41.03 -5.43
CA GLN K 160 51.44 -39.89 -4.64
C GLN K 160 50.61 -38.91 -5.45
N ILE K 161 50.98 -38.70 -6.71
CA ILE K 161 50.20 -37.85 -7.61
C ILE K 161 48.72 -38.31 -7.69
N GLU K 162 48.49 -39.61 -7.84
CA GLU K 162 47.11 -40.15 -7.93
C GLU K 162 46.38 -40.12 -6.58
N LYS K 163 47.15 -40.06 -5.49
CA LYS K 163 46.62 -39.88 -4.11
C LYS K 163 46.14 -38.45 -3.83
N GLU K 164 46.92 -37.46 -4.26
CA GLU K 164 46.54 -36.05 -4.16
C GLU K 164 45.50 -35.69 -5.22
N ARG K 165 45.46 -36.44 -6.33
CA ARG K 165 44.45 -36.21 -7.35
C ARG K 165 43.04 -36.45 -6.78
N ASP K 166 42.85 -37.48 -5.97
CA ASP K 166 41.54 -37.73 -5.34
C ASP K 166 41.25 -36.74 -4.23
N VAL K 167 42.32 -36.32 -3.54
CA VAL K 167 42.18 -35.30 -2.50
C VAL K 167 41.59 -34.05 -3.14
N ILE K 168 42.34 -33.44 -4.04
CA ILE K 168 41.98 -32.16 -4.58
C ILE K 168 40.59 -32.17 -5.17
N LEU K 169 40.23 -33.20 -5.93
CA LEU K 169 38.87 -33.29 -6.48
C LEU K 169 37.79 -33.13 -5.41
N GLN K 170 38.06 -33.63 -4.20
CA GLN K 170 37.16 -33.44 -3.07
C GLN K 170 37.34 -32.10 -2.38
N GLU K 171 38.54 -31.52 -2.44
CA GLU K 171 38.75 -30.14 -1.97
C GLU K 171 38.02 -29.12 -2.85
N LEU K 172 37.75 -29.49 -4.10
CA LEU K 172 36.99 -28.62 -5.00
C LEU K 172 35.49 -28.67 -4.73
N GLN K 173 34.98 -29.80 -4.25
CA GLN K 173 33.57 -29.90 -3.86
C GLN K 173 33.28 -29.18 -2.54
N GLU K 174 34.30 -29.07 -1.69
CA GLU K 174 34.20 -28.30 -0.45
C GLU K 174 33.98 -26.84 -0.78
N ASN K 175 34.88 -26.27 -1.56
CA ASN K 175 34.75 -24.88 -2.02
C ASN K 175 33.38 -24.58 -2.65
N ASP K 176 32.91 -25.49 -3.50
CA ASP K 176 31.59 -25.36 -4.17
C ASP K 176 30.43 -25.05 -3.23
N THR K 177 30.62 -25.34 -1.94
CA THR K 177 29.68 -24.89 -0.91
C THR K 177 30.42 -24.01 0.10
N SER K 178 30.92 -22.88 -0.37
CA SER K 178 31.50 -21.84 0.49
C SER K 178 31.33 -20.54 -0.27
N MET K 179 30.11 -20.03 -0.20
CA MET K 179 29.64 -18.99 -1.10
C MET K 179 30.63 -17.83 -1.22
N ARG K 180 31.32 -17.51 -0.13
CA ARG K 180 32.35 -16.49 -0.17
C ARG K 180 33.37 -16.79 -1.27
N ASP K 181 33.96 -17.98 -1.21
CA ASP K 181 35.03 -18.38 -2.15
C ASP K 181 34.56 -18.41 -3.62
N VAL K 182 33.35 -18.93 -3.80
CA VAL K 182 32.70 -19.03 -5.12
C VAL K 182 32.47 -17.66 -5.77
N VAL K 183 31.84 -16.76 -5.00
CA VAL K 183 31.54 -15.43 -5.47
C VAL K 183 32.83 -14.69 -5.80
N PHE K 184 33.83 -14.82 -4.96
CA PHE K 184 35.11 -14.14 -5.21
C PHE K 184 35.78 -14.67 -6.48
N ASN K 185 35.81 -15.99 -6.68
CA ASN K 185 36.32 -16.57 -7.91
C ASN K 185 35.52 -16.10 -9.11
N TYR K 186 34.19 -16.06 -8.99
CA TYR K 186 33.34 -15.52 -10.07
C TYR K 186 33.70 -14.09 -10.37
N LEU K 187 33.82 -13.29 -9.31
CA LEU K 187 34.20 -11.90 -9.49
C LEU K 187 35.46 -11.84 -10.35
N HIS K 188 36.46 -12.63 -9.99
CA HIS K 188 37.69 -12.69 -10.78
C HIS K 188 37.42 -13.11 -12.22
N ALA K 189 36.63 -14.18 -12.39
CA ALA K 189 36.32 -14.68 -13.75
C ALA K 189 35.77 -13.60 -14.63
N THR K 190 34.77 -12.87 -14.15
CA THR K 190 34.13 -11.89 -14.99
C THR K 190 34.83 -10.54 -14.96
N ALA K 191 35.59 -10.23 -13.90
CA ALA K 191 36.38 -9.00 -13.86
C ALA K 191 37.57 -9.06 -14.84
N PHE K 192 38.18 -10.22 -14.96
CA PHE K 192 39.37 -10.38 -15.80
C PHE K 192 39.16 -11.39 -16.93
N GLN K 193 37.89 -11.58 -17.27
CA GLN K 193 37.53 -12.50 -18.32
C GLN K 193 38.46 -12.39 -19.50
N GLY K 194 38.91 -13.55 -19.97
CA GLY K 194 39.78 -13.63 -21.15
C GLY K 194 41.26 -13.42 -20.91
N THR K 195 41.66 -13.36 -19.63
CA THR K 195 43.06 -13.24 -19.24
C THR K 195 43.41 -14.33 -18.22
N PRO K 196 44.71 -14.44 -17.83
CA PRO K 196 45.09 -15.41 -16.80
C PRO K 196 44.53 -15.14 -15.40
N LEU K 197 44.34 -13.88 -15.04
CA LEU K 197 43.84 -13.53 -13.69
C LEU K 197 42.45 -14.08 -13.45
N ALA K 198 41.63 -14.07 -14.50
CA ALA K 198 40.35 -14.78 -14.50
C ALA K 198 40.45 -16.23 -14.02
N GLN K 199 41.66 -16.78 -13.99
CA GLN K 199 41.88 -18.15 -13.54
C GLN K 199 41.95 -18.29 -12.05
N SER K 200 41.30 -19.37 -11.58
CA SER K 200 41.33 -19.79 -10.19
C SER K 200 42.66 -20.43 -9.85
N VAL K 201 43.03 -20.34 -8.58
CA VAL K 201 44.28 -20.91 -8.08
C VAL K 201 44.19 -22.44 -8.09
N GLU K 202 42.98 -22.94 -7.89
CA GLU K 202 42.76 -24.37 -7.74
C GLU K 202 42.75 -25.09 -9.08
N GLY K 203 42.21 -24.43 -10.11
CA GLY K 203 42.18 -24.96 -11.47
C GLY K 203 40.92 -25.76 -11.79
N PRO K 204 40.53 -25.81 -13.07
CA PRO K 204 39.28 -26.49 -13.49
C PRO K 204 39.35 -27.97 -13.22
N SER K 205 38.25 -28.55 -12.77
CA SER K 205 38.25 -29.96 -12.34
C SER K 205 38.83 -30.92 -13.39
N GLU K 206 38.75 -30.55 -14.66
CA GLU K 206 39.36 -31.36 -15.73
C GLU K 206 40.87 -31.48 -15.54
N ASN K 207 41.58 -30.37 -15.62
CA ASN K 207 43.03 -30.35 -15.44
C ASN K 207 43.50 -31.14 -14.22
N VAL K 208 42.87 -30.92 -13.08
CA VAL K 208 43.21 -31.69 -11.88
C VAL K 208 43.23 -33.18 -12.24
N ARG K 209 42.21 -33.64 -12.96
CA ARG K 209 42.08 -35.05 -13.34
C ARG K 209 43.03 -35.54 -14.46
N LYS K 210 43.73 -34.63 -15.15
CA LYS K 210 44.59 -34.98 -16.29
C LYS K 210 45.97 -34.35 -16.28
N LEU K 211 46.41 -33.80 -15.14
CA LEU K 211 47.76 -33.22 -15.04
C LEU K 211 48.73 -34.32 -14.68
N SER K 212 49.76 -34.51 -15.50
CA SER K 212 50.77 -35.54 -15.26
C SER K 212 52.07 -34.92 -14.76
N ARG K 213 52.89 -35.76 -14.12
CA ARG K 213 54.24 -35.39 -13.65
C ARG K 213 54.99 -34.45 -14.62
N ALA K 214 54.96 -34.79 -15.92
CA ALA K 214 55.58 -34.00 -16.98
C ALA K 214 55.29 -32.51 -16.85
N ASP K 215 54.01 -32.23 -16.63
CA ASP K 215 53.50 -30.86 -16.52
C ASP K 215 54.05 -30.18 -15.26
N LEU K 216 54.02 -30.92 -14.13
CA LEU K 216 54.40 -30.37 -12.81
C LEU K 216 55.88 -30.08 -12.70
N THR K 217 56.70 -31.06 -13.09
CA THR K 217 58.16 -30.93 -13.11
C THR K 217 58.55 -29.74 -13.97
N GLU K 218 57.95 -29.65 -15.15
CA GLU K 218 58.19 -28.52 -16.02
C GLU K 218 57.83 -27.19 -15.33
N TYR K 219 56.58 -27.02 -14.91
CA TYR K 219 56.17 -25.85 -14.13
C TYR K 219 57.30 -25.57 -13.14
N LEU K 220 57.57 -26.53 -12.27
CA LEU K 220 58.53 -26.38 -11.16
C LEU K 220 59.89 -25.79 -11.59
N SER K 221 60.57 -26.47 -12.52
CA SER K 221 61.89 -26.05 -12.98
C SER K 221 61.84 -24.73 -13.74
N ARG K 222 60.73 -24.47 -14.43
CA ARG K 222 60.56 -23.22 -15.19
C ARG K 222 60.24 -22.00 -14.31
N HIS K 223 59.62 -22.22 -13.15
CA HIS K 223 59.14 -21.13 -12.29
C HIS K 223 59.87 -20.93 -10.95
N TYR K 224 60.39 -22.00 -10.34
CA TYR K 224 61.16 -21.86 -9.09
C TYR K 224 62.66 -21.56 -9.33
N LYS K 225 62.91 -20.33 -9.79
CA LYS K 225 64.26 -19.87 -10.06
C LYS K 225 64.70 -18.97 -8.92
N ALA K 226 65.99 -18.94 -8.67
CA ALA K 226 66.53 -18.26 -7.50
C ALA K 226 66.40 -16.72 -7.46
N PRO K 227 66.41 -16.05 -8.63
CA PRO K 227 66.16 -14.60 -8.57
C PRO K 227 64.68 -14.25 -8.38
N ARG K 228 63.79 -15.20 -8.69
CA ARG K 228 62.35 -15.02 -8.54
C ARG K 228 61.89 -15.60 -7.21
N MET K 229 62.75 -15.50 -6.21
CA MET K 229 62.52 -16.11 -4.89
C MET K 229 63.12 -15.24 -3.79
N VAL K 230 62.57 -15.39 -2.59
CA VAL K 230 63.09 -14.71 -1.42
C VAL K 230 63.11 -15.68 -0.26
N LEU K 231 64.13 -15.56 0.58
CA LEU K 231 64.19 -16.28 1.84
C LEU K 231 64.02 -15.26 2.94
N ALA K 232 62.87 -15.31 3.61
CA ALA K 232 62.58 -14.38 4.69
C ALA K 232 62.60 -15.09 6.02
N ALA K 233 62.91 -14.34 7.08
CA ALA K 233 62.78 -14.86 8.45
C ALA K 233 62.73 -13.73 9.45
N ALA K 234 62.10 -13.99 10.59
CA ALA K 234 62.05 -12.99 11.64
C ALA K 234 61.90 -13.65 12.99
N GLY K 235 62.43 -12.97 14.01
CA GLY K 235 62.45 -13.47 15.38
C GLY K 235 63.86 -13.40 15.94
N GLY K 236 64.22 -14.36 16.78
CA GLY K 236 65.57 -14.45 17.35
C GLY K 236 66.57 -15.04 16.37
N LEU K 237 67.22 -14.18 15.60
CA LEU K 237 68.32 -14.56 14.71
C LEU K 237 69.05 -13.32 14.21
N GLU K 238 70.34 -13.49 13.92
CA GLU K 238 71.15 -12.41 13.35
C GLU K 238 71.30 -12.60 11.85
N HIS K 239 71.01 -11.54 11.10
CA HIS K 239 70.87 -11.61 9.65
C HIS K 239 71.84 -12.62 9.03
N ARG K 240 73.12 -12.43 9.30
CA ARG K 240 74.19 -13.17 8.60
C ARG K 240 74.29 -14.67 8.91
N GLN K 241 73.66 -15.12 10.01
CA GLN K 241 73.53 -16.56 10.28
C GLN K 241 72.66 -17.21 9.21
N LEU K 242 71.63 -16.48 8.81
CA LEU K 242 70.73 -16.90 7.72
C LEU K 242 71.46 -16.95 6.39
N LEU K 243 72.20 -15.88 6.09
CA LEU K 243 72.88 -15.74 4.81
C LEU K 243 73.83 -16.89 4.51
N ASP K 244 74.58 -17.32 5.52
CA ASP K 244 75.52 -18.43 5.35
C ASP K 244 74.83 -19.79 5.27
N LEU K 245 73.66 -19.91 5.90
CA LEU K 245 72.79 -21.08 5.67
C LEU K 245 72.22 -21.07 4.24
N ALA K 246 71.94 -19.87 3.72
CA ALA K 246 71.48 -19.71 2.34
C ALA K 246 72.56 -20.07 1.33
N GLN K 247 73.81 -19.70 1.63
CA GLN K 247 74.95 -20.11 0.79
C GLN K 247 75.19 -21.61 0.90
N LYS K 248 74.90 -22.16 2.07
CA LYS K 248 75.10 -23.58 2.32
C LYS K 248 74.12 -24.45 1.53
N HIS K 249 72.83 -24.15 1.62
CA HIS K 249 71.78 -25.01 1.05
C HIS K 249 71.13 -24.47 -0.24
N PHE K 250 71.15 -23.16 -0.43
CA PHE K 250 70.49 -22.53 -1.59
C PHE K 250 71.44 -22.16 -2.74
N SER K 251 72.75 -22.07 -2.48
CA SER K 251 73.72 -21.94 -3.58
C SER K 251 73.54 -23.09 -4.55
N GLY K 252 73.24 -24.27 -3.99
CA GLY K 252 72.96 -25.48 -4.76
C GLY K 252 71.65 -25.52 -5.54
N LEU K 253 70.79 -24.51 -5.36
CA LEU K 253 69.59 -24.35 -6.17
C LEU K 253 69.95 -23.85 -7.56
N SER K 254 69.09 -24.17 -8.53
CA SER K 254 69.10 -23.52 -9.85
C SER K 254 69.49 -22.09 -9.45
N GLY K 255 70.48 -21.55 -10.14
CA GLY K 255 71.17 -20.35 -9.67
C GLY K 255 70.90 -19.21 -10.62
N THR K 256 70.54 -19.54 -11.85
CA THR K 256 70.24 -18.53 -12.85
C THR K 256 69.11 -19.11 -13.70
N TYR K 257 68.82 -18.49 -14.84
CA TYR K 257 67.84 -19.05 -15.76
C TYR K 257 68.24 -18.84 -17.24
N ASP K 258 67.55 -19.55 -18.13
CA ASP K 258 67.84 -19.48 -19.57
C ASP K 258 67.04 -18.34 -20.21
N GLU K 259 67.35 -18.04 -21.48
CA GLU K 259 67.11 -16.70 -22.06
C GLU K 259 65.65 -16.28 -22.28
N ASP K 260 64.96 -16.92 -23.23
CA ASP K 260 63.55 -16.56 -23.51
C ASP K 260 62.57 -17.65 -23.03
N ALA K 261 62.93 -18.32 -21.94
CA ALA K 261 62.06 -19.31 -21.31
C ALA K 261 61.43 -18.76 -20.02
N VAL K 262 62.21 -18.06 -19.20
CA VAL K 262 61.68 -17.42 -17.99
C VAL K 262 60.68 -16.34 -18.41
N PRO K 263 59.38 -16.56 -18.15
CA PRO K 263 58.32 -15.78 -18.81
C PRO K 263 58.18 -14.32 -18.37
N THR K 264 57.38 -13.56 -19.10
CA THR K 264 56.98 -12.20 -18.72
C THR K 264 55.47 -12.19 -18.45
N LEU K 265 54.98 -11.19 -17.72
CA LEU K 265 53.56 -11.09 -17.39
C LEU K 265 52.82 -10.09 -18.25
N SER K 266 51.85 -10.59 -19.03
CA SER K 266 50.99 -9.73 -19.85
C SER K 266 50.02 -8.99 -18.92
N PRO K 267 49.77 -7.68 -19.20
CA PRO K 267 48.74 -6.96 -18.47
C PRO K 267 47.36 -7.58 -18.68
N CYS K 268 46.58 -7.70 -17.61
CA CYS K 268 45.25 -8.33 -17.69
C CYS K 268 44.17 -7.26 -17.77
N ARG K 269 43.33 -7.38 -18.80
CA ARG K 269 42.24 -6.45 -19.06
C ARG K 269 41.08 -6.62 -18.10
N PHE K 270 40.71 -5.52 -17.45
CA PHE K 270 39.54 -5.45 -16.59
C PHE K 270 38.31 -5.13 -17.42
N THR K 271 37.25 -5.89 -17.22
CA THR K 271 36.03 -5.79 -18.01
C THR K 271 34.80 -5.51 -17.13
N GLY K 272 34.20 -4.34 -17.29
CA GLY K 272 32.91 -4.05 -16.68
C GLY K 272 31.90 -5.11 -17.09
N SER K 273 31.52 -5.96 -16.15
CA SER K 273 30.59 -7.04 -16.46
C SER K 273 29.91 -7.56 -15.22
N GLN K 274 28.95 -8.46 -15.43
CA GLN K 274 28.18 -9.09 -14.36
C GLN K 274 28.07 -10.61 -14.57
N ILE K 275 28.13 -11.34 -13.47
CA ILE K 275 27.94 -12.81 -13.47
C ILE K 275 27.01 -13.19 -12.30
N CYS K 276 25.86 -13.73 -12.66
CA CYS K 276 24.77 -13.87 -11.73
C CYS K 276 24.38 -15.31 -11.67
N HIS K 277 24.93 -16.01 -10.68
CA HIS K 277 24.50 -17.38 -10.41
C HIS K 277 23.28 -17.30 -9.50
N ARG K 278 22.11 -17.50 -10.10
CA ARG K 278 20.83 -17.48 -9.41
C ARG K 278 20.53 -18.85 -8.90
N GLU K 279 20.77 -19.07 -7.61
CA GLU K 279 20.41 -20.33 -6.94
C GLU K 279 19.53 -20.06 -5.71
N ASP K 280 18.23 -20.30 -5.87
CA ASP K 280 17.25 -19.94 -4.86
C ASP K 280 17.26 -20.81 -3.60
N GLY K 281 17.57 -22.10 -3.75
CA GLY K 281 17.64 -23.02 -2.62
C GLY K 281 18.69 -22.75 -1.55
N LEU K 282 19.59 -21.80 -1.79
CA LEU K 282 20.48 -21.31 -0.75
C LEU K 282 19.85 -20.25 0.19
N PRO K 283 20.13 -20.37 1.50
CA PRO K 283 19.60 -19.46 2.48
C PRO K 283 19.89 -17.98 2.26
N LEU K 284 21.10 -17.63 1.84
CA LEU K 284 21.44 -16.19 1.70
C LEU K 284 22.16 -15.88 0.42
N ALA K 285 22.03 -14.63 -0.01
CA ALA K 285 22.67 -14.18 -1.24
C ALA K 285 24.03 -13.60 -0.90
N HIS K 286 25.01 -13.91 -1.72
CA HIS K 286 26.30 -13.26 -1.65
C HIS K 286 26.49 -12.45 -2.90
N VAL K 287 27.02 -11.24 -2.70
CA VAL K 287 27.37 -10.40 -3.82
C VAL K 287 28.72 -9.75 -3.59
N ALA K 288 29.48 -9.60 -4.65
CA ALA K 288 30.72 -8.88 -4.61
C ALA K 288 30.65 -7.91 -5.76
N ILE K 289 31.06 -6.68 -5.50
CA ILE K 289 31.15 -5.69 -6.57
C ILE K 289 32.47 -4.97 -6.42
N ALA K 290 33.12 -4.68 -7.54
CA ALA K 290 34.39 -3.96 -7.49
C ALA K 290 34.75 -3.28 -8.82
N VAL K 291 35.45 -2.16 -8.69
CA VAL K 291 36.04 -1.47 -9.84
C VAL K 291 37.54 -1.73 -9.93
N GLU K 292 38.12 -1.42 -11.08
CA GLU K 292 39.54 -1.71 -11.29
C GLU K 292 40.42 -0.95 -10.28
N GLY K 293 41.12 -1.74 -9.47
CA GLY K 293 42.11 -1.25 -8.51
C GLY K 293 43.39 -0.79 -9.19
N PRO K 294 44.31 -0.22 -8.41
CA PRO K 294 45.51 0.38 -8.97
C PRO K 294 46.63 -0.63 -9.23
N GLY K 295 46.90 -1.52 -8.29
CA GLY K 295 48.03 -2.43 -8.41
C GLY K 295 49.06 -2.18 -7.33
N TRP K 296 49.67 -3.28 -6.85
CA TRP K 296 50.69 -3.24 -5.80
C TRP K 296 51.56 -1.98 -5.84
N ALA K 297 52.01 -1.64 -7.04
CA ALA K 297 52.87 -0.48 -7.27
C ALA K 297 52.35 0.84 -6.68
N HIS K 298 51.13 1.22 -7.06
CA HIS K 298 50.67 2.61 -6.99
C HIS K 298 50.49 3.18 -5.56
N PRO K 299 50.94 4.44 -5.34
CA PRO K 299 50.80 5.15 -4.04
C PRO K 299 49.37 5.44 -3.56
N ASP K 300 48.42 5.49 -4.48
CA ASP K 300 47.00 5.65 -4.15
C ASP K 300 46.53 4.60 -3.13
N ASN K 301 47.07 3.39 -3.26
CA ASN K 301 46.76 2.30 -2.33
C ASN K 301 46.76 2.65 -0.84
N VAL K 302 47.31 3.81 -0.48
CA VAL K 302 47.22 4.29 0.91
C VAL K 302 45.88 4.99 1.11
N ALA K 303 45.61 6.01 0.29
CA ALA K 303 44.35 6.74 0.36
C ALA K 303 43.11 5.86 0.08
N LEU K 304 43.29 4.81 -0.74
CA LEU K 304 42.20 3.85 -0.93
C LEU K 304 41.94 2.98 0.30
N GLN K 305 43.01 2.65 1.03
CA GLN K 305 42.92 1.88 2.27
C GLN K 305 42.25 2.72 3.36
N VAL K 306 42.69 3.98 3.45
CA VAL K 306 42.08 4.98 4.36
C VAL K 306 40.59 5.13 4.05
N ALA K 307 40.27 5.17 2.76
CA ALA K 307 38.89 5.29 2.32
C ALA K 307 38.12 4.02 2.67
N ASN K 308 38.62 2.86 2.25
CA ASN K 308 38.01 1.58 2.65
C ASN K 308 37.75 1.47 4.16
N ALA K 309 38.65 2.03 4.96
CA ALA K 309 38.55 2.05 6.43
C ALA K 309 37.38 2.90 6.93
N ILE K 310 37.03 3.94 6.17
CA ILE K 310 35.91 4.84 6.48
C ILE K 310 34.59 4.11 6.32
N ILE K 311 34.38 3.50 5.15
CA ILE K 311 33.19 2.71 4.88
C ILE K 311 33.22 1.46 5.77
N GLY K 312 34.41 0.98 6.09
CA GLY K 312 34.59 -0.06 7.11
C GLY K 312 34.02 -1.43 6.73
N HIS K 313 33.46 -2.11 7.73
CA HIS K 313 33.08 -3.53 7.61
C HIS K 313 32.20 -3.92 8.80
N TYR K 314 31.40 -4.98 8.63
CA TYR K 314 30.39 -5.32 9.62
C TYR K 314 29.80 -6.73 9.50
N ASP K 315 29.41 -7.28 10.65
CA ASP K 315 28.56 -8.47 10.72
C ASP K 315 27.69 -8.43 11.99
N CYS K 316 26.60 -9.19 11.97
CA CYS K 316 25.59 -9.14 13.03
C CYS K 316 26.08 -9.40 14.47
N THR K 317 27.29 -9.93 14.61
CA THR K 317 27.85 -10.16 15.92
C THR K 317 28.70 -8.99 16.43
N TYR K 318 28.80 -7.88 15.68
CA TYR K 318 29.43 -6.67 16.21
C TYR K 318 28.61 -6.06 17.34
N GLY K 319 29.32 -5.48 18.30
CA GLY K 319 28.65 -4.85 19.43
C GLY K 319 28.05 -3.50 19.11
N GLY K 320 28.79 -2.70 18.34
CA GLY K 320 28.40 -1.33 18.05
C GLY K 320 26.93 -1.10 17.73
N GLY K 321 26.38 -1.91 16.83
CA GLY K 321 25.01 -1.71 16.34
C GLY K 321 24.81 -0.34 15.69
N ALA K 322 23.75 0.35 16.07
CA ALA K 322 23.41 1.65 15.49
C ALA K 322 24.46 2.72 15.76
N HIS K 323 25.23 2.60 16.83
CA HIS K 323 26.18 3.65 17.19
C HIS K 323 27.49 3.58 16.40
N LEU K 324 27.58 2.63 15.45
CA LEU K 324 28.76 2.49 14.60
C LEU K 324 29.03 3.73 13.75
N SER K 325 30.31 4.05 13.64
CA SER K 325 30.79 5.25 12.95
C SER K 325 30.56 5.21 11.43
N SER K 326 30.65 4.01 10.85
CA SER K 326 30.35 3.87 9.44
C SER K 326 28.84 3.92 9.23
N PRO K 327 28.35 4.91 8.48
CA PRO K 327 26.93 5.01 8.22
C PRO K 327 26.38 3.71 7.58
N LEU K 328 27.14 3.11 6.67
CA LEU K 328 26.71 1.85 6.06
C LEU K 328 26.52 0.78 7.12
N ALA K 329 27.47 0.67 8.03
CA ALA K 329 27.38 -0.30 9.11
C ALA K 329 26.16 -0.03 10.00
N SER K 330 25.96 1.22 10.39
CA SER K 330 24.88 1.55 11.31
C SER K 330 23.52 1.38 10.63
N ILE K 331 23.39 1.86 9.39
CA ILE K 331 22.16 1.66 8.60
C ILE K 331 21.90 0.16 8.49
N ALA K 332 22.92 -0.60 8.12
CA ALA K 332 22.78 -2.05 7.97
C ALA K 332 22.41 -2.74 9.27
N ALA K 333 22.97 -2.25 10.37
CA ALA K 333 22.70 -2.82 11.69
C ALA K 333 21.29 -2.49 12.13
N THR K 334 20.88 -1.22 12.05
CA THR K 334 19.54 -0.86 12.50
C THR K 334 18.41 -1.50 11.68
N ASN K 335 18.57 -1.54 10.37
CA ASN K 335 17.55 -2.12 9.49
C ASN K 335 17.77 -3.60 9.12
N LYS K 336 18.84 -4.21 9.62
CA LYS K 336 19.25 -5.55 9.20
C LYS K 336 19.37 -5.69 7.70
N LEU K 337 19.86 -4.66 7.03
CA LEU K 337 20.01 -4.77 5.59
C LEU K 337 20.84 -5.99 5.19
N CYS K 338 21.84 -6.33 6.00
CA CYS K 338 22.67 -7.51 5.75
C CYS K 338 23.09 -8.11 7.07
N GLN K 339 23.59 -9.34 7.01
CA GLN K 339 24.18 -9.96 8.18
C GLN K 339 25.71 -9.94 8.11
N SER K 340 26.29 -9.53 6.98
CA SER K 340 27.72 -9.19 6.93
C SER K 340 28.13 -8.50 5.65
N PHE K 341 29.02 -7.51 5.77
CA PHE K 341 29.62 -6.82 4.61
C PHE K 341 31.04 -6.33 4.92
N GLN K 342 31.93 -6.44 3.94
CA GLN K 342 33.31 -5.99 4.09
C GLN K 342 33.82 -5.36 2.80
N THR K 343 34.50 -4.22 2.91
CA THR K 343 35.15 -3.62 1.76
C THR K 343 36.47 -4.34 1.56
N PHE K 344 37.04 -4.25 0.35
CA PHE K 344 38.33 -4.88 0.04
C PHE K 344 39.17 -4.14 -0.99
N ASN K 345 40.49 -4.33 -0.88
CA ASN K 345 41.42 -3.93 -1.94
C ASN K 345 42.37 -5.07 -2.26
N ILE K 346 41.91 -5.94 -3.16
CA ILE K 346 42.73 -7.01 -3.68
C ILE K 346 43.71 -6.37 -4.64
N CYS K 347 45.00 -6.57 -4.36
CA CYS K 347 46.02 -6.02 -5.21
C CYS K 347 46.78 -7.07 -6.00
N TYR K 348 47.06 -6.75 -7.26
CA TYR K 348 47.91 -7.53 -8.13
C TYR K 348 49.00 -6.64 -8.72
N ALA K 349 49.66 -7.11 -9.78
CA ALA K 349 50.85 -6.43 -10.32
C ALA K 349 50.54 -5.05 -10.89
N ASP K 350 49.70 -5.05 -11.91
CA ASP K 350 49.39 -3.84 -12.64
C ASP K 350 47.87 -3.60 -12.69
N THR K 351 47.16 -4.16 -11.72
CA THR K 351 45.72 -3.97 -11.61
C THR K 351 45.26 -4.55 -10.28
N GLY K 352 43.97 -4.47 -10.00
CA GLY K 352 43.42 -4.99 -8.73
C GLY K 352 41.91 -4.95 -8.70
N LEU K 353 41.34 -5.30 -7.55
CA LEU K 353 39.89 -5.19 -7.34
C LEU K 353 39.62 -4.34 -6.10
N LEU K 354 38.95 -3.23 -6.32
CA LEU K 354 38.60 -2.30 -5.26
C LEU K 354 37.08 -2.24 -5.23
N GLY K 355 36.49 -2.87 -4.23
CA GLY K 355 35.05 -2.90 -4.08
C GLY K 355 34.62 -3.43 -2.73
N ALA K 356 33.52 -4.15 -2.70
CA ALA K 356 32.97 -4.68 -1.46
C ALA K 356 32.16 -5.96 -1.66
N HIS K 357 31.88 -6.62 -0.54
CA HIS K 357 31.18 -7.88 -0.56
C HIS K 357 30.16 -7.97 0.57
N PHE K 358 28.96 -8.47 0.29
CA PHE K 358 27.96 -8.64 1.34
C PHE K 358 27.09 -9.89 1.27
N VAL K 359 26.73 -10.36 2.46
CA VAL K 359 25.88 -11.53 2.64
C VAL K 359 24.57 -11.02 3.19
N CYS K 360 23.45 -11.42 2.59
CA CYS K 360 22.16 -10.88 3.03
C CYS K 360 20.92 -11.61 2.54
N ASP K 361 19.79 -11.18 3.08
CA ASP K 361 18.52 -11.84 2.89
C ASP K 361 18.04 -11.56 1.48
N HIS K 362 17.19 -12.46 0.98
CA HIS K 362 16.77 -12.41 -0.43
C HIS K 362 16.00 -11.15 -0.88
N MET K 363 15.58 -10.32 0.10
CA MET K 363 14.85 -9.06 -0.13
C MET K 363 15.59 -7.79 0.27
N SER K 364 16.88 -7.90 0.63
CA SER K 364 17.62 -6.73 1.14
C SER K 364 18.75 -6.28 0.23
N ILE K 365 18.80 -6.85 -0.95
CA ILE K 365 19.95 -6.71 -1.82
C ILE K 365 19.98 -5.30 -2.35
N ASP K 366 18.89 -4.89 -3.01
CA ASP K 366 18.78 -3.55 -3.57
C ASP K 366 19.18 -2.49 -2.58
N ASP K 367 18.61 -2.54 -1.38
CA ASP K 367 18.88 -1.55 -0.35
C ASP K 367 20.33 -1.58 0.12
N MET K 368 20.85 -2.77 0.42
CA MET K 368 22.27 -2.90 0.78
C MET K 368 23.15 -2.26 -0.26
N MET K 369 22.85 -2.53 -1.53
CA MET K 369 23.58 -2.00 -2.69
C MET K 369 23.50 -0.46 -2.72
N PHE K 370 22.28 0.04 -2.58
CA PHE K 370 21.97 1.46 -2.64
C PHE K 370 22.74 2.25 -1.61
N VAL K 371 22.77 1.72 -0.40
CA VAL K 371 23.49 2.36 0.68
C VAL K 371 25.00 2.36 0.41
N LEU K 372 25.49 1.23 -0.07
CA LEU K 372 26.91 1.05 -0.37
C LEU K 372 27.36 2.02 -1.42
N GLN K 373 26.68 2.01 -2.58
CA GLN K 373 27.05 2.89 -3.69
C GLN K 373 26.93 4.34 -3.23
N GLY K 374 25.85 4.62 -2.52
CA GLY K 374 25.72 5.87 -1.82
C GLY K 374 26.98 6.32 -1.10
N GLN K 375 27.58 5.43 -0.33
CA GLN K 375 28.78 5.78 0.44
C GLN K 375 30.01 6.03 -0.42
N TRP K 376 30.15 5.28 -1.51
CA TRP K 376 31.20 5.55 -2.49
C TRP K 376 31.06 6.94 -3.10
N MET K 377 29.88 7.23 -3.65
CA MET K 377 29.65 8.53 -4.24
C MET K 377 29.84 9.62 -3.20
N ARG K 378 29.38 9.39 -1.98
CA ARG K 378 29.50 10.39 -0.90
C ARG K 378 30.97 10.72 -0.62
N LEU K 379 31.80 9.69 -0.59
CA LEU K 379 33.23 9.89 -0.46
C LEU K 379 33.81 10.67 -1.65
N CYS K 380 33.55 10.20 -2.86
CA CYS K 380 34.00 10.87 -4.07
C CYS K 380 33.70 12.38 -4.00
N THR K 381 32.46 12.74 -3.68
CA THR K 381 32.01 14.13 -3.84
C THR K 381 32.12 14.98 -2.62
N SER K 382 32.24 14.39 -1.44
CA SER K 382 32.21 15.18 -0.20
C SER K 382 32.71 14.07 0.71
N ALA K 383 33.83 14.33 1.36
CA ALA K 383 34.42 13.36 2.25
C ALA K 383 34.74 14.41 3.28
N THR K 384 34.17 14.26 4.47
CA THR K 384 34.40 15.17 5.58
C THR K 384 35.81 14.98 6.10
N GLU K 385 36.34 16.00 6.77
CA GLU K 385 37.74 15.98 7.24
C GLU K 385 38.01 15.04 8.40
N SER K 386 37.14 15.03 9.40
CA SER K 386 37.35 14.19 10.57
C SER K 386 37.16 12.71 10.24
N GLU K 387 36.18 12.39 9.40
CA GLU K 387 35.93 10.97 9.06
C GLU K 387 37.12 10.35 8.34
N VAL K 388 37.93 11.18 7.69
CA VAL K 388 39.21 10.75 7.15
C VAL K 388 40.15 10.44 8.32
N LEU K 389 40.29 11.38 9.24
CA LEU K 389 41.10 11.18 10.44
C LEU K 389 40.73 9.90 11.19
N ARG K 390 39.46 9.50 11.14
CA ARG K 390 39.06 8.21 11.71
C ARG K 390 39.71 7.11 10.91
N GLY K 391 39.59 7.17 9.58
CA GLY K 391 40.15 6.12 8.71
C GLY K 391 41.64 5.93 8.92
N LYS K 392 42.36 7.03 8.82
CA LYS K 392 43.81 7.06 9.02
C LYS K 392 44.21 6.27 10.26
N ASN K 393 43.61 6.58 11.41
CA ASN K 393 43.91 5.88 12.68
C ASN K 393 43.56 4.40 12.70
N LEU K 394 42.44 4.05 12.07
CA LEU K 394 42.01 2.66 11.97
C LEU K 394 43.03 1.88 11.18
N LEU K 395 43.53 2.49 10.10
CA LEU K 395 44.56 1.91 9.28
C LEU K 395 45.90 1.81 10.04
N ARG K 396 46.30 2.91 10.69
CA ARG K 396 47.51 2.93 11.53
C ARG K 396 47.48 1.81 12.55
N ASN K 397 46.43 1.78 13.37
CA ASN K 397 46.19 0.64 14.24
C ASN K 397 46.31 -0.70 13.51
N ALA K 398 45.65 -0.81 12.36
CA ALA K 398 45.65 -2.05 11.56
C ALA K 398 47.04 -2.56 11.27
N LEU K 399 47.89 -1.76 10.62
CA LEU K 399 49.22 -2.29 10.23
C LEU K 399 50.15 -2.57 11.42
N VAL K 400 50.14 -1.76 12.48
CA VAL K 400 51.00 -2.05 13.63
C VAL K 400 50.54 -3.33 14.33
N SER K 401 49.24 -3.44 14.62
CA SER K 401 48.71 -4.62 15.29
C SER K 401 48.55 -5.82 14.32
N HIS K 402 48.84 -5.62 13.04
CA HIS K 402 48.97 -6.74 12.09
C HIS K 402 50.35 -7.38 12.17
N LEU K 403 51.39 -6.56 12.33
CA LEU K 403 52.77 -7.02 12.39
C LEU K 403 53.14 -7.27 13.84
N ASP K 404 52.39 -8.16 14.47
CA ASP K 404 52.60 -8.55 15.85
C ASP K 404 52.72 -10.08 15.89
N GLY K 405 53.97 -10.53 16.00
CA GLY K 405 54.32 -11.93 15.90
C GLY K 405 55.57 -12.01 15.06
N THR K 406 55.93 -13.22 14.64
CA THR K 406 57.00 -13.45 13.67
C THR K 406 56.39 -13.84 12.34
N THR K 407 55.53 -14.86 12.39
CA THR K 407 54.77 -15.32 11.22
C THR K 407 54.16 -14.15 10.41
N PRO K 408 53.57 -13.15 11.08
CA PRO K 408 53.22 -11.95 10.33
C PRO K 408 54.40 -11.30 9.59
N VAL K 409 55.45 -10.96 10.32
CA VAL K 409 56.52 -10.09 9.81
C VAL K 409 57.38 -10.81 8.77
N CYS K 410 57.64 -12.09 9.00
CA CYS K 410 58.27 -12.94 7.99
C CYS K 410 57.46 -12.94 6.68
N GLU K 411 56.13 -12.96 6.79
CA GLU K 411 55.26 -12.98 5.64
C GLU K 411 55.21 -11.63 4.92
N ASP K 412 55.22 -10.55 5.69
CA ASP K 412 55.38 -9.20 5.12
C ASP K 412 56.69 -9.12 4.31
N ILE K 413 57.80 -9.48 4.95
CA ILE K 413 59.12 -9.41 4.33
C ILE K 413 59.15 -10.26 3.07
N GLY K 414 58.58 -11.47 3.17
CA GLY K 414 58.50 -12.40 2.04
C GLY K 414 57.84 -11.84 0.79
N ARG K 415 56.79 -11.04 0.97
CA ARG K 415 56.01 -10.52 -0.15
C ARG K 415 56.47 -9.12 -0.56
N SER K 416 56.74 -8.27 0.44
CA SER K 416 57.25 -6.91 0.21
C SER K 416 58.34 -6.90 -0.85
N LEU K 417 59.29 -7.84 -0.75
CA LEU K 417 60.34 -7.98 -1.75
C LEU K 417 59.80 -8.51 -3.08
N LEU K 418 58.91 -9.49 -3.04
CA LEU K 418 58.31 -10.02 -4.26
C LEU K 418 57.40 -9.05 -5.01
N THR K 419 56.95 -7.97 -4.35
CA THR K 419 56.03 -6.97 -4.95
C THR K 419 56.61 -5.56 -5.00
N TYR K 420 56.91 -5.00 -3.84
CA TYR K 420 57.41 -3.63 -3.75
C TYR K 420 58.89 -3.51 -4.13
N GLY K 421 59.63 -4.62 -4.17
CA GLY K 421 61.06 -4.59 -4.47
C GLY K 421 61.93 -4.40 -3.24
N ARG K 422 61.37 -3.77 -2.21
CA ARG K 422 62.01 -3.62 -0.91
C ARG K 422 61.00 -3.94 0.19
N ARG K 423 61.43 -3.88 1.45
CA ARG K 423 60.47 -3.82 2.55
C ARG K 423 60.33 -2.36 2.94
N ILE K 424 59.24 -2.02 3.60
CA ILE K 424 58.94 -0.62 3.91
C ILE K 424 58.77 -0.42 5.42
N PRO K 425 59.50 0.55 5.99
CA PRO K 425 59.33 0.83 7.42
C PRO K 425 57.94 1.35 7.77
N LEU K 426 57.42 0.90 8.91
CA LEU K 426 56.23 1.47 9.48
C LEU K 426 56.32 3.00 9.54
N ALA K 427 57.52 3.51 9.77
CA ALA K 427 57.74 4.96 9.81
C ALA K 427 57.46 5.66 8.47
N GLU K 428 57.57 4.93 7.36
CA GLU K 428 57.25 5.46 6.02
C GLU K 428 55.76 5.37 5.74
N TRP K 429 55.18 4.19 5.97
CA TRP K 429 53.73 4.02 5.88
C TRP K 429 52.97 5.10 6.67
N GLU K 430 53.45 5.40 7.86
CA GLU K 430 52.96 6.53 8.66
C GLU K 430 52.99 7.86 7.88
N SER K 431 54.15 8.20 7.33
CA SER K 431 54.32 9.45 6.56
C SER K 431 53.27 9.55 5.46
N ARG K 432 53.16 8.47 4.69
CA ARG K 432 52.22 8.40 3.56
C ARG K 432 50.76 8.49 4.02
N ILE K 433 50.43 7.86 5.15
CA ILE K 433 49.10 8.00 5.74
C ILE K 433 48.89 9.44 6.15
N ALA K 434 49.87 10.02 6.85
CA ALA K 434 49.72 11.38 7.42
C ALA K 434 49.51 12.47 6.37
N GLU K 435 49.81 12.17 5.11
CA GLU K 435 49.57 13.11 4.01
C GLU K 435 48.14 13.01 3.43
N VAL K 436 47.45 11.90 3.70
CA VAL K 436 46.11 11.67 3.19
C VAL K 436 45.13 12.52 4.00
N ASP K 437 44.43 13.43 3.31
CA ASP K 437 43.39 14.24 3.92
C ASP K 437 42.18 14.32 2.99
N ALA K 438 41.14 15.03 3.42
CA ALA K 438 39.87 15.08 2.68
C ALA K 438 40.05 15.18 1.17
N ARG K 439 40.74 16.23 0.75
CA ARG K 439 40.94 16.51 -0.67
C ARG K 439 41.51 15.29 -1.40
N VAL K 440 42.51 14.65 -0.78
CA VAL K 440 43.18 13.48 -1.38
C VAL K 440 42.21 12.32 -1.52
N VAL K 441 41.56 11.96 -0.42
CA VAL K 441 40.63 10.82 -0.36
C VAL K 441 39.57 10.96 -1.44
N ARG K 442 39.09 12.18 -1.61
CA ARG K 442 38.14 12.47 -2.68
C ARG K 442 38.69 12.37 -4.10
N GLU K 443 39.78 13.08 -4.40
CA GLU K 443 40.42 12.96 -5.70
C GLU K 443 40.72 11.50 -6.05
N VAL K 444 41.13 10.74 -5.05
CA VAL K 444 41.53 9.34 -5.21
C VAL K 444 40.33 8.42 -5.40
N CYS K 445 39.34 8.54 -4.52
CA CYS K 445 38.08 7.77 -4.67
C CYS K 445 37.37 8.14 -5.97
N SER K 446 37.21 9.45 -6.20
CA SER K 446 36.67 9.98 -7.46
C SER K 446 37.39 9.36 -8.64
N LYS K 447 38.71 9.28 -8.56
CA LYS K 447 39.53 8.70 -9.62
C LYS K 447 39.16 7.25 -9.94
N TYR K 448 38.95 6.42 -8.94
CA TYR K 448 38.71 5.00 -9.21
C TYR K 448 37.26 4.55 -9.23
N PHE K 449 36.37 5.33 -8.61
CA PHE K 449 34.98 4.99 -8.55
C PHE K 449 34.14 5.81 -9.53
N TYR K 450 34.15 7.13 -9.37
CA TYR K 450 33.18 8.00 -10.05
C TYR K 450 33.05 7.72 -11.56
N ASP K 451 31.85 7.26 -11.94
CA ASP K 451 31.43 6.98 -13.31
C ASP K 451 32.22 5.84 -13.93
N GLN K 452 32.63 4.88 -13.13
CA GLN K 452 33.36 3.72 -13.64
C GLN K 452 32.46 2.48 -13.72
N CYS K 453 32.64 1.68 -14.78
CA CYS K 453 31.96 0.39 -14.90
C CYS K 453 32.49 -0.61 -13.85
N PRO K 454 31.65 -1.04 -12.91
CA PRO K 454 32.11 -2.01 -11.95
C PRO K 454 31.87 -3.43 -12.45
N ALA K 455 32.60 -4.37 -11.84
CA ALA K 455 32.41 -5.80 -12.06
C ALA K 455 31.68 -6.44 -10.87
N VAL K 456 30.67 -7.24 -11.17
CA VAL K 456 29.70 -7.66 -10.17
C VAL K 456 29.49 -9.15 -10.22
N ALA K 457 29.68 -9.80 -9.09
CA ALA K 457 29.42 -11.24 -8.97
C ALA K 457 28.32 -11.43 -7.96
N GLY K 458 27.30 -12.20 -8.31
CA GLY K 458 26.19 -12.49 -7.40
C GLY K 458 25.83 -13.96 -7.37
N PHE K 459 25.85 -14.54 -6.18
CA PHE K 459 25.55 -15.96 -6.00
C PHE K 459 24.46 -16.18 -4.94
N GLY K 460 23.40 -16.86 -5.33
CA GLY K 460 22.32 -17.23 -4.40
C GLY K 460 20.97 -16.70 -4.87
N PRO K 461 20.04 -16.46 -3.92
CA PRO K 461 18.68 -16.02 -4.24
C PRO K 461 18.65 -14.53 -4.57
N ILE K 462 19.16 -14.23 -5.75
CA ILE K 462 19.54 -12.87 -6.12
C ILE K 462 18.53 -12.20 -7.05
N GLU K 463 17.29 -12.70 -7.08
CA GLU K 463 16.25 -12.14 -7.96
C GLU K 463 16.08 -10.66 -7.74
N GLN K 464 16.45 -10.18 -6.57
CA GLN K 464 16.35 -8.76 -6.30
C GLN K 464 17.54 -7.96 -6.80
N LEU K 465 18.74 -8.54 -6.69
CA LEU K 465 20.01 -7.90 -7.11
C LEU K 465 19.77 -7.04 -8.34
N PRO K 466 20.05 -5.73 -8.25
CA PRO K 466 19.69 -4.79 -9.32
C PRO K 466 20.28 -5.15 -10.67
N ASP K 467 19.62 -4.63 -11.71
CA ASP K 467 20.11 -4.72 -13.08
C ASP K 467 21.45 -4.00 -13.26
N TYR K 468 22.29 -4.50 -14.14
CA TYR K 468 23.58 -3.85 -14.33
C TYR K 468 23.40 -2.38 -14.73
N ASN K 469 22.51 -2.12 -15.67
CA ASN K 469 22.26 -0.75 -16.11
C ASN K 469 21.93 0.19 -14.92
N ARG K 470 21.17 -0.33 -13.96
CA ARG K 470 20.84 0.40 -12.74
C ARG K 470 22.07 0.58 -11.85
N ILE K 471 22.75 -0.53 -11.55
CA ILE K 471 23.99 -0.49 -10.77
C ILE K 471 24.94 0.52 -11.36
N ARG K 472 25.07 0.53 -12.68
CA ARG K 472 26.03 1.41 -13.37
C ARG K 472 25.73 2.88 -13.14
N SER K 473 24.45 3.22 -13.14
CA SER K 473 24.02 4.57 -12.77
C SER K 473 24.26 4.89 -11.30
N GLY K 474 24.46 3.88 -10.46
CA GLY K 474 24.83 4.07 -9.04
C GLY K 474 26.26 4.53 -8.83
N MET K 475 27.03 4.53 -9.91
CA MET K 475 28.40 4.94 -9.87
C MET K 475 28.57 6.39 -10.23
N PHE K 476 27.49 7.10 -10.58
CA PHE K 476 27.59 8.53 -10.81
C PHE K 476 26.58 9.34 -10.05
N TRP K 477 26.57 10.64 -10.25
CA TRP K 477 25.95 11.53 -9.30
C TRP K 477 25.00 12.56 -9.92
N LEU K 478 24.35 13.33 -9.04
CA LEU K 478 23.30 14.29 -9.37
C LEU K 478 22.20 13.53 -10.08
N ARG K 479 21.71 12.56 -9.32
CA ARG K 479 20.30 12.33 -9.19
C ARG K 479 20.01 12.85 -7.78
N PRO L 35 65.25 -5.82 25.81
CA PRO L 35 64.33 -6.55 26.67
C PRO L 35 64.14 -5.95 28.08
N GLN L 36 62.90 -5.95 28.56
CA GLN L 36 62.53 -5.27 29.81
C GLN L 36 61.93 -6.24 30.84
N ASP L 37 62.03 -5.87 32.12
CA ASP L 37 61.40 -6.64 33.20
C ASP L 37 59.91 -6.39 33.20
N LEU L 38 59.12 -7.45 33.06
CA LEU L 38 57.68 -7.34 33.33
C LEU L 38 57.49 -6.95 34.80
N GLU L 39 57.31 -5.66 35.06
CA GLU L 39 57.13 -5.17 36.42
C GLU L 39 55.87 -5.77 37.05
N PHE L 40 55.69 -5.54 38.35
CA PHE L 40 54.64 -6.23 39.11
C PHE L 40 54.42 -5.59 40.50
N THR L 41 53.15 -5.50 40.91
CA THR L 41 52.75 -4.94 42.23
C THR L 41 51.47 -5.64 42.68
N ARG L 42 51.23 -5.65 43.99
CA ARG L 42 50.00 -6.21 44.51
C ARG L 42 49.47 -5.27 45.59
N LEU L 43 48.62 -4.33 45.18
CA LEU L 43 48.02 -3.34 46.09
C LEU L 43 47.41 -3.96 47.38
N PRO L 44 47.37 -3.19 48.49
CA PRO L 44 46.78 -3.55 49.77
C PRO L 44 45.59 -4.51 49.73
N ASN L 45 44.63 -4.26 48.83
CA ASN L 45 43.43 -5.09 48.74
C ASN L 45 43.52 -6.27 47.75
N GLY L 46 44.72 -6.82 47.60
CA GLY L 46 44.95 -8.04 46.82
C GLY L 46 44.93 -7.88 45.31
N LEU L 47 44.84 -6.65 44.83
CA LEU L 47 44.68 -6.40 43.41
C LEU L 47 46.01 -6.40 42.67
N VAL L 48 46.22 -7.41 41.85
CA VAL L 48 47.44 -7.52 41.06
C VAL L 48 47.53 -6.42 40.01
N ILE L 49 48.74 -5.91 39.80
CA ILE L 49 49.03 -5.01 38.70
C ILE L 49 50.32 -5.44 38.03
N ALA L 50 50.35 -5.47 36.70
CA ALA L 50 51.52 -5.89 35.93
C ALA L 50 51.67 -5.03 34.66
N SER L 51 52.90 -4.81 34.21
CA SER L 51 53.14 -3.96 33.03
C SER L 51 54.49 -4.12 32.34
N LEU L 52 54.54 -4.88 31.25
CA LEU L 52 55.72 -4.86 30.39
C LEU L 52 55.65 -3.55 29.61
N GLU L 53 56.75 -2.81 29.61
CA GLU L 53 56.90 -1.63 28.77
C GLU L 53 57.86 -1.96 27.62
N ASN L 54 57.31 -2.56 26.55
CA ASN L 54 58.13 -3.00 25.42
C ASN L 54 58.17 -2.01 24.25
N TYR L 55 57.81 -0.76 24.51
CA TYR L 55 57.97 0.34 23.54
C TYR L 55 57.49 0.02 22.12
N ALA L 56 56.41 -0.76 22.00
CA ALA L 56 55.77 -0.96 20.70
C ALA L 56 55.05 0.33 20.34
N PRO L 57 54.62 0.49 19.08
CA PRO L 57 53.73 1.61 18.74
C PRO L 57 52.30 1.43 19.28
N ALA L 58 51.91 0.17 19.51
CA ALA L 58 50.60 -0.17 20.05
C ALA L 58 50.68 -0.45 21.56
N SER L 59 49.60 -0.14 22.27
CA SER L 59 49.46 -0.39 23.70
C SER L 59 48.26 -1.29 23.96
N ARG L 60 48.45 -2.28 24.80
CA ARG L 60 47.43 -3.30 24.99
C ARG L 60 47.20 -3.52 26.47
N ILE L 61 45.96 -3.30 26.91
CA ILE L 61 45.64 -3.33 28.34
C ILE L 61 44.49 -4.27 28.65
N GLY L 62 44.75 -5.19 29.57
CA GLY L 62 43.72 -6.11 30.07
C GLY L 62 43.35 -5.86 31.52
N LEU L 63 42.08 -6.05 31.84
CA LEU L 63 41.62 -6.13 33.22
C LEU L 63 40.98 -7.50 33.39
N PHE L 64 41.71 -8.43 33.98
CA PHE L 64 41.27 -9.81 34.10
C PHE L 64 40.49 -9.99 35.39
N ILE L 65 39.32 -10.64 35.30
CA ILE L 65 38.40 -10.74 36.42
C ILE L 65 37.93 -12.19 36.59
N LYS L 66 37.79 -12.64 37.82
CA LYS L 66 37.30 -13.98 38.07
C LYS L 66 35.78 -13.98 38.07
N ALA L 67 35.17 -14.09 36.89
CA ALA L 67 33.70 -14.01 36.78
C ALA L 67 33.12 -14.76 35.58
N GLY L 68 33.65 -15.95 35.33
CA GLY L 68 33.21 -16.79 34.22
C GLY L 68 31.95 -17.56 34.55
N SER L 69 31.67 -18.61 33.79
CA SER L 69 30.47 -19.41 33.97
C SER L 69 30.42 -20.13 35.33
N ARG L 70 31.60 -20.50 35.85
CA ARG L 70 31.68 -21.25 37.11
C ARG L 70 30.96 -20.56 38.29
N TYR L 71 30.96 -19.23 38.29
CA TYR L 71 30.36 -18.46 39.36
C TYR L 71 28.91 -18.07 39.08
N GLU L 72 28.30 -18.67 38.06
CA GLU L 72 26.86 -18.52 37.86
C GLU L 72 26.16 -19.56 38.70
N ASN L 73 25.22 -19.14 39.54
CA ASN L 73 24.45 -20.09 40.34
C ASN L 73 23.38 -20.80 39.48
N SER L 74 22.59 -21.66 40.12
CA SER L 74 21.58 -22.46 39.42
C SER L 74 20.33 -21.67 39.04
N ASN L 75 20.33 -20.36 39.27
CA ASN L 75 19.20 -19.50 38.88
C ASN L 75 19.59 -18.46 37.84
N ASN L 76 20.58 -17.62 38.14
CA ASN L 76 21.01 -16.54 37.24
C ASN L 76 21.98 -17.02 36.14
N LEU L 77 21.53 -17.99 35.36
CA LEU L 77 22.33 -18.51 34.27
C LEU L 77 22.34 -17.53 33.11
N GLY L 78 23.36 -17.65 32.27
CA GLY L 78 23.52 -16.75 31.12
C GLY L 78 23.94 -15.34 31.44
N THR L 79 23.87 -14.95 32.71
CA THR L 79 24.15 -13.59 33.12
C THR L 79 25.59 -13.16 32.75
N SER L 80 26.49 -14.15 32.70
CA SER L 80 27.87 -13.91 32.23
C SER L 80 27.84 -13.64 30.76
N HIS L 81 27.15 -14.51 30.02
CA HIS L 81 27.04 -14.38 28.58
C HIS L 81 26.49 -13.02 28.18
N LEU L 82 25.37 -12.62 28.78
CA LEU L 82 24.78 -11.31 28.49
C LEU L 82 25.75 -10.19 28.84
N LEU L 83 26.36 -10.29 30.03
CA LEU L 83 27.34 -9.32 30.52
C LEU L 83 28.56 -9.13 29.59
N ARG L 84 28.91 -10.19 28.88
CA ARG L 84 29.95 -10.17 27.85
C ARG L 84 29.54 -9.32 26.64
N LEU L 85 28.30 -9.51 26.20
CA LEU L 85 27.74 -8.78 25.07
C LEU L 85 27.45 -7.34 25.47
N ALA L 86 27.25 -7.12 26.77
CA ALA L 86 26.81 -5.84 27.33
C ALA L 86 27.87 -4.75 27.46
N SER L 87 29.10 -5.02 27.01
CA SER L 87 30.13 -3.98 26.92
C SER L 87 29.60 -2.89 26.03
N SER L 88 29.77 -1.63 26.42
CA SER L 88 29.32 -0.47 25.64
C SER L 88 27.81 -0.12 25.69
N LEU L 89 27.04 -0.79 26.55
CA LEU L 89 25.78 -0.22 27.03
C LEU L 89 26.17 0.98 27.91
N THR L 90 25.28 1.96 28.00
CA THR L 90 25.58 3.20 28.71
C THR L 90 26.13 2.91 30.10
N THR L 91 27.19 3.64 30.44
CA THR L 91 27.81 3.60 31.76
C THR L 91 27.62 4.94 32.44
N LYS L 92 28.19 5.09 33.63
CA LYS L 92 28.05 6.30 34.43
C LYS L 92 28.70 7.51 33.73
N GLY L 93 29.93 7.33 33.27
CA GLY L 93 30.71 8.44 32.74
C GLY L 93 30.65 8.59 31.25
N ALA L 94 30.19 7.54 30.55
CA ALA L 94 30.13 7.56 29.09
C ALA L 94 28.90 6.85 28.53
N SER L 95 28.22 7.49 27.58
CA SER L 95 27.02 6.93 26.97
C SER L 95 27.35 5.88 25.94
N SER L 96 26.42 4.93 25.77
CA SER L 96 26.55 3.85 24.80
C SER L 96 27.15 4.35 23.51
N PHE L 97 26.64 5.50 23.08
CA PHE L 97 27.14 6.20 21.93
C PHE L 97 28.60 6.60 22.11
N LYS L 98 28.86 7.41 23.13
CA LYS L 98 30.22 7.94 23.37
C LYS L 98 31.27 6.84 23.46
N ILE L 99 30.88 5.68 23.97
CA ILE L 99 31.79 4.57 24.04
C ILE L 99 32.11 4.10 22.61
N THR L 100 31.08 3.74 21.84
CA THR L 100 31.26 3.15 20.49
C THR L 100 32.02 4.07 19.55
N ARG L 101 31.55 5.30 19.45
CA ARG L 101 32.12 6.26 18.55
C ARG L 101 33.47 6.78 19.01
N GLY L 102 33.63 6.90 20.32
CA GLY L 102 34.84 7.46 20.90
C GLY L 102 36.05 6.62 20.59
N ILE L 103 35.94 5.32 20.81
CA ILE L 103 37.06 4.41 20.54
C ILE L 103 37.28 4.34 19.02
N GLU L 104 36.22 4.11 18.26
CA GLU L 104 36.29 4.13 16.80
C GLU L 104 36.92 5.40 16.22
N ALA L 105 36.80 6.51 16.94
CA ALA L 105 37.41 7.79 16.53
C ALA L 105 38.95 7.76 16.54
N VAL L 106 39.54 6.90 17.37
CA VAL L 106 40.99 6.64 17.37
C VAL L 106 41.34 5.22 16.88
N GLY L 107 40.31 4.49 16.44
CA GLY L 107 40.50 3.18 15.87
C GLY L 107 40.98 2.17 16.88
N GLY L 108 40.57 2.37 18.13
CA GLY L 108 40.93 1.47 19.22
C GLY L 108 40.12 0.19 19.14
N LYS L 109 39.93 -0.48 20.28
CA LYS L 109 39.18 -1.74 20.35
C LYS L 109 38.94 -2.09 21.80
N LEU L 110 37.72 -2.49 22.15
CA LEU L 110 37.40 -2.92 23.52
C LEU L 110 36.85 -4.34 23.54
N SER L 111 37.72 -5.35 23.63
CA SER L 111 37.30 -6.76 23.53
C SER L 111 36.89 -7.34 24.88
N VAL L 112 36.09 -8.40 24.84
CA VAL L 112 35.71 -9.13 26.06
C VAL L 112 35.88 -10.61 25.82
N THR L 113 36.62 -11.25 26.70
CA THR L 113 37.01 -12.65 26.52
C THR L 113 36.69 -13.45 27.78
N SER L 114 35.69 -14.33 27.70
CA SER L 114 35.32 -15.17 28.85
C SER L 114 35.84 -16.61 28.70
N THR L 115 36.25 -17.17 29.83
CA THR L 115 36.46 -18.61 29.99
C THR L 115 35.36 -19.10 30.94
N ARG L 116 35.28 -20.39 31.17
CA ARG L 116 34.42 -20.91 32.26
C ARG L 116 34.85 -20.39 33.63
N GLU L 117 36.05 -19.82 33.73
CA GLU L 117 36.52 -19.21 34.98
C GLU L 117 36.68 -17.68 34.92
N ASN L 118 37.33 -17.15 33.88
CA ASN L 118 37.70 -15.74 33.90
C ASN L 118 37.16 -14.87 32.75
N MET L 119 36.76 -13.64 33.07
CA MET L 119 36.45 -12.60 32.06
C MET L 119 37.63 -11.65 31.85
N ALA L 120 37.83 -11.25 30.60
CA ALA L 120 39.02 -10.50 30.24
C ALA L 120 38.68 -9.35 29.32
N TYR L 121 38.37 -8.19 29.92
CA TYR L 121 38.10 -6.98 29.17
C TYR L 121 39.43 -6.39 28.73
N THR L 122 39.68 -6.39 27.42
CA THR L 122 40.99 -6.11 26.85
C THR L 122 40.91 -5.00 25.79
N VAL L 123 41.67 -3.92 25.97
CA VAL L 123 41.67 -2.85 24.96
C VAL L 123 42.96 -2.82 24.12
N GLU L 124 42.83 -2.24 22.93
CA GLU L 124 43.95 -2.02 22.02
C GLU L 124 43.86 -0.60 21.47
N CYS L 125 45.01 0.02 21.23
CA CYS L 125 45.08 1.31 20.54
C CYS L 125 46.53 1.74 20.31
N LEU L 126 46.74 2.95 19.79
CA LEU L 126 48.08 3.52 19.63
C LEU L 126 48.52 4.08 20.98
N ARG L 127 49.82 4.07 21.24
CA ARG L 127 50.34 4.43 22.57
C ARG L 127 50.11 5.88 22.97
N ASP L 128 49.56 6.69 22.07
CA ASP L 128 49.22 8.07 22.39
C ASP L 128 47.78 8.25 22.83
N ASP L 129 46.97 7.19 22.75
CA ASP L 129 45.54 7.24 23.13
C ASP L 129 45.21 6.46 24.40
N VAL L 130 46.24 5.85 24.99
CA VAL L 130 46.10 4.94 26.14
C VAL L 130 45.14 5.38 27.24
N ASP L 131 45.15 6.66 27.58
CA ASP L 131 44.32 7.17 28.69
C ASP L 131 42.81 7.24 28.35
N ILE L 132 42.46 7.45 27.07
CA ILE L 132 41.05 7.47 26.69
C ILE L 132 40.52 6.04 26.78
N LEU L 133 41.19 5.11 26.10
CA LEU L 133 40.84 3.68 26.17
C LEU L 133 40.85 3.12 27.59
N MET L 134 41.76 3.59 28.43
CA MET L 134 41.79 3.17 29.83
C MET L 134 40.53 3.67 30.50
N GLU L 135 40.23 4.94 30.29
CA GLU L 135 39.03 5.57 30.84
C GLU L 135 37.76 4.80 30.48
N PHE L 136 37.48 4.62 29.19
CA PHE L 136 36.28 3.89 28.78
C PHE L 136 36.26 2.46 29.35
N LEU L 137 37.43 1.91 29.65
CA LEU L 137 37.53 0.55 30.22
C LEU L 137 37.04 0.46 31.66
N LEU L 138 37.33 1.50 32.45
CA LEU L 138 36.95 1.50 33.87
C LEU L 138 35.45 1.78 34.07
N ASN L 139 34.87 2.59 33.18
CA ASN L 139 33.43 2.88 33.19
C ASN L 139 32.62 1.62 32.93
N VAL L 140 33.03 0.89 31.90
CA VAL L 140 32.41 -0.36 31.50
C VAL L 140 32.42 -1.43 32.63
N THR L 141 33.46 -1.42 33.48
CA THR L 141 33.66 -2.41 34.56
C THR L 141 33.21 -1.97 35.96
N THR L 142 33.55 -0.75 36.33
CA THR L 142 33.23 -0.25 37.68
C THR L 142 31.88 0.48 37.73
N ALA L 143 31.46 1.04 36.59
CA ALA L 143 30.33 1.97 36.58
C ALA L 143 29.19 1.69 35.55
N PRO L 144 28.96 0.41 35.20
CA PRO L 144 27.86 0.14 34.25
C PRO L 144 26.47 0.33 34.86
N GLU L 145 25.56 0.92 34.09
CA GLU L 145 24.19 1.22 34.55
C GLU L 145 23.17 0.11 34.28
N PHE L 146 23.29 -0.52 33.11
CA PHE L 146 22.37 -1.59 32.70
C PHE L 146 20.92 -1.09 32.72
N ARG L 147 20.62 -0.16 31.81
CA ARG L 147 19.31 0.45 31.72
C ARG L 147 18.31 -0.54 31.17
N ARG L 148 17.18 -0.69 31.85
CA ARG L 148 16.16 -1.67 31.52
C ARG L 148 15.90 -1.77 30.01
N TRP L 149 15.70 -0.61 29.37
CA TRP L 149 15.34 -0.53 27.94
C TRP L 149 16.52 -0.82 26.98
N GLU L 150 17.75 -0.67 27.48
CA GLU L 150 18.94 -1.09 26.74
C GLU L 150 19.20 -2.59 26.89
N VAL L 151 19.21 -3.06 28.13
CA VAL L 151 19.37 -4.47 28.44
C VAL L 151 18.29 -5.33 27.80
N ALA L 152 17.05 -4.85 27.82
CA ALA L 152 15.96 -5.57 27.17
C ALA L 152 16.15 -5.62 25.65
N ALA L 153 16.67 -4.53 25.08
CA ALA L 153 16.94 -4.45 23.65
C ALA L 153 18.12 -5.34 23.22
N LEU L 154 19.07 -5.56 24.13
CA LEU L 154 20.24 -6.42 23.89
C LEU L 154 19.92 -7.91 23.92
N GLN L 155 18.94 -8.31 24.73
CA GLN L 155 18.57 -9.73 24.93
C GLN L 155 18.71 -10.61 23.69
N PRO L 156 18.03 -10.25 22.59
CA PRO L 156 17.96 -11.20 21.46
C PRO L 156 19.31 -11.43 20.74
N GLN L 157 20.32 -10.64 21.05
CA GLN L 157 21.69 -10.90 20.60
C GLN L 157 22.17 -12.24 21.14
N LEU L 158 21.71 -12.62 22.33
CA LEU L 158 22.05 -13.93 22.91
C LEU L 158 21.75 -15.03 21.91
N ARG L 159 20.52 -15.00 21.41
CA ARG L 159 20.04 -15.90 20.37
C ARG L 159 21.01 -15.97 19.17
N ILE L 160 21.42 -14.81 18.66
CA ILE L 160 22.40 -14.75 17.58
C ILE L 160 23.72 -15.35 18.04
N ASP L 161 24.38 -14.68 18.99
CA ASP L 161 25.77 -15.01 19.38
C ASP L 161 25.94 -16.49 19.68
N LYS L 162 24.96 -17.06 20.37
CA LYS L 162 24.92 -18.49 20.62
C LYS L 162 24.84 -19.27 19.30
N ALA L 163 23.83 -19.00 18.48
CA ALA L 163 23.64 -19.76 17.24
C ALA L 163 24.81 -19.67 16.26
N VAL L 164 25.40 -18.49 16.13
CA VAL L 164 26.68 -18.29 15.41
C VAL L 164 27.83 -19.18 15.89
N ALA L 165 27.90 -19.42 17.19
CA ALA L 165 28.98 -20.19 17.77
C ALA L 165 28.69 -21.68 17.73
N LEU L 166 27.44 -22.07 17.95
CA LEU L 166 27.04 -23.49 17.83
C LEU L 166 26.90 -23.94 16.38
N GLN L 167 27.46 -23.17 15.46
CA GLN L 167 27.71 -23.65 14.12
C GLN L 167 28.70 -24.79 14.22
N ASN L 168 29.76 -24.60 15.01
CA ASN L 168 30.80 -25.62 15.19
C ASN L 168 30.27 -26.73 16.06
N PRO L 169 30.20 -27.96 15.53
CA PRO L 169 29.58 -29.02 16.30
C PRO L 169 30.36 -29.32 17.57
N GLN L 170 31.63 -28.91 17.62
CA GLN L 170 32.45 -29.01 18.82
C GLN L 170 31.78 -28.36 20.01
N ALA L 171 31.34 -27.12 19.86
CA ALA L 171 30.72 -26.39 20.95
C ALA L 171 29.62 -27.22 21.65
N HIS L 172 28.64 -27.74 20.90
CA HIS L 172 27.67 -28.72 21.45
C HIS L 172 28.32 -29.72 22.42
N VAL L 173 29.24 -30.48 21.86
CA VAL L 173 29.92 -31.60 22.52
C VAL L 173 30.64 -31.15 23.78
N ILE L 174 31.46 -30.11 23.69
CA ILE L 174 32.19 -29.58 24.86
C ILE L 174 31.23 -28.98 25.91
N GLU L 175 30.20 -28.27 25.46
CA GLU L 175 29.19 -27.72 26.38
C GLU L 175 28.57 -28.86 27.19
N ASN L 176 28.06 -29.87 26.50
CA ASN L 176 27.59 -31.08 27.14
C ASN L 176 28.63 -31.71 28.09
N LEU L 177 29.85 -31.89 27.60
CA LEU L 177 30.87 -32.65 28.33
C LEU L 177 31.08 -32.15 29.76
N HIS L 178 31.14 -30.83 29.93
CA HIS L 178 31.30 -30.28 31.26
C HIS L 178 30.04 -30.49 32.09
N ALA L 179 28.88 -30.42 31.44
CA ALA L 179 27.59 -30.60 32.10
C ALA L 179 27.38 -32.05 32.50
N ALA L 180 28.01 -32.98 31.79
CA ALA L 180 28.00 -34.39 32.18
C ALA L 180 29.02 -34.65 33.28
N ALA L 181 30.21 -34.08 33.10
CA ALA L 181 31.33 -34.29 34.00
C ALA L 181 31.09 -33.65 35.37
N TYR L 182 30.94 -32.34 35.40
CA TYR L 182 30.92 -31.61 36.67
C TYR L 182 29.71 -30.75 36.99
N ARG L 183 29.03 -31.02 38.10
CA ARG L 183 27.86 -30.21 38.46
C ARG L 183 27.56 -28.79 38.87
N ASN L 184 28.16 -28.39 39.97
CA ASN L 184 27.87 -27.12 40.57
C ASN L 184 28.29 -26.00 39.67
N ALA L 185 29.59 -25.90 39.42
CA ALA L 185 30.17 -24.69 38.87
C ALA L 185 30.48 -24.85 37.39
N LEU L 186 31.35 -25.78 37.08
CA LEU L 186 31.91 -25.83 35.74
C LEU L 186 30.98 -26.54 34.76
N ALA L 187 29.94 -27.21 35.26
CA ALA L 187 28.90 -27.73 34.39
C ALA L 187 28.25 -26.62 33.60
N ASN L 188 28.29 -25.39 34.16
CA ASN L 188 27.72 -24.21 33.52
C ASN L 188 28.30 -23.92 32.15
N SER L 189 27.41 -23.61 31.22
CA SER L 189 27.79 -23.28 29.86
C SER L 189 28.33 -21.86 29.78
N LEU L 190 29.09 -21.59 28.72
CA LEU L 190 29.52 -20.24 28.40
C LEU L 190 28.40 -19.47 27.71
N TYR L 191 27.54 -20.21 27.00
CA TYR L 191 26.40 -19.62 26.34
C TYR L 191 25.11 -19.90 27.12
N CYS L 192 24.43 -18.82 27.45
CA CYS L 192 23.10 -18.82 28.01
C CYS L 192 22.24 -19.99 27.54
N PRO L 193 21.56 -20.67 28.47
CA PRO L 193 20.60 -21.70 28.07
C PRO L 193 19.41 -21.10 27.34
N ASP L 194 18.66 -21.95 26.65
CA ASP L 194 17.55 -21.50 25.84
C ASP L 194 16.55 -20.71 26.69
N TYR L 195 15.96 -21.39 27.66
CA TYR L 195 14.86 -20.83 28.45
C TYR L 195 15.19 -19.45 29.02
N ARG L 196 16.47 -19.20 29.31
CA ARG L 196 16.94 -17.95 29.94
C ARG L 196 17.17 -16.76 28.98
N ILE L 197 17.13 -17.02 27.67
CA ILE L 197 17.32 -15.95 26.69
C ILE L 197 16.10 -15.06 26.78
N GLY L 198 16.32 -13.80 27.17
CA GLY L 198 15.26 -12.84 27.41
C GLY L 198 15.03 -12.57 28.89
N LYS L 199 15.19 -13.59 29.72
CA LYS L 199 14.77 -13.53 31.13
C LYS L 199 15.83 -12.95 32.07
N VAL L 200 16.99 -12.57 31.54
CA VAL L 200 18.05 -12.04 32.38
C VAL L 200 17.64 -10.62 32.75
N THR L 201 17.56 -10.29 34.04
CA THR L 201 17.17 -8.93 34.45
C THR L 201 18.39 -7.97 34.58
N PRO L 202 18.16 -6.67 34.44
CA PRO L 202 19.24 -5.70 34.71
C PRO L 202 19.70 -5.73 36.16
N VAL L 203 18.78 -6.11 37.06
CA VAL L 203 19.15 -6.37 38.45
C VAL L 203 20.21 -7.50 38.56
N GLU L 204 20.03 -8.59 37.83
CA GLU L 204 20.99 -9.71 37.88
C GLU L 204 22.39 -9.34 37.39
N LEU L 205 22.49 -8.34 36.52
CA LEU L 205 23.79 -7.81 36.10
C LEU L 205 24.41 -6.95 37.21
N HIS L 206 23.65 -5.96 37.70
CA HIS L 206 24.09 -5.16 38.85
C HIS L 206 24.65 -6.08 39.92
N ASP L 207 23.83 -7.08 40.28
CA ASP L 207 24.18 -8.04 41.31
C ASP L 207 25.46 -8.80 40.97
N TYR L 208 25.49 -9.42 39.80
CA TYR L 208 26.65 -10.21 39.38
C TYR L 208 27.93 -9.39 39.32
N VAL L 209 27.86 -8.18 38.78
CA VAL L 209 29.05 -7.31 38.70
C VAL L 209 29.51 -6.94 40.09
N GLN L 210 28.56 -6.49 40.91
CA GLN L 210 28.82 -6.07 42.29
C GLN L 210 29.52 -7.19 43.07
N ASN L 211 28.97 -8.39 42.98
CA ASN L 211 29.47 -9.55 43.72
C ASN L 211 30.82 -10.11 43.22
N HIS L 212 31.12 -9.98 41.93
CA HIS L 212 32.31 -10.64 41.37
C HIS L 212 33.38 -9.70 40.77
N PHE L 213 33.08 -8.41 40.61
CA PHE L 213 34.07 -7.47 40.03
C PHE L 213 34.83 -6.76 41.15
N THR L 214 35.51 -7.55 41.96
CA THR L 214 36.10 -7.07 43.21
C THR L 214 37.61 -7.25 43.24
N SER L 215 38.28 -6.34 43.94
CA SER L 215 39.74 -6.28 44.04
C SER L 215 40.46 -7.63 44.25
N ALA L 216 39.89 -8.49 45.09
CA ALA L 216 40.47 -9.81 45.36
C ALA L 216 40.28 -10.81 44.21
N ARG L 217 39.61 -10.37 43.14
CA ARG L 217 39.30 -11.23 41.99
C ARG L 217 39.79 -10.60 40.68
N MET L 218 40.67 -9.61 40.80
CA MET L 218 41.04 -8.79 39.66
C MET L 218 42.53 -8.57 39.53
N ALA L 219 42.98 -8.59 38.29
CA ALA L 219 44.35 -8.31 37.95
C ALA L 219 44.34 -7.32 36.79
N LEU L 220 45.08 -6.23 36.94
CA LEU L 220 45.21 -5.25 35.86
C LEU L 220 46.54 -5.48 35.11
N ILE L 221 46.45 -5.89 33.85
CA ILE L 221 47.63 -6.20 33.02
C ILE L 221 47.85 -5.16 31.92
N GLY L 222 49.10 -4.75 31.73
CA GLY L 222 49.44 -3.71 30.75
C GLY L 222 50.62 -4.10 29.88
N LEU L 223 50.46 -3.95 28.57
CA LEU L 223 51.55 -4.16 27.63
C LEU L 223 51.73 -2.87 26.81
N GLY L 224 52.95 -2.36 26.75
CA GLY L 224 53.23 -1.08 26.09
C GLY L 224 52.81 0.13 26.93
N VAL L 225 52.91 0.03 28.26
CA VAL L 225 52.57 1.13 29.18
C VAL L 225 53.44 1.08 30.43
N SER L 226 53.80 2.25 30.96
CA SER L 226 54.67 2.35 32.13
C SER L 226 53.90 2.05 33.42
N HIS L 227 54.61 1.56 34.43
CA HIS L 227 53.98 1.06 35.65
C HIS L 227 53.36 2.14 36.55
N PRO L 228 53.95 3.35 36.59
CA PRO L 228 53.40 4.43 37.42
C PRO L 228 51.93 4.71 37.16
N VAL L 229 51.56 4.89 35.88
CA VAL L 229 50.18 5.23 35.52
C VAL L 229 49.20 4.08 35.75
N LEU L 230 49.59 2.86 35.44
CA LEU L 230 48.74 1.70 35.72
C LEU L 230 48.43 1.59 37.22
N LYS L 231 49.42 1.86 38.05
CA LYS L 231 49.20 1.92 39.49
C LYS L 231 48.27 3.09 39.80
N GLN L 232 48.69 4.30 39.42
CA GLN L 232 47.96 5.54 39.70
C GLN L 232 46.47 5.43 39.41
N VAL L 233 46.13 4.86 38.25
CA VAL L 233 44.72 4.65 37.88
C VAL L 233 44.06 3.55 38.72
N ALA L 234 44.80 2.48 38.98
CA ALA L 234 44.27 1.36 39.77
C ALA L 234 43.92 1.79 41.19
N GLU L 235 44.79 2.58 41.80
CA GLU L 235 44.56 3.14 43.15
C GLU L 235 43.32 4.04 43.20
N GLN L 236 43.22 4.95 42.22
CA GLN L 236 42.19 5.97 42.21
C GLN L 236 40.80 5.46 41.78
N PHE L 237 40.74 4.76 40.65
CA PHE L 237 39.45 4.45 40.02
C PHE L 237 39.04 2.97 39.99
N LEU L 238 39.93 2.06 40.38
CA LEU L 238 39.57 0.65 40.49
C LEU L 238 39.44 0.14 41.93
N ASN L 239 39.75 0.99 42.92
CA ASN L 239 39.63 0.62 44.33
C ASN L 239 38.18 0.64 44.80
N ILE L 240 37.45 -0.42 44.44
CA ILE L 240 36.06 -0.61 44.85
C ILE L 240 36.05 -1.76 45.86
N ARG L 241 34.89 -2.05 46.45
CA ARG L 241 34.77 -3.15 47.43
C ARG L 241 35.55 -4.38 46.97
N GLY L 242 36.49 -4.81 47.82
CA GLY L 242 37.39 -5.90 47.49
C GLY L 242 37.00 -7.22 48.13
N GLY L 243 35.73 -7.35 48.48
CA GLY L 243 35.23 -8.52 49.19
C GLY L 243 34.43 -9.40 48.26
N LEU L 244 35.01 -10.55 47.89
CA LEU L 244 34.35 -11.53 47.02
C LEU L 244 32.92 -11.51 47.59
N GLY L 245 31.94 -11.30 46.72
CA GLY L 245 30.55 -11.04 47.11
C GLY L 245 29.83 -12.37 47.00
N LEU L 246 30.30 -13.21 46.09
CA LEU L 246 30.05 -14.65 46.08
C LEU L 246 31.41 -15.32 45.92
N SER L 247 31.48 -16.60 46.28
CA SER L 247 32.63 -17.46 45.96
C SER L 247 32.11 -18.64 45.14
N GLY L 248 32.99 -19.26 44.38
CA GLY L 248 32.64 -20.47 43.62
C GLY L 248 32.43 -21.63 44.58
N ALA L 249 31.98 -22.76 44.05
CA ALA L 249 31.97 -23.98 44.84
C ALA L 249 33.31 -24.68 44.64
N LYS L 250 33.50 -25.81 45.30
CA LYS L 250 34.54 -26.74 44.87
C LYS L 250 33.86 -27.56 43.80
N ALA L 251 34.52 -27.75 42.67
CA ALA L 251 33.89 -28.37 41.51
C ALA L 251 33.69 -29.87 41.70
N LYS L 252 32.62 -30.24 42.38
CA LYS L 252 32.24 -31.64 42.53
C LYS L 252 32.07 -32.34 41.16
N TYR L 253 33.07 -33.16 40.83
CA TYR L 253 33.03 -34.03 39.67
C TYR L 253 32.01 -35.13 39.89
N HIS L 254 31.10 -35.26 38.93
CA HIS L 254 30.08 -36.32 38.90
C HIS L 254 30.56 -37.47 37.99
N GLY L 255 30.66 -37.18 36.69
CA GLY L 255 30.92 -38.18 35.67
C GLY L 255 29.62 -38.56 34.97
N GLY L 256 29.72 -39.07 33.75
CA GLY L 256 28.54 -39.53 33.04
C GLY L 256 28.50 -39.08 31.59
N GLU L 257 27.39 -39.40 30.92
CA GLU L 257 27.30 -39.33 29.45
C GLU L 257 26.08 -38.59 28.93
N ILE L 258 26.30 -37.67 27.97
CA ILE L 258 25.22 -36.93 27.30
C ILE L 258 25.29 -37.11 25.78
N ARG L 259 24.15 -37.49 25.19
CA ARG L 259 24.11 -37.98 23.81
C ARG L 259 22.98 -37.35 23.00
N GLU L 260 23.35 -36.33 22.22
CA GLU L 260 22.42 -35.60 21.31
C GLU L 260 22.37 -36.23 19.91
N GLN L 261 21.36 -37.06 19.67
CA GLN L 261 21.12 -37.66 18.35
C GLN L 261 20.55 -36.62 17.37
N ASN L 262 21.25 -36.35 16.26
CA ASN L 262 20.83 -35.27 15.35
C ASN L 262 21.11 -35.41 13.84
N GLY L 263 21.68 -36.53 13.41
CA GLY L 263 21.92 -36.77 11.98
C GLY L 263 22.73 -35.73 11.24
N ASP L 264 23.99 -35.57 11.64
CA ASP L 264 24.98 -34.92 10.79
C ASP L 264 25.67 -36.01 9.99
N SER L 265 26.38 -35.63 8.94
CA SER L 265 27.14 -36.58 8.14
C SER L 265 28.10 -37.36 9.04
N LEU L 266 28.83 -36.62 9.89
CA LEU L 266 29.79 -37.21 10.81
C LEU L 266 29.16 -37.44 12.19
N VAL L 267 30.00 -37.86 13.15
CA VAL L 267 29.60 -38.03 14.54
C VAL L 267 30.74 -37.51 15.40
N HIS L 268 30.44 -36.55 16.26
CA HIS L 268 31.43 -36.08 17.22
C HIS L 268 31.20 -36.73 18.57
N ALA L 269 32.28 -37.10 19.25
CA ALA L 269 32.18 -37.68 20.59
C ALA L 269 33.49 -37.46 21.37
N ALA L 270 33.37 -37.02 22.62
CA ALA L 270 34.52 -36.80 23.51
C ALA L 270 34.42 -37.70 24.72
N LEU L 271 35.56 -38.29 25.13
CA LEU L 271 35.64 -39.15 26.31
C LEU L 271 36.81 -38.75 27.20
N VAL L 272 36.51 -38.31 28.43
CA VAL L 272 37.53 -37.79 29.32
C VAL L 272 37.33 -38.32 30.73
N ALA L 273 38.32 -38.07 31.58
CA ALA L 273 38.29 -38.52 32.96
C ALA L 273 38.93 -37.48 33.86
N GLU L 274 38.53 -37.50 35.12
CA GLU L 274 39.11 -36.60 36.13
C GLU L 274 40.64 -36.54 36.01
N SER L 275 41.14 -35.40 35.57
CA SER L 275 42.59 -35.11 35.55
C SER L 275 42.90 -34.30 36.81
N ALA L 276 44.07 -33.67 36.87
CA ALA L 276 44.40 -32.75 37.98
C ALA L 276 44.41 -31.27 37.56
N ALA L 277 44.33 -30.38 38.57
CA ALA L 277 44.24 -28.93 38.34
C ALA L 277 45.55 -28.31 37.87
N ILE L 278 45.44 -27.07 37.35
CA ILE L 278 46.61 -26.31 36.90
C ILE L 278 47.37 -25.77 38.12
N GLY L 279 48.69 -25.68 38.00
CA GLY L 279 49.55 -25.21 39.08
C GLY L 279 50.25 -26.31 39.86
N SER L 280 49.77 -27.56 39.70
CA SER L 280 50.44 -28.72 40.27
C SER L 280 51.34 -29.34 39.20
N ALA L 281 52.47 -29.92 39.62
CA ALA L 281 53.37 -30.61 38.69
C ALA L 281 52.72 -31.83 38.02
N GLU L 282 51.57 -32.25 38.53
CA GLU L 282 50.76 -33.30 37.90
C GLU L 282 50.03 -32.83 36.64
N ALA L 283 49.81 -31.52 36.51
CA ALA L 283 49.27 -30.92 35.30
C ALA L 283 50.23 -31.12 34.13
N ASN L 284 51.47 -30.73 34.35
CA ASN L 284 52.54 -30.90 33.36
C ASN L 284 52.60 -32.30 32.73
N ALA L 285 52.49 -33.33 33.57
CA ALA L 285 52.47 -34.72 33.10
C ALA L 285 51.31 -35.02 32.14
N PHE L 286 50.14 -34.43 32.41
CA PHE L 286 49.03 -34.55 31.49
C PHE L 286 49.28 -33.77 30.18
N SER L 287 49.93 -32.61 30.29
CA SER L 287 50.36 -31.83 29.11
C SER L 287 51.30 -32.62 28.21
N VAL L 288 52.31 -33.25 28.82
CA VAL L 288 53.25 -34.06 28.07
C VAL L 288 52.50 -35.26 27.50
N LEU L 289 51.64 -35.88 28.32
CA LEU L 289 50.82 -37.03 27.87
C LEU L 289 50.00 -36.71 26.63
N GLN L 290 49.56 -35.46 26.55
CA GLN L 290 48.82 -34.96 25.40
C GLN L 290 49.64 -35.05 24.11
N HIS L 291 50.76 -34.36 24.11
CA HIS L 291 51.61 -34.29 22.91
C HIS L 291 52.24 -35.63 22.55
N VAL L 292 52.23 -36.59 23.47
CA VAL L 292 52.54 -37.97 23.15
C VAL L 292 51.45 -38.54 22.25
N LEU L 293 50.20 -38.38 22.68
CA LEU L 293 49.06 -38.98 21.98
C LEU L 293 48.72 -38.27 20.68
N GLY L 294 48.33 -37.00 20.81
CA GLY L 294 47.79 -36.25 19.68
C GLY L 294 47.74 -34.80 20.11
N ALA L 295 48.25 -33.93 19.24
CA ALA L 295 48.29 -32.51 19.51
C ALA L 295 47.34 -31.87 18.49
N GLY L 296 47.71 -32.01 17.22
CA GLY L 296 47.00 -31.39 16.10
C GLY L 296 47.96 -31.40 14.93
N PRO L 297 47.54 -30.93 13.76
CA PRO L 297 48.52 -30.88 12.68
C PRO L 297 49.69 -29.96 13.04
N HIS L 298 50.90 -30.41 12.71
CA HIS L 298 52.09 -29.57 12.75
C HIS L 298 52.59 -29.25 11.34
N VAL L 299 52.28 -30.13 10.39
CA VAL L 299 52.65 -29.97 9.01
C VAL L 299 51.37 -29.96 8.20
N LYS L 300 51.21 -28.93 7.37
CA LYS L 300 50.01 -28.80 6.54
C LYS L 300 49.83 -30.00 5.60
N ARG L 301 48.64 -30.57 5.61
CA ARG L 301 48.27 -31.65 4.69
C ARG L 301 48.93 -33.02 4.94
N GLY L 302 49.78 -33.13 5.96
CA GLY L 302 50.43 -34.40 6.27
C GLY L 302 49.46 -35.45 6.79
N SER L 303 49.98 -36.63 7.09
CA SER L 303 49.17 -37.71 7.65
C SER L 303 49.32 -37.80 9.18
N ASN L 304 49.85 -36.75 9.80
CA ASN L 304 50.07 -36.73 11.26
C ASN L 304 50.85 -37.95 11.71
N ALA L 305 51.93 -38.23 10.98
CA ALA L 305 52.72 -39.44 11.19
C ALA L 305 53.08 -39.69 12.66
N THR L 306 53.54 -38.65 13.36
CA THR L 306 54.00 -38.81 14.75
C THR L 306 52.86 -38.98 15.76
N SER L 307 51.65 -38.51 15.43
CA SER L 307 50.53 -38.55 16.38
C SER L 307 50.08 -39.96 16.73
N SER L 308 50.39 -40.36 17.96
CA SER L 308 50.15 -41.70 18.50
C SER L 308 48.70 -42.16 18.31
N LEU L 309 47.76 -41.30 18.71
CA LEU L 309 46.33 -41.60 18.59
C LEU L 309 45.86 -41.75 17.16
N TYR L 310 46.18 -40.78 16.32
CA TYR L 310 45.82 -40.84 14.91
C TYR L 310 46.39 -42.08 14.26
N GLN L 311 47.64 -42.42 14.58
CA GLN L 311 48.33 -43.60 14.03
C GLN L 311 47.76 -44.93 14.49
N ALA L 312 47.39 -45.00 15.77
CA ALA L 312 46.74 -46.20 16.35
C ALA L 312 45.38 -46.47 15.73
N VAL L 313 44.58 -45.42 15.58
CA VAL L 313 43.27 -45.51 14.94
C VAL L 313 43.41 -45.43 13.41
N ALA L 314 44.63 -45.24 12.91
CA ALA L 314 44.86 -45.14 11.48
C ALA L 314 44.62 -46.49 10.81
N LYS L 315 44.89 -47.56 11.54
CA LYS L 315 44.93 -48.90 10.95
C LYS L 315 44.19 -50.23 10.78
N GLY L 316 43.09 -50.46 11.51
CA GLY L 316 41.80 -51.18 11.29
C GLY L 316 40.58 -50.47 10.69
N VAL L 317 40.70 -49.17 10.36
CA VAL L 317 39.61 -48.33 9.83
C VAL L 317 40.12 -47.52 8.63
N HIS L 318 39.57 -47.77 7.44
CA HIS L 318 40.05 -47.11 6.23
C HIS L 318 39.06 -46.07 5.76
N GLU L 319 39.02 -44.92 6.39
CA GLU L 319 38.05 -43.90 6.02
C GLU L 319 38.49 -42.51 6.45
N PRO L 320 37.70 -41.48 6.09
CA PRO L 320 37.94 -40.20 6.71
C PRO L 320 37.54 -40.30 8.17
N PHE L 321 38.37 -39.74 9.04
CA PHE L 321 38.11 -39.71 10.47
C PHE L 321 39.09 -38.73 11.10
N ASP L 322 38.90 -38.45 12.38
CA ASP L 322 39.85 -37.66 13.12
C ASP L 322 39.75 -37.96 14.60
N VAL L 323 40.88 -37.85 15.29
CA VAL L 323 40.93 -38.02 16.73
C VAL L 323 42.04 -37.12 17.27
N SER L 324 41.87 -36.59 18.49
CA SER L 324 42.93 -35.79 19.13
C SER L 324 42.78 -35.72 20.66
N ALA L 325 43.86 -35.38 21.34
CA ALA L 325 43.91 -35.46 22.81
C ALA L 325 43.37 -34.21 23.52
N PHE L 326 42.25 -34.38 24.22
CA PHE L 326 41.59 -33.31 24.97
C PHE L 326 42.27 -33.11 26.34
N ASN L 327 42.77 -31.90 26.59
CA ASN L 327 43.35 -31.58 27.91
C ASN L 327 42.92 -30.21 28.53
N ALA L 328 41.87 -30.22 29.34
CA ALA L 328 41.39 -29.03 30.05
C ALA L 328 41.94 -28.97 31.47
N SER L 329 42.33 -27.79 31.93
CA SER L 329 42.98 -27.68 33.23
C SER L 329 42.77 -26.34 33.93
N TYR L 330 41.85 -26.31 34.91
CA TYR L 330 41.52 -25.06 35.60
C TYR L 330 42.12 -25.08 37.00
N SER L 331 41.89 -24.00 37.75
CA SER L 331 42.42 -23.86 39.12
C SER L 331 41.74 -24.86 40.05
N ASP L 332 40.44 -25.04 39.85
CA ASP L 332 39.64 -25.88 40.71
C ASP L 332 39.79 -27.37 40.39
N SER L 333 39.97 -27.71 39.12
CA SER L 333 39.97 -29.10 38.68
C SER L 333 40.52 -29.23 37.24
N GLY L 334 40.33 -30.38 36.60
CA GLY L 334 40.72 -30.55 35.19
C GLY L 334 40.15 -31.78 34.52
N LEU L 335 40.08 -31.75 33.19
CA LEU L 335 39.65 -32.91 32.39
C LEU L 335 40.78 -33.38 31.46
N PHE L 336 40.78 -34.66 31.11
CA PHE L 336 41.71 -35.19 30.11
C PHE L 336 41.21 -36.46 29.44
N GLY L 337 41.45 -36.56 28.14
CA GLY L 337 41.02 -37.71 27.35
C GLY L 337 41.18 -37.48 25.85
N PHE L 338 40.20 -37.90 25.06
CA PHE L 338 40.28 -37.66 23.63
C PHE L 338 38.98 -37.23 22.96
N TYR L 339 39.13 -36.72 21.74
CA TYR L 339 38.02 -36.23 20.95
C TYR L 339 38.00 -37.00 19.63
N THR L 340 36.85 -37.57 19.32
CA THR L 340 36.65 -38.33 18.11
C THR L 340 35.68 -37.64 17.14
N ILE L 341 36.16 -37.33 15.93
CA ILE L 341 35.30 -37.00 14.78
C ILE L 341 35.41 -38.16 13.82
N SER L 342 34.51 -39.13 13.96
CA SER L 342 34.54 -40.35 13.15
C SER L 342 33.53 -40.27 12.02
N GLN L 343 33.36 -41.37 11.30
CA GLN L 343 32.26 -41.53 10.37
C GLN L 343 30.96 -41.87 11.10
N ALA L 344 29.88 -42.08 10.35
CA ALA L 344 28.60 -42.55 10.88
C ALA L 344 28.78 -43.86 11.64
N ALA L 345 29.17 -44.91 10.92
CA ALA L 345 29.26 -46.25 11.49
C ALA L 345 30.66 -46.57 12.08
N SER L 346 31.65 -45.71 11.85
CA SER L 346 33.01 -45.95 12.38
C SER L 346 33.20 -45.49 13.82
N ALA L 347 32.17 -44.93 14.44
CA ALA L 347 32.26 -44.45 15.80
C ALA L 347 32.70 -45.54 16.76
N GLY L 348 31.98 -46.67 16.73
CA GLY L 348 32.31 -47.82 17.56
C GLY L 348 33.78 -48.20 17.49
N ASP L 349 34.29 -48.24 16.26
CA ASP L 349 35.68 -48.65 16.01
C ASP L 349 36.70 -47.61 16.50
N VAL L 350 36.51 -46.36 16.07
CA VAL L 350 37.46 -45.28 16.36
C VAL L 350 37.59 -44.98 17.85
N ILE L 351 36.48 -44.96 18.57
CA ILE L 351 36.51 -44.59 19.98
C ILE L 351 37.22 -45.66 20.79
N LYS L 352 36.88 -46.93 20.53
CA LYS L 352 37.56 -48.06 21.18
C LYS L 352 39.04 -48.08 20.82
N ALA L 353 39.32 -48.13 19.51
CA ALA L 353 40.68 -48.27 18.97
C ALA L 353 41.65 -47.23 19.54
N ALA L 354 41.13 -46.01 19.70
CA ALA L 354 41.85 -44.90 20.32
C ALA L 354 42.03 -45.10 21.83
N TYR L 355 41.03 -45.70 22.48
CA TYR L 355 41.06 -45.95 23.92
C TYR L 355 42.18 -46.97 24.23
N ASN L 356 42.16 -48.08 23.48
CA ASN L 356 43.17 -49.13 23.56
C ASN L 356 44.59 -48.60 23.49
N GLN L 357 44.83 -47.72 22.53
CA GLN L 357 46.12 -47.06 22.39
C GLN L 357 46.54 -46.28 23.64
N VAL L 358 45.58 -45.65 24.31
CA VAL L 358 45.90 -44.97 25.58
C VAL L 358 46.17 -46.01 26.64
N LYS L 359 45.32 -47.04 26.72
CA LYS L 359 45.53 -48.14 27.68
C LYS L 359 46.95 -48.69 27.59
N THR L 360 47.40 -49.02 26.38
CA THR L 360 48.74 -49.58 26.22
C THR L 360 49.85 -48.54 26.39
N ILE L 361 49.49 -47.34 26.86
CA ILE L 361 50.47 -46.39 27.43
C ILE L 361 50.43 -46.46 28.97
N ALA L 362 49.23 -46.58 29.53
CA ALA L 362 49.06 -46.79 30.98
C ALA L 362 49.79 -48.06 31.42
N GLN L 363 49.72 -49.09 30.58
CA GLN L 363 50.46 -50.34 30.78
C GLN L 363 51.98 -50.16 30.66
N GLY L 364 52.41 -49.13 29.93
CA GLY L 364 53.79 -48.62 30.05
C GLY L 364 54.68 -48.63 28.81
N ASN L 365 54.09 -48.55 27.62
CA ASN L 365 54.87 -48.59 26.36
C ASN L 365 55.23 -47.20 25.84
N LEU L 366 56.30 -46.63 26.41
CA LEU L 366 56.64 -45.23 26.20
C LEU L 366 58.16 -45.03 26.18
N SER L 367 58.76 -45.08 25.00
CA SER L 367 60.21 -44.88 24.90
C SER L 367 60.60 -43.45 25.30
N ASN L 368 61.83 -43.29 25.81
CA ASN L 368 62.34 -41.97 26.21
C ASN L 368 62.36 -40.94 25.07
N PRO L 369 62.65 -41.38 23.84
CA PRO L 369 62.38 -40.63 22.60
C PRO L 369 60.99 -39.99 22.47
N ASP L 370 59.95 -40.73 22.85
CA ASP L 370 58.55 -40.29 22.73
C ASP L 370 58.24 -39.20 23.75
N VAL L 371 58.80 -39.33 24.95
CA VAL L 371 58.71 -38.26 25.95
C VAL L 371 59.55 -37.06 25.52
N GLN L 372 60.73 -37.31 24.92
CA GLN L 372 61.61 -36.22 24.50
C GLN L 372 61.11 -35.44 23.28
N ALA L 373 60.31 -36.10 22.43
CA ALA L 373 59.63 -35.42 21.33
C ALA L 373 58.50 -34.56 21.87
N ALA L 374 57.63 -35.17 22.66
CA ALA L 374 56.50 -34.47 23.29
C ALA L 374 56.94 -33.26 24.13
N LYS L 375 58.07 -33.40 24.82
CA LYS L 375 58.62 -32.30 25.60
C LYS L 375 59.02 -31.13 24.71
N ASN L 376 59.53 -31.42 23.51
CA ASN L 376 59.81 -30.38 22.52
C ASN L 376 58.54 -29.74 21.95
N LYS L 377 57.61 -30.57 21.50
CA LYS L 377 56.31 -30.08 21.04
C LYS L 377 55.75 -29.08 22.05
N LEU L 378 55.63 -29.50 23.31
CA LEU L 378 55.09 -28.64 24.36
C LEU L 378 55.98 -27.43 24.63
N LYS L 379 57.29 -27.64 24.80
CA LYS L 379 58.22 -26.52 25.04
C LYS L 379 58.08 -25.43 23.96
N ALA L 380 58.07 -25.86 22.70
CA ALA L 380 57.92 -24.96 21.56
C ALA L 380 56.51 -24.39 21.53
N GLY L 381 55.53 -25.29 21.53
CA GLY L 381 54.11 -24.91 21.55
C GLY L 381 53.74 -23.82 22.56
N TYR L 382 54.31 -23.90 23.76
CA TYR L 382 54.14 -22.83 24.75
C TYR L 382 54.85 -21.58 24.28
N LEU L 383 56.14 -21.71 24.00
CA LEU L 383 56.94 -20.54 23.62
C LEU L 383 56.32 -19.75 22.46
N MET L 384 55.74 -20.46 21.50
CA MET L 384 55.07 -19.81 20.36
C MET L 384 53.77 -19.10 20.78
N SER L 385 53.03 -19.69 21.71
CA SER L 385 51.72 -19.17 22.12
C SER L 385 51.78 -17.88 22.96
N VAL L 386 52.99 -17.38 23.23
CA VAL L 386 53.16 -16.07 23.86
C VAL L 386 54.07 -15.16 23.01
N GLU L 387 54.20 -15.52 21.73
CA GLU L 387 55.06 -14.81 20.78
C GLU L 387 54.45 -13.45 20.48
N SER L 388 53.18 -13.47 20.05
CA SER L 388 52.42 -12.26 19.77
C SER L 388 51.85 -11.66 21.05
N SER L 389 51.84 -10.34 21.13
CA SER L 389 51.27 -9.62 22.25
C SER L 389 49.89 -10.16 22.71
N GLU L 390 49.08 -10.65 21.77
CA GLU L 390 47.73 -11.16 22.08
C GLU L 390 47.68 -12.33 23.06
N GLY L 391 48.59 -13.29 22.90
CA GLY L 391 48.66 -14.47 23.78
C GLY L 391 49.37 -14.17 25.09
N PHE L 392 50.53 -13.52 24.96
CA PHE L 392 51.29 -12.99 26.10
C PHE L 392 50.39 -12.38 27.17
N LEU L 393 49.62 -11.34 26.82
CA LEU L 393 48.74 -10.67 27.80
C LEU L 393 47.75 -11.64 28.46
N ASP L 394 47.22 -12.58 27.69
CA ASP L 394 46.30 -13.54 28.25
C ASP L 394 46.99 -14.47 29.23
N GLU L 395 48.27 -14.79 29.01
CA GLU L 395 49.04 -15.63 29.95
C GLU L 395 49.45 -14.84 31.20
N VAL L 396 49.95 -13.61 31.04
CA VAL L 396 50.30 -12.77 32.19
C VAL L 396 49.10 -12.55 33.11
N GLY L 397 47.95 -12.21 32.52
CA GLY L 397 46.70 -12.07 33.25
C GLY L 397 46.15 -13.38 33.80
N SER L 398 46.40 -14.47 33.09
CA SER L 398 46.05 -15.81 33.55
C SER L 398 46.81 -16.13 34.85
N GLN L 399 48.12 -15.92 34.85
CA GLN L 399 48.96 -16.20 36.02
C GLN L 399 48.62 -15.25 37.14
N ALA L 400 48.60 -13.97 36.82
CA ALA L 400 48.22 -12.92 37.78
C ALA L 400 46.94 -13.22 38.59
N LEU L 401 45.95 -13.87 37.98
CA LEU L 401 44.73 -14.24 38.69
C LEU L 401 44.82 -15.63 39.31
N ALA L 402 45.15 -16.63 38.48
CA ALA L 402 45.20 -18.05 38.90
C ALA L 402 45.93 -18.23 40.22
N ALA L 403 47.11 -17.62 40.33
CA ALA L 403 47.92 -17.67 41.56
C ALA L 403 48.65 -16.31 41.45
N GLY L 404 49.57 -16.01 42.37
CA GLY L 404 50.32 -14.75 42.34
C GLY L 404 51.11 -13.70 41.59
N SER L 405 52.04 -14.14 40.74
CA SER L 405 52.93 -13.22 40.02
C SER L 405 53.36 -14.10 38.83
N TYR L 406 54.02 -13.43 37.88
CA TYR L 406 54.52 -14.00 36.63
C TYR L 406 55.64 -15.04 36.75
N THR L 407 55.55 -16.09 35.94
CA THR L 407 56.50 -17.21 35.95
C THR L 407 57.22 -17.32 34.57
N PRO L 408 58.34 -16.55 34.38
CA PRO L 408 59.06 -16.47 33.09
C PRO L 408 59.23 -17.80 32.32
N PRO L 409 59.27 -17.74 30.97
CA PRO L 409 59.25 -18.93 30.11
C PRO L 409 60.27 -19.99 30.50
N SER L 410 61.48 -19.54 30.87
CA SER L 410 62.55 -20.44 31.30
C SER L 410 62.10 -21.43 32.39
N THR L 411 61.37 -20.95 33.39
CA THR L 411 60.84 -21.80 34.47
C THR L 411 59.80 -22.81 33.98
N VAL L 412 59.04 -22.41 32.96
CA VAL L 412 58.03 -23.28 32.37
C VAL L 412 58.74 -24.36 31.55
N LEU L 413 59.68 -23.93 30.70
CA LEU L 413 60.53 -24.84 29.91
C LEU L 413 61.35 -25.81 30.79
N GLN L 414 61.76 -25.33 31.96
CA GLN L 414 62.44 -26.15 32.96
C GLN L 414 61.50 -27.17 33.60
N GLN L 415 60.36 -26.70 34.09
CA GLN L 415 59.32 -27.56 34.65
C GLN L 415 58.80 -28.62 33.68
N ILE L 416 58.85 -28.33 32.39
CA ILE L 416 58.54 -29.34 31.37
C ILE L 416 59.58 -30.46 31.45
N ASP L 417 60.85 -30.07 31.53
CA ASP L 417 61.94 -31.02 31.68
C ASP L 417 61.85 -31.78 33.01
N ALA L 418 61.40 -31.08 34.05
CA ALA L 418 61.23 -31.66 35.39
C ALA L 418 60.34 -32.90 35.40
N VAL L 419 59.31 -32.93 34.56
CA VAL L 419 58.38 -34.08 34.51
C VAL L 419 59.13 -35.35 34.07
N ALA L 420 59.12 -36.36 34.94
CA ALA L 420 59.75 -37.64 34.66
C ALA L 420 58.85 -38.47 33.76
N ASP L 421 59.40 -39.58 33.26
CA ASP L 421 58.67 -40.49 32.38
C ASP L 421 57.65 -41.35 33.15
N ALA L 422 57.82 -41.42 34.47
CA ALA L 422 56.88 -42.10 35.35
C ALA L 422 55.56 -41.34 35.36
N ASP L 423 55.63 -40.06 35.74
CA ASP L 423 54.47 -39.17 35.87
C ASP L 423 53.49 -39.25 34.69
N VAL L 424 54.05 -39.36 33.49
CA VAL L 424 53.28 -39.52 32.28
C VAL L 424 52.46 -40.80 32.32
N ILE L 425 53.14 -41.91 32.60
CA ILE L 425 52.47 -43.19 32.62
C ILE L 425 51.46 -43.23 33.77
N ASN L 426 51.79 -42.57 34.88
CA ASN L 426 50.87 -42.43 36.00
C ASN L 426 49.62 -41.59 35.67
N ALA L 427 49.80 -40.61 34.80
CA ALA L 427 48.69 -39.81 34.27
C ALA L 427 47.78 -40.67 33.40
N ALA L 428 48.40 -41.44 32.51
CA ALA L 428 47.69 -42.42 31.69
C ALA L 428 47.00 -43.49 32.53
N LYS L 429 47.63 -43.80 33.67
CA LYS L 429 47.07 -44.73 34.66
C LYS L 429 45.90 -44.11 35.43
N LYS L 430 45.98 -42.81 35.70
CA LYS L 430 44.88 -42.09 36.32
C LYS L 430 43.68 -41.96 35.37
N PHE L 431 43.95 -41.82 34.08
CA PHE L 431 42.87 -41.76 33.09
C PHE L 431 42.17 -43.12 33.01
N VAL L 432 42.89 -44.15 32.58
CA VAL L 432 42.28 -45.46 32.32
C VAL L 432 41.52 -45.99 33.55
N SER L 433 42.04 -45.68 34.75
CA SER L 433 41.40 -46.05 36.01
C SER L 433 40.29 -45.08 36.44
N GLY L 434 40.47 -43.80 36.11
CA GLY L 434 39.60 -42.71 36.59
C GLY L 434 38.16 -42.67 36.10
N ARG L 435 37.35 -41.88 36.79
CA ARG L 435 35.92 -41.82 36.53
C ARG L 435 35.65 -41.15 35.19
N LYS L 436 34.72 -41.72 34.42
CA LYS L 436 34.54 -41.36 33.03
C LYS L 436 33.41 -40.39 32.71
N SER L 437 33.69 -39.48 31.78
CA SER L 437 32.70 -38.56 31.23
C SER L 437 32.73 -38.67 29.71
N MET L 438 31.55 -38.85 29.10
CA MET L 438 31.41 -38.92 27.63
C MET L 438 30.32 -37.98 27.08
N ALA L 439 30.63 -37.25 26.02
CA ALA L 439 29.65 -36.38 25.37
C ALA L 439 29.64 -36.62 23.84
N ALA L 440 28.49 -37.04 23.32
CA ALA L 440 28.38 -37.39 21.89
C ALA L 440 27.23 -36.68 21.18
N SER L 441 27.44 -36.35 19.91
CA SER L 441 26.39 -35.78 19.06
C SER L 441 26.67 -35.99 17.56
N GLY L 442 25.62 -36.43 16.87
CA GLY L 442 25.72 -36.92 15.49
C GLY L 442 24.62 -37.95 15.29
N ASN L 443 24.78 -38.86 14.33
CA ASN L 443 23.95 -40.06 14.31
C ASN L 443 24.67 -41.13 15.15
N LEU L 444 24.08 -41.45 16.31
CA LEU L 444 24.75 -42.24 17.33
C LEU L 444 24.26 -43.69 17.37
N GLY L 445 23.88 -44.25 16.21
CA GLY L 445 23.38 -45.62 16.13
C GLY L 445 24.44 -46.65 16.46
N HIS L 446 25.66 -46.41 16.01
CA HIS L 446 26.79 -47.30 16.21
C HIS L 446 27.84 -46.66 17.13
N THR L 447 27.37 -45.84 18.08
CA THR L 447 28.24 -45.18 19.04
C THR L 447 28.14 -45.92 20.37
N PRO L 448 29.30 -46.29 20.96
CA PRO L 448 29.29 -47.00 22.23
C PRO L 448 29.07 -46.08 23.43
N PHE L 449 28.72 -46.70 24.56
CA PHE L 449 28.38 -46.01 25.81
C PHE L 449 29.55 -46.28 26.72
N ILE L 450 29.61 -45.63 27.87
CA ILE L 450 30.79 -45.82 28.75
C ILE L 450 30.91 -47.28 29.23
N ASP L 451 29.78 -47.94 29.46
CA ASP L 451 29.78 -49.37 29.85
C ASP L 451 30.12 -50.34 28.72
N GLU L 452 30.05 -49.88 27.47
CA GLU L 452 30.39 -50.72 26.30
C GLU L 452 31.85 -50.58 25.80
N LEU L 453 32.72 -49.89 26.54
CA LEU L 453 34.12 -49.72 26.10
C LEU L 453 34.96 -50.96 26.39
N LEU M 10 7.30 10.01 -0.01
CA LEU M 10 6.52 8.82 0.45
C LEU M 10 5.65 8.24 -0.66
N MET M 11 4.87 9.09 -1.33
CA MET M 11 4.01 8.63 -2.42
C MET M 11 4.59 8.88 -3.85
N LYS M 12 5.81 9.44 -3.98
CA LYS M 12 6.59 9.20 -5.21
C LYS M 12 6.85 7.72 -5.24
N ILE M 13 7.00 7.14 -4.04
CA ILE M 13 7.05 5.68 -3.88
C ILE M 13 5.78 4.90 -4.32
N VAL M 14 4.77 5.61 -4.85
CA VAL M 14 3.70 5.05 -5.73
C VAL M 14 4.13 4.94 -7.20
N ASN M 15 5.38 5.33 -7.51
CA ASN M 15 6.05 4.99 -8.79
C ASN M 15 6.99 3.79 -8.56
N ASN M 16 6.37 2.78 -7.96
CA ASN M 16 6.82 1.42 -7.93
C ASN M 16 6.09 0.72 -9.03
N ALA M 17 5.14 1.42 -9.65
CA ALA M 17 4.47 0.93 -10.83
C ALA M 17 4.72 1.87 -12.04
N PHE M 18 5.86 2.57 -12.02
CA PHE M 18 6.43 3.18 -13.23
C PHE M 18 7.95 3.04 -13.32
N ILE M 19 8.64 2.64 -12.25
CA ILE M 19 10.12 2.59 -12.26
C ILE M 19 10.69 1.23 -11.91
N ASP M 20 10.35 0.70 -10.73
CA ASP M 20 10.84 -0.63 -10.33
C ASP M 20 9.83 -1.74 -10.65
N LEU M 21 8.78 -1.34 -11.35
CA LEU M 21 7.77 -2.25 -11.88
C LEU M 21 8.43 -3.34 -12.69
N PRO M 22 8.31 -4.61 -12.26
CA PRO M 22 8.87 -5.72 -13.02
C PRO M 22 8.11 -5.93 -14.31
N ALA M 23 8.80 -5.80 -15.43
CA ALA M 23 8.19 -5.94 -16.73
C ALA M 23 8.77 -7.17 -17.40
N PRO M 24 8.03 -7.77 -18.36
CA PRO M 24 8.65 -8.83 -19.19
C PRO M 24 9.81 -8.27 -20.02
N SER M 25 10.76 -9.14 -20.37
CA SER M 25 11.93 -8.77 -21.22
C SER M 25 11.63 -8.73 -22.71
N ASN M 26 10.56 -9.38 -23.12
CA ASN M 26 10.31 -9.68 -24.52
C ASN M 26 9.05 -9.05 -25.11
N ILE M 27 8.47 -8.06 -24.44
CA ILE M 27 7.31 -7.39 -25.05
C ILE M 27 7.78 -6.60 -26.27
N SER M 28 7.07 -6.80 -27.38
CA SER M 28 7.44 -6.22 -28.66
C SER M 28 6.99 -4.77 -28.72
N SER M 29 6.91 -4.21 -29.91
CA SER M 29 6.45 -2.83 -30.05
C SER M 29 4.96 -2.67 -29.94
N TRP M 30 4.21 -3.77 -30.05
CA TRP M 30 2.77 -3.67 -29.88
C TRP M 30 2.36 -3.22 -28.44
N TRP M 31 3.28 -3.37 -27.50
CA TRP M 31 3.09 -2.91 -26.12
C TRP M 31 3.49 -1.43 -25.92
N ASN M 32 4.12 -0.86 -26.92
CA ASN M 32 4.38 0.58 -26.97
C ASN M 32 3.15 1.45 -27.12
N PHE M 33 1.98 0.87 -27.38
CA PHE M 33 0.80 1.66 -27.74
C PHE M 33 0.00 2.30 -26.59
N GLY M 34 -0.13 1.60 -25.46
CA GLY M 34 -0.80 2.20 -24.30
C GLY M 34 -0.23 3.56 -23.89
N SER M 35 1.09 3.62 -23.79
CA SER M 35 1.82 4.85 -23.51
C SER M 35 1.41 5.93 -24.48
N LEU M 36 1.48 5.60 -25.76
CA LEU M 36 1.15 6.53 -26.85
C LEU M 36 -0.28 7.04 -26.71
N LEU M 37 -1.21 6.14 -26.38
CA LEU M 37 -2.60 6.54 -26.09
C LEU M 37 -2.65 7.58 -24.98
N GLY M 38 -1.75 7.48 -24.02
CA GLY M 38 -1.61 8.46 -22.95
C GLY M 38 -1.13 9.79 -23.48
N ILE M 39 0.01 9.76 -24.15
CA ILE M 39 0.45 10.93 -24.90
C ILE M 39 -0.73 11.51 -25.73
N CYS M 40 -1.41 10.67 -26.51
CA CYS M 40 -2.54 11.14 -27.30
C CYS M 40 -3.48 11.91 -26.40
N LEU M 41 -3.91 11.29 -25.32
CA LEU M 41 -4.91 11.87 -24.43
C LEU M 41 -4.45 13.19 -23.86
N ILE M 42 -3.20 13.22 -23.40
CA ILE M 42 -2.62 14.44 -22.84
C ILE M 42 -2.52 15.52 -23.90
N LEU M 43 -1.96 15.17 -25.05
CA LEU M 43 -1.84 16.10 -26.16
C LEU M 43 -3.21 16.69 -26.55
N GLN M 44 -4.17 15.84 -26.84
CA GLN M 44 -5.53 16.28 -27.14
C GLN M 44 -6.08 17.21 -26.07
N ILE M 45 -5.89 16.85 -24.79
CA ILE M 45 -6.40 17.68 -23.69
C ILE M 45 -5.76 19.05 -23.72
N LEU M 46 -4.44 19.04 -23.76
CA LEU M 46 -3.66 20.26 -23.83
C LEU M 46 -4.09 21.18 -25.00
N THR M 47 -4.16 20.62 -26.22
CA THR M 47 -4.59 21.42 -27.41
C THR M 47 -6.07 21.83 -27.33
N GLY M 48 -6.90 20.95 -26.79
CA GLY M 48 -8.31 21.21 -26.60
C GLY M 48 -8.56 22.40 -25.69
N LEU M 49 -7.82 22.46 -24.58
CA LEU M 49 -7.86 23.61 -23.64
C LEU M 49 -7.52 24.95 -24.32
N PHE M 50 -6.44 24.95 -25.07
CA PHE M 50 -6.00 26.16 -25.75
C PHE M 50 -6.93 26.56 -26.87
N LEU M 51 -7.65 25.58 -27.42
CA LEU M 51 -8.69 25.89 -28.38
C LEU M 51 -9.89 26.49 -27.66
N ALA M 52 -10.27 25.88 -26.54
CA ALA M 52 -11.37 26.39 -25.73
C ALA M 52 -11.18 27.85 -25.31
N MET M 53 -9.93 28.29 -25.21
CA MET M 53 -9.65 29.68 -24.90
C MET M 53 -10.15 30.70 -25.94
N HIS M 54 -10.46 30.22 -27.14
CA HIS M 54 -10.92 31.10 -28.21
C HIS M 54 -12.26 30.65 -28.88
N TYR M 55 -12.64 29.37 -28.74
CA TYR M 55 -13.85 28.86 -29.38
C TYR M 55 -15.09 29.45 -28.72
N THR M 56 -16.23 29.41 -29.42
CA THR M 56 -17.54 29.74 -28.83
C THR M 56 -18.66 28.82 -29.35
N SER M 57 -19.55 28.39 -28.46
CA SER M 57 -20.52 27.32 -28.77
C SER M 57 -21.85 27.80 -29.37
N ASP M 58 -21.95 29.10 -29.66
CA ASP M 58 -23.19 29.64 -30.21
C ASP M 58 -23.17 29.42 -31.71
N THR M 59 -24.30 29.00 -32.29
CA THR M 59 -24.38 28.75 -33.74
C THR M 59 -23.98 29.96 -34.58
N THR M 60 -24.28 31.16 -34.10
CA THR M 60 -23.96 32.38 -34.82
C THR M 60 -22.44 32.64 -34.91
N THR M 61 -21.67 32.14 -33.95
CA THR M 61 -20.21 32.43 -33.89
C THR M 61 -19.31 31.19 -33.85
N ALA M 62 -19.89 30.00 -33.96
CA ALA M 62 -19.13 28.78 -33.74
C ALA M 62 -18.20 28.50 -34.90
N PHE M 63 -18.68 28.77 -36.12
CA PHE M 63 -17.83 28.64 -37.29
C PHE M 63 -16.81 29.78 -37.25
N SER M 64 -17.31 31.00 -37.20
CA SER M 64 -16.46 32.19 -37.19
C SER M 64 -15.33 32.17 -36.14
N SER M 65 -15.53 31.42 -35.06
CA SER M 65 -14.51 31.30 -34.03
C SER M 65 -13.34 30.51 -34.53
N VAL M 66 -13.63 29.34 -35.04
CA VAL M 66 -12.58 28.40 -35.45
C VAL M 66 -11.68 29.06 -36.51
N THR M 67 -12.30 29.84 -37.40
CA THR M 67 -11.58 30.57 -38.44
C THR M 67 -10.69 31.64 -37.86
N HIS M 68 -11.22 32.35 -36.86
CA HIS M 68 -10.46 33.33 -36.10
C HIS M 68 -9.26 32.68 -35.41
N ILE M 69 -9.46 31.48 -34.90
CA ILE M 69 -8.38 30.69 -34.32
C ILE M 69 -7.29 30.45 -35.36
N CYS M 70 -7.67 29.93 -36.52
CA CYS M 70 -6.71 29.62 -37.58
C CYS M 70 -6.01 30.85 -38.14
N ARG M 71 -6.80 31.85 -38.50
CA ARG M 71 -6.31 33.01 -39.22
C ARG M 71 -5.60 34.01 -38.35
N ASP M 72 -6.24 34.44 -37.26
CA ASP M 72 -5.74 35.57 -36.48
C ASP M 72 -5.14 35.24 -35.09
N VAL M 73 -5.58 34.16 -34.44
CA VAL M 73 -4.96 33.74 -33.18
C VAL M 73 -3.58 33.24 -33.47
N ASN M 74 -2.62 33.68 -32.67
CA ASN M 74 -1.24 33.26 -32.84
C ASN M 74 -1.01 31.74 -32.81
N TYR M 75 -0.46 31.21 -33.88
CA TYR M 75 -0.26 29.78 -34.08
C TYR M 75 -1.51 28.93 -33.86
N GLY M 76 -2.67 29.56 -33.97
CA GLY M 76 -3.92 28.89 -33.65
C GLY M 76 -4.17 27.72 -34.57
N TRP M 77 -3.76 27.90 -35.83
CA TRP M 77 -3.83 26.83 -36.83
C TRP M 77 -3.07 25.55 -36.45
N ILE M 78 -1.85 25.70 -35.96
CA ILE M 78 -1.06 24.53 -35.53
C ILE M 78 -1.76 23.79 -34.43
N ILE M 79 -2.38 24.55 -33.54
CA ILE M 79 -3.08 23.96 -32.43
C ILE M 79 -4.32 23.25 -32.94
N ARG M 80 -5.10 23.93 -33.78
CA ARG M 80 -6.34 23.38 -34.30
C ARG M 80 -6.20 22.07 -35.08
N TYR M 81 -5.08 21.96 -35.78
CA TYR M 81 -4.82 20.81 -36.63
C TYR M 81 -4.21 19.67 -35.82
N MET M 82 -3.25 20.00 -34.95
CA MET M 82 -2.69 19.06 -33.98
C MET M 82 -3.85 18.39 -33.26
N HIS M 83 -4.83 19.21 -32.88
CA HIS M 83 -6.01 18.67 -32.23
C HIS M 83 -6.74 17.67 -33.16
N ALA M 84 -7.11 18.11 -34.34
CA ALA M 84 -7.91 17.30 -35.24
C ALA M 84 -7.20 16.05 -35.77
N ASN M 85 -5.93 16.16 -36.11
CA ASN M 85 -5.16 14.99 -36.55
C ASN M 85 -4.82 14.15 -35.34
N GLY M 86 -4.56 14.82 -34.22
CA GLY M 86 -4.35 14.16 -32.94
C GLY M 86 -5.47 13.19 -32.67
N ALA M 87 -6.69 13.62 -32.95
CA ALA M 87 -7.87 12.76 -32.83
C ALA M 87 -7.72 11.49 -33.66
N SER M 88 -7.15 11.60 -34.86
CA SER M 88 -6.96 10.43 -35.70
C SER M 88 -5.90 9.51 -35.13
N MET M 89 -4.75 10.09 -34.80
CA MET M 89 -3.64 9.35 -34.20
C MET M 89 -4.10 8.53 -32.99
N PHE M 90 -4.95 9.16 -32.17
CA PHE M 90 -5.62 8.48 -31.05
C PHE M 90 -6.27 7.21 -31.56
N PHE M 91 -7.14 7.33 -32.55
CA PHE M 91 -7.91 6.20 -33.00
C PHE M 91 -7.11 5.13 -33.72
N ILE M 92 -6.10 5.53 -34.48
CA ILE M 92 -5.14 4.56 -34.99
C ILE M 92 -4.54 3.84 -33.80
N CYS M 93 -3.92 4.58 -32.89
CA CYS M 93 -3.30 3.98 -31.72
C CYS M 93 -4.24 2.98 -31.04
N LEU M 94 -5.50 3.40 -30.85
CA LEU M 94 -6.55 2.56 -30.25
C LEU M 94 -6.76 1.23 -30.96
N TYR M 95 -6.90 1.26 -32.28
CA TYR M 95 -7.15 0.03 -33.03
C TYR M 95 -5.95 -0.92 -33.01
N MET M 96 -4.74 -0.38 -33.14
CA MET M 96 -3.50 -1.15 -32.94
C MET M 96 -3.54 -1.81 -31.58
N HIS M 97 -3.88 -0.99 -30.58
CA HIS M 97 -3.86 -1.38 -29.18
C HIS M 97 -4.87 -2.48 -28.86
N VAL M 98 -6.01 -2.44 -29.52
CA VAL M 98 -7.06 -3.44 -29.28
C VAL M 98 -6.70 -4.72 -30.04
N GLY M 99 -6.10 -4.55 -31.21
CA GLY M 99 -5.59 -5.67 -31.98
C GLY M 99 -4.61 -6.47 -31.17
N ARG M 100 -3.51 -5.83 -30.76
CA ARG M 100 -2.51 -6.46 -29.91
C ARG M 100 -3.19 -7.40 -28.90
N GLY M 101 -4.15 -6.86 -28.13
CA GLY M 101 -4.88 -7.60 -27.10
C GLY M 101 -5.57 -8.82 -27.65
N LEU M 102 -6.24 -8.66 -28.79
CA LEU M 102 -6.86 -9.79 -29.51
C LEU M 102 -5.89 -10.88 -29.93
N TYR M 103 -4.80 -10.50 -30.60
CA TYR M 103 -3.79 -11.45 -31.07
C TYR M 103 -3.16 -12.21 -29.94
N TYR M 104 -2.69 -11.49 -28.93
CA TYR M 104 -1.92 -12.12 -27.87
C TYR M 104 -2.81 -12.59 -26.68
N GLY M 105 -4.13 -12.47 -26.82
CA GLY M 105 -5.04 -13.02 -25.82
C GLY M 105 -5.09 -12.26 -24.49
N SER M 106 -4.51 -11.05 -24.46
CA SER M 106 -4.52 -10.21 -23.26
C SER M 106 -5.92 -9.99 -22.67
N TYR M 107 -6.95 -10.06 -23.50
CA TYR M 107 -8.33 -10.03 -23.02
C TYR M 107 -8.63 -11.06 -21.92
N THR M 108 -7.66 -11.91 -21.58
CA THR M 108 -7.80 -12.75 -20.38
C THR M 108 -7.75 -11.91 -19.09
N PHE M 109 -7.11 -10.74 -19.15
CA PHE M 109 -7.16 -9.79 -18.04
C PHE M 109 -8.52 -9.08 -18.02
N LEU M 110 -9.55 -9.85 -17.67
CA LEU M 110 -10.93 -9.45 -17.85
C LEU M 110 -11.23 -8.01 -17.48
N GLU M 111 -10.78 -7.58 -16.31
CA GLU M 111 -11.09 -6.25 -15.80
C GLU M 111 -10.51 -5.23 -16.72
N THR M 112 -9.21 -5.34 -16.87
CA THR M 112 -8.43 -4.42 -17.66
C THR M 112 -9.06 -4.30 -19.04
N TRP M 113 -9.33 -5.45 -19.65
CA TRP M 113 -10.02 -5.54 -20.95
C TRP M 113 -11.40 -4.85 -21.02
N ASN M 114 -12.26 -5.15 -20.06
CA ASN M 114 -13.62 -4.60 -20.04
C ASN M 114 -13.62 -3.08 -19.77
N ILE M 115 -12.76 -2.65 -18.83
CA ILE M 115 -12.50 -1.23 -18.61
C ILE M 115 -12.02 -0.60 -19.92
N GLY M 116 -11.16 -1.33 -20.63
CA GLY M 116 -10.80 -0.99 -22.00
C GLY M 116 -12.01 -0.73 -22.87
N VAL M 117 -12.82 -1.76 -23.08
CA VAL M 117 -14.02 -1.65 -23.91
C VAL M 117 -14.87 -0.44 -23.51
N ILE M 118 -14.91 -0.11 -22.23
CA ILE M 118 -15.51 1.15 -21.81
C ILE M 118 -14.73 2.30 -22.47
N LEU M 119 -13.48 2.50 -22.05
CA LEU M 119 -12.64 3.58 -22.57
C LEU M 119 -12.87 3.86 -24.04
N LEU M 120 -12.91 2.80 -24.82
CA LEU M 120 -13.16 2.89 -26.26
C LEU M 120 -14.43 3.67 -26.59
N LEU M 121 -15.54 3.24 -25.99
CA LEU M 121 -16.83 3.90 -26.14
C LEU M 121 -16.79 5.37 -25.75
N THR M 122 -16.15 5.66 -24.62
CA THR M 122 -16.00 7.03 -24.15
C THR M 122 -15.24 7.87 -25.18
N VAL M 123 -14.15 7.33 -25.74
CA VAL M 123 -13.34 8.11 -26.69
C VAL M 123 -14.12 8.31 -27.97
N MET M 124 -14.80 7.28 -28.45
CA MET M 124 -15.70 7.44 -29.60
C MET M 124 -16.66 8.59 -29.33
N ALA M 125 -17.38 8.48 -28.22
CA ALA M 125 -18.37 9.47 -27.80
C ALA M 125 -17.79 10.88 -27.76
N THR M 126 -16.66 11.03 -27.09
CA THR M 126 -15.94 12.30 -27.09
C THR M 126 -15.76 12.82 -28.53
N ALA M 127 -14.99 12.09 -29.33
CA ALA M 127 -14.57 12.52 -30.64
C ALA M 127 -15.76 12.82 -31.56
N PHE M 128 -16.86 12.10 -31.36
CA PHE M 128 -18.09 12.38 -32.10
C PHE M 128 -18.56 13.81 -31.90
N MET M 129 -18.69 14.20 -30.63
CA MET M 129 -19.14 15.55 -30.25
C MET M 129 -18.12 16.59 -30.70
N GLY M 130 -16.84 16.29 -30.49
CA GLY M 130 -15.77 17.15 -30.97
C GLY M 130 -15.99 17.63 -32.40
N TYR M 131 -16.32 16.69 -33.28
CA TYR M 131 -16.51 17.00 -34.70
C TYR M 131 -17.75 17.84 -35.01
N VAL M 132 -18.68 17.96 -34.06
CA VAL M 132 -19.87 18.77 -34.30
C VAL M 132 -19.50 20.24 -34.12
N LEU M 133 -18.59 20.48 -33.17
CA LEU M 133 -18.35 21.83 -32.62
C LEU M 133 -18.10 22.98 -33.61
N PRO M 134 -17.41 22.72 -34.74
CA PRO M 134 -17.15 23.83 -35.67
C PRO M 134 -18.34 24.18 -36.57
N TRP M 135 -19.38 23.34 -36.54
CA TRP M 135 -20.65 23.69 -37.16
C TRP M 135 -20.49 23.94 -38.65
N GLY M 136 -19.73 23.06 -39.30
CA GLY M 136 -19.71 22.97 -40.75
C GLY M 136 -20.81 22.03 -41.20
N GLN M 137 -20.96 21.90 -42.51
CA GLN M 137 -21.99 21.04 -43.09
C GLN M 137 -21.98 19.58 -42.62
N MET M 138 -20.81 18.95 -42.60
CA MET M 138 -20.72 17.57 -42.13
C MET M 138 -20.86 17.48 -40.61
N SER M 139 -20.48 18.55 -39.89
CA SER M 139 -20.64 18.64 -38.43
C SER M 139 -22.11 18.50 -38.06
N PHE M 140 -22.94 19.25 -38.78
CA PHE M 140 -24.38 19.18 -38.61
C PHE M 140 -24.90 17.81 -39.05
N TRP M 141 -24.84 17.54 -40.35
CA TRP M 141 -25.48 16.37 -40.95
C TRP M 141 -24.90 15.06 -40.41
N GLY M 142 -23.65 15.11 -39.94
CA GLY M 142 -23.07 14.02 -39.17
C GLY M 142 -23.90 13.72 -37.93
N ALA M 143 -24.15 14.77 -37.14
CA ALA M 143 -24.94 14.65 -35.91
C ALA M 143 -26.41 14.31 -36.16
N THR M 144 -27.03 14.99 -37.12
CA THR M 144 -28.44 14.67 -37.47
C THR M 144 -28.59 13.19 -37.79
N VAL M 145 -27.73 12.69 -38.66
CA VAL M 145 -27.92 11.36 -39.19
C VAL M 145 -27.53 10.31 -38.19
N ILE M 146 -26.41 10.51 -37.51
CA ILE M 146 -25.96 9.55 -36.52
C ILE M 146 -26.93 9.49 -35.35
N THR M 147 -27.22 10.63 -34.74
CA THR M 147 -28.08 10.71 -33.56
C THR M 147 -29.41 10.00 -33.78
N ASN M 148 -30.06 10.38 -34.90
CA ASN M 148 -31.42 9.96 -35.22
C ASN M 148 -31.63 8.46 -35.09
N LEU M 149 -30.55 7.72 -35.33
CA LEU M 149 -30.53 6.28 -35.16
C LEU M 149 -31.23 5.85 -33.89
N LEU M 150 -31.05 6.58 -32.80
CA LEU M 150 -31.67 6.21 -31.54
C LEU M 150 -33.19 6.10 -31.63
N SER M 151 -33.84 6.94 -32.43
CA SER M 151 -35.31 6.87 -32.57
C SER M 151 -35.79 5.60 -33.27
N ALA M 152 -34.86 4.77 -33.73
CA ALA M 152 -35.17 3.39 -34.11
C ALA M 152 -35.59 2.59 -32.88
N ILE M 153 -35.08 2.94 -31.70
CA ILE M 153 -35.46 2.24 -30.47
C ILE M 153 -36.96 2.42 -30.26
N PRO M 154 -37.71 1.32 -30.10
CA PRO M 154 -39.17 1.45 -30.07
C PRO M 154 -39.72 2.09 -28.81
N TYR M 155 -40.81 2.84 -28.98
CA TYR M 155 -41.51 3.58 -27.92
C TYR M 155 -40.86 4.88 -27.45
N ILE M 156 -39.62 4.78 -26.97
CA ILE M 156 -39.03 5.83 -26.16
C ILE M 156 -38.05 6.60 -27.04
N GLY M 157 -37.37 5.90 -27.93
CA GLY M 157 -36.26 6.46 -28.71
C GLY M 157 -36.56 7.81 -29.32
N THR M 158 -37.73 7.95 -29.90
CA THR M 158 -38.13 9.22 -30.51
C THR M 158 -38.11 10.40 -29.50
N ASN M 159 -38.52 10.14 -28.26
CA ASN M 159 -38.46 11.16 -27.20
C ASN M 159 -37.03 11.37 -26.71
N LEU M 160 -36.34 10.27 -26.46
CA LEU M 160 -34.92 10.23 -26.10
C LEU M 160 -34.07 11.11 -27.02
N VAL M 161 -34.16 10.89 -28.33
CA VAL M 161 -33.46 11.75 -29.32
C VAL M 161 -33.75 13.23 -29.16
N GLU M 162 -35.00 13.59 -28.93
CA GLU M 162 -35.37 14.99 -28.73
C GLU M 162 -34.82 15.53 -27.43
N TRP M 163 -34.70 14.66 -26.41
CA TRP M 163 -34.10 15.02 -25.13
C TRP M 163 -32.63 15.32 -25.32
N ILE M 164 -31.94 14.43 -26.02
CA ILE M 164 -30.53 14.64 -26.42
C ILE M 164 -30.38 16.01 -27.06
N TRP M 165 -31.13 16.23 -28.13
CA TRP M 165 -31.03 17.46 -28.90
C TRP M 165 -31.45 18.73 -28.14
N GLY M 166 -32.48 18.62 -27.32
CA GLY M 166 -33.06 19.80 -26.66
C GLY M 166 -33.91 20.57 -27.64
N GLY M 167 -34.70 19.82 -28.40
CA GLY M 167 -35.55 20.38 -29.43
C GLY M 167 -35.96 19.33 -30.45
N PHE M 168 -36.28 19.81 -31.66
CA PHE M 168 -36.75 18.97 -32.75
C PHE M 168 -35.73 18.85 -33.89
N SER M 169 -34.50 19.27 -33.63
CA SER M 169 -33.42 19.14 -34.60
C SER M 169 -32.07 19.39 -33.94
N VAL M 170 -30.99 18.91 -34.55
CA VAL M 170 -29.67 19.27 -34.05
C VAL M 170 -29.60 20.78 -34.23
N ASP M 171 -29.58 21.52 -33.12
CA ASP M 171 -29.65 22.98 -33.15
C ASP M 171 -28.63 23.64 -32.21
N LYS M 172 -28.72 24.96 -32.05
CA LYS M 172 -27.90 25.72 -31.09
C LYS M 172 -27.98 25.15 -29.67
N ALA M 173 -29.16 24.67 -29.30
CA ALA M 173 -29.39 24.01 -28.01
C ALA M 173 -28.55 22.75 -27.79
N THR M 174 -28.25 22.05 -28.89
CA THR M 174 -27.40 20.85 -28.90
C THR M 174 -25.94 21.22 -28.96
N LEU M 175 -25.58 22.03 -29.95
CA LEU M 175 -24.19 22.41 -30.17
C LEU M 175 -23.53 22.87 -28.88
N THR M 176 -24.27 23.61 -28.05
CA THR M 176 -23.75 24.11 -26.77
C THR M 176 -23.48 22.99 -25.78
N ARG M 177 -24.45 22.08 -25.59
CA ARG M 177 -24.22 20.97 -24.68
C ARG M 177 -23.16 19.99 -25.16
N PHE M 178 -23.11 19.77 -26.47
CA PHE M 178 -22.08 18.92 -27.06
C PHE M 178 -20.70 19.43 -26.69
N PHE M 179 -20.50 20.74 -26.76
CA PHE M 179 -19.23 21.35 -26.34
C PHE M 179 -18.93 21.09 -24.89
N ALA M 180 -19.98 21.26 -24.07
CA ALA M 180 -19.89 21.07 -22.63
C ALA M 180 -19.39 19.68 -22.30
N PHE M 181 -20.11 18.69 -22.81
CA PHE M 181 -19.74 17.29 -22.69
C PHE M 181 -18.36 16.97 -23.28
N HIS M 182 -18.12 17.48 -24.46
CA HIS M 182 -16.85 17.26 -25.11
C HIS M 182 -15.69 17.72 -24.24
N PHE M 183 -15.89 18.80 -23.51
CA PHE M 183 -14.85 19.31 -22.61
C PHE M 183 -14.69 18.35 -21.39
N ILE M 184 -15.78 17.86 -20.82
CA ILE M 184 -15.73 17.03 -19.60
C ILE M 184 -15.17 15.62 -19.79
N LEU M 185 -15.72 14.87 -20.76
CA LEU M 185 -15.44 13.42 -20.91
C LEU M 185 -13.96 13.02 -20.82
N PRO M 186 -13.08 13.68 -21.60
CA PRO M 186 -11.64 13.49 -21.50
C PRO M 186 -11.15 13.21 -20.08
N PHE M 187 -11.70 13.94 -19.10
CA PHE M 187 -11.26 13.80 -17.73
C PHE M 187 -11.79 12.53 -17.13
N ILE M 188 -13.07 12.27 -17.31
CA ILE M 188 -13.61 10.98 -16.92
C ILE M 188 -12.75 9.86 -17.50
N ILE M 189 -12.35 10.02 -18.76
CA ILE M 189 -11.50 9.04 -19.47
C ILE M 189 -10.17 8.84 -18.76
N MET M 190 -9.55 9.96 -18.40
CA MET M 190 -8.29 9.96 -17.67
C MET M 190 -8.39 9.35 -16.26
N ALA M 191 -9.55 9.47 -15.65
CA ALA M 191 -9.80 8.82 -14.38
C ALA M 191 -9.87 7.34 -14.60
N ILE M 192 -10.76 6.94 -15.52
CA ILE M 192 -10.97 5.54 -15.88
C ILE M 192 -9.65 4.87 -16.29
N ALA M 193 -8.83 5.59 -17.07
CA ALA M 193 -7.50 5.10 -17.48
C ALA M 193 -6.64 4.70 -16.30
N MET M 194 -6.61 5.53 -15.26
CA MET M 194 -5.87 5.18 -14.08
C MET M 194 -6.42 3.91 -13.41
N VAL M 195 -7.72 3.67 -13.51
CA VAL M 195 -8.30 2.41 -13.03
C VAL M 195 -7.84 1.27 -13.91
N HIS M 196 -7.90 1.52 -15.20
CA HIS M 196 -7.45 0.57 -16.21
C HIS M 196 -6.06 0.05 -15.91
N LEU M 197 -5.16 0.95 -15.52
CA LEU M 197 -3.80 0.55 -15.13
C LEU M 197 -3.77 -0.09 -13.76
N LEU M 198 -4.57 0.46 -12.84
CA LEU M 198 -4.68 -0.05 -11.48
C LEU M 198 -4.94 -1.56 -11.48
N PHE M 199 -5.79 -2.00 -12.41
CA PHE M 199 -6.10 -3.41 -12.57
C PHE M 199 -5.04 -4.21 -13.33
N LEU M 200 -4.39 -3.54 -14.28
CA LEU M 200 -3.29 -4.16 -14.97
C LEU M 200 -2.13 -4.47 -14.03
N HIS M 201 -1.77 -3.55 -13.14
CA HIS M 201 -0.60 -3.76 -12.29
C HIS M 201 -0.80 -4.83 -11.22
N GLU M 202 -2.03 -5.28 -11.02
CA GLU M 202 -2.27 -6.47 -10.23
C GLU M 202 -1.57 -7.70 -10.82
N THR M 203 -1.60 -7.78 -12.15
CA THR M 203 -1.09 -8.94 -12.88
C THR M 203 0.24 -8.69 -13.64
N GLY M 204 0.59 -7.44 -13.92
CA GLY M 204 1.73 -7.16 -14.79
C GLY M 204 1.35 -7.48 -16.22
N SER M 205 2.19 -7.12 -17.19
CA SER M 205 1.82 -7.27 -18.62
C SER M 205 1.90 -8.72 -19.16
N ASN M 206 1.05 -9.01 -20.13
CA ASN M 206 1.18 -10.19 -20.96
C ASN M 206 2.49 -10.07 -21.76
N ASN M 207 2.86 -11.11 -22.51
CA ASN M 207 3.91 -10.98 -23.53
C ASN M 207 3.61 -11.83 -24.77
N PRO M 208 4.35 -11.61 -25.88
CA PRO M 208 4.01 -12.23 -27.17
C PRO M 208 3.88 -13.75 -27.17
N THR M 209 4.67 -14.42 -26.34
CA THR M 209 4.62 -15.88 -26.25
C THR M 209 3.29 -16.37 -25.69
N GLY M 210 2.79 -15.66 -24.69
CA GLY M 210 1.66 -16.11 -23.90
C GLY M 210 2.09 -16.99 -22.75
N ILE M 211 3.38 -16.92 -22.39
CA ILE M 211 3.94 -17.76 -21.35
C ILE M 211 4.48 -16.95 -20.17
N SER M 212 3.90 -17.20 -18.99
CA SER M 212 4.26 -16.54 -17.70
C SER M 212 5.75 -16.19 -17.71
N SER M 213 6.04 -14.93 -17.42
CA SER M 213 7.38 -14.39 -17.62
C SER M 213 8.01 -14.02 -16.26
N ASP M 214 7.40 -14.44 -15.15
CA ASP M 214 7.94 -14.15 -13.82
C ASP M 214 9.35 -14.71 -13.65
N VAL M 215 9.69 -15.68 -14.50
CA VAL M 215 11.03 -16.28 -14.54
C VAL M 215 12.07 -15.38 -15.21
N ASP M 216 11.63 -14.29 -15.85
CA ASP M 216 12.54 -13.41 -16.58
C ASP M 216 11.98 -11.99 -16.72
N LYS M 217 12.14 -11.21 -15.66
CA LYS M 217 11.63 -9.85 -15.62
C LYS M 217 12.75 -8.83 -15.60
N ILE M 218 12.42 -7.61 -15.99
CA ILE M 218 13.36 -6.50 -15.94
C ILE M 218 12.66 -5.20 -15.53
N PRO M 219 13.39 -4.31 -14.83
CA PRO M 219 12.82 -3.07 -14.36
C PRO M 219 12.37 -2.22 -15.52
N PHE M 220 11.13 -1.77 -15.46
CA PHE M 220 10.56 -0.89 -16.48
C PHE M 220 11.51 0.26 -16.84
N HIS M 221 12.28 0.68 -15.85
CA HIS M 221 13.32 1.63 -16.09
C HIS M 221 14.66 0.93 -15.84
N PRO M 222 15.64 1.09 -16.72
CA PRO M 222 15.68 2.15 -17.71
C PRO M 222 15.15 1.69 -19.07
N TYR M 223 14.76 0.42 -19.16
CA TYR M 223 14.57 -0.25 -20.44
C TYR M 223 13.37 0.25 -21.22
N TYR M 224 12.20 0.07 -20.63
CA TYR M 224 10.99 0.46 -21.33
C TYR M 224 10.69 1.96 -21.28
N THR M 225 11.38 2.74 -20.47
CA THR M 225 11.18 4.18 -20.58
C THR M 225 11.78 4.60 -21.92
N ILE M 226 13.08 4.37 -22.10
CA ILE M 226 13.77 4.75 -23.33
C ILE M 226 13.08 4.16 -24.58
N LYS M 227 12.59 2.92 -24.50
CA LYS M 227 11.85 2.33 -25.60
C LYS M 227 10.63 3.17 -25.89
N ASP M 228 9.90 3.56 -24.85
CA ASP M 228 8.68 4.37 -24.99
C ASP M 228 8.92 5.82 -25.44
N ILE M 229 10.02 6.42 -25.04
CA ILE M 229 10.37 7.78 -25.48
C ILE M 229 10.53 7.76 -26.99
N LEU M 230 11.34 6.80 -27.44
CA LEU M 230 11.55 6.53 -28.87
C LEU M 230 10.23 6.36 -29.58
N GLY M 231 9.43 5.39 -29.13
CA GLY M 231 8.06 5.19 -29.64
C GLY M 231 7.18 6.43 -29.73
N ALA M 232 7.25 7.32 -28.73
CA ALA M 232 6.51 8.58 -28.73
C ALA M 232 7.03 9.52 -29.80
N LEU M 233 8.34 9.67 -29.83
CA LEU M 233 9.01 10.48 -30.82
C LEU M 233 8.49 10.13 -32.24
N LEU M 234 8.30 8.84 -32.50
CA LEU M 234 7.76 8.40 -33.79
C LEU M 234 6.33 8.88 -34.00
N LEU M 235 5.46 8.65 -33.02
CA LEU M 235 4.07 9.17 -33.06
C LEU M 235 4.03 10.68 -33.30
N ILE M 236 4.90 11.40 -32.63
CA ILE M 236 5.03 12.83 -32.83
C ILE M 236 5.41 13.11 -34.27
N LEU M 237 6.31 12.30 -34.84
CA LEU M 237 6.65 12.42 -36.28
C LEU M 237 5.43 12.23 -37.22
N ALA M 238 4.73 11.11 -37.05
CA ALA M 238 3.54 10.81 -37.83
C ALA M 238 2.50 11.94 -37.76
N LEU M 239 2.21 12.40 -36.54
CA LEU M 239 1.33 13.55 -36.35
C LEU M 239 1.87 14.75 -37.11
N MET M 240 3.08 15.18 -36.81
CA MET M 240 3.61 16.41 -37.42
C MET M 240 3.68 16.34 -38.94
N LEU M 241 3.93 15.16 -39.50
CA LEU M 241 3.86 15.00 -40.97
C LEU M 241 2.49 15.38 -41.47
N LEU M 242 1.46 14.77 -40.88
CA LEU M 242 0.07 15.16 -41.17
C LEU M 242 -0.18 16.66 -40.99
N VAL M 243 0.14 17.18 -39.81
CA VAL M 243 -0.22 18.55 -39.50
C VAL M 243 0.50 19.49 -40.46
N LEU M 244 1.80 19.29 -40.65
CA LEU M 244 2.61 20.25 -41.42
C LEU M 244 2.66 20.00 -42.93
N PHE M 245 2.29 18.82 -43.37
CA PHE M 245 2.35 18.51 -44.78
C PHE M 245 0.98 18.16 -45.36
N ALA M 246 0.17 17.38 -44.68
CA ALA M 246 -1.14 16.95 -45.23
C ALA M 246 -2.32 17.21 -44.26
N PRO M 247 -2.47 18.46 -43.81
CA PRO M 247 -3.33 18.81 -42.68
C PRO M 247 -4.78 18.52 -42.89
N ASP M 248 -5.21 18.51 -44.15
CA ASP M 248 -6.60 18.16 -44.45
C ASP M 248 -6.78 16.73 -44.98
N LEU M 249 -5.70 15.93 -44.96
CA LEU M 249 -5.69 14.58 -45.54
C LEU M 249 -6.80 13.68 -45.01
N LEU M 250 -6.98 13.70 -43.70
CA LEU M 250 -8.00 12.88 -43.08
C LEU M 250 -9.31 13.63 -42.83
N GLY M 251 -9.42 14.85 -43.36
CA GLY M 251 -10.64 15.64 -43.21
C GLY M 251 -11.56 15.60 -44.42
N ASP M 252 -12.86 15.89 -44.18
CA ASP M 252 -13.86 16.03 -45.24
C ASP M 252 -13.98 17.52 -45.59
N PRO M 253 -13.97 17.86 -46.90
CA PRO M 253 -14.02 19.27 -47.30
C PRO M 253 -15.34 19.96 -47.01
N ASP M 254 -16.47 19.24 -47.10
CA ASP M 254 -17.82 19.82 -46.86
C ASP M 254 -17.91 20.59 -45.54
N ASN M 255 -17.09 20.19 -44.58
CA ASN M 255 -17.05 20.84 -43.27
C ASN M 255 -16.32 22.20 -43.28
N TYR M 256 -15.83 22.64 -44.44
CA TYR M 256 -15.38 24.01 -44.60
C TYR M 256 -16.45 24.95 -45.15
N THR M 257 -17.66 24.44 -45.36
CA THR M 257 -18.81 25.31 -45.65
C THR M 257 -19.81 25.23 -44.48
N PRO M 258 -20.16 26.41 -43.88
CA PRO M 258 -20.99 26.48 -42.66
C PRO M 258 -22.29 25.74 -42.77
N ALA M 259 -22.71 25.14 -41.67
CA ALA M 259 -23.85 24.24 -41.69
C ALA M 259 -25.06 24.95 -42.32
N ASN M 260 -25.94 24.17 -42.95
CA ASN M 260 -27.18 24.68 -43.52
C ASN M 260 -28.27 23.63 -43.49
N PRO M 261 -29.25 23.76 -42.58
CA PRO M 261 -30.28 22.71 -42.35
C PRO M 261 -31.24 22.52 -43.49
N LEU M 262 -31.07 23.29 -44.56
CA LEU M 262 -32.00 23.30 -45.66
C LEU M 262 -31.47 22.56 -46.87
N ASN M 263 -30.15 22.33 -46.93
CA ASN M 263 -29.53 21.77 -48.12
C ASN M 263 -28.56 20.65 -47.77
N THR M 264 -28.98 19.41 -48.01
CA THR M 264 -28.22 18.23 -47.55
C THR M 264 -27.07 17.90 -48.47
N PRO M 265 -25.86 17.65 -47.90
CA PRO M 265 -24.73 17.27 -48.74
C PRO M 265 -24.99 15.98 -49.53
N PRO M 266 -24.17 15.74 -50.56
CA PRO M 266 -24.42 14.60 -51.43
C PRO M 266 -24.04 13.26 -50.78
N HIS M 267 -22.81 13.17 -50.27
CA HIS M 267 -22.28 11.93 -49.70
C HIS M 267 -21.95 12.09 -48.23
N ILE M 268 -22.98 11.92 -47.41
CA ILE M 268 -22.88 12.15 -45.97
C ILE M 268 -22.21 10.93 -45.34
N LYS M 269 -21.15 11.16 -44.57
CA LYS M 269 -20.43 10.04 -43.97
C LYS M 269 -19.70 10.43 -42.71
N PRO M 270 -19.81 9.59 -41.66
CA PRO M 270 -19.09 9.85 -40.43
C PRO M 270 -17.59 9.79 -40.67
N GLU M 271 -16.82 10.51 -39.87
CA GLU M 271 -15.35 10.55 -40.01
C GLU M 271 -14.75 9.12 -39.97
N TRP M 272 -13.54 8.97 -40.51
CA TRP M 272 -13.02 7.65 -40.95
C TRP M 272 -13.11 6.51 -39.94
N TYR M 273 -12.68 6.79 -38.72
CA TYR M 273 -12.62 5.77 -37.66
C TYR M 273 -13.97 5.13 -37.32
N PHE M 274 -15.06 5.73 -37.76
CA PHE M 274 -16.37 5.13 -37.58
C PHE M 274 -16.86 4.34 -38.80
N LEU M 275 -16.28 4.58 -39.98
CA LEU M 275 -16.84 4.02 -41.23
C LEU M 275 -17.15 2.52 -41.16
N PHE M 276 -16.27 1.74 -40.52
CA PHE M 276 -16.47 0.30 -40.45
C PHE M 276 -17.85 -0.13 -39.91
N ALA M 277 -18.41 0.67 -38.99
CA ALA M 277 -19.67 0.34 -38.33
C ALA M 277 -20.85 0.94 -39.10
N TYR M 278 -20.59 2.06 -39.76
CA TYR M 278 -21.56 2.69 -40.64
C TYR M 278 -21.92 1.66 -41.69
N ALA M 279 -20.89 1.05 -42.28
CA ALA M 279 -21.07 -0.04 -43.24
C ALA M 279 -21.91 -1.21 -42.67
N ILE M 280 -21.57 -1.71 -41.48
CA ILE M 280 -22.32 -2.81 -40.86
C ILE M 280 -23.76 -2.42 -40.62
N LEU M 281 -23.98 -1.15 -40.27
CA LEU M 281 -25.35 -0.63 -40.10
C LEU M 281 -26.17 -0.68 -41.40
N ARG M 282 -25.55 -0.15 -42.46
CA ARG M 282 -26.17 -0.08 -43.78
C ARG M 282 -26.41 -1.46 -44.42
N SER M 283 -25.63 -2.47 -44.04
CA SER M 283 -25.81 -3.85 -44.52
C SER M 283 -27.23 -4.26 -44.31
N ILE M 284 -27.65 -4.13 -43.06
CA ILE M 284 -28.97 -4.56 -42.64
C ILE M 284 -30.02 -3.58 -43.15
N PRO M 285 -31.10 -4.11 -43.79
CA PRO M 285 -32.17 -3.29 -44.34
C PRO M 285 -33.08 -2.67 -43.28
N ASN M 286 -33.33 -3.43 -42.21
CA ASN M 286 -34.12 -2.95 -41.08
C ASN M 286 -33.43 -1.81 -40.29
N LYS M 287 -34.23 -0.80 -39.89
CA LYS M 287 -33.71 0.32 -39.11
C LYS M 287 -33.15 -0.10 -37.75
N LEU M 288 -33.96 -0.79 -36.95
CA LEU M 288 -33.53 -1.21 -35.62
C LEU M 288 -32.41 -2.25 -35.71
N GLY M 289 -32.61 -3.25 -36.57
CA GLY M 289 -31.56 -4.20 -36.89
C GLY M 289 -30.23 -3.50 -37.12
N GLY M 290 -30.22 -2.49 -37.96
CA GLY M 290 -29.02 -1.70 -38.25
C GLY M 290 -28.37 -1.17 -36.97
N VAL M 291 -29.18 -0.58 -36.10
CA VAL M 291 -28.73 -0.01 -34.82
C VAL M 291 -28.16 -1.08 -33.88
N LEU M 292 -28.92 -2.14 -33.65
CA LEU M 292 -28.46 -3.25 -32.81
C LEU M 292 -27.18 -3.87 -33.35
N ALA M 293 -27.13 -4.07 -34.66
CA ALA M 293 -25.92 -4.53 -35.34
C ALA M 293 -24.74 -3.60 -35.06
N LEU M 294 -24.92 -2.33 -35.37
CA LEU M 294 -23.92 -1.31 -35.08
C LEU M 294 -23.47 -1.34 -33.61
N ALA M 295 -24.38 -1.64 -32.69
CA ALA M 295 -24.03 -1.76 -31.27
C ALA M 295 -23.15 -2.96 -31.05
N PHE M 296 -23.66 -4.13 -31.46
CA PHE M 296 -22.94 -5.40 -31.32
C PHE M 296 -21.54 -5.26 -31.94
N SER M 297 -21.45 -4.56 -33.08
CA SER M 297 -20.19 -4.38 -33.82
C SER M 297 -19.06 -3.83 -32.95
N ILE M 298 -19.43 -3.08 -31.91
CA ILE M 298 -18.45 -2.55 -30.95
C ILE M 298 -18.43 -3.40 -29.67
N LEU M 299 -19.61 -3.67 -29.12
CA LEU M 299 -19.71 -4.36 -27.85
C LEU M 299 -19.26 -5.80 -27.89
N ILE M 300 -19.22 -6.41 -29.07
CA ILE M 300 -18.79 -7.80 -29.17
C ILE M 300 -17.43 -8.01 -28.52
N LEU M 301 -16.63 -6.94 -28.48
CA LEU M 301 -15.36 -6.92 -27.75
C LEU M 301 -15.46 -7.43 -26.30
N ALA M 302 -16.60 -7.20 -25.65
CA ALA M 302 -16.79 -7.68 -24.30
C ALA M 302 -17.07 -9.18 -24.30
N LEU M 303 -17.70 -9.68 -25.37
CA LEU M 303 -17.93 -11.13 -25.55
C LEU M 303 -16.66 -11.96 -25.81
N ILE M 304 -15.71 -11.39 -26.56
CA ILE M 304 -14.47 -12.07 -26.98
C ILE M 304 -13.86 -13.01 -25.95
N PRO M 305 -13.69 -12.56 -24.68
CA PRO M 305 -13.04 -13.41 -23.70
C PRO M 305 -13.78 -14.70 -23.41
N LEU M 306 -15.09 -14.75 -23.62
CA LEU M 306 -15.85 -15.99 -23.44
C LEU M 306 -15.75 -16.96 -24.62
N LEU M 307 -15.20 -16.50 -25.75
CA LEU M 307 -15.08 -17.34 -26.94
C LEU M 307 -13.69 -17.97 -27.08
N HIS M 308 -12.81 -17.71 -26.11
CA HIS M 308 -11.46 -18.28 -26.10
C HIS M 308 -11.59 -19.78 -25.90
N THR M 309 -10.81 -20.54 -26.65
CA THR M 309 -10.88 -21.99 -26.63
C THR M 309 -9.51 -22.63 -26.60
N SER M 310 -8.53 -22.06 -27.31
CA SER M 310 -7.20 -22.68 -27.37
C SER M 310 -6.59 -22.75 -25.97
N LYS M 311 -5.90 -23.86 -25.69
CA LYS M 311 -5.23 -24.05 -24.42
C LYS M 311 -3.91 -23.25 -24.43
N GLN M 312 -3.57 -22.69 -25.58
CA GLN M 312 -2.51 -21.71 -25.67
C GLN M 312 -3.16 -20.35 -25.69
N ARG M 313 -2.55 -19.42 -24.95
CA ARG M 313 -3.08 -18.07 -24.76
C ARG M 313 -2.92 -17.19 -26.00
N SER M 314 -1.67 -17.11 -26.47
CA SER M 314 -1.28 -16.25 -27.58
C SER M 314 -1.45 -16.94 -28.93
N MET M 315 -1.64 -16.14 -29.98
CA MET M 315 -1.73 -16.68 -31.34
C MET M 315 -0.36 -17.00 -31.96
N MET M 316 0.72 -16.62 -31.28
CA MET M 316 2.07 -16.88 -31.76
C MET M 316 2.26 -18.32 -32.21
N PHE M 317 1.77 -19.29 -31.42
CA PHE M 317 1.90 -20.71 -31.79
C PHE M 317 0.57 -21.31 -32.30
N ARG M 318 -0.17 -20.52 -33.09
CA ARG M 318 -1.51 -20.89 -33.54
C ARG M 318 -1.80 -20.40 -34.97
N PRO M 319 -1.35 -21.17 -35.97
CA PRO M 319 -1.47 -20.89 -37.40
C PRO M 319 -2.87 -20.63 -37.92
N LEU M 320 -3.82 -21.52 -37.64
CA LEU M 320 -5.17 -21.33 -38.17
C LEU M 320 -5.65 -19.97 -37.72
N SER M 321 -5.75 -19.81 -36.41
CA SER M 321 -6.12 -18.55 -35.77
C SER M 321 -5.42 -17.36 -36.43
N GLN M 322 -4.08 -17.38 -36.42
CA GLN M 322 -3.26 -16.33 -37.07
C GLN M 322 -3.81 -15.82 -38.39
N CYS M 323 -4.29 -16.73 -39.23
CA CYS M 323 -4.84 -16.38 -40.53
C CYS M 323 -6.19 -15.69 -40.40
N LEU M 324 -7.09 -16.37 -39.69
CA LEU M 324 -8.42 -15.85 -39.45
C LEU M 324 -8.35 -14.43 -38.86
N PHE M 325 -7.35 -14.20 -38.02
CA PHE M 325 -7.10 -12.86 -37.48
C PHE M 325 -6.86 -11.90 -38.64
N TRP M 326 -5.81 -12.11 -39.39
CA TRP M 326 -5.51 -11.20 -40.49
C TRP M 326 -6.66 -11.06 -41.50
N ALA M 327 -7.47 -12.12 -41.61
CA ALA M 327 -8.76 -12.05 -42.32
C ALA M 327 -9.71 -11.01 -41.71
N LEU M 328 -9.87 -11.05 -40.39
CA LEU M 328 -10.62 -10.04 -39.65
C LEU M 328 -10.13 -8.62 -39.97
N VAL M 329 -8.85 -8.37 -39.78
CA VAL M 329 -8.26 -7.06 -40.09
C VAL M 329 -8.56 -6.59 -41.51
N ALA M 330 -8.38 -7.49 -42.46
CA ALA M 330 -8.61 -7.20 -43.86
C ALA M 330 -10.10 -6.95 -44.13
N ASP M 331 -10.96 -7.70 -43.47
CA ASP M 331 -12.40 -7.46 -43.56
C ASP M 331 -12.76 -6.08 -43.02
N LEU M 332 -12.10 -5.65 -41.94
CA LEU M 332 -12.32 -4.32 -41.37
C LEU M 332 -11.85 -3.21 -42.32
N LEU M 333 -10.66 -3.38 -42.88
CA LEU M 333 -10.20 -2.52 -43.95
C LEU M 333 -11.23 -2.44 -45.09
N THR M 334 -11.80 -3.60 -45.46
CA THR M 334 -12.86 -3.66 -46.47
C THR M 334 -14.07 -2.85 -46.05
N LEU M 335 -14.64 -3.18 -44.89
CA LEU M 335 -15.85 -2.50 -44.41
C LEU M 335 -15.63 -1.00 -44.31
N THR M 336 -14.42 -0.60 -43.91
CA THR M 336 -13.99 0.81 -43.85
C THR M 336 -14.05 1.51 -45.21
N TRP M 337 -13.53 0.83 -46.22
CA TRP M 337 -13.63 1.28 -47.61
C TRP M 337 -15.09 1.35 -48.04
N ILE M 338 -15.83 0.24 -47.88
CA ILE M 338 -17.27 0.12 -48.23
C ILE M 338 -18.12 1.20 -47.59
N GLY M 339 -17.74 1.59 -46.38
CA GLY M 339 -18.45 2.65 -45.66
C GLY M 339 -18.22 4.02 -46.27
N GLY M 340 -17.03 4.23 -46.82
CA GLY M 340 -16.69 5.48 -47.50
C GLY M 340 -17.45 5.70 -48.79
N GLN M 341 -17.93 4.64 -49.43
CA GLN M 341 -18.58 4.72 -50.76
C GLN M 341 -20.10 4.89 -50.70
N PRO M 342 -20.70 5.48 -51.76
CA PRO M 342 -22.17 5.56 -51.83
C PRO M 342 -22.79 4.19 -51.85
N VAL M 343 -24.08 4.12 -51.57
CA VAL M 343 -24.74 2.82 -51.36
C VAL M 343 -25.32 2.31 -52.67
N GLU M 344 -24.41 1.93 -53.58
CA GLU M 344 -24.77 1.48 -54.92
C GLU M 344 -23.97 0.24 -55.26
N HIS M 345 -24.45 -0.50 -56.25
CA HIS M 345 -23.80 -1.74 -56.69
C HIS M 345 -22.34 -1.46 -57.08
N PRO M 346 -21.42 -2.39 -56.79
CA PRO M 346 -21.65 -3.64 -56.06
C PRO M 346 -21.43 -3.51 -54.55
N TYR M 347 -21.13 -2.30 -54.09
CA TYR M 347 -20.78 -2.02 -52.71
C TYR M 347 -21.80 -2.55 -51.70
N ILE M 348 -23.07 -2.66 -52.08
CA ILE M 348 -24.10 -3.11 -51.14
C ILE M 348 -23.94 -4.60 -50.87
N THR M 349 -23.58 -5.38 -51.89
CA THR M 349 -23.36 -6.81 -51.70
C THR M 349 -22.03 -7.09 -51.03
N ILE M 350 -20.99 -6.36 -51.43
CA ILE M 350 -19.70 -6.47 -50.76
C ILE M 350 -19.96 -6.15 -49.29
N GLY M 351 -20.69 -5.06 -49.04
CA GLY M 351 -21.16 -4.71 -47.71
C GLY M 351 -21.79 -5.86 -46.95
N GLN M 352 -22.81 -6.49 -47.53
CA GLN M 352 -23.47 -7.65 -46.91
C GLN M 352 -22.44 -8.66 -46.42
N LEU M 353 -21.61 -9.11 -47.34
CA LEU M 353 -20.76 -10.27 -47.12
C LEU M 353 -19.72 -9.97 -46.08
N ALA M 354 -19.09 -8.80 -46.20
CA ALA M 354 -18.10 -8.32 -45.23
C ALA M 354 -18.68 -8.29 -43.83
N SER M 355 -19.90 -7.76 -43.71
CA SER M 355 -20.60 -7.74 -42.44
C SER M 355 -20.84 -9.15 -41.91
N VAL M 356 -21.42 -10.03 -42.72
CA VAL M 356 -21.68 -11.40 -42.25
C VAL M 356 -20.35 -12.07 -41.89
N LEU M 357 -19.32 -11.74 -42.65
CA LEU M 357 -18.00 -12.31 -42.44
C LEU M 357 -17.38 -11.89 -41.08
N TYR M 358 -17.43 -10.60 -40.77
CA TYR M 358 -17.02 -10.06 -39.46
C TYR M 358 -17.53 -10.93 -38.32
N PHE M 359 -18.86 -11.03 -38.20
CA PHE M 359 -19.50 -11.75 -37.09
C PHE M 359 -19.25 -13.26 -37.14
N LEU M 360 -19.34 -13.83 -38.33
CA LEU M 360 -19.05 -15.25 -38.56
C LEU M 360 -17.64 -15.61 -38.10
N LEU M 361 -16.66 -14.82 -38.52
CA LEU M 361 -15.28 -14.99 -38.04
C LEU M 361 -15.24 -15.10 -36.51
N ILE M 362 -15.67 -14.04 -35.81
CA ILE M 362 -15.48 -13.92 -34.37
C ILE M 362 -16.24 -14.92 -33.53
N LEU M 363 -17.50 -15.17 -33.91
CA LEU M 363 -18.41 -16.07 -33.19
C LEU M 363 -18.26 -17.55 -33.58
N VAL M 364 -18.18 -17.83 -34.88
CA VAL M 364 -18.14 -19.23 -35.35
C VAL M 364 -16.72 -19.75 -35.61
N LEU M 365 -15.98 -19.08 -36.49
CA LEU M 365 -14.74 -19.65 -37.01
C LEU M 365 -13.58 -19.59 -36.02
N MET M 366 -13.27 -18.40 -35.50
CA MET M 366 -12.09 -18.22 -34.64
C MET M 366 -12.09 -19.15 -33.43
N PRO M 367 -13.28 -19.36 -32.81
CA PRO M 367 -13.33 -20.30 -31.71
C PRO M 367 -13.10 -21.73 -32.16
N THR M 368 -13.61 -22.07 -33.34
CA THR M 368 -13.42 -23.40 -33.90
C THR M 368 -11.96 -23.64 -34.22
N ALA M 369 -11.35 -22.69 -34.93
CA ALA M 369 -9.93 -22.77 -35.25
C ALA M 369 -9.18 -23.20 -33.99
N GLY M 370 -9.44 -22.53 -32.88
CA GLY M 370 -8.80 -22.84 -31.61
C GLY M 370 -9.05 -24.25 -31.09
N THR M 371 -10.25 -24.76 -31.33
CA THR M 371 -10.62 -26.11 -30.93
C THR M 371 -9.82 -27.15 -31.73
N ILE M 372 -9.99 -27.10 -33.05
CA ILE M 372 -9.24 -27.94 -34.00
C ILE M 372 -7.74 -27.93 -33.65
N GLU M 373 -7.20 -26.71 -33.50
CA GLU M 373 -5.81 -26.46 -33.12
C GLU M 373 -5.37 -27.32 -31.93
N ASN M 374 -6.23 -27.45 -30.94
CA ASN M 374 -5.89 -28.30 -29.81
C ASN M 374 -5.96 -29.76 -30.18
N LYS M 375 -7.00 -30.14 -30.91
CA LYS M 375 -7.15 -31.50 -31.37
C LYS M 375 -5.88 -31.95 -32.06
N LEU M 376 -5.30 -31.08 -32.87
CA LEU M 376 -4.08 -31.41 -33.59
C LEU M 376 -2.83 -31.55 -32.67
N LEU M 377 -2.85 -30.92 -31.51
CA LEU M 377 -1.76 -31.05 -30.53
C LEU M 377 -2.14 -32.01 -29.40
N LYS M 378 -3.31 -32.65 -29.51
CA LYS M 378 -3.79 -33.65 -28.53
C LYS M 378 -4.22 -33.12 -27.17
N TRP M 379 -4.81 -31.93 -27.12
CA TRP M 379 -5.33 -31.43 -25.85
C TRP M 379 -6.53 -30.49 -26.02
N SER N 25 -25.22 14.96 -64.48
CA SER N 25 -25.63 15.00 -63.04
C SER N 25 -25.11 13.80 -62.26
N ASP N 26 -25.41 12.61 -62.79
CA ASP N 26 -24.98 11.35 -62.18
C ASP N 26 -23.66 10.82 -62.76
N LEU N 27 -23.13 11.49 -63.77
CA LEU N 27 -21.74 11.31 -64.22
C LEU N 27 -20.98 12.52 -63.76
N GLU N 28 -19.68 12.36 -63.50
CA GLU N 28 -18.84 13.50 -63.15
C GLU N 28 -17.40 13.36 -63.62
N LEU N 29 -16.85 14.47 -64.12
CA LEU N 29 -15.48 14.53 -64.67
C LEU N 29 -14.53 15.10 -63.63
N HIS N 30 -13.53 14.32 -63.24
CA HIS N 30 -12.58 14.78 -62.23
C HIS N 30 -11.49 15.65 -62.83
N PRO N 31 -11.09 16.70 -62.11
CA PRO N 31 -10.01 17.54 -62.59
C PRO N 31 -8.70 16.79 -62.85
N PRO N 32 -7.77 17.44 -63.57
CA PRO N 32 -6.44 16.92 -63.78
C PRO N 32 -5.51 17.53 -62.78
N SER N 33 -4.21 17.24 -62.90
CA SER N 33 -3.23 17.66 -61.90
C SER N 33 -2.28 18.77 -62.36
N TYR N 34 -2.81 19.99 -62.52
CA TYR N 34 -2.00 21.08 -63.04
C TYR N 34 -0.89 21.28 -62.01
N PRO N 35 0.36 21.43 -62.45
CA PRO N 35 1.42 21.50 -61.46
C PRO N 35 1.73 22.95 -61.10
N TRP N 36 1.29 23.37 -59.93
CA TRP N 36 1.45 24.74 -59.47
C TRP N 36 2.85 24.96 -58.88
N SER N 37 3.32 26.20 -58.87
CA SER N 37 4.63 26.53 -58.32
C SER N 37 4.73 26.22 -56.84
N HIS N 38 3.59 26.00 -56.19
CA HIS N 38 3.50 25.70 -54.75
C HIS N 38 3.08 24.26 -54.43
N ARG N 39 3.14 23.36 -55.41
CA ARG N 39 2.60 22.00 -55.27
C ARG N 39 3.43 21.07 -54.38
N GLY N 40 4.72 21.02 -54.64
CA GLY N 40 5.63 20.14 -53.90
C GLY N 40 5.69 20.45 -52.43
N LEU N 41 5.98 19.44 -51.62
CA LEU N 41 5.80 19.52 -50.16
C LEU N 41 6.62 20.61 -49.44
N LEU N 42 7.69 21.12 -50.07
CA LEU N 42 8.43 22.27 -49.51
C LEU N 42 8.20 23.57 -50.27
N SER N 43 7.52 23.46 -51.40
CA SER N 43 7.32 24.59 -52.32
C SER N 43 6.33 25.60 -51.77
N SER N 44 6.72 26.86 -51.75
CA SER N 44 5.90 27.95 -51.21
C SER N 44 4.98 28.57 -52.26
N LEU N 45 4.03 29.39 -51.81
CA LEU N 45 3.20 30.15 -52.73
C LEU N 45 4.04 31.23 -53.45
N ASP N 46 3.59 31.64 -54.64
CA ASP N 46 4.24 32.67 -55.46
C ASP N 46 3.60 34.03 -55.24
N HIS N 47 4.17 34.84 -54.36
CA HIS N 47 3.47 36.02 -53.83
C HIS N 47 3.12 37.07 -54.88
N THR N 48 3.89 37.09 -55.97
CA THR N 48 3.56 37.90 -57.13
C THR N 48 2.21 37.44 -57.75
N SER N 49 2.05 36.13 -57.91
CA SER N 49 0.81 35.58 -58.47
C SER N 49 -0.40 35.74 -57.50
N ILE N 50 -0.14 35.71 -56.19
CA ILE N 50 -1.17 36.05 -55.19
C ILE N 50 -1.61 37.49 -55.37
N ARG N 51 -0.63 38.40 -55.46
CA ARG N 51 -0.89 39.83 -55.70
C ARG N 51 -1.78 40.05 -56.91
N ARG N 52 -1.44 39.37 -58.01
CA ARG N 52 -2.21 39.49 -59.24
C ARG N 52 -3.59 38.89 -59.07
N GLY N 53 -3.64 37.67 -58.54
CA GLY N 53 -4.89 37.02 -58.17
C GLY N 53 -5.82 37.91 -57.35
N PHE N 54 -5.26 38.66 -56.41
CA PHE N 54 -6.08 39.59 -55.62
C PHE N 54 -6.88 40.54 -56.51
N GLN N 55 -6.18 41.20 -57.42
CA GLN N 55 -6.80 42.15 -58.35
C GLN N 55 -7.91 41.49 -59.13
N VAL N 56 -7.69 40.25 -59.57
CA VAL N 56 -8.72 39.48 -60.27
C VAL N 56 -10.00 39.39 -59.41
N TYR N 57 -9.85 39.09 -58.11
CA TYR N 57 -11.02 39.09 -57.24
C TYR N 57 -11.64 40.48 -57.24
N LYS N 58 -10.85 41.46 -56.85
CA LYS N 58 -11.34 42.82 -56.68
C LYS N 58 -12.07 43.37 -57.90
N GLN N 59 -11.59 43.03 -59.09
CA GLN N 59 -12.18 43.52 -60.35
C GLN N 59 -13.34 42.64 -60.81
N VAL N 60 -13.10 41.34 -60.89
CA VAL N 60 -14.03 40.43 -61.56
C VAL N 60 -15.13 39.82 -60.67
N CYS N 61 -14.80 39.42 -59.44
CA CYS N 61 -15.76 38.70 -58.57
C CYS N 61 -16.26 39.41 -57.29
N SER N 62 -15.56 40.42 -56.80
CA SER N 62 -16.00 41.12 -55.58
C SER N 62 -17.43 41.67 -55.66
N SER N 63 -18.02 41.60 -56.85
CA SER N 63 -19.39 42.06 -57.08
C SER N 63 -20.45 40.95 -56.93
N CYS N 64 -20.02 39.69 -56.79
CA CYS N 64 -20.96 38.60 -56.48
C CYS N 64 -20.45 37.59 -55.46
N HIS N 65 -19.15 37.57 -55.22
CA HIS N 65 -18.56 36.65 -54.27
C HIS N 65 -18.01 37.37 -53.05
N SER N 66 -18.58 37.05 -51.90
CA SER N 66 -18.10 37.55 -50.63
C SER N 66 -16.86 36.78 -50.25
N MET N 67 -15.89 37.46 -49.65
CA MET N 67 -14.76 36.81 -49.04
C MET N 67 -14.70 37.34 -47.62
N ASP N 68 -15.58 36.76 -46.80
CA ASP N 68 -15.97 37.30 -45.48
C ASP N 68 -14.85 37.34 -44.45
N TYR N 69 -13.90 36.41 -44.59
CA TYR N 69 -12.88 36.20 -43.58
C TYR N 69 -11.50 36.77 -43.91
N VAL N 70 -11.41 37.62 -44.94
CA VAL N 70 -10.16 38.35 -45.24
C VAL N 70 -10.40 39.82 -44.97
N ALA N 71 -9.32 40.56 -44.71
CA ALA N 71 -9.36 42.02 -44.49
C ALA N 71 -8.07 42.60 -45.03
N TYR N 72 -8.09 43.90 -45.28
CA TYR N 72 -7.00 44.50 -46.03
C TYR N 72 -5.68 44.30 -45.32
N ARG N 73 -5.67 44.37 -43.99
CA ARG N 73 -4.44 44.13 -43.21
C ARG N 73 -3.77 42.79 -43.52
N HIS N 74 -4.60 41.76 -43.76
CA HIS N 74 -4.11 40.40 -44.10
C HIS N 74 -3.18 40.40 -45.32
N LEU N 75 -3.40 41.34 -46.23
CA LEU N 75 -2.55 41.50 -47.43
C LEU N 75 -1.17 42.06 -47.10
N VAL N 76 -1.06 42.89 -46.06
CA VAL N 76 0.22 43.53 -45.75
C VAL N 76 1.32 42.51 -45.46
N GLY N 77 2.45 42.68 -46.14
CA GLY N 77 3.56 41.75 -45.98
C GLY N 77 3.39 40.44 -46.73
N VAL N 78 2.25 40.26 -47.39
CA VAL N 78 2.04 39.09 -48.24
C VAL N 78 2.27 39.48 -49.68
N CYS N 79 1.38 40.30 -50.21
CA CYS N 79 1.43 40.70 -51.60
C CYS N 79 1.29 42.20 -51.75
N TYR N 80 1.17 42.93 -50.65
CA TYR N 80 1.10 44.41 -50.69
C TYR N 80 1.89 45.03 -49.53
N THR N 81 2.30 46.29 -49.72
CA THR N 81 2.89 47.05 -48.62
C THR N 81 1.75 47.56 -47.74
N GLU N 82 2.09 48.14 -46.59
CA GLU N 82 1.08 48.72 -45.70
C GLU N 82 0.36 49.89 -46.37
N ASP N 83 1.13 50.72 -47.08
CA ASP N 83 0.59 51.89 -47.75
C ASP N 83 -0.29 51.48 -48.93
N GLU N 84 0.20 50.55 -49.73
CA GLU N 84 -0.57 50.03 -50.86
C GLU N 84 -1.91 49.48 -50.37
N ALA N 85 -1.87 48.71 -49.28
CA ALA N 85 -3.04 48.05 -48.70
C ALA N 85 -4.05 49.03 -48.11
N LYS N 86 -3.54 50.08 -47.47
CA LYS N 86 -4.38 51.15 -46.92
C LYS N 86 -5.00 51.98 -48.04
N ALA N 87 -4.23 52.21 -49.10
CA ALA N 87 -4.74 52.83 -50.32
C ALA N 87 -5.82 51.97 -50.97
N LEU N 88 -5.63 50.66 -50.93
CA LEU N 88 -6.68 49.73 -51.35
C LEU N 88 -7.92 49.82 -50.47
N ALA N 89 -7.72 50.13 -49.19
CA ALA N 89 -8.81 50.24 -48.22
C ALA N 89 -9.67 51.46 -48.44
N GLU N 90 -9.03 52.62 -48.49
CA GLU N 90 -9.70 53.91 -48.66
C GLU N 90 -10.44 54.00 -50.01
N GLU N 91 -10.06 53.16 -50.96
CA GLU N 91 -10.83 52.98 -52.19
C GLU N 91 -12.30 52.60 -51.98
N VAL N 92 -12.69 52.12 -50.79
CA VAL N 92 -14.08 51.68 -50.55
C VAL N 92 -14.83 52.45 -49.44
N GLU N 93 -16.12 52.62 -49.65
CA GLU N 93 -17.04 53.20 -48.66
C GLU N 93 -17.65 52.06 -47.86
N VAL N 94 -17.35 52.02 -46.56
CA VAL N 94 -17.89 50.99 -45.67
C VAL N 94 -18.69 51.67 -44.57
N GLN N 95 -19.76 50.99 -44.13
CA GLN N 95 -20.64 51.54 -43.08
C GLN N 95 -20.02 51.44 -41.68
N ASP N 96 -20.36 52.42 -40.85
CA ASP N 96 -19.93 52.47 -39.46
C ASP N 96 -21.08 53.09 -38.65
N GLY N 97 -20.79 53.56 -37.43
CA GLY N 97 -21.81 54.12 -36.56
C GLY N 97 -22.17 53.15 -35.45
N PRO N 98 -23.10 53.54 -34.58
CA PRO N 98 -23.86 54.78 -34.69
C PRO N 98 -23.20 56.02 -34.04
N ASN N 99 -23.45 57.18 -34.64
CA ASN N 99 -22.91 58.47 -34.16
C ASN N 99 -23.69 59.07 -32.98
N GLU N 100 -23.39 60.33 -32.64
CA GLU N 100 -24.09 61.06 -31.56
C GLU N 100 -25.60 61.02 -31.63
N ASP N 101 -26.14 61.10 -32.86
CA ASP N 101 -27.58 61.11 -33.09
C ASP N 101 -28.19 59.73 -33.23
N GLY N 102 -27.34 58.71 -33.19
CA GLY N 102 -27.79 57.33 -33.31
C GLY N 102 -28.14 57.02 -34.74
N GLU N 103 -27.19 57.28 -35.64
CA GLU N 103 -27.40 57.01 -37.05
C GLU N 103 -26.14 56.46 -37.73
N MET N 104 -26.36 55.50 -38.62
CA MET N 104 -25.27 54.83 -39.31
C MET N 104 -24.83 55.68 -40.50
N PHE N 105 -23.53 55.68 -40.77
CA PHE N 105 -22.96 56.53 -41.80
C PHE N 105 -21.76 55.86 -42.44
N MET N 106 -21.51 56.13 -43.72
CA MET N 106 -20.40 55.52 -44.43
C MET N 106 -19.10 56.27 -44.12
N ARG N 107 -17.98 55.58 -44.33
CA ARG N 107 -16.66 56.18 -44.26
C ARG N 107 -15.70 55.43 -45.21
N PRO N 108 -14.58 56.08 -45.57
CA PRO N 108 -13.61 55.35 -46.38
C PRO N 108 -12.97 54.25 -45.55
N GLY N 109 -12.68 53.11 -46.19
CA GLY N 109 -12.13 51.94 -45.54
C GLY N 109 -10.75 52.16 -44.91
N LYS N 110 -10.40 51.26 -44.00
CA LYS N 110 -9.08 51.27 -43.37
C LYS N 110 -8.57 49.83 -43.22
N LEU N 111 -7.30 49.69 -42.86
CA LEU N 111 -6.63 48.40 -42.81
C LEU N 111 -7.46 47.28 -42.14
N SER N 112 -8.13 47.63 -41.06
CA SER N 112 -8.87 46.67 -40.27
C SER N 112 -10.27 46.28 -40.81
N ASP N 113 -10.58 46.69 -42.03
CA ASP N 113 -11.88 46.37 -42.63
C ASP N 113 -11.86 45.05 -43.42
N TYR N 114 -12.85 44.20 -43.17
CA TYR N 114 -13.01 42.93 -43.90
C TYR N 114 -13.66 43.15 -45.26
N PHE N 115 -13.07 42.56 -46.31
CA PHE N 115 -13.49 42.77 -47.71
C PHE N 115 -15.01 42.92 -47.81
N PRO N 116 -15.48 44.01 -48.45
CA PRO N 116 -16.91 44.35 -48.49
C PRO N 116 -17.75 43.31 -49.21
N LYS N 117 -19.04 43.26 -48.86
CA LYS N 117 -19.88 42.12 -49.22
C LYS N 117 -20.70 42.51 -50.44
N PRO N 118 -20.82 41.59 -51.41
CA PRO N 118 -21.56 41.85 -52.63
C PRO N 118 -23.05 42.13 -52.43
N TYR N 119 -23.67 41.43 -51.49
CA TYR N 119 -25.07 41.68 -51.16
C TYR N 119 -25.20 41.89 -49.66
N PRO N 120 -26.41 42.22 -49.19
CA PRO N 120 -26.76 42.09 -47.78
C PRO N 120 -27.02 40.65 -47.28
N ASN N 121 -27.59 39.77 -48.09
CA ASN N 121 -27.99 38.45 -47.60
C ASN N 121 -28.32 37.44 -48.69
N PRO N 122 -28.34 36.13 -48.35
CA PRO N 122 -28.53 35.05 -49.34
C PRO N 122 -29.75 35.23 -50.22
N GLU N 123 -30.82 35.77 -49.62
CA GLU N 123 -32.06 36.02 -50.34
C GLU N 123 -31.85 37.07 -51.45
N ALA N 124 -31.17 38.17 -51.12
CA ALA N 124 -30.84 39.20 -52.11
C ALA N 124 -29.91 38.65 -53.17
N ALA N 125 -28.83 37.99 -52.73
CA ALA N 125 -27.85 37.38 -53.64
C ALA N 125 -28.48 36.40 -54.64
N ARG N 126 -29.43 35.60 -54.18
CA ARG N 126 -30.14 34.66 -55.07
C ARG N 126 -31.09 35.42 -56.00
N ALA N 127 -31.90 36.29 -55.42
CA ALA N 127 -32.86 37.09 -56.19
C ALA N 127 -32.20 37.90 -57.30
N ALA N 128 -30.93 38.26 -57.12
CA ALA N 128 -30.16 38.97 -58.15
C ALA N 128 -29.59 38.04 -59.22
N ASN N 129 -29.44 36.74 -58.93
CA ASN N 129 -28.80 35.79 -59.87
C ASN N 129 -29.64 34.54 -60.16
N ASN N 130 -30.87 34.74 -60.65
CA ASN N 130 -31.76 33.64 -61.05
C ASN N 130 -31.83 32.50 -60.04
N GLY N 131 -31.89 32.87 -58.76
CA GLY N 131 -32.08 31.91 -57.67
C GLY N 131 -30.81 31.30 -57.09
N ALA N 132 -29.72 31.30 -57.85
CA ALA N 132 -28.47 30.71 -57.40
C ALA N 132 -27.64 31.70 -56.55
N LEU N 133 -27.06 31.18 -55.48
CA LEU N 133 -26.29 31.98 -54.50
C LEU N 133 -24.80 31.79 -54.72
N PRO N 134 -24.09 32.83 -55.16
CA PRO N 134 -22.65 32.63 -55.29
C PRO N 134 -22.03 32.38 -53.90
N PRO N 135 -21.41 31.20 -53.69
CA PRO N 135 -20.77 30.88 -52.41
C PRO N 135 -19.61 31.82 -52.04
N ASP N 136 -19.30 31.89 -50.75
CA ASP N 136 -18.20 32.69 -50.25
C ASP N 136 -16.91 32.00 -50.70
N LEU N 137 -15.91 32.81 -51.04
CA LEU N 137 -14.65 32.30 -51.61
C LEU N 137 -13.48 32.20 -50.64
N SER N 138 -13.72 32.55 -49.38
CA SER N 138 -12.69 32.52 -48.37
C SER N 138 -12.10 31.12 -48.33
N TYR N 139 -12.96 30.13 -48.13
CA TYR N 139 -12.51 28.74 -47.94
C TYR N 139 -12.85 27.80 -49.08
N ILE N 140 -13.24 28.35 -50.23
CA ILE N 140 -13.71 27.53 -51.37
C ILE N 140 -12.69 26.49 -51.84
N VAL N 141 -11.41 26.85 -51.76
CA VAL N 141 -10.34 25.97 -52.21
C VAL N 141 -10.30 24.69 -51.36
N ARG N 142 -10.62 24.80 -50.07
CA ARG N 142 -10.66 23.63 -49.17
C ARG N 142 -12.09 23.08 -48.97
N ALA N 143 -13.08 23.82 -49.46
CA ALA N 143 -14.48 23.39 -49.40
C ALA N 143 -14.89 22.51 -50.56
N ARG N 144 -13.98 22.32 -51.52
CA ARG N 144 -14.28 21.49 -52.68
C ARG N 144 -13.15 20.49 -52.95
N HIS N 145 -13.51 19.26 -53.35
CA HIS N 145 -12.53 18.22 -53.68
C HIS N 145 -11.75 18.63 -54.92
N GLY N 146 -10.43 18.48 -54.90
CA GLY N 146 -9.59 18.85 -56.03
C GLY N 146 -8.98 20.23 -55.89
N GLY N 147 -9.70 21.16 -55.28
CA GLY N 147 -9.12 22.44 -54.90
C GLY N 147 -8.87 23.35 -56.08
N GLU N 148 -7.65 23.88 -56.19
CA GLU N 148 -7.33 24.80 -57.29
C GLU N 148 -7.30 24.10 -58.67
N ASP N 149 -6.86 22.86 -58.67
CA ASP N 149 -7.01 22.01 -59.85
C ASP N 149 -8.47 21.91 -60.30
N TYR N 150 -9.42 22.00 -59.36
CA TYR N 150 -10.83 22.09 -59.70
C TYR N 150 -11.21 23.50 -60.13
N VAL N 151 -11.04 24.49 -59.27
CA VAL N 151 -11.48 25.87 -59.57
C VAL N 151 -10.94 26.33 -60.94
N PHE N 152 -9.65 26.11 -61.19
CA PHE N 152 -9.03 26.40 -62.50
C PHE N 152 -9.78 25.72 -63.66
N SER N 153 -9.87 24.39 -63.59
CA SER N 153 -10.61 23.61 -64.58
C SER N 153 -12.05 24.06 -64.78
N LEU N 154 -12.71 24.53 -63.72
CA LEU N 154 -14.04 25.10 -63.84
C LEU N 154 -13.99 26.43 -64.62
N LEU N 155 -13.20 27.38 -64.13
CA LEU N 155 -13.10 28.71 -64.74
C LEU N 155 -12.78 28.71 -66.23
N THR N 156 -11.83 27.88 -66.67
CA THR N 156 -11.44 27.79 -68.08
C THR N 156 -12.26 26.74 -68.89
N GLY N 157 -12.77 25.72 -68.21
CA GLY N 157 -13.34 24.55 -68.89
C GLY N 157 -14.74 24.68 -69.45
N TYR N 158 -15.35 25.86 -69.37
CA TYR N 158 -16.68 26.09 -69.98
C TYR N 158 -16.70 25.65 -71.45
N CYS N 159 -17.87 25.22 -71.94
CA CYS N 159 -17.97 24.69 -73.31
C CYS N 159 -19.45 24.51 -73.73
N GLU N 160 -19.67 23.95 -74.92
CA GLU N 160 -21.01 23.86 -75.55
C GLU N 160 -21.80 22.58 -75.18
N PRO N 161 -23.11 22.70 -74.93
CA PRO N 161 -23.90 21.50 -74.61
C PRO N 161 -23.86 20.48 -75.75
N PRO N 162 -23.48 19.21 -75.46
CA PRO N 162 -23.46 18.21 -76.53
C PRO N 162 -24.88 17.85 -76.99
N THR N 163 -24.97 17.36 -78.23
CA THR N 163 -26.25 16.99 -78.80
C THR N 163 -26.98 16.10 -77.79
N GLY N 164 -28.16 16.55 -77.40
CA GLY N 164 -28.98 15.88 -76.40
C GLY N 164 -29.30 16.77 -75.19
N VAL N 165 -28.35 17.60 -74.79
CA VAL N 165 -28.49 18.40 -73.58
C VAL N 165 -29.02 19.80 -73.85
N SER N 166 -30.20 20.08 -73.34
CA SER N 166 -30.69 21.44 -73.23
C SER N 166 -30.58 21.87 -71.76
N LEU N 167 -30.75 23.17 -71.50
CA LEU N 167 -30.62 23.74 -70.16
C LEU N 167 -31.71 24.79 -69.93
N ARG N 168 -32.07 25.03 -68.66
CA ARG N 168 -32.96 26.15 -68.32
C ARG N 168 -32.29 27.47 -68.70
N GLU N 169 -33.05 28.56 -68.63
CA GLU N 169 -32.46 29.88 -68.82
C GLU N 169 -31.71 30.25 -67.56
N GLY N 170 -30.56 30.89 -67.73
CA GLY N 170 -29.68 31.26 -66.62
C GLY N 170 -28.63 30.20 -66.32
N LEU N 171 -28.79 29.00 -66.89
CA LEU N 171 -27.85 27.90 -66.67
C LEU N 171 -26.92 27.78 -67.86
N TYR N 172 -25.63 27.65 -67.57
CA TYR N 172 -24.62 27.46 -68.58
C TYR N 172 -23.94 26.11 -68.34
N PHE N 173 -23.60 25.42 -69.42
CA PHE N 173 -22.95 24.12 -69.30
C PHE N 173 -21.44 24.24 -69.06
N ASN N 174 -21.01 23.68 -67.93
CA ASN N 174 -19.62 23.46 -67.62
C ASN N 174 -19.44 22.00 -67.20
N PRO N 175 -18.51 21.28 -67.85
CA PRO N 175 -18.43 19.83 -67.60
C PRO N 175 -17.75 19.46 -66.28
N TYR N 176 -16.95 20.38 -65.74
CA TYR N 176 -16.23 20.12 -64.50
C TYR N 176 -17.13 20.28 -63.27
N PHE N 177 -18.09 21.20 -63.35
CA PHE N 177 -19.16 21.34 -62.36
C PHE N 177 -19.97 20.03 -62.28
N PRO N 178 -20.47 19.66 -61.09
CA PRO N 178 -21.27 18.44 -61.00
C PRO N 178 -22.67 18.70 -61.49
N GLY N 179 -23.22 17.80 -62.28
CA GLY N 179 -24.51 18.05 -62.93
C GLY N 179 -24.40 18.93 -64.17
N GLN N 180 -23.17 19.34 -64.48
CA GLN N 180 -22.85 20.11 -65.66
C GLN N 180 -23.73 21.32 -65.94
N ALA N 181 -24.48 21.80 -64.96
CA ALA N 181 -25.41 22.88 -65.22
C ALA N 181 -25.14 23.95 -64.19
N ILE N 182 -24.10 24.75 -64.43
CA ILE N 182 -23.74 25.79 -63.50
C ILE N 182 -24.62 27.02 -63.73
N GLY N 183 -24.87 27.79 -62.68
CA GLY N 183 -25.62 29.04 -62.77
C GLY N 183 -24.72 30.26 -62.83
N MET N 184 -23.40 30.03 -62.93
CA MET N 184 -22.43 31.12 -63.01
C MET N 184 -22.10 31.39 -64.45
N ALA N 185 -22.28 32.64 -64.87
CA ALA N 185 -21.87 33.07 -66.21
C ALA N 185 -20.34 32.94 -66.31
N PRO N 186 -19.82 32.37 -67.42
CA PRO N 186 -18.36 32.29 -67.59
C PRO N 186 -17.72 33.63 -67.29
N PRO N 187 -16.98 33.72 -66.19
CA PRO N 187 -16.69 35.02 -65.59
C PRO N 187 -15.41 35.67 -66.07
N ILE N 188 -14.53 34.92 -66.73
CA ILE N 188 -13.28 35.47 -67.23
C ILE N 188 -13.08 35.10 -68.69
N TYR N 189 -12.76 36.13 -69.46
CA TYR N 189 -12.44 36.00 -70.86
C TYR N 189 -11.13 36.74 -70.98
N ASN N 190 -10.47 36.65 -72.13
CA ASN N 190 -9.21 37.37 -72.33
C ASN N 190 -9.33 38.85 -72.00
N GLU N 191 -8.31 39.41 -71.36
CA GLU N 191 -8.29 40.84 -71.02
C GLU N 191 -9.61 41.33 -70.41
N VAL N 192 -10.06 40.64 -69.36
CA VAL N 192 -11.19 41.09 -68.53
C VAL N 192 -10.71 42.18 -67.56
N LEU N 193 -9.39 42.25 -67.37
CA LEU N 193 -8.75 43.34 -66.65
C LEU N 193 -7.33 43.52 -67.17
N GLU N 194 -6.58 44.44 -66.56
CA GLU N 194 -5.17 44.61 -66.86
C GLU N 194 -4.34 44.80 -65.57
N PHE N 195 -3.31 43.97 -65.41
CA PHE N 195 -2.59 43.88 -64.14
C PHE N 195 -1.63 45.05 -63.95
N ASP N 196 -1.29 45.32 -62.69
CA ASP N 196 -0.30 46.35 -62.31
C ASP N 196 1.08 46.15 -62.96
N ASP N 197 1.65 44.96 -62.81
CA ASP N 197 2.99 44.66 -63.32
C ASP N 197 3.01 44.54 -64.84
N GLY N 198 1.82 44.42 -65.43
CA GLY N 198 1.68 44.38 -66.88
C GLY N 198 2.06 43.02 -67.44
N THR N 199 1.40 42.00 -66.91
CA THR N 199 1.52 40.66 -67.47
C THR N 199 0.44 40.53 -68.56
N PRO N 200 0.69 39.71 -69.57
CA PRO N 200 -0.36 39.33 -70.52
C PRO N 200 -1.64 38.83 -69.83
N ALA N 201 -2.69 39.65 -69.83
CA ALA N 201 -3.96 39.31 -69.18
C ALA N 201 -4.77 38.28 -70.00
N THR N 202 -4.20 37.10 -70.18
CA THR N 202 -4.88 36.01 -70.87
C THR N 202 -6.00 35.46 -69.98
N MET N 203 -6.80 34.51 -70.48
CA MET N 203 -7.84 33.91 -69.64
C MET N 203 -7.21 32.93 -68.66
N SER N 204 -6.51 31.93 -69.22
CA SER N 204 -5.84 30.92 -68.41
C SER N 204 -4.76 31.51 -67.50
N GLN N 205 -4.17 32.65 -67.87
CA GLN N 205 -3.19 33.37 -67.01
C GLN N 205 -3.86 34.15 -65.88
N VAL N 206 -5.14 34.50 -66.07
CA VAL N 206 -5.97 35.06 -64.99
C VAL N 206 -6.37 33.95 -63.98
N ALA N 207 -7.05 32.91 -64.45
CA ALA N 207 -7.44 31.78 -63.60
C ALA N 207 -6.30 31.26 -62.72
N LYS N 208 -5.10 31.14 -63.29
CA LYS N 208 -3.90 30.74 -62.56
C LYS N 208 -3.63 31.65 -61.38
N ASP N 209 -3.60 32.95 -61.62
CA ASP N 209 -3.34 33.91 -60.54
C ASP N 209 -4.43 34.01 -59.46
N VAL N 210 -5.69 34.08 -59.86
CA VAL N 210 -6.77 34.09 -58.88
C VAL N 210 -6.83 32.77 -58.08
N CYS N 211 -6.52 31.63 -58.71
CA CYS N 211 -6.47 30.35 -57.96
C CYS N 211 -5.32 30.36 -56.97
N THR N 212 -4.16 30.86 -57.39
CA THR N 212 -3.00 31.04 -56.49
C THR N 212 -3.35 31.99 -55.35
N PHE N 213 -4.18 33.00 -55.61
CA PHE N 213 -4.70 33.86 -54.53
C PHE N 213 -5.67 33.08 -53.65
N LEU N 214 -6.74 32.55 -54.24
CA LEU N 214 -7.72 31.76 -53.48
C LEU N 214 -7.14 30.67 -52.56
N ARG N 215 -5.99 30.12 -52.94
CA ARG N 215 -5.25 29.22 -52.06
C ARG N 215 -4.78 29.96 -50.79
N TRP N 216 -4.08 31.08 -50.98
CA TRP N 216 -3.62 31.90 -49.87
C TRP N 216 -4.77 32.36 -48.97
N ALA N 217 -5.90 32.70 -49.58
CA ALA N 217 -7.11 33.08 -48.85
C ALA N 217 -7.60 31.94 -47.96
N ALA N 218 -7.69 30.75 -48.50
CA ALA N 218 -8.16 29.64 -47.73
C ALA N 218 -7.08 29.05 -46.80
N GLU N 219 -5.81 29.43 -46.96
CA GLU N 219 -4.74 28.83 -46.15
C GLU N 219 -3.51 29.74 -45.93
N PRO N 220 -3.71 30.90 -45.30
CA PRO N 220 -2.64 31.90 -45.16
C PRO N 220 -1.37 31.42 -44.49
N GLU N 221 -1.49 30.33 -43.71
CA GLU N 221 -0.35 29.68 -43.04
C GLU N 221 0.60 28.95 -44.01
N HIS N 222 0.06 28.54 -45.15
CA HIS N 222 0.76 27.68 -46.12
C HIS N 222 2.27 27.76 -46.35
N ASP N 223 2.82 28.95 -46.46
CA ASP N 223 4.28 29.11 -46.58
C ASP N 223 5.00 28.75 -45.31
N HIS N 224 4.50 29.26 -44.18
CA HIS N 224 5.14 29.07 -42.88
C HIS N 224 5.08 27.61 -42.44
N ARG N 225 3.89 27.03 -42.54
CA ARG N 225 3.69 25.60 -42.26
C ARG N 225 4.75 24.72 -42.89
N LYS N 226 4.95 24.91 -44.19
CA LYS N 226 5.90 24.11 -44.97
C LYS N 226 7.33 24.36 -44.53
N ARG N 227 7.65 25.59 -44.12
CA ARG N 227 8.97 25.93 -43.55
C ARG N 227 9.21 25.25 -42.20
N MET N 228 8.17 25.23 -41.38
CA MET N 228 8.21 24.47 -40.15
C MET N 228 8.43 23.00 -40.47
N GLY N 229 7.60 22.45 -41.35
CA GLY N 229 7.79 21.07 -41.87
C GLY N 229 9.23 20.67 -42.19
N LEU N 230 9.96 21.55 -42.87
CA LEU N 230 11.37 21.31 -43.17
C LEU N 230 12.18 21.15 -41.88
N LYS N 231 11.99 22.09 -40.97
CA LYS N 231 12.72 22.09 -39.72
C LYS N 231 12.40 20.80 -38.98
N MET N 232 11.11 20.42 -38.97
CA MET N 232 10.65 19.19 -38.33
C MET N 232 11.29 17.99 -38.96
N LEU N 233 11.37 17.96 -40.29
CA LEU N 233 12.03 16.85 -40.99
C LEU N 233 13.50 16.75 -40.64
N LEU N 234 14.24 17.84 -40.77
CA LEU N 234 15.62 17.85 -40.34
C LEU N 234 15.81 17.43 -38.87
N MET N 235 15.00 18.01 -38.00
CA MET N 235 15.10 17.70 -36.59
C MET N 235 14.88 16.23 -36.29
N MET N 236 13.81 15.67 -36.82
CA MET N 236 13.56 14.24 -36.63
C MET N 236 14.71 13.50 -37.26
N GLY N 237 15.15 13.97 -38.42
CA GLY N 237 16.33 13.43 -39.04
C GLY N 237 17.41 13.27 -38.00
N LEU N 238 17.71 14.34 -37.27
CA LEU N 238 18.81 14.34 -36.29
C LEU N 238 18.58 13.49 -35.04
N LEU N 239 17.41 13.67 -34.41
CA LEU N 239 17.06 13.06 -33.11
C LEU N 239 16.76 11.55 -33.18
N LEU N 240 15.94 11.17 -34.13
CA LEU N 240 15.39 9.82 -34.18
C LEU N 240 16.49 8.72 -34.23
N PRO N 241 17.65 8.99 -34.86
CA PRO N 241 18.72 8.02 -34.71
C PRO N 241 19.41 8.16 -33.36
N LEU N 242 19.65 9.39 -32.93
CA LEU N 242 20.29 9.60 -31.64
C LEU N 242 19.56 8.88 -30.50
N VAL N 243 18.23 8.96 -30.49
CA VAL N 243 17.43 8.31 -29.43
C VAL N 243 17.55 6.79 -29.53
N TYR N 244 17.34 6.29 -30.74
CA TYR N 244 17.49 4.87 -31.06
C TYR N 244 18.86 4.35 -30.60
N ALA N 245 19.91 5.13 -30.87
CA ALA N 245 21.23 4.86 -30.33
C ALA N 245 21.21 4.66 -28.81
N MET N 246 20.64 5.61 -28.08
CA MET N 246 20.54 5.53 -26.61
C MET N 246 19.79 4.28 -26.17
N LYS N 247 18.62 4.06 -26.74
CA LYS N 247 17.87 2.83 -26.51
C LYS N 247 18.73 1.58 -26.68
N ARG N 248 19.58 1.58 -27.69
CA ARG N 248 20.45 0.43 -28.00
C ARG N 248 21.65 0.30 -27.06
N HIS N 249 22.25 1.43 -26.71
CA HIS N 249 23.28 1.48 -25.69
C HIS N 249 22.76 0.91 -24.37
N LYS N 250 21.52 1.24 -24.00
CA LYS N 250 20.94 0.69 -22.79
C LYS N 250 20.66 -0.78 -22.97
N TRP N 251 19.93 -1.14 -24.02
CA TRP N 251 19.49 -2.55 -24.18
C TRP N 251 20.62 -3.54 -24.48
N SER N 252 21.77 -3.04 -24.95
CA SER N 252 22.94 -3.89 -25.14
C SER N 252 23.06 -4.95 -24.03
N VAL N 253 23.08 -4.50 -22.79
CA VAL N 253 23.27 -5.35 -21.61
C VAL N 253 22.47 -6.67 -21.73
N LEU N 254 21.22 -6.53 -22.19
CA LEU N 254 20.29 -7.66 -22.33
C LEU N 254 20.37 -8.39 -23.67
N LYS N 255 20.54 -7.64 -24.76
CA LYS N 255 20.64 -8.23 -26.09
C LYS N 255 21.88 -9.13 -26.22
N SER N 256 22.96 -8.74 -25.53
CA SER N 256 24.24 -9.48 -25.53
C SER N 256 24.27 -10.74 -24.62
N ARG N 257 23.44 -10.79 -23.58
CA ARG N 257 23.68 -11.68 -22.42
C ARG N 257 23.66 -13.16 -22.79
N LYS N 258 24.17 -13.99 -21.88
CA LYS N 258 24.37 -15.41 -22.14
C LYS N 258 23.90 -16.22 -20.94
N LEU N 259 22.97 -17.17 -21.14
CA LEU N 259 22.44 -18.03 -20.05
C LEU N 259 23.09 -19.41 -19.97
N ALA N 260 23.11 -20.01 -18.80
CA ALA N 260 23.72 -21.33 -18.63
C ALA N 260 23.06 -22.14 -17.51
N TYR N 261 22.30 -23.15 -17.90
CA TYR N 261 21.65 -24.08 -16.95
C TYR N 261 22.69 -25.06 -16.45
N ARG N 262 22.90 -25.13 -15.14
CA ARG N 262 23.90 -26.02 -14.56
C ARG N 262 23.31 -26.84 -13.41
N PRO N 263 22.25 -27.64 -13.68
CA PRO N 263 21.69 -28.43 -12.59
C PRO N 263 22.71 -29.45 -12.14
N PRO N 264 22.57 -29.98 -10.91
CA PRO N 264 23.57 -30.94 -10.49
C PRO N 264 22.93 -32.32 -10.48
N LYS N 265 23.72 -33.38 -10.31
CA LYS N 265 23.14 -34.69 -10.04
C LYS N 265 24.05 -35.61 -9.22
N SER O 79 32.90 -28.94 -10.50
CA SER O 79 33.41 -27.75 -9.76
C SER O 79 32.80 -26.46 -10.29
N HIS O 80 32.84 -25.44 -9.46
CA HIS O 80 32.43 -24.10 -9.85
C HIS O 80 33.55 -23.45 -10.64
N THR O 81 34.75 -24.04 -10.63
CA THR O 81 35.86 -23.53 -11.43
C THR O 81 35.87 -24.07 -12.88
N ASP O 82 34.92 -24.94 -13.21
CA ASP O 82 34.62 -25.28 -14.60
C ASP O 82 33.92 -24.10 -15.25
N ILE O 83 33.22 -23.31 -14.44
CA ILE O 83 32.46 -22.14 -14.91
C ILE O 83 33.43 -21.07 -15.44
N LYS O 84 33.59 -21.06 -16.76
CA LYS O 84 34.32 -20.02 -17.46
C LYS O 84 33.34 -19.09 -18.16
N VAL O 85 33.53 -17.80 -17.94
CA VAL O 85 32.85 -16.74 -18.69
C VAL O 85 32.96 -16.94 -20.21
N PRO O 86 31.82 -16.91 -20.94
CA PRO O 86 31.87 -17.03 -22.40
C PRO O 86 32.60 -15.87 -23.05
N ASP O 87 32.83 -15.97 -24.35
CA ASP O 87 33.63 -15.00 -25.08
C ASP O 87 32.76 -13.96 -25.78
N PHE O 88 32.96 -12.69 -25.41
CA PHE O 88 32.12 -11.61 -25.89
C PHE O 88 32.77 -10.85 -27.04
N SER O 89 33.88 -11.35 -27.59
CA SER O 89 34.63 -10.60 -28.60
C SER O 89 33.81 -10.33 -29.88
N ASP O 90 32.80 -11.14 -30.14
CA ASP O 90 31.83 -10.82 -31.17
C ASP O 90 31.18 -9.42 -30.94
N TYR O 91 30.86 -9.09 -29.68
CA TYR O 91 30.04 -7.92 -29.35
C TYR O 91 30.80 -6.69 -28.84
N ARG O 92 32.09 -6.83 -28.62
CA ARG O 92 32.86 -5.77 -27.93
C ARG O 92 33.09 -4.52 -28.78
N ARG O 93 33.58 -3.48 -28.11
CA ARG O 93 34.09 -2.30 -28.79
C ARG O 93 35.53 -2.57 -29.20
N PRO O 94 35.91 -2.18 -30.43
CA PRO O 94 37.26 -2.44 -30.88
C PRO O 94 38.29 -2.08 -29.82
N GLU O 95 38.25 -0.84 -29.36
CA GLU O 95 39.24 -0.35 -28.40
C GLU O 95 39.49 -1.27 -27.18
N VAL O 96 38.55 -2.14 -26.83
CA VAL O 96 38.72 -3.07 -25.71
C VAL O 96 38.62 -4.53 -26.16
N LEU O 97 39.39 -4.87 -27.20
CA LEU O 97 39.44 -6.26 -27.69
C LEU O 97 40.66 -7.01 -27.22
N ASP O 98 41.79 -6.31 -27.04
CA ASP O 98 43.04 -6.95 -26.70
C ASP O 98 43.07 -7.32 -25.22
N SER O 99 42.89 -8.61 -24.94
CA SER O 99 42.86 -9.13 -23.58
C SER O 99 44.13 -8.93 -22.77
N THR O 100 45.18 -8.45 -23.44
CA THR O 100 46.41 -8.02 -22.78
C THR O 100 46.71 -6.52 -22.76
N LYS O 101 45.67 -5.72 -22.97
CA LYS O 101 45.78 -4.28 -23.04
C LYS O 101 44.75 -3.71 -22.07
N SER O 102 45.19 -2.82 -21.19
CA SER O 102 44.32 -2.20 -20.18
C SER O 102 43.21 -1.36 -20.81
N SER O 103 41.99 -1.53 -20.32
CA SER O 103 40.86 -0.73 -20.76
C SER O 103 40.94 0.75 -20.31
N LYS O 104 41.69 1.02 -19.25
CA LYS O 104 41.76 2.36 -18.64
C LYS O 104 42.08 3.51 -19.60
N GLU O 105 42.84 3.25 -20.67
CA GLU O 105 43.04 4.27 -21.70
C GLU O 105 41.72 4.62 -22.34
N SER O 106 41.11 3.61 -22.97
CA SER O 106 39.97 3.83 -23.85
C SER O 106 38.70 4.31 -23.14
N SER O 107 38.53 3.97 -21.85
CA SER O 107 37.29 4.31 -21.12
C SER O 107 36.98 5.79 -21.21
N GLU O 108 38.00 6.61 -21.00
CA GLU O 108 37.91 8.06 -21.22
C GLU O 108 37.04 8.42 -22.45
N ALA O 109 37.42 7.86 -23.61
CA ALA O 109 36.77 8.16 -24.88
C ALA O 109 35.49 7.39 -25.10
N ARG O 110 35.40 6.15 -24.60
CA ARG O 110 34.17 5.32 -24.72
C ARG O 110 32.99 5.93 -23.96
N LYS O 111 33.27 6.45 -22.77
CA LYS O 111 32.27 7.19 -22.03
C LYS O 111 31.91 8.46 -22.79
N GLY O 112 32.92 9.28 -23.08
CA GLY O 112 32.73 10.51 -23.85
C GLY O 112 31.84 10.35 -25.06
N PHE O 113 32.15 9.37 -25.88
CA PHE O 113 31.39 9.10 -27.10
C PHE O 113 29.91 8.83 -26.83
N SER O 114 29.58 7.93 -25.91
CA SER O 114 28.17 7.63 -25.61
C SER O 114 27.48 8.78 -24.87
N TYR O 115 28.18 9.43 -23.95
CA TYR O 115 27.62 10.58 -23.23
C TYR O 115 27.44 11.80 -24.14
N LEU O 116 28.14 11.82 -25.27
CA LEU O 116 27.90 12.80 -26.31
C LEU O 116 26.50 12.65 -26.90
N VAL O 117 26.17 11.43 -27.31
CA VAL O 117 24.88 11.11 -27.94
C VAL O 117 23.73 11.62 -27.11
N THR O 118 23.79 11.31 -25.83
CA THR O 118 22.86 11.83 -24.85
C THR O 118 22.78 13.38 -24.89
N ALA O 119 23.92 14.04 -24.73
CA ALA O 119 24.01 15.52 -24.69
C ALA O 119 23.45 16.22 -25.93
N THR O 120 23.77 15.71 -27.13
CA THR O 120 23.14 16.14 -28.40
C THR O 120 21.63 15.94 -28.37
N THR O 121 21.20 14.69 -28.12
CA THR O 121 19.77 14.38 -28.02
C THR O 121 19.06 15.39 -27.13
N THR O 122 19.65 15.66 -25.97
CA THR O 122 19.13 16.68 -25.05
C THR O 122 19.01 18.04 -25.70
N VAL O 123 20.08 18.49 -26.37
CA VAL O 123 20.07 19.80 -27.05
C VAL O 123 18.94 19.90 -28.09
N GLY O 124 18.87 18.92 -28.97
CA GLY O 124 17.85 18.87 -30.01
C GLY O 124 16.47 18.95 -29.40
N VAL O 125 16.27 18.17 -28.33
CA VAL O 125 15.02 18.16 -27.57
C VAL O 125 14.72 19.48 -26.86
N ALA O 126 15.74 20.12 -26.32
CA ALA O 126 15.58 21.46 -25.75
C ALA O 126 15.09 22.44 -26.80
N TYR O 127 15.78 22.47 -27.94
CA TYR O 127 15.34 23.30 -29.06
C TYR O 127 13.87 23.02 -29.32
N ALA O 128 13.55 21.74 -29.46
CA ALA O 128 12.21 21.32 -29.86
C ALA O 128 11.17 21.77 -28.85
N ALA O 129 11.46 21.58 -27.57
CA ALA O 129 10.55 21.94 -26.49
C ALA O 129 10.38 23.46 -26.37
N LYS O 130 11.49 24.20 -26.35
CA LYS O 130 11.45 25.66 -26.32
C LYS O 130 10.47 26.18 -27.34
N ASN O 131 10.59 25.64 -28.55
CA ASN O 131 9.75 26.05 -29.66
C ASN O 131 8.28 25.72 -29.50
N VAL O 132 7.90 24.50 -29.14
CA VAL O 132 6.46 24.24 -28.91
C VAL O 132 5.86 25.03 -27.74
N VAL O 133 6.63 25.22 -26.67
CA VAL O 133 6.13 25.94 -25.49
C VAL O 133 5.77 27.36 -25.91
N SER O 134 6.77 28.10 -26.37
CA SER O 134 6.60 29.51 -26.75
C SER O 134 5.49 29.76 -27.78
N GLN O 135 5.20 28.76 -28.60
CA GLN O 135 4.07 28.84 -29.50
C GLN O 135 2.78 28.84 -28.71
N PHE O 136 2.67 27.83 -27.85
CA PHE O 136 1.51 27.66 -27.00
C PHE O 136 1.35 28.86 -26.04
N VAL O 137 2.44 29.51 -25.67
CA VAL O 137 2.35 30.73 -24.90
C VAL O 137 1.84 31.89 -25.73
N SER O 138 2.54 32.17 -26.82
CA SER O 138 2.14 33.20 -27.78
C SER O 138 0.64 33.09 -28.22
N SER O 139 0.06 31.88 -28.13
CA SER O 139 -1.36 31.67 -28.39
C SER O 139 -2.27 32.59 -27.57
N MET O 140 -1.78 33.04 -26.43
CA MET O 140 -2.58 33.81 -25.49
C MET O 140 -2.34 35.32 -25.51
N SER O 141 -1.31 35.78 -26.19
CA SER O 141 -1.09 37.21 -26.35
C SER O 141 -2.00 37.70 -27.43
N ALA O 142 -2.22 39.01 -27.43
CA ALA O 142 -3.16 39.67 -28.35
C ALA O 142 -3.04 39.15 -29.78
N SER O 143 -4.17 38.70 -30.32
CA SER O 143 -4.23 38.22 -31.70
C SER O 143 -4.09 39.40 -32.63
N ALA O 144 -3.89 39.12 -33.92
CA ALA O 144 -3.85 40.18 -34.94
C ALA O 144 -5.20 40.90 -35.08
N ASP O 145 -6.27 40.16 -34.81
CA ASP O 145 -7.65 40.67 -34.67
C ASP O 145 -7.75 41.84 -33.65
N VAL O 146 -7.10 41.67 -32.49
CA VAL O 146 -7.09 42.64 -31.40
C VAL O 146 -6.01 43.72 -31.62
N LEU O 147 -4.87 43.33 -32.15
CA LEU O 147 -3.84 44.30 -32.55
C LEU O 147 -4.28 45.25 -33.66
N ALA O 148 -5.23 44.83 -34.50
CA ALA O 148 -5.79 45.68 -35.56
C ALA O 148 -6.25 47.04 -35.05
N MET O 149 -6.90 47.06 -33.88
CA MET O 149 -7.53 48.26 -33.34
C MET O 149 -6.54 49.06 -32.48
N SER O 150 -5.49 48.40 -32.04
CA SER O 150 -4.61 48.97 -31.03
C SER O 150 -3.77 50.25 -30.99
N LYS O 151 -3.10 50.57 -32.09
CA LYS O 151 -2.09 51.63 -32.07
C LYS O 151 -2.82 52.59 -33.03
N ILE O 152 -3.82 52.07 -33.73
CA ILE O 152 -4.60 52.83 -34.69
C ILE O 152 -5.80 53.46 -33.95
N GLU O 153 -5.98 54.77 -34.15
CA GLU O 153 -7.17 55.47 -33.70
C GLU O 153 -7.38 56.76 -34.52
N ILE O 154 -7.92 56.58 -35.72
CA ILE O 154 -8.33 57.69 -36.62
C ILE O 154 -9.48 58.45 -35.98
N LYS O 155 -9.55 59.78 -36.16
CA LYS O 155 -10.54 60.56 -35.41
C LYS O 155 -11.18 61.81 -36.07
N LEU O 156 -12.06 62.47 -35.32
CA LEU O 156 -13.02 63.47 -35.85
C LEU O 156 -12.82 64.89 -35.24
N SER O 157 -12.83 65.91 -36.10
CA SER O 157 -12.95 67.31 -35.64
C SER O 157 -14.44 67.68 -35.57
N ASP O 158 -15.19 66.96 -34.73
CA ASP O 158 -16.66 67.10 -34.59
C ASP O 158 -17.02 67.52 -33.16
N ILE O 159 -16.22 68.42 -32.63
CA ILE O 159 -16.22 68.74 -31.22
C ILE O 159 -16.50 70.23 -31.03
N PRO O 160 -17.72 70.58 -30.61
CA PRO O 160 -18.01 71.95 -30.16
C PRO O 160 -16.99 72.51 -29.17
N GLU O 161 -16.60 73.77 -29.37
CA GLU O 161 -15.47 74.39 -28.65
C GLU O 161 -15.76 74.57 -27.15
N GLY O 162 -15.46 73.53 -26.38
CA GLY O 162 -15.81 73.45 -24.95
C GLY O 162 -16.32 72.06 -24.60
N LYS O 163 -16.98 71.42 -25.57
CA LYS O 163 -17.58 70.09 -25.43
C LYS O 163 -16.57 68.94 -25.41
N ASN O 164 -16.58 68.18 -24.32
CA ASN O 164 -15.81 66.96 -24.21
C ASN O 164 -16.48 65.82 -24.98
N MET O 165 -15.69 64.81 -25.34
CA MET O 165 -16.18 63.69 -26.13
C MET O 165 -15.46 62.40 -25.73
N ALA O 166 -16.22 61.39 -25.30
CA ALA O 166 -15.63 60.13 -24.82
C ALA O 166 -15.66 59.02 -25.88
N PHE O 167 -14.48 58.47 -26.16
CA PHE O 167 -14.31 57.39 -27.14
C PHE O 167 -13.79 56.13 -26.48
N LYS O 168 -14.35 54.96 -26.84
CA LYS O 168 -13.85 53.67 -26.34
C LYS O 168 -12.63 53.26 -27.13
N TRP O 169 -11.49 53.14 -26.44
CA TRP O 169 -10.21 52.87 -27.10
C TRP O 169 -9.30 52.05 -26.20
N ARG O 170 -8.82 50.93 -26.71
CA ARG O 170 -8.09 49.95 -25.93
C ARG O 170 -8.91 49.56 -24.68
N GLY O 171 -10.23 49.45 -24.87
CA GLY O 171 -11.17 49.21 -23.78
C GLY O 171 -11.07 50.21 -22.65
N LYS O 172 -10.75 51.46 -22.98
CA LYS O 172 -10.64 52.55 -22.01
C LYS O 172 -11.41 53.74 -22.54
N PRO O 173 -11.83 54.65 -21.64
CA PRO O 173 -12.25 55.97 -22.09
C PRO O 173 -11.09 56.83 -22.62
N LEU O 174 -11.32 57.49 -23.77
CA LEU O 174 -10.36 58.40 -24.40
C LEU O 174 -11.08 59.70 -24.67
N PHE O 175 -10.72 60.76 -23.95
CA PHE O 175 -11.41 62.04 -24.10
C PHE O 175 -10.68 62.96 -25.09
N VAL O 176 -11.44 63.74 -25.86
CA VAL O 176 -10.86 64.71 -26.81
C VAL O 176 -11.61 66.04 -26.77
N ARG O 177 -11.13 66.93 -25.92
CA ARG O 177 -11.83 68.17 -25.63
C ARG O 177 -11.32 69.30 -26.54
N HIS O 178 -12.26 69.95 -27.23
CA HIS O 178 -12.04 71.21 -27.93
C HIS O 178 -12.20 72.27 -26.83
N ARG O 179 -11.35 73.31 -26.85
CA ARG O 179 -11.36 74.33 -25.79
C ARG O 179 -11.42 75.76 -26.36
N THR O 180 -12.28 76.60 -25.78
CA THR O 180 -12.26 78.03 -26.11
C THR O 180 -10.94 78.60 -25.65
N LYS O 181 -10.55 79.75 -26.19
CA LYS O 181 -9.36 80.48 -25.72
C LYS O 181 -9.64 81.08 -24.32
N LYS O 182 -10.91 81.31 -24.02
CA LYS O 182 -11.40 81.60 -22.65
C LYS O 182 -10.95 80.51 -21.67
N GLU O 183 -10.96 79.26 -22.15
CA GLU O 183 -10.60 78.09 -21.37
C GLU O 183 -9.09 77.80 -21.44
N ILE O 184 -8.53 77.85 -22.65
CA ILE O 184 -7.09 77.57 -22.87
C ILE O 184 -6.23 78.50 -22.02
N ASP O 185 -6.51 79.80 -22.11
CA ASP O 185 -5.76 80.81 -21.39
C ASP O 185 -5.99 80.66 -19.89
N GLN O 186 -7.25 80.50 -19.51
CA GLN O 186 -7.63 80.26 -18.11
C GLN O 186 -6.82 79.12 -17.50
N GLU O 187 -6.66 78.03 -18.27
CA GLU O 187 -5.92 76.85 -17.82
C GLU O 187 -4.41 77.04 -17.92
N ALA O 188 -3.96 77.57 -19.05
CA ALA O 188 -2.54 77.93 -19.20
C ALA O 188 -2.15 78.86 -18.06
N ALA O 189 -3.04 79.79 -17.74
CA ALA O 189 -2.82 80.75 -16.67
C ALA O 189 -2.84 80.13 -15.26
N VAL O 190 -3.25 78.86 -15.13
CA VAL O 190 -3.23 78.19 -13.82
C VAL O 190 -1.79 78.09 -13.29
N GLU O 191 -1.68 78.20 -11.96
CA GLU O 191 -0.40 78.16 -11.25
C GLU O 191 0.31 76.82 -11.47
N VAL O 192 1.64 76.85 -11.53
CA VAL O 192 2.46 75.69 -11.92
C VAL O 192 3.18 75.00 -10.73
N SER O 193 3.41 75.75 -9.64
CA SER O 193 3.99 75.18 -8.41
C SER O 193 2.94 74.74 -7.37
N GLN O 194 1.69 75.17 -7.57
CA GLN O 194 0.56 74.77 -6.71
C GLN O 194 0.15 73.29 -6.89
N LEU O 195 0.23 72.81 -8.13
CA LEU O 195 -0.28 71.48 -8.49
C LEU O 195 0.52 70.37 -7.84
N ARG O 196 -0.16 69.32 -7.37
CA ARG O 196 0.52 68.21 -6.73
C ARG O 196 1.48 67.56 -7.73
N ASP O 197 1.00 67.42 -8.97
CA ASP O 197 1.84 67.01 -10.10
C ASP O 197 2.20 68.30 -10.83
N PRO O 198 3.35 68.93 -10.48
CA PRO O 198 3.68 70.21 -11.12
C PRO O 198 3.99 70.02 -12.61
N GLN O 199 3.21 70.67 -13.47
CA GLN O 199 3.21 70.38 -14.90
C GLN O 199 2.36 71.43 -15.62
N HIS O 200 2.93 72.07 -16.63
CA HIS O 200 2.22 73.14 -17.34
C HIS O 200 1.34 72.58 -18.46
N ASP O 201 0.20 73.25 -18.67
CA ASP O 201 -0.76 72.85 -19.68
C ASP O 201 -0.04 72.58 -21.00
N LEU O 202 0.93 73.43 -21.34
CA LEU O 202 1.68 73.28 -22.60
C LEU O 202 2.71 72.12 -22.61
N GLU O 203 2.78 71.30 -21.57
CA GLU O 203 3.44 69.99 -21.71
C GLU O 203 2.42 68.82 -21.70
N ARG O 204 1.13 69.15 -21.74
CA ARG O 204 0.07 68.15 -21.76
C ARG O 204 -0.78 68.15 -23.03
N VAL O 205 -0.54 69.14 -23.89
CA VAL O 205 -1.26 69.28 -25.16
C VAL O 205 -0.26 69.62 -26.26
N LYS O 206 -0.57 69.21 -27.47
CA LYS O 206 0.28 69.56 -28.61
C LYS O 206 -0.36 70.66 -29.45
N LYS O 207 -1.65 70.90 -29.25
CA LYS O 207 -2.35 72.00 -29.88
C LYS O 207 -3.32 72.59 -28.86
N PRO O 208 -3.11 73.87 -28.48
CA PRO O 208 -3.84 74.52 -27.37
C PRO O 208 -5.34 74.19 -27.26
N GLU O 209 -6.09 74.27 -28.36
CA GLU O 209 -7.53 73.98 -28.31
C GLU O 209 -7.86 72.49 -28.17
N TRP O 210 -6.89 71.63 -28.44
CA TRP O 210 -7.06 70.18 -28.26
C TRP O 210 -6.29 69.61 -27.08
N VAL O 211 -7.02 69.25 -26.03
CA VAL O 211 -6.48 68.40 -24.97
C VAL O 211 -7.14 67.03 -25.12
N ILE O 212 -6.31 65.99 -25.28
CA ILE O 212 -6.79 64.62 -25.37
C ILE O 212 -6.11 63.75 -24.30
N LEU O 213 -6.92 62.87 -23.69
CA LEU O 213 -6.63 62.26 -22.39
C LEU O 213 -7.16 60.83 -22.24
N ILE O 214 -6.36 60.01 -21.55
CA ILE O 214 -6.74 58.67 -21.10
C ILE O 214 -7.69 58.81 -19.91
N GLY O 215 -8.93 58.36 -20.11
CA GLY O 215 -10.02 58.61 -19.16
C GLY O 215 -10.08 57.75 -17.89
N VAL O 216 -9.08 56.91 -17.70
CA VAL O 216 -8.95 56.14 -16.47
C VAL O 216 -8.50 57.09 -15.34
N CYS O 217 -9.03 56.88 -14.14
CA CYS O 217 -8.58 57.64 -12.95
C CYS O 217 -7.42 56.90 -12.26
N THR O 218 -6.79 57.61 -11.33
CA THR O 218 -5.48 57.22 -10.82
C THR O 218 -5.51 56.38 -9.52
N HIS O 219 -6.33 56.80 -8.55
CA HIS O 219 -6.40 56.14 -7.22
C HIS O 219 -6.96 54.71 -7.01
N LEU O 220 -7.85 54.23 -7.88
CA LEU O 220 -8.04 52.79 -8.08
C LEU O 220 -8.76 53.15 -9.37
N GLY O 221 -8.73 52.28 -10.38
CA GLY O 221 -9.30 52.59 -11.70
C GLY O 221 -10.81 52.81 -11.70
N CYS O 222 -11.22 54.08 -11.74
CA CYS O 222 -12.62 54.48 -11.96
C CYS O 222 -12.65 55.58 -13.01
N VAL O 223 -13.78 55.77 -13.66
CA VAL O 223 -13.88 56.69 -14.79
C VAL O 223 -14.63 57.98 -14.37
N PRO O 224 -13.99 59.16 -14.59
CA PRO O 224 -14.65 60.41 -14.25
C PRO O 224 -15.77 60.81 -15.24
N ILE O 225 -16.49 61.88 -14.88
CA ILE O 225 -17.46 62.51 -15.78
C ILE O 225 -16.93 63.89 -16.15
N ALA O 226 -17.14 64.26 -17.41
CA ALA O 226 -16.62 65.51 -17.96
C ALA O 226 -17.59 66.67 -17.73
N ASN O 227 -17.06 67.89 -17.83
CA ASN O 227 -17.79 69.11 -17.52
C ASN O 227 -18.50 69.00 -16.15
N ALA O 228 -17.69 68.65 -15.13
CA ALA O 228 -18.16 68.46 -13.76
C ALA O 228 -17.00 68.67 -12.79
N GLY O 229 -17.10 69.64 -11.88
CA GLY O 229 -16.05 69.86 -10.88
C GLY O 229 -15.81 71.33 -10.56
N ASP O 230 -15.23 71.55 -9.38
CA ASP O 230 -14.81 72.88 -8.93
C ASP O 230 -14.09 73.67 -10.02
N PHE O 231 -13.15 73.00 -10.69
CA PHE O 231 -12.29 73.65 -11.68
C PHE O 231 -12.84 73.51 -13.11
N GLY O 232 -14.13 73.19 -13.22
CA GLY O 232 -14.79 73.09 -14.51
C GLY O 232 -14.40 71.88 -15.32
N GLY O 233 -13.23 71.31 -15.03
CA GLY O 233 -12.72 70.16 -15.79
C GLY O 233 -13.45 68.88 -15.46
N TYR O 234 -12.69 67.81 -15.21
CA TYR O 234 -13.30 66.49 -14.99
C TYR O 234 -13.51 66.24 -13.49
N TYR O 235 -14.53 65.43 -13.16
CA TYR O 235 -14.82 65.02 -11.77
C TYR O 235 -15.04 63.51 -11.64
N CYS O 236 -14.44 62.93 -10.61
CA CYS O 236 -14.54 61.50 -10.34
C CYS O 236 -15.54 61.20 -9.23
N PRO O 237 -16.65 60.50 -9.54
CA PRO O 237 -17.66 60.19 -8.52
C PRO O 237 -17.21 59.07 -7.60
N CYS O 238 -16.38 58.17 -8.13
CA CYS O 238 -16.04 56.89 -7.48
C CYS O 238 -15.56 57.05 -6.02
N HIS O 239 -14.52 57.86 -5.79
CA HIS O 239 -14.09 58.22 -4.43
C HIS O 239 -13.61 59.69 -4.30
N GLY O 240 -14.10 60.58 -5.17
CA GLY O 240 -14.16 62.04 -4.90
C GLY O 240 -13.12 63.01 -5.46
N SER O 241 -12.45 62.67 -6.57
CA SER O 241 -11.41 63.54 -7.15
C SER O 241 -11.93 64.64 -8.08
N HIS O 242 -11.16 65.73 -8.17
CA HIS O 242 -11.42 66.80 -9.15
C HIS O 242 -10.27 66.91 -10.15
N TYR O 243 -10.57 67.44 -11.33
CA TYR O 243 -9.56 67.68 -12.36
C TYR O 243 -9.89 68.98 -13.09
N ASP O 244 -8.85 69.66 -13.57
CA ASP O 244 -9.04 70.91 -14.33
C ASP O 244 -9.15 70.62 -15.84
N ALA O 245 -9.58 71.61 -16.62
CA ALA O 245 -9.90 71.42 -18.05
C ALA O 245 -8.71 70.93 -18.91
N SER O 246 -7.50 71.10 -18.38
CA SER O 246 -6.29 70.55 -18.97
C SER O 246 -6.02 69.09 -18.58
N GLY O 247 -6.88 68.52 -17.74
CA GLY O 247 -6.67 67.16 -17.22
C GLY O 247 -5.76 67.05 -15.99
N ARG O 248 -5.27 68.17 -15.46
CA ARG O 248 -4.43 68.14 -14.27
C ARG O 248 -5.25 67.87 -13.04
N ILE O 249 -4.62 67.19 -12.08
CA ILE O 249 -5.22 66.94 -10.80
C ILE O 249 -5.17 68.22 -9.99
N ARG O 250 -6.30 68.56 -9.37
CA ARG O 250 -6.37 69.67 -8.43
C ARG O 250 -6.65 69.09 -7.03
N LYS O 251 -7.84 68.54 -6.83
CA LYS O 251 -8.26 68.04 -5.51
C LYS O 251 -8.73 66.60 -5.58
N GLY O 252 -8.95 66.02 -4.39
CA GLY O 252 -9.44 64.65 -4.29
C GLY O 252 -8.36 63.70 -3.81
N PRO O 253 -8.69 62.39 -3.73
CA PRO O 253 -7.71 61.40 -3.34
C PRO O 253 -6.64 61.06 -4.40
N ALA O 254 -6.82 61.51 -5.63
CA ALA O 254 -5.90 61.14 -6.72
C ALA O 254 -4.47 61.65 -6.46
N PRO O 255 -3.45 60.91 -6.94
CA PRO O 255 -2.07 61.34 -6.77
C PRO O 255 -1.48 62.16 -7.92
N LEU O 256 -1.82 61.82 -9.17
CA LEU O 256 -1.24 62.45 -10.36
C LEU O 256 -2.32 63.04 -11.24
N ASN O 257 -1.89 63.80 -12.25
CA ASN O 257 -2.75 64.30 -13.32
C ASN O 257 -3.21 63.13 -14.22
N LEU O 258 -4.16 63.39 -15.12
CA LEU O 258 -4.60 62.38 -16.11
C LEU O 258 -3.44 62.03 -17.06
N GLU O 259 -3.46 60.84 -17.66
CA GLU O 259 -2.37 60.45 -18.55
C GLU O 259 -2.60 60.98 -19.95
N VAL O 260 -1.49 61.25 -20.66
CA VAL O 260 -1.55 61.78 -22.03
C VAL O 260 -1.10 60.67 -22.98
N PRO O 261 -1.99 60.22 -23.88
CA PRO O 261 -1.58 59.18 -24.82
C PRO O 261 -0.72 59.72 -25.96
N SER O 262 -0.02 58.84 -26.67
CA SER O 262 0.80 59.27 -27.79
C SER O 262 -0.11 59.65 -28.96
N TYR O 263 0.10 60.82 -29.55
CA TYR O 263 -0.68 61.22 -30.74
C TYR O 263 0.07 62.05 -31.78
N GLU O 264 -0.44 62.00 -33.02
CA GLU O 264 0.03 62.88 -34.09
C GLU O 264 -1.16 63.27 -34.97
N PHE O 265 -1.33 64.58 -35.17
CA PHE O 265 -2.50 65.09 -35.90
C PHE O 265 -2.36 64.85 -37.41
N THR O 266 -2.86 63.69 -37.87
CA THR O 266 -2.68 63.26 -39.27
C THR O 266 -3.11 64.32 -40.32
N SER O 267 -4.38 64.74 -40.27
CA SER O 267 -4.86 65.84 -41.10
C SER O 267 -5.19 66.95 -40.12
N ASP O 268 -5.87 68.01 -40.58
CA ASP O 268 -6.40 69.03 -39.65
C ASP O 268 -7.91 68.85 -39.45
N ASP O 269 -8.42 67.69 -39.87
CA ASP O 269 -9.72 67.19 -39.46
C ASP O 269 -9.57 65.98 -38.51
N MET O 270 -8.39 65.34 -38.53
CA MET O 270 -8.16 64.08 -37.82
C MET O 270 -7.03 64.15 -36.80
N VAL O 271 -7.12 63.33 -35.74
CA VAL O 271 -6.01 63.04 -34.80
C VAL O 271 -5.79 61.53 -34.70
N ILE O 272 -4.55 61.08 -34.50
CA ILE O 272 -4.24 59.63 -34.35
C ILE O 272 -3.55 59.29 -33.03
N VAL O 273 -4.11 58.30 -32.34
CA VAL O 273 -3.75 58.00 -30.96
C VAL O 273 -3.26 56.54 -30.84
N GLY O 274 -2.15 56.36 -30.14
CA GLY O 274 -1.52 55.05 -29.97
C GLY O 274 0.01 55.13 -30.00
N TRP P 13 -3.66 -39.19 -43.68
CA TRP P 13 -3.98 -39.61 -42.27
C TRP P 13 -3.87 -38.41 -41.34
N LEU P 14 -4.44 -38.53 -40.14
CA LEU P 14 -4.35 -37.44 -39.15
C LEU P 14 -2.91 -37.19 -38.73
N GLU P 15 -2.15 -38.27 -38.53
CA GLU P 15 -0.84 -38.19 -37.91
C GLU P 15 0.16 -37.43 -38.78
N GLY P 16 -0.18 -37.26 -40.06
CA GLY P 16 0.57 -36.41 -40.95
C GLY P 16 0.25 -34.97 -40.66
N ILE P 17 -1.04 -34.67 -40.50
CA ILE P 17 -1.49 -33.30 -40.21
C ILE P 17 -0.91 -32.83 -38.87
N ARG P 18 -1.17 -33.61 -37.82
CA ARG P 18 -0.55 -33.39 -36.52
C ARG P 18 0.94 -33.03 -36.65
N LYS P 19 1.69 -33.87 -37.36
CA LYS P 19 3.14 -33.66 -37.58
C LYS P 19 3.40 -32.31 -38.24
N TRP P 20 2.60 -31.99 -39.24
CA TRP P 20 2.77 -30.74 -39.96
C TRP P 20 2.47 -29.60 -38.99
N TYR P 21 1.25 -29.59 -38.47
CA TYR P 21 0.83 -28.52 -37.58
C TYR P 21 1.83 -28.32 -36.45
N TYR P 22 2.22 -29.40 -35.79
CA TYR P 22 3.19 -29.26 -34.71
C TYR P 22 4.33 -28.38 -35.17
N ASN P 23 4.83 -28.65 -36.37
CA ASN P 23 6.01 -27.93 -36.86
C ASN P 23 5.68 -26.50 -37.37
N ALA P 24 4.45 -26.31 -37.83
CA ALA P 24 3.96 -25.00 -38.20
C ALA P 24 3.80 -24.08 -37.00
N ALA P 25 3.23 -24.61 -35.91
CA ALA P 25 3.06 -23.85 -34.67
C ALA P 25 4.38 -23.21 -34.33
N GLY P 26 5.40 -24.07 -34.23
CA GLY P 26 6.78 -23.59 -34.25
C GLY P 26 7.27 -23.11 -32.92
N PHE P 27 6.69 -23.61 -31.83
CA PHE P 27 7.32 -23.44 -30.52
C PHE P 27 8.69 -24.16 -30.42
N ASN P 28 8.85 -25.20 -31.25
CA ASN P 28 10.05 -26.03 -31.20
C ASN P 28 11.25 -25.20 -31.58
N LYS P 29 11.06 -24.24 -32.46
CA LYS P 29 12.17 -23.40 -32.88
C LYS P 29 12.84 -22.68 -31.69
N LEU P 30 12.11 -22.56 -30.58
CA LEU P 30 12.62 -21.95 -29.35
C LEU P 30 13.03 -22.98 -28.29
N GLY P 31 13.03 -24.25 -28.66
CA GLY P 31 13.35 -25.31 -27.71
C GLY P 31 12.32 -25.36 -26.60
N LEU P 32 11.06 -25.35 -26.99
CA LEU P 32 9.98 -25.44 -26.03
C LEU P 32 9.19 -26.71 -26.28
N MET P 33 8.84 -27.41 -25.21
CA MET P 33 7.90 -28.52 -25.29
C MET P 33 6.47 -28.00 -25.22
N ARG P 34 5.55 -28.73 -25.84
CA ARG P 34 4.13 -28.38 -25.83
C ARG P 34 3.66 -27.92 -24.45
N ASP P 35 3.82 -28.78 -23.44
CA ASP P 35 3.38 -28.49 -22.07
C ASP P 35 4.07 -27.28 -21.40
N ASP P 36 5.00 -26.64 -22.10
CA ASP P 36 5.55 -25.37 -21.64
C ASP P 36 4.73 -24.18 -22.07
N THR P 37 3.85 -24.37 -23.05
CA THR P 37 3.00 -23.28 -23.53
C THR P 37 1.57 -23.30 -22.98
N ILE P 38 1.25 -24.32 -22.18
CA ILE P 38 -0.11 -24.45 -21.68
C ILE P 38 -0.49 -23.15 -20.99
N HIS P 39 -1.76 -22.77 -21.12
CA HIS P 39 -2.28 -21.55 -20.50
C HIS P 39 -2.26 -21.69 -18.96
N GLU P 40 -1.49 -20.83 -18.30
CA GLU P 40 -1.45 -20.77 -16.83
C GLU P 40 -2.86 -20.61 -16.28
N ASN P 41 -3.19 -21.34 -15.23
CA ASN P 41 -4.57 -21.44 -14.76
C ASN P 41 -4.60 -22.33 -13.54
N ASP P 42 -5.53 -22.10 -12.61
CA ASP P 42 -5.58 -22.82 -11.32
C ASP P 42 -5.08 -24.27 -11.38
N ASP P 43 -5.73 -25.10 -12.21
CA ASP P 43 -5.31 -26.52 -12.44
C ASP P 43 -3.87 -26.68 -12.88
N VAL P 44 -3.51 -25.92 -13.89
CA VAL P 44 -2.14 -25.88 -14.38
C VAL P 44 -1.17 -25.44 -13.28
N LYS P 45 -1.52 -24.34 -12.61
CA LYS P 45 -0.68 -23.77 -11.55
C LYS P 45 -0.41 -24.85 -10.55
N GLU P 46 -1.48 -25.55 -10.16
CA GLU P 46 -1.39 -26.63 -9.18
C GLU P 46 -0.55 -27.79 -9.71
N ALA P 47 -0.89 -28.32 -10.89
CA ALA P 47 -0.07 -29.37 -11.49
C ALA P 47 1.41 -29.02 -11.38
N ILE P 48 1.78 -27.82 -11.85
CA ILE P 48 3.15 -27.32 -11.79
C ILE P 48 3.80 -27.39 -10.39
N ARG P 49 3.06 -26.98 -9.35
CA ARG P 49 3.55 -27.03 -7.96
C ARG P 49 3.92 -28.44 -7.59
N ARG P 50 3.11 -29.39 -8.07
CA ARG P 50 3.33 -30.82 -7.81
C ARG P 50 4.56 -31.42 -8.54
N LEU P 51 4.97 -30.82 -9.66
CA LEU P 51 6.13 -31.30 -10.42
C LEU P 51 7.35 -31.44 -9.52
N PRO P 52 8.21 -32.44 -9.80
CA PRO P 52 9.47 -32.64 -9.05
C PRO P 52 10.60 -31.70 -9.44
N GLU P 53 11.51 -31.44 -8.49
CA GLU P 53 12.61 -30.48 -8.65
C GLU P 53 13.20 -30.41 -10.05
N ASN P 54 13.66 -31.55 -10.55
CA ASN P 54 14.22 -31.62 -11.88
C ASN P 54 13.24 -31.16 -12.98
N LEU P 55 12.10 -31.83 -13.09
CA LEU P 55 11.14 -31.52 -14.15
C LEU P 55 10.73 -30.04 -14.14
N TYR P 56 10.52 -29.48 -12.93
CA TYR P 56 10.23 -28.05 -12.73
C TYR P 56 11.42 -27.19 -13.19
N ASP P 57 12.58 -27.37 -12.57
CA ASP P 57 13.81 -26.63 -12.95
C ASP P 57 14.11 -26.61 -14.48
N ASP P 58 13.85 -27.73 -15.12
CA ASP P 58 14.00 -27.87 -16.57
C ASP P 58 13.10 -26.88 -17.32
N ARG P 59 11.81 -26.98 -17.02
CA ARG P 59 10.77 -26.12 -17.61
C ARG P 59 11.09 -24.62 -17.45
N VAL P 60 11.53 -24.28 -16.23
CA VAL P 60 12.01 -22.95 -15.92
C VAL P 60 13.03 -22.55 -16.98
N PHE P 61 14.06 -23.38 -17.19
CA PHE P 61 15.14 -23.02 -18.12
C PHE P 61 14.74 -23.02 -19.57
N ARG P 62 14.01 -24.04 -19.99
CA ARG P 62 13.43 -24.04 -21.33
C ARG P 62 12.76 -22.69 -21.63
N ILE P 63 11.91 -22.24 -20.68
CA ILE P 63 11.16 -20.99 -20.80
C ILE P 63 12.03 -19.73 -20.68
N LYS P 64 12.97 -19.75 -19.77
CA LYS P 64 13.91 -18.63 -19.61
C LYS P 64 14.75 -18.41 -20.88
N ARG P 65 15.03 -19.48 -21.60
CA ARG P 65 15.78 -19.41 -22.85
C ARG P 65 14.87 -19.02 -24.00
N ALA P 66 13.66 -19.58 -24.03
CA ALA P 66 12.65 -19.19 -25.04
C ALA P 66 12.24 -17.72 -24.99
N LEU P 67 12.17 -17.15 -23.79
CA LEU P 67 11.85 -15.72 -23.64
C LEU P 67 13.02 -14.87 -24.12
N ASP P 68 14.22 -15.20 -23.68
CA ASP P 68 15.44 -14.53 -24.16
C ASP P 68 15.56 -14.55 -25.69
N LEU P 69 15.27 -15.69 -26.32
CA LEU P 69 15.22 -15.73 -27.77
C LEU P 69 14.17 -14.75 -28.29
N SER P 70 12.94 -14.87 -27.80
CA SER P 70 11.84 -14.01 -28.29
C SER P 70 12.19 -12.51 -28.27
N MET P 71 12.92 -12.11 -27.24
CA MET P 71 13.37 -10.72 -27.06
C MET P 71 14.34 -10.32 -28.15
N ARG P 72 15.27 -11.22 -28.46
CA ARG P 72 16.27 -10.98 -29.49
C ARG P 72 15.62 -11.10 -30.87
N GLN P 73 14.50 -11.80 -30.93
CA GLN P 73 13.74 -12.04 -32.14
C GLN P 73 14.32 -13.19 -32.96
N GLN P 74 15.23 -13.96 -32.39
CA GLN P 74 15.87 -15.06 -33.10
C GLN P 74 15.31 -16.39 -32.63
N ILE P 75 15.73 -17.46 -33.34
CA ILE P 75 15.38 -18.83 -32.97
C ILE P 75 16.64 -19.69 -32.85
N LEU P 76 16.43 -20.94 -32.46
CA LEU P 76 17.51 -21.89 -32.26
C LEU P 76 17.93 -22.47 -33.58
N PRO P 77 19.18 -22.99 -33.64
CA PRO P 77 19.62 -23.64 -34.88
C PRO P 77 18.79 -24.87 -35.18
N LYS P 78 18.57 -25.15 -36.47
CA LYS P 78 17.68 -26.23 -36.88
C LYS P 78 17.80 -27.45 -35.97
N GLU P 79 19.02 -27.79 -35.55
CA GLU P 79 19.29 -29.04 -34.83
C GLU P 79 18.71 -29.10 -33.46
N GLN P 80 18.68 -27.96 -32.78
CA GLN P 80 18.26 -27.91 -31.37
C GLN P 80 16.76 -27.73 -31.21
N TRP P 81 16.02 -27.75 -32.31
CA TRP P 81 14.55 -27.69 -32.29
C TRP P 81 13.96 -28.92 -31.61
N THR P 82 12.88 -28.69 -30.87
CA THR P 82 12.18 -29.77 -30.19
C THR P 82 11.50 -30.61 -31.28
N LYS P 83 11.68 -31.91 -31.19
CA LYS P 83 11.27 -32.82 -32.24
C LYS P 83 9.96 -33.51 -31.84
N TYR P 84 8.96 -33.49 -32.71
CA TYR P 84 7.69 -34.20 -32.46
C TYR P 84 7.90 -35.57 -31.80
N GLU P 85 8.66 -36.46 -32.43
CA GLU P 85 8.88 -37.80 -31.91
C GLU P 85 9.37 -37.80 -30.46
N GLU P 86 10.27 -36.88 -30.11
CA GLU P 86 10.92 -36.83 -28.78
C GLU P 86 10.23 -35.93 -27.73
N ASP P 87 9.14 -35.24 -28.11
CA ASP P 87 8.48 -34.23 -27.26
C ASP P 87 7.72 -34.80 -26.05
N LYS P 88 8.31 -34.66 -24.87
CA LYS P 88 7.76 -35.21 -23.63
C LYS P 88 6.57 -34.42 -23.16
N SER P 89 5.53 -35.13 -22.76
CA SER P 89 4.31 -34.54 -22.24
C SER P 89 4.39 -34.56 -20.71
N TYR P 90 5.44 -34.00 -20.16
CA TYR P 90 5.78 -34.16 -18.72
C TYR P 90 4.69 -33.74 -17.75
N LEU P 91 3.94 -32.69 -18.11
CA LEU P 91 2.92 -32.12 -17.22
C LEU P 91 1.58 -32.86 -17.26
N GLU P 92 1.34 -33.63 -18.32
CA GLU P 92 0.04 -34.27 -18.54
C GLU P 92 -0.43 -35.16 -17.36
N PRO P 93 0.38 -36.15 -16.95
CA PRO P 93 -0.14 -37.08 -15.93
C PRO P 93 -0.53 -36.42 -14.58
N TYR P 94 0.14 -35.32 -14.26
CA TYR P 94 -0.11 -34.57 -13.03
C TYR P 94 -1.41 -33.79 -13.12
N LEU P 95 -1.58 -33.10 -14.22
CA LEU P 95 -2.74 -32.24 -14.42
C LEU P 95 -4.03 -33.05 -14.39
N LYS P 96 -4.04 -34.14 -15.17
CA LYS P 96 -5.23 -34.96 -15.28
C LYS P 96 -5.79 -35.26 -13.89
N GLU P 97 -4.91 -35.58 -12.96
CA GLU P 97 -5.27 -35.84 -11.57
C GLU P 97 -5.83 -34.58 -10.87
N VAL P 98 -5.09 -33.49 -10.94
CA VAL P 98 -5.58 -32.22 -10.41
C VAL P 98 -7.01 -31.96 -10.86
N ILE P 99 -7.25 -32.16 -12.16
CA ILE P 99 -8.61 -31.98 -12.70
C ILE P 99 -9.59 -32.97 -12.07
N ARG P 100 -9.27 -34.26 -12.11
CA ARG P 100 -10.23 -35.27 -11.68
C ARG P 100 -10.63 -35.06 -10.20
N GLU P 101 -9.65 -34.71 -9.38
CA GLU P 101 -9.89 -34.42 -7.97
C GLU P 101 -10.89 -33.28 -7.81
N ARG P 102 -10.81 -32.28 -8.68
CA ARG P 102 -11.73 -31.13 -8.68
C ARG P 102 -13.12 -31.49 -9.19
N LYS P 103 -13.18 -32.35 -10.20
CA LYS P 103 -14.46 -32.86 -10.69
C LYS P 103 -15.16 -33.68 -9.60
N GLU P 104 -14.40 -34.53 -8.92
CA GLU P 104 -14.87 -35.19 -7.70
C GLU P 104 -15.40 -34.16 -6.67
N ARG P 105 -14.59 -33.15 -6.37
CA ARG P 105 -14.98 -32.06 -5.44
C ARG P 105 -16.29 -31.37 -5.82
N GLU P 106 -16.53 -31.21 -7.12
CA GLU P 106 -17.77 -30.61 -7.61
C GLU P 106 -18.93 -31.60 -7.55
N GLU P 107 -18.72 -32.82 -8.03
CA GLU P 107 -19.74 -33.87 -7.96
C GLU P 107 -20.29 -34.03 -6.56
N TRP P 108 -19.37 -34.16 -5.62
CA TRP P 108 -19.67 -34.32 -4.20
C TRP P 108 -20.48 -33.13 -3.69
N ALA P 109 -20.15 -31.92 -4.13
CA ALA P 109 -20.91 -30.70 -3.80
C ALA P 109 -22.30 -30.60 -4.45
N LYS P 110 -22.50 -31.29 -5.58
CA LYS P 110 -23.73 -31.12 -6.38
C LYS P 110 -24.92 -31.99 -5.92
N LYS P 111 -24.67 -32.96 -5.03
CA LYS P 111 -25.71 -33.92 -4.60
C LYS P 111 -27.04 -33.27 -4.19
N ARG Q 3 3.65 -7.08 -6.79
CA ARG Q 3 4.69 -8.15 -6.87
C ARG Q 3 5.94 -7.51 -7.40
N GLN Q 4 7.07 -7.82 -6.77
CA GLN Q 4 8.34 -7.18 -7.13
C GLN Q 4 9.52 -8.11 -6.95
N PHE Q 5 10.68 -7.64 -7.40
CA PHE Q 5 11.87 -8.47 -7.39
C PHE Q 5 12.14 -8.95 -5.96
N GLY Q 6 12.38 -10.24 -5.83
CA GLY Q 6 12.53 -10.90 -4.55
C GLY Q 6 11.42 -11.91 -4.40
N HIS Q 7 10.22 -11.50 -4.82
CA HIS Q 7 8.99 -12.28 -4.61
C HIS Q 7 8.33 -12.80 -5.89
N LEU Q 8 9.00 -12.75 -7.04
CA LEU Q 8 8.35 -13.15 -8.29
C LEU Q 8 8.19 -14.66 -8.42
N THR Q 9 9.28 -15.42 -8.47
CA THR Q 9 9.20 -16.88 -8.49
C THR Q 9 10.51 -17.57 -8.08
N ARG Q 10 10.50 -18.90 -8.05
CA ARG Q 10 11.68 -19.68 -7.70
C ARG Q 10 12.38 -20.15 -8.97
N VAL Q 11 13.66 -19.78 -9.07
CA VAL Q 11 14.55 -20.18 -10.15
C VAL Q 11 15.82 -20.79 -9.58
N ARG Q 12 16.17 -21.98 -10.05
CA ARG Q 12 17.37 -22.67 -9.59
C ARG Q 12 18.30 -23.06 -10.73
N HIS Q 13 19.60 -22.90 -10.45
CA HIS Q 13 20.68 -23.42 -11.27
C HIS Q 13 20.76 -22.76 -12.64
N VAL Q 14 20.71 -21.45 -12.67
CA VAL Q 14 20.79 -20.71 -13.91
C VAL Q 14 21.81 -19.63 -13.74
N ILE Q 15 22.68 -19.46 -14.74
CA ILE Q 15 23.74 -18.45 -14.70
C ILE Q 15 23.57 -17.49 -15.87
N THR Q 16 23.62 -16.18 -15.59
CA THR Q 16 23.49 -15.15 -16.61
C THR Q 16 24.75 -14.29 -16.67
N TYR Q 17 25.36 -14.22 -17.85
CA TYR Q 17 26.57 -13.44 -18.09
C TYR Q 17 26.12 -12.24 -18.90
N SER Q 18 26.59 -11.06 -18.52
CA SER Q 18 26.23 -9.82 -19.25
C SER Q 18 27.40 -8.84 -19.20
N LEU Q 19 27.28 -7.77 -19.97
CA LEU Q 19 28.45 -6.92 -20.24
C LEU Q 19 28.07 -5.43 -20.30
N SER Q 20 28.97 -4.59 -19.80
CA SER Q 20 28.67 -3.17 -19.63
C SER Q 20 28.31 -2.58 -20.97
N PRO Q 21 27.28 -1.72 -20.98
CA PRO Q 21 27.00 -1.03 -22.22
C PRO Q 21 28.19 -0.20 -22.66
N PHE Q 22 29.03 0.22 -21.74
CA PHE Q 22 30.24 0.92 -22.15
C PHE Q 22 31.35 0.03 -22.71
N GLU Q 23 31.33 -1.25 -22.36
CA GLU Q 23 32.32 -2.19 -22.88
C GLU Q 23 31.90 -2.79 -24.22
N GLN Q 24 30.69 -2.50 -24.71
CA GLN Q 24 30.22 -3.15 -25.97
C GLN Q 24 29.61 -2.24 -27.04
N ARG Q 25 29.50 -2.81 -28.23
CA ARG Q 25 29.08 -2.09 -29.43
C ARG Q 25 27.58 -1.97 -29.46
N ALA Q 26 27.11 -0.76 -29.76
CA ALA Q 26 25.69 -0.48 -29.76
C ALA Q 26 25.00 -1.24 -30.89
N PHE Q 27 25.52 -1.07 -32.11
CA PHE Q 27 24.93 -1.67 -33.32
C PHE Q 27 25.84 -2.77 -33.88
N PRO Q 28 25.96 -3.92 -33.19
CA PRO Q 28 26.83 -4.97 -33.72
C PRO Q 28 26.20 -5.75 -34.87
N HIS Q 29 27.01 -6.08 -35.87
CA HIS Q 29 26.59 -6.88 -37.01
C HIS Q 29 25.20 -6.49 -37.51
N TYR Q 30 24.99 -5.18 -37.66
CA TYR Q 30 23.63 -4.64 -37.86
C TYR Q 30 22.96 -5.17 -39.13
N PHE Q 31 23.64 -4.98 -40.26
CA PHE Q 31 23.19 -5.48 -41.55
C PHE Q 31 23.74 -6.90 -41.79
N SER Q 32 25.00 -7.13 -41.40
CA SER Q 32 25.61 -8.47 -41.45
C SER Q 32 24.60 -9.56 -41.04
N LYS Q 33 24.10 -9.49 -39.81
CA LYS Q 33 23.16 -10.49 -39.28
C LYS Q 33 21.69 -10.00 -39.18
N GLY Q 34 21.49 -8.70 -39.34
CA GLY Q 34 20.15 -8.16 -39.35
C GLY Q 34 19.37 -8.61 -40.56
N ILE Q 35 19.77 -8.11 -41.74
CA ILE Q 35 19.02 -8.31 -42.98
C ILE Q 35 18.54 -9.75 -43.18
N PRO Q 36 19.45 -10.74 -43.06
CA PRO Q 36 18.99 -12.13 -43.15
C PRO Q 36 17.92 -12.48 -42.12
N ASN Q 37 18.13 -12.08 -40.86
CA ASN Q 37 17.17 -12.38 -39.81
C ASN Q 37 15.82 -11.78 -40.14
N VAL Q 38 15.81 -10.54 -40.63
CA VAL Q 38 14.58 -9.85 -41.02
C VAL Q 38 13.87 -10.63 -42.10
N LEU Q 39 14.63 -11.03 -43.11
CA LEU Q 39 14.10 -11.78 -44.24
C LEU Q 39 13.48 -13.10 -43.77
N ARG Q 40 14.16 -13.82 -42.88
CA ARG Q 40 13.59 -15.06 -42.30
C ARG Q 40 12.28 -14.82 -41.58
N ARG Q 41 12.24 -13.73 -40.81
CA ARG Q 41 11.06 -13.35 -40.08
C ARG Q 41 9.89 -13.04 -41.01
N THR Q 42 10.18 -12.34 -42.11
CA THR Q 42 9.19 -12.06 -43.14
C THR Q 42 8.70 -13.33 -43.82
N ARG Q 43 9.65 -14.19 -44.16
CA ARG Q 43 9.36 -15.49 -44.73
C ARG Q 43 8.46 -16.28 -43.79
N ALA Q 44 8.82 -16.32 -42.50
CA ALA Q 44 8.02 -17.04 -41.50
C ALA Q 44 6.53 -16.72 -41.63
N CYS Q 45 6.18 -15.44 -41.52
CA CYS Q 45 4.80 -15.02 -41.33
C CYS Q 45 4.00 -14.71 -42.61
N ILE Q 46 4.70 -14.45 -43.71
CA ILE Q 46 4.11 -13.82 -44.91
C ILE Q 46 2.87 -14.50 -45.48
N LEU Q 47 2.85 -15.83 -45.47
CA LEU Q 47 1.71 -16.54 -46.05
C LEU Q 47 0.51 -16.60 -45.10
N ARG Q 48 0.72 -16.34 -43.81
CA ARG Q 48 -0.40 -16.17 -42.85
C ARG Q 48 -1.00 -14.76 -42.98
N VAL Q 49 -0.15 -13.74 -43.07
CA VAL Q 49 -0.58 -12.35 -43.15
C VAL Q 49 -1.17 -11.94 -44.52
N ALA Q 50 -0.37 -12.12 -45.57
CA ALA Q 50 -0.60 -11.50 -46.89
C ALA Q 50 -1.82 -11.96 -47.70
N PRO Q 51 -2.13 -13.26 -47.69
CA PRO Q 51 -3.33 -13.66 -48.47
C PRO Q 51 -4.62 -12.85 -48.19
N PRO Q 52 -5.02 -12.68 -46.92
CA PRO Q 52 -6.15 -11.81 -46.61
C PRO Q 52 -6.09 -10.40 -47.21
N PHE Q 53 -4.91 -9.77 -47.24
CA PHE Q 53 -4.77 -8.43 -47.82
C PHE Q 53 -4.74 -8.41 -49.35
N VAL Q 54 -4.03 -9.36 -49.95
CA VAL Q 54 -4.15 -9.60 -51.39
C VAL Q 54 -5.63 -9.67 -51.78
N ALA Q 55 -6.36 -10.57 -51.12
CA ALA Q 55 -7.80 -10.72 -51.30
C ALA Q 55 -8.53 -9.38 -51.15
N PHE Q 56 -8.09 -8.53 -50.23
CA PHE Q 56 -8.65 -7.19 -50.13
C PHE Q 56 -8.40 -6.41 -51.41
N TYR Q 57 -7.13 -6.40 -51.83
CA TYR Q 57 -6.76 -5.72 -53.07
C TYR Q 57 -7.63 -6.13 -54.27
N LEU Q 58 -7.84 -7.44 -54.45
CA LEU Q 58 -8.67 -7.98 -55.54
C LEU Q 58 -10.10 -7.42 -55.46
N VAL Q 59 -10.76 -7.66 -54.33
CA VAL Q 59 -12.14 -7.21 -54.13
C VAL Q 59 -12.25 -5.69 -54.24
N TYR Q 60 -11.21 -4.96 -53.84
CA TYR Q 60 -11.19 -3.50 -53.94
C TYR Q 60 -11.28 -3.12 -55.41
N THR Q 61 -10.20 -3.36 -56.15
CA THR Q 61 -10.11 -2.90 -57.54
C THR Q 61 -11.31 -3.42 -58.34
N TRP Q 62 -11.66 -4.68 -58.15
CA TRP Q 62 -12.88 -5.23 -58.76
C TRP Q 62 -14.14 -4.38 -58.53
N GLY Q 63 -14.57 -4.28 -57.27
CA GLY Q 63 -15.81 -3.60 -56.93
C GLY Q 63 -15.78 -2.14 -57.34
N THR Q 64 -14.58 -1.57 -57.42
CA THR Q 64 -14.38 -0.18 -57.81
C THR Q 64 -14.58 0.02 -59.31
N GLN Q 65 -13.79 -0.68 -60.13
CA GLN Q 65 -13.96 -0.64 -61.59
C GLN Q 65 -15.36 -1.18 -61.99
N GLU Q 66 -15.89 -2.11 -61.20
CA GLU Q 66 -17.27 -2.57 -61.37
C GLU Q 66 -18.31 -1.52 -60.96
N PHE Q 67 -18.01 -0.69 -59.97
CA PHE Q 67 -18.87 0.46 -59.64
C PHE Q 67 -18.81 1.49 -60.78
N GLU Q 68 -17.66 1.59 -61.44
CA GLU Q 68 -17.52 2.52 -62.55
C GLU Q 68 -18.22 2.06 -63.83
N LYS Q 69 -18.28 0.75 -64.08
CA LYS Q 69 -19.09 0.23 -65.18
C LYS Q 69 -20.56 0.64 -65.01
N SER Q 70 -21.17 0.18 -63.91
CA SER Q 70 -22.59 0.40 -63.63
C SER Q 70 -23.07 1.87 -63.59
N LYS Q 71 -22.12 2.81 -63.51
CA LYS Q 71 -22.42 4.23 -63.50
C LYS Q 71 -22.43 4.87 -64.92
N ARG Q 72 -21.89 4.15 -65.91
CA ARG Q 72 -21.45 4.75 -67.18
C ARG Q 72 -22.55 5.10 -68.20
N LYS Q 73 -23.11 4.07 -68.83
CA LYS Q 73 -23.95 4.26 -69.99
C LYS Q 73 -24.53 2.91 -70.32
N ASN Q 74 -25.28 2.84 -71.41
CA ASN Q 74 -25.85 1.59 -71.85
C ASN Q 74 -25.40 1.25 -73.24
N PRO Q 75 -25.67 0.01 -73.66
CA PRO Q 75 -25.57 -0.16 -75.06
C PRO Q 75 -26.97 0.26 -75.64
N ALA Q 76 -28.00 0.35 -74.76
CA ALA Q 76 -29.48 0.35 -75.02
C ALA Q 76 -30.01 1.66 -75.64
N LEU R 26 -4.18 39.61 -79.37
CA LEU R 26 -3.62 38.72 -78.31
C LEU R 26 -4.25 37.31 -78.34
N VAL R 27 -3.42 36.26 -78.19
CA VAL R 27 -3.91 34.87 -78.18
C VAL R 27 -3.45 34.06 -76.95
N ASP R 28 -4.32 33.15 -76.52
CA ASP R 28 -4.18 32.39 -75.28
C ASP R 28 -3.36 31.11 -75.43
N PRO R 29 -2.25 30.99 -74.67
CA PRO R 29 -1.45 29.75 -74.66
C PRO R 29 -2.28 28.49 -74.58
N LEU R 30 -3.43 28.60 -73.90
CA LEU R 30 -4.39 27.50 -73.78
C LEU R 30 -4.92 27.00 -75.11
N THR R 31 -5.41 27.94 -75.92
CA THR R 31 -6.06 27.60 -77.19
C THR R 31 -5.11 26.97 -78.21
N THR R 32 -3.80 27.10 -78.00
CA THR R 32 -2.78 26.36 -78.77
C THR R 32 -2.58 24.95 -78.20
N VAL R 33 -2.38 24.85 -76.87
CA VAL R 33 -2.04 23.58 -76.22
C VAL R 33 -3.19 22.56 -76.32
N ARG R 34 -4.43 23.04 -76.29
CA ARG R 34 -5.57 22.16 -76.56
C ARG R 34 -5.44 21.59 -77.97
N GLU R 35 -5.33 22.48 -78.98
CA GLU R 35 -5.16 22.06 -80.37
C GLU R 35 -4.11 20.98 -80.43
N GLN R 36 -2.90 21.30 -79.96
CA GLN R 36 -1.77 20.37 -80.03
C GLN R 36 -2.01 19.10 -79.24
N CYS R 37 -2.74 19.19 -78.11
CA CYS R 37 -3.00 17.99 -77.30
C CYS R 37 -4.03 17.06 -77.93
N GLU R 38 -5.10 17.62 -78.52
CA GLU R 38 -6.16 16.78 -79.12
C GLU R 38 -5.78 16.16 -80.49
N GLN R 39 -4.47 16.18 -80.80
CA GLN R 39 -3.91 15.38 -81.87
C GLN R 39 -3.90 13.93 -81.44
N LEU R 40 -3.42 13.71 -80.21
CA LEU R 40 -2.98 12.38 -79.74
C LEU R 40 -4.09 11.35 -79.89
N GLU R 41 -3.70 10.07 -79.93
CA GLU R 41 -4.58 9.00 -80.42
C GLU R 41 -5.86 8.78 -79.62
N LYS R 42 -5.77 8.95 -78.30
CA LYS R 42 -6.92 8.75 -77.40
C LYS R 42 -7.98 9.86 -77.51
N CYS R 43 -7.53 11.10 -77.70
CA CYS R 43 -8.43 12.23 -77.95
C CYS R 43 -9.28 12.04 -79.18
N VAL R 44 -8.61 11.75 -80.31
CA VAL R 44 -9.30 11.54 -81.59
C VAL R 44 -10.19 10.30 -81.54
N LYS R 45 -9.72 9.23 -80.88
CA LYS R 45 -10.53 8.02 -80.64
C LYS R 45 -11.81 8.31 -79.84
N ALA R 46 -11.70 9.16 -78.82
CA ALA R 46 -12.85 9.58 -78.04
C ALA R 46 -13.74 10.51 -78.86
N ARG R 47 -13.12 11.49 -79.51
CA ARG R 47 -13.83 12.47 -80.36
C ARG R 47 -14.62 11.77 -81.45
N GLU R 48 -14.02 10.70 -81.97
CA GLU R 48 -14.73 9.79 -82.86
C GLU R 48 -15.98 9.28 -82.16
N ARG R 49 -15.82 8.61 -81.01
CA ARG R 49 -16.98 8.03 -80.34
C ARG R 49 -18.03 9.08 -79.98
N LEU R 50 -17.59 10.32 -79.75
CA LEU R 50 -18.50 11.45 -79.61
C LEU R 50 -19.38 11.66 -80.85
N GLU R 51 -18.77 11.89 -82.01
CA GLU R 51 -19.52 12.02 -83.27
C GLU R 51 -20.45 10.83 -83.49
N LEU R 52 -19.85 9.66 -83.37
CA LEU R 52 -20.46 8.39 -83.73
C LEU R 52 -21.76 8.18 -82.96
N CYS R 53 -21.71 8.20 -81.62
CA CYS R 53 -22.97 8.12 -80.86
C CYS R 53 -23.72 9.44 -80.95
N ASP R 54 -23.00 10.54 -81.17
CA ASP R 54 -23.62 11.85 -81.25
C ASP R 54 -24.57 11.91 -82.41
N GLU R 55 -24.19 11.23 -83.47
CA GLU R 55 -25.02 11.16 -84.63
C GLU R 55 -26.38 10.60 -84.29
N ARG R 56 -26.30 9.42 -83.75
CA ARG R 56 -27.43 8.65 -83.50
C ARG R 56 -28.39 9.22 -82.45
N VAL R 57 -27.85 10.01 -81.53
CA VAL R 57 -28.63 10.78 -80.57
C VAL R 57 -29.24 11.99 -81.29
N SER R 58 -28.49 12.58 -82.22
CA SER R 58 -28.93 13.79 -82.93
C SER R 58 -29.96 13.46 -84.01
N SER R 59 -29.70 12.41 -84.79
CA SER R 59 -30.53 12.08 -85.94
C SER R 59 -31.87 11.47 -85.59
N ARG R 60 -32.01 10.90 -84.39
CA ARG R 60 -33.27 10.28 -84.03
C ARG R 60 -34.35 11.29 -83.67
N SER R 61 -35.50 10.72 -83.35
CA SER R 61 -36.66 11.42 -82.88
C SER R 61 -36.91 10.99 -81.43
N GLN R 62 -36.90 11.96 -80.50
CA GLN R 62 -37.35 11.79 -79.09
C GLN R 62 -36.64 10.78 -78.23
N THR R 63 -35.40 10.53 -78.56
CA THR R 63 -34.59 9.84 -77.62
C THR R 63 -34.11 10.84 -76.61
N GLU R 64 -33.57 10.31 -75.54
CA GLU R 64 -33.58 10.84 -74.24
C GLU R 64 -32.19 11.05 -73.67
N GLU R 65 -31.20 10.42 -74.31
CA GLU R 65 -29.80 10.52 -73.95
C GLU R 65 -29.13 11.69 -74.64
N ASP R 66 -27.88 11.89 -74.27
CA ASP R 66 -26.96 12.79 -74.96
C ASP R 66 -25.63 12.04 -75.06
N CYS R 67 -24.60 12.67 -75.63
CA CYS R 67 -23.24 12.09 -75.53
C CYS R 67 -22.36 12.94 -74.57
N THR R 68 -22.98 13.47 -73.49
CA THR R 68 -22.24 14.06 -72.34
C THR R 68 -21.13 13.14 -71.87
N GLU R 69 -21.49 11.88 -71.61
CA GLU R 69 -20.52 10.90 -71.12
C GLU R 69 -19.28 10.93 -71.98
N GLU R 70 -19.51 10.91 -73.29
CA GLU R 70 -18.44 10.82 -74.25
C GLU R 70 -17.65 12.13 -74.26
N LEU R 71 -18.37 13.25 -74.19
CA LEU R 71 -17.73 14.56 -74.09
C LEU R 71 -16.69 14.58 -72.96
N LEU R 72 -17.09 14.04 -71.81
CA LEU R 72 -16.23 13.98 -70.64
C LEU R 72 -15.09 12.97 -70.86
N ASP R 73 -15.41 11.81 -71.43
CA ASP R 73 -14.39 10.83 -71.80
C ASP R 73 -13.28 11.54 -72.55
N PHE R 74 -13.70 12.31 -73.56
CA PHE R 74 -12.78 13.10 -74.39
C PHE R 74 -12.06 14.14 -73.53
N LEU R 75 -12.83 15.07 -72.96
CA LEU R 75 -12.28 16.18 -72.21
C LEU R 75 -11.24 15.73 -71.22
N HIS R 76 -11.48 14.59 -70.56
CA HIS R 76 -10.51 14.05 -69.61
C HIS R 76 -9.19 13.73 -70.34
N ALA R 77 -9.29 12.96 -71.41
CA ALA R 77 -8.13 12.56 -72.18
C ALA R 77 -7.35 13.78 -72.69
N ARG R 78 -8.08 14.82 -73.10
CA ARG R 78 -7.43 16.05 -73.54
C ARG R 78 -6.77 16.77 -72.36
N ASP R 79 -7.56 17.10 -71.35
CA ASP R 79 -7.08 17.98 -70.28
C ASP R 79 -5.95 17.38 -69.43
N HIS R 80 -5.90 16.04 -69.32
CA HIS R 80 -4.74 15.38 -68.73
C HIS R 80 -3.50 15.93 -69.43
N CYS R 81 -3.48 15.80 -70.76
CA CYS R 81 -2.39 16.36 -71.57
C CYS R 81 -2.24 17.87 -71.34
N VAL R 82 -3.35 18.61 -71.47
CA VAL R 82 -3.33 20.08 -71.37
C VAL R 82 -2.50 20.48 -70.15
N ALA R 83 -2.88 19.89 -69.02
CA ALA R 83 -2.30 20.19 -67.71
C ALA R 83 -0.83 19.83 -67.64
N HIS R 84 -0.43 18.76 -68.34
CA HIS R 84 0.96 18.31 -68.37
C HIS R 84 1.95 19.30 -68.97
N LYS R 85 1.46 20.33 -69.67
CA LYS R 85 2.36 21.35 -70.22
C LYS R 85 1.84 22.78 -70.31
N LEU R 86 0.52 23.01 -70.24
CA LEU R 86 -0.03 24.38 -70.33
C LEU R 86 0.76 25.40 -69.51
N PHE R 87 1.20 24.98 -68.34
CA PHE R 87 1.81 25.91 -67.40
C PHE R 87 3.16 26.46 -67.85
N ASN R 88 3.83 25.79 -68.79
CA ASN R 88 5.12 26.31 -69.34
C ASN R 88 5.01 27.67 -70.03
N SER R 89 3.82 27.95 -70.58
CA SER R 89 3.58 29.22 -71.26
C SER R 89 3.28 30.38 -70.30
N LEU R 90 2.70 30.05 -69.13
CA LEU R 90 2.10 31.03 -68.21
C LEU R 90 2.99 31.37 -67.02
N LYS R 91 2.97 32.63 -66.59
CA LYS R 91 3.61 33.07 -65.34
C LYS R 91 3.46 34.58 -65.15
N ARG S 62 40.59 -26.29 20.20
CA ARG S 62 40.94 -26.02 21.62
C ARG S 62 39.80 -25.25 22.32
N PRO S 63 39.76 -25.22 23.68
CA PRO S 63 38.55 -24.81 24.44
C PRO S 63 37.83 -23.52 24.00
N VAL S 64 36.62 -23.34 24.50
CA VAL S 64 35.68 -22.42 23.90
C VAL S 64 35.83 -21.01 24.54
N VAL S 65 36.05 -19.98 23.70
CA VAL S 65 36.23 -18.59 24.16
C VAL S 65 35.45 -17.57 23.31
N ALA S 66 34.41 -16.97 23.87
CA ALA S 66 33.67 -15.94 23.15
C ALA S 66 34.39 -14.61 23.25
N SER S 67 34.09 -13.72 22.31
CA SER S 67 34.67 -12.40 22.29
C SER S 67 33.74 -11.40 21.62
N VAL S 68 33.56 -10.25 22.25
CA VAL S 68 32.81 -9.16 21.64
C VAL S 68 33.63 -7.94 21.93
N SER S 69 33.41 -6.87 21.16
CA SER S 69 34.10 -5.63 21.48
C SER S 69 33.33 -4.38 21.07
N LEU S 70 34.01 -3.24 21.10
CA LEU S 70 33.43 -1.98 20.74
C LEU S 70 33.85 -1.52 19.38
N ASN S 71 34.80 -2.21 18.77
CA ASN S 71 35.34 -1.74 17.51
C ASN S 71 35.61 -2.86 16.57
N VAL S 72 35.44 -4.07 17.06
CA VAL S 72 35.86 -5.24 16.35
C VAL S 72 34.58 -6.02 16.19
N PRO S 73 34.55 -6.95 15.21
CA PRO S 73 33.41 -7.86 15.22
C PRO S 73 33.61 -8.90 16.27
N ALA S 74 32.55 -9.64 16.56
CA ALA S 74 32.65 -10.63 17.57
C ALA S 74 33.28 -11.86 16.92
N SER S 75 34.23 -12.46 17.62
CA SER S 75 34.87 -13.68 17.16
C SER S 75 34.62 -14.78 18.18
N VAL S 76 34.43 -15.99 17.67
CA VAL S 76 34.15 -17.16 18.51
C VAL S 76 35.43 -17.97 18.45
N ARG S 77 36.44 -17.42 19.12
CA ARG S 77 37.74 -18.06 19.19
C ARG S 77 37.53 -19.48 19.72
N TYR S 78 37.91 -20.46 18.92
CA TYR S 78 37.88 -21.85 19.37
C TYR S 78 36.57 -22.26 20.03
N ALA T 3 48.24 10.26 -25.63
CA ALA T 3 47.37 11.46 -25.87
C ALA T 3 45.86 11.13 -25.83
N PRO T 4 44.99 12.16 -25.70
CA PRO T 4 43.54 11.97 -25.65
C PRO T 4 42.79 12.27 -26.96
N THR T 5 41.74 11.52 -27.26
CA THR T 5 40.84 11.82 -28.40
C THR T 5 40.00 13.06 -28.10
N LEU T 6 39.27 13.53 -29.11
CA LEU T 6 38.26 14.56 -28.90
C LEU T 6 37.16 14.04 -27.97
N THR T 7 36.64 12.84 -28.23
CA THR T 7 35.66 12.23 -27.34
C THR T 7 36.16 12.20 -25.89
N ALA T 8 37.43 11.81 -25.71
CA ALA T 8 38.06 11.70 -24.38
C ALA T 8 38.27 13.04 -23.66
N ARG T 9 38.67 14.06 -24.41
CA ARG T 9 38.76 15.40 -23.83
C ARG T 9 37.34 15.91 -23.52
N LEU T 10 36.42 15.70 -24.45
CA LEU T 10 35.03 16.10 -24.25
C LEU T 10 34.43 15.47 -22.98
N TYR T 11 34.74 14.19 -22.73
CA TYR T 11 34.26 13.51 -21.54
C TYR T 11 34.72 14.20 -20.28
N SER T 12 36.02 14.33 -20.14
CA SER T 12 36.58 14.80 -18.88
C SER T 12 36.46 16.30 -18.69
N LEU T 13 36.32 17.05 -19.77
CA LEU T 13 36.14 18.50 -19.66
C LEU T 13 34.67 18.95 -19.52
N LEU T 14 33.72 18.25 -20.15
CA LEU T 14 32.32 18.71 -20.14
C LEU T 14 31.26 17.72 -19.65
N PHE T 15 31.46 16.42 -19.85
CA PHE T 15 30.46 15.42 -19.44
C PHE T 15 30.62 14.81 -18.03
N ARG T 16 31.83 14.82 -17.46
CA ARG T 16 32.08 14.18 -16.17
C ARG T 16 31.29 14.80 -15.01
N ARG T 17 31.44 16.10 -14.77
CA ARG T 17 30.63 16.74 -13.72
C ARG T 17 29.26 17.08 -14.27
N THR T 18 28.22 16.58 -13.59
CA THR T 18 26.82 16.78 -14.02
C THR T 18 26.39 18.27 -13.97
N SER T 19 27.13 19.09 -13.22
CA SER T 19 27.03 20.54 -13.33
C SER T 19 27.42 21.02 -14.72
N THR T 20 28.66 20.76 -15.14
CA THR T 20 29.16 21.23 -16.45
C THR T 20 28.38 20.60 -17.61
N PHE T 21 28.00 19.34 -17.47
CA PHE T 21 27.16 18.64 -18.43
C PHE T 21 25.96 19.50 -18.81
N ALA T 22 25.21 19.93 -17.81
CA ALA T 22 23.99 20.68 -18.04
C ALA T 22 24.29 22.01 -18.71
N LEU T 23 25.25 22.75 -18.16
CA LEU T 23 25.69 24.02 -18.71
C LEU T 23 26.05 23.90 -20.18
N THR T 24 26.80 22.84 -20.51
CA THR T 24 27.10 22.46 -21.90
C THR T 24 25.84 22.36 -22.74
N ILE T 25 24.87 21.57 -22.27
CA ILE T 25 23.62 21.40 -23.00
C ILE T 25 22.97 22.75 -23.24
N VAL T 26 22.95 23.60 -22.22
CA VAL T 26 22.43 24.98 -22.33
C VAL T 26 23.19 25.78 -23.39
N VAL T 27 24.44 26.12 -23.10
CA VAL T 27 25.29 26.84 -24.07
C VAL T 27 25.14 26.26 -25.47
N GLY T 28 25.33 24.95 -25.56
CA GLY T 28 25.27 24.23 -26.82
C GLY T 28 23.92 24.33 -27.51
N ALA T 29 22.85 24.30 -26.72
CA ALA T 29 21.52 24.49 -27.27
C ALA T 29 21.25 25.93 -27.78
N LEU T 30 21.71 26.94 -27.04
CA LEU T 30 21.60 28.34 -27.51
C LEU T 30 22.28 28.46 -28.84
N PHE T 31 23.53 28.05 -28.87
CA PHE T 31 24.34 28.11 -30.07
C PHE T 31 23.63 27.36 -31.20
N PHE T 32 23.40 26.07 -30.99
CA PHE T 32 22.68 25.24 -31.95
C PHE T 32 21.49 26.00 -32.52
N GLU T 33 20.57 26.42 -31.64
CA GLU T 33 19.30 27.01 -32.06
C GLU T 33 19.47 27.99 -33.20
N ARG T 34 20.30 29.01 -32.98
CA ARG T 34 20.47 30.05 -33.98
C ARG T 34 20.96 29.44 -35.27
N ALA T 35 22.05 28.67 -35.17
CA ALA T 35 22.63 28.02 -36.32
C ALA T 35 21.57 27.28 -37.14
N PHE T 36 20.85 26.36 -36.52
CA PHE T 36 19.85 25.58 -37.23
C PHE T 36 18.77 26.49 -37.81
N ASP T 37 18.13 27.30 -36.96
CA ASP T 37 17.13 28.28 -37.42
C ASP T 37 17.59 28.97 -38.71
N GLN T 38 18.73 29.65 -38.62
CA GLN T 38 19.23 30.44 -39.76
C GLN T 38 19.68 29.60 -40.98
N GLY T 39 20.29 28.44 -40.71
CA GLY T 39 20.59 27.48 -41.76
C GLY T 39 19.38 26.98 -42.54
N ALA T 40 18.40 26.38 -41.86
CA ALA T 40 17.23 25.84 -42.55
C ALA T 40 16.31 26.92 -43.09
N ASP T 41 16.26 28.07 -42.42
CA ASP T 41 15.60 29.25 -42.96
C ASP T 41 16.21 29.54 -44.33
N ALA T 42 17.54 29.64 -44.37
CA ALA T 42 18.27 29.90 -45.62
C ALA T 42 18.04 28.83 -46.72
N ILE T 43 17.99 27.56 -46.31
CA ILE T 43 17.71 26.45 -47.24
C ILE T 43 16.31 26.58 -47.84
N TYR T 44 15.32 26.88 -47.03
CA TYR T 44 13.95 27.10 -47.53
C TYR T 44 13.82 28.34 -48.43
N GLU T 45 14.43 29.45 -47.99
CA GLU T 45 14.45 30.69 -48.78
C GLU T 45 15.08 30.48 -50.16
N HIS T 46 16.21 29.77 -50.21
CA HIS T 46 16.78 29.39 -51.50
C HIS T 46 15.85 28.44 -52.26
N ILE T 47 15.43 27.32 -51.65
CA ILE T 47 14.49 26.38 -52.30
C ILE T 47 13.30 27.11 -52.94
N ASN T 48 12.84 28.19 -52.31
CA ASN T 48 11.72 28.95 -52.86
C ASN T 48 12.15 30.33 -53.34
N GLU T 49 13.33 30.38 -53.95
CA GLU T 49 13.92 31.65 -54.40
C GLU T 49 12.98 32.40 -55.35
N GLY T 50 12.95 33.73 -55.18
CA GLY T 50 12.13 34.62 -56.00
C GLY T 50 10.69 34.82 -55.54
N LYS T 51 10.12 33.86 -54.82
CA LYS T 51 8.67 33.75 -54.63
C LYS T 51 8.06 34.49 -53.41
N LEU T 52 8.90 34.89 -52.46
CA LEU T 52 8.44 35.37 -51.17
C LEU T 52 8.45 36.89 -51.09
N TRP T 53 7.67 37.45 -50.15
CA TRP T 53 7.54 38.91 -50.03
C TRP T 53 8.81 39.60 -49.58
N LYS T 54 9.75 38.85 -49.05
CA LYS T 54 11.05 39.43 -48.77
C LYS T 54 11.88 39.51 -50.05
N HIS T 55 11.64 38.64 -51.02
CA HIS T 55 12.34 38.71 -52.31
C HIS T 55 11.76 39.79 -53.24
N ILE T 56 10.44 39.99 -53.21
CA ILE T 56 9.79 40.97 -54.08
C ILE T 56 9.35 42.24 -53.33
N LYS T 57 10.11 42.60 -52.31
CA LYS T 57 9.73 43.71 -51.41
C LYS T 57 10.23 44.99 -52.02
N HIS T 58 11.54 44.99 -52.32
CA HIS T 58 12.26 46.14 -52.85
C HIS T 58 11.51 46.84 -54.00
N LYS T 59 10.83 46.06 -54.84
CA LYS T 59 10.08 46.58 -56.01
C LYS T 59 8.98 47.59 -55.68
N TYR T 60 8.42 47.52 -54.47
CA TYR T 60 7.28 48.37 -54.10
C TYR T 60 7.63 49.31 -52.92
N GLU T 61 8.88 49.77 -52.90
CA GLU T 61 9.42 50.63 -51.84
C GLU T 61 10.59 51.41 -52.41
#